data_6FO0
#
_entry.id   6FO0
#
_cell.length_a   1.000
_cell.length_b   1.000
_cell.length_c   1.000
_cell.angle_alpha   90.00
_cell.angle_beta   90.00
_cell.angle_gamma   90.00
#
_symmetry.space_group_name_H-M   'P 1'
#
loop_
_entity.id
_entity.type
_entity.pdbx_description
1 polymer 'Cytochrome b-c1 complex subunit 1, mitochondrial'
2 polymer 'Cytochrome b-c1 complex subunit 2, mitochondrial'
3 polymer 'Cytochrome b'
4 polymer 'Cytochrome c1, heme protein, mitochondrial'
5 polymer 'Cytochrome b-c1 complex subunit Rieske, mitochondrial'
6 polymer 'Cytochrome b-c1 complex subunit 7'
7 polymer 'Cytochrome b-c1 complex subunit 8'
8 polymer 'Cytochrome b-c1 complex subunit 6, mitochondrial'
9 polymer 'Chain I/V'
10 polymer 'Cytochrome b-c1 complex subunit 9'
11 non-polymer 'PROTOPORPHYRIN IX CONTAINING FE'
12 non-polymer 3-chloro-6-(hydroxymethyl)-2-methyl-5-{4-[3-(trifluoromethoxy)phenoxy]phenyl}pyridin-4-ol
13 non-polymer 'HEME C'
#
loop_
_entity_poly.entity_id
_entity_poly.type
_entity_poly.pdbx_seq_one_letter_code
_entity_poly.pdbx_strand_id
1 'polypeptide(L)'
;MAASAVCRAAGAGTRVLLRTRRSPALLRSSDLRGTATYAQALQSVPETQVSQLDNGLRVASEQSSQPTCTVGVWIDAGSR
YESEKNNGAGYFVEHLAFKGTKNRPGNALEKEVESMGAHLNAYSTREHTAYYIKALSKDLPKAVELLADIVQNCSLEDSQ
IEKERDVILQELQENDTSMRDVVFNYLHATAFQGTPLAQSVEGPSENVRKLSRADLTEYLSRHYKAPRMVLAAAGGLEHR
QLLDLAQKHFSGLSGTYDEDAVPTLSPCRFTGSQICHREDGLPLAHVAIAVEGPGWAHPDNVALQVANAIIGHYDCTYGG
GAHLSSPLASIAATNKLCQSFQTFNICYADTGLLGAHFVCDHMSIDDMMFVLQGQWMRLCTSATESEVLRGKNLLRNALV
SHLDGTTPVCEDIGRSLLTYGRRIPLAEWESRIAEVDARVVREVCSKYFYDQCPAVAGFGPIEQLPDYNRIRSGMFWLRF
;
N,A
2 'polypeptide(L)'
;MKLLTRAGSLSRFYSLKVAPKVKATEAPAGVPPHPQDLEFTRLPNGLVIASLENYAPASRIGLFIKAGSRYENSNNLGTS
HLLRLASSLTTKGASSFKITRGIEAVGGKLSVTSTRENMAYTVECLRDDVDILMEFLLNVTTAPEFRRWEVAALQPQLRI
DKAVALQNPQAHVIENLHAAAYRNALANSLYCPDYRIGKVTPVELHDYVQNHFTSARMALIGLGVSHPVLKQVAEQFLNI
RGGLGLSGAKAKYHGGEIREQNGDSLVHAALVAESAAIGSAEANAFSVLQHVLGAGPHVKRGSNATSSLYQAVAKGVHEP
FDVSAFNASYSDSGLFGFYTISQAASAGDVIKAAYNQVKTIAQGNLSNPDVQAAKNKLKAGYLMSVESSEGFLDEVGSQA
LAAGSYTPPSTVLQQIDAVADADVINAAKKFVSGRKSMAASGNLGHTPFIDEL
;
O,B
3 'polypeptide(L)'
;MTNIRKSHPLMKIVNNAFIDLPAPSNISSWWNFGSLLGICLILQILTGLFLAMHYTSDTTTAFSSVTHICRDVNYGWIIR
YMHANGASMFFICLYMHVGRGLYYGSYTFLETWNIGVILLLTVMATAFMGYVLPWGQMSFWGATVITNLLSAIPYIGTNL
VEWIWGGFSVDKATLTRFFAFHFILPFIIMAIAMVHLLFLHETGSNNPTGISSDVDKIPFHPYYTIKDILGALLLILALM
LLVLFAPDLLGDPDNYTPANPLNTPPHIKPEWYFLFAYAILRSIPNKLGGVLALAFSILILALIPLLHTSKQRSMMFRPL
SQCLFWALVADLLTLTWIGGQPVEHPYITIGQLASVLYFLLILVLMPTAGTIENKLLKW
;
P,C
4 'polypeptide(L)'
;MAAAAATLRGAMVGPRGAGLPGARARGLLCGARPGQLPLRTPQAVSLSSKSGLSRGRKVILSALGMLAAGGAGLAVALHS
AVSASDLELHPPSYPWSHRGLLSSLDHTSIRRGFQVYKQVCSSCHSMDYVAYRHLVGVCYTEDEAKALAEEVEVQDGPNE
DGEMFMRPGKLSDYFPKPYPNPEAARAANNGALPPDLSYIVRARHGGEDYVFSLLTGYCEPPTGVSLREGLYFNPYFPGQ
AIGMAPPIYNEVLEFDDGTPATMSQVAKDVCTFLRWAAEPEHDHRKRMGLKMLLMMGLLLPLVYAMKRHKWSVLKSRKLA
YRPPK
;
Q,D
5 'polypeptide(L)'
;MLSVAARSGPFAPVLSATSRGVAGALRPLVQAAVPATSESPVLDLKRSVLCRESLRGQAAGRPLVASVSLNVPASVRYSH
TDIKVPDFSDYRRPEVLDSTKSSKESSEARKGFSYLVTATTTVGVAYAAKNVVSQFVSSMSASADVLAMSKIEIKLSDIP
EGKNMAFKWRGKPLFVRHRTKKEIDQEAAVEVSQLRDPQHDLERVKKPEWVILIGVCTHLGCVPIANAGDFGGYYCPCHG
SHYDASGRIRKGPAPLNLEVPSYEFTSDDMVIVG
;
R,E
6 'polypeptide(L)'
;MAGRPAVSASSRWLEGIRKWYYNAAGFNKLGLMRDDTIHENDDVKEAIRRLPENLYDDRVFRIKRALDLSMRQQILPKEQ
WTKYEEDKSYLEPYLKEVIRERKEREEWAKK
;
S,F
7 'polypeptide(L)'
;MGRQFGHLTRVRHVITYSLSPFEQRAFPHYFSKGIPNVLRRTRACILRVAPPFVAFYLVYTWGTQEFEKSKRKNPAAYEN
DR
;
T,G
8 'polypeptide(L)'
;MGLEDEQRMLTGSGDPKEEEEEEEELVDPLTTVREQCEQLEKCVKARERLELCDERVSSRSQTEEDCTEELLDFLHARDH
CVAHKLFNSLK
;
U,H
9 'polypeptide(L)' RPVVASVSLNVPASVRY V,I
10 'polypeptide(L)' MVAPTLTARLYSLLFRRTSTFALTIVVGALFFERAFDQGADAIYEHINEGKLWKHIKHKYENKE W,J
#
# COMPACT_ATOMS: atom_id res chain seq x y z
N ALA A 36 -24.91 39.56 44.71
CA ALA A 36 -23.58 39.52 45.30
C ALA A 36 -22.58 38.99 44.29
N THR A 37 -21.35 38.71 44.75
CA THR A 37 -20.24 38.34 43.88
C THR A 37 -19.61 37.05 44.39
N TYR A 38 -18.48 36.69 43.79
CA TYR A 38 -17.80 35.46 44.14
C TYR A 38 -16.94 35.63 45.38
N ALA A 39 -16.01 36.58 45.34
CA ALA A 39 -15.09 36.77 46.46
C ALA A 39 -15.84 37.10 47.74
N GLN A 40 -16.94 37.86 47.63
CA GLN A 40 -17.81 38.07 48.78
C GLN A 40 -18.36 36.76 49.29
N ALA A 41 -18.61 35.81 48.39
CA ALA A 41 -19.29 34.58 48.79
C ALA A 41 -18.43 33.74 49.72
N LEU A 42 -17.19 33.48 49.31
CA LEU A 42 -16.33 32.60 50.08
C LEU A 42 -16.05 33.17 51.47
N GLN A 43 -16.11 34.49 51.61
CA GLN A 43 -15.98 35.09 52.93
C GLN A 43 -17.18 34.75 53.79
N SER A 44 -18.38 34.75 53.18
CA SER A 44 -19.60 34.41 53.89
C SER A 44 -19.71 32.93 54.23
N VAL A 45 -18.79 32.11 53.76
CA VAL A 45 -18.84 30.67 54.02
C VAL A 45 -18.60 30.45 55.51
N PRO A 46 -19.13 29.39 56.12
CA PRO A 46 -18.77 29.11 57.51
C PRO A 46 -17.30 28.76 57.65
N GLU A 47 -16.60 29.56 58.44
CA GLU A 47 -15.23 29.25 58.79
C GLU A 47 -15.22 28.08 59.75
N THR A 48 -14.58 26.99 59.35
CA THR A 48 -14.58 25.77 60.13
C THR A 48 -13.94 26.01 61.50
N GLN A 49 -14.27 25.11 62.42
CA GLN A 49 -13.82 25.20 63.80
C GLN A 49 -13.06 23.94 64.14
N VAL A 50 -12.15 24.07 65.09
CA VAL A 50 -11.21 23.01 65.43
C VAL A 50 -11.20 22.84 66.93
N SER A 51 -10.87 21.63 67.37
CA SER A 51 -10.66 21.37 68.77
C SER A 51 -9.78 20.14 68.91
N GLN A 52 -9.38 19.88 70.14
CA GLN A 52 -8.42 18.85 70.47
C GLN A 52 -8.89 18.20 71.76
N LEU A 53 -8.46 16.97 71.97
CA LEU A 53 -8.71 16.27 73.22
C LEU A 53 -7.40 15.73 73.79
N ASP A 54 -7.41 15.54 75.11
CA ASP A 54 -6.18 15.26 75.83
C ASP A 54 -5.53 13.96 75.38
N ASN A 55 -6.32 13.03 74.85
CA ASN A 55 -5.77 11.77 74.34
C ASN A 55 -5.05 11.99 73.02
N GLY A 56 -5.58 12.86 72.17
CA GLY A 56 -4.98 13.16 70.89
C GLY A 56 -5.98 13.26 69.75
N LEU A 57 -7.23 12.92 70.02
CA LEU A 57 -8.24 12.89 68.97
C LEU A 57 -8.61 14.31 68.58
N ARG A 58 -8.09 14.75 67.45
CA ARG A 58 -8.54 16.00 66.87
C ARG A 58 -10.04 15.95 66.65
N VAL A 59 -10.65 17.14 66.67
CA VAL A 59 -12.06 17.27 66.34
C VAL A 59 -12.25 18.60 65.64
N ALA A 60 -13.17 18.61 64.70
CA ALA A 60 -13.53 19.83 63.99
C ALA A 60 -14.96 19.65 63.49
N SER A 61 -15.51 20.72 62.94
CA SER A 61 -16.84 20.65 62.38
C SER A 61 -17.08 21.95 61.62
N GLU A 62 -18.30 22.09 61.11
CA GLU A 62 -18.67 23.27 60.34
C GLU A 62 -20.18 23.45 60.49
N GLN A 63 -20.58 24.54 61.13
CA GLN A 63 -21.99 24.84 61.27
C GLN A 63 -22.59 25.25 59.93
N SER A 64 -23.80 24.77 59.66
CA SER A 64 -24.54 25.21 58.50
C SER A 64 -26.01 24.89 58.70
N SER A 65 -26.84 25.55 57.91
CA SER A 65 -28.28 25.52 58.12
C SER A 65 -28.95 24.26 57.61
N GLN A 66 -28.19 23.26 57.18
CA GLN A 66 -28.80 22.04 56.69
C GLN A 66 -29.40 21.27 57.88
N PRO A 67 -30.67 20.85 57.82
CA PRO A 67 -31.18 20.05 58.94
C PRO A 67 -30.50 18.71 59.05
N THR A 68 -30.09 18.13 57.94
CA THR A 68 -29.31 16.89 57.97
C THR A 68 -27.94 17.18 58.56
N CYS A 69 -27.15 16.13 58.66
CA CYS A 69 -25.76 16.24 59.02
C CYS A 69 -25.09 14.94 58.63
N THR A 70 -23.81 14.83 58.98
CA THR A 70 -23.09 13.60 58.74
C THR A 70 -21.79 13.67 59.53
N VAL A 71 -21.44 12.55 60.14
CA VAL A 71 -20.32 12.49 61.08
C VAL A 71 -19.54 11.22 60.79
N GLY A 72 -18.22 11.30 60.99
CA GLY A 72 -17.37 10.16 60.72
C GLY A 72 -16.04 10.25 61.41
N VAL A 73 -15.21 9.27 61.11
CA VAL A 73 -13.93 9.07 61.78
C VAL A 73 -12.90 8.81 60.70
N TRP A 74 -12.26 9.87 60.22
CA TRP A 74 -11.34 9.79 59.10
C TRP A 74 -9.91 9.68 59.61
N ILE A 75 -9.31 8.51 59.42
CA ILE A 75 -8.07 8.16 60.11
C ILE A 75 -6.93 7.88 59.16
N ASP A 76 -5.80 7.44 59.71
CA ASP A 76 -4.57 7.20 58.97
C ASP A 76 -4.23 5.72 59.15
N ALA A 77 -4.79 4.88 58.29
CA ALA A 77 -4.55 3.46 58.36
C ALA A 77 -5.01 2.74 57.11
N GLY A 78 -4.13 1.92 56.54
CA GLY A 78 -4.49 1.15 55.37
C GLY A 78 -3.41 0.18 54.94
N SER A 79 -3.29 -0.02 53.64
CA SER A 79 -2.40 -1.02 53.12
C SER A 79 -0.94 -0.60 53.18
N ARG A 80 -0.67 0.70 53.05
CA ARG A 80 0.70 1.19 53.10
C ARG A 80 1.38 0.86 54.42
N TYR A 81 0.61 0.66 55.47
CA TYR A 81 1.15 0.27 56.77
C TYR A 81 1.17 -1.23 56.93
N GLU A 82 0.26 -1.93 56.28
CA GLU A 82 0.32 -3.38 56.25
C GLU A 82 1.65 -3.83 55.67
N SER A 83 2.13 -4.94 56.18
CA SER A 83 3.19 -5.70 55.54
C SER A 83 2.56 -6.91 54.86
N GLU A 84 3.40 -7.74 54.25
CA GLU A 84 2.90 -8.85 53.48
C GLU A 84 2.18 -9.88 54.33
N LYS A 85 2.42 -9.89 55.63
CA LYS A 85 1.82 -10.89 56.52
C LYS A 85 0.45 -10.48 57.04
N ASN A 86 0.19 -9.18 57.11
CA ASN A 86 -1.12 -8.65 57.52
C ASN A 86 -1.79 -7.90 56.38
N ASN A 87 -1.43 -8.22 55.14
CA ASN A 87 -1.95 -7.48 54.01
C ASN A 87 -3.42 -7.79 53.83
N GLY A 88 -4.19 -6.78 53.43
CA GLY A 88 -5.63 -6.92 53.33
C GLY A 88 -6.37 -6.72 54.63
N ALA A 89 -5.67 -6.48 55.73
CA ALA A 89 -6.32 -6.35 57.02
C ALA A 89 -7.25 -5.15 57.04
N GLY A 90 -6.75 -3.99 56.60
CA GLY A 90 -7.49 -2.75 56.68
C GLY A 90 -8.83 -2.77 55.98
N TYR A 91 -9.01 -3.69 55.04
CA TYR A 91 -10.29 -3.91 54.40
C TYR A 91 -11.12 -4.96 55.12
N PHE A 92 -10.46 -6.01 55.60
CA PHE A 92 -11.19 -7.10 56.24
C PHE A 92 -11.87 -6.63 57.52
N VAL A 93 -11.24 -5.70 58.23
CA VAL A 93 -11.85 -5.12 59.42
C VAL A 93 -13.14 -4.42 59.04
N GLU A 94 -13.18 -3.82 57.86
CA GLU A 94 -14.27 -2.93 57.51
C GLU A 94 -15.60 -3.67 57.40
N HIS A 95 -15.58 -4.99 57.26
CA HIS A 95 -16.82 -5.75 57.16
C HIS A 95 -17.30 -6.23 58.53
N LEU A 96 -16.40 -6.37 59.48
CA LEU A 96 -16.74 -6.91 60.78
C LEU A 96 -17.05 -5.84 61.81
N ALA A 97 -16.69 -4.60 61.55
CA ALA A 97 -17.01 -3.53 62.47
C ALA A 97 -18.51 -3.39 62.63
N PHE A 98 -19.24 -3.39 61.52
CA PHE A 98 -20.68 -3.27 61.52
C PHE A 98 -21.39 -4.62 61.71
N LYS A 99 -20.67 -5.64 62.16
CA LYS A 99 -21.19 -6.99 62.29
C LYS A 99 -20.80 -7.58 63.63
N GLY A 100 -20.94 -6.77 64.67
CA GLY A 100 -20.74 -7.24 66.03
C GLY A 100 -19.85 -6.37 66.86
N THR A 101 -20.29 -6.10 68.07
CA THR A 101 -19.54 -5.37 69.07
C THR A 101 -19.70 -6.09 70.39
N LYS A 102 -19.29 -5.44 71.47
CA LYS A 102 -19.44 -5.98 72.81
C LYS A 102 -20.77 -5.58 73.45
N ASN A 103 -21.18 -4.32 73.27
CA ASN A 103 -22.40 -3.81 73.86
C ASN A 103 -23.58 -3.79 72.90
N ARG A 104 -23.36 -4.09 71.62
CA ARG A 104 -24.43 -4.10 70.63
C ARG A 104 -24.13 -5.19 69.60
N PRO A 105 -24.16 -6.45 70.01
CA PRO A 105 -23.76 -7.52 69.11
C PRO A 105 -24.80 -7.78 68.03
N GLY A 106 -24.45 -8.69 67.13
CA GLY A 106 -25.36 -9.12 66.09
C GLY A 106 -25.81 -7.98 65.21
N ASN A 107 -27.07 -8.05 64.81
CA ASN A 107 -27.68 -7.04 63.95
C ASN A 107 -28.24 -5.86 64.75
N ALA A 108 -27.88 -5.73 66.03
CA ALA A 108 -28.43 -4.65 66.83
C ALA A 108 -27.92 -3.30 66.35
N LEU A 109 -26.60 -3.19 66.15
CA LEU A 109 -26.02 -1.98 65.60
C LEU A 109 -26.62 -1.64 64.25
N GLU A 110 -26.82 -2.65 63.41
CA GLU A 110 -27.47 -2.45 62.13
C GLU A 110 -28.92 -2.03 62.28
N LYS A 111 -29.52 -2.24 63.45
CA LYS A 111 -30.92 -1.98 63.67
C LYS A 111 -31.16 -0.60 64.28
N GLU A 112 -30.20 -0.08 65.03
CA GLU A 112 -30.35 1.23 65.64
C GLU A 112 -30.12 2.36 64.65
N VAL A 113 -29.77 2.06 63.40
CA VAL A 113 -29.59 3.08 62.37
C VAL A 113 -30.85 3.10 61.53
N GLU A 114 -31.18 1.94 60.96
CA GLU A 114 -32.39 1.80 60.16
C GLU A 114 -33.60 2.28 60.94
N SER A 115 -33.70 1.86 62.20
CA SER A 115 -34.78 2.34 63.05
C SER A 115 -34.68 3.84 63.25
N MET A 116 -33.46 4.37 63.29
CA MET A 116 -33.27 5.81 63.38
C MET A 116 -33.47 6.49 62.04
N GLY A 117 -33.31 5.77 60.94
CA GLY A 117 -33.57 6.32 59.62
C GLY A 117 -32.38 7.00 58.98
N ALA A 118 -31.17 6.62 59.36
CA ALA A 118 -29.96 7.19 58.79
C ALA A 118 -29.30 6.19 57.86
N HIS A 119 -28.33 6.68 57.11
CA HIS A 119 -27.44 5.83 56.32
C HIS A 119 -26.12 5.66 57.07
N LEU A 120 -25.45 4.56 56.79
CA LEU A 120 -24.16 4.26 57.38
C LEU A 120 -23.25 3.76 56.28
N ASN A 121 -21.98 4.16 56.36
CA ASN A 121 -21.09 4.01 55.24
C ASN A 121 -19.66 3.97 55.71
N ALA A 122 -18.81 3.37 54.89
CA ALA A 122 -17.39 3.26 55.14
C ALA A 122 -16.67 3.12 53.81
N TYR A 123 -15.36 3.34 53.85
CA TYR A 123 -14.50 3.04 52.72
C TYR A 123 -13.05 3.12 53.17
N SER A 124 -12.24 2.21 52.64
CA SER A 124 -10.82 2.20 52.91
C SER A 124 -10.06 2.79 51.73
N THR A 125 -8.75 2.91 51.93
CA THR A 125 -7.83 3.36 50.91
C THR A 125 -6.50 2.67 51.18
N ARG A 126 -5.45 3.16 50.55
CA ARG A 126 -4.10 2.66 50.79
C ARG A 126 -3.39 3.39 51.91
N GLU A 127 -3.84 4.61 52.24
CA GLU A 127 -3.34 5.33 53.41
C GLU A 127 -4.41 5.60 54.44
N HIS A 128 -5.47 6.30 54.07
CA HIS A 128 -6.49 6.72 54.98
C HIS A 128 -7.54 5.62 55.12
N THR A 129 -8.67 5.97 55.72
CA THR A 129 -9.76 5.04 56.02
C THR A 129 -10.82 5.91 56.66
N ALA A 130 -12.07 5.43 56.65
CA ALA A 130 -13.13 6.25 57.18
C ALA A 130 -14.40 5.45 57.39
N TYR A 131 -15.02 5.68 58.54
CA TYR A 131 -16.39 5.30 58.80
C TYR A 131 -17.17 6.58 59.01
N TYR A 132 -18.43 6.58 58.59
CA TYR A 132 -19.22 7.79 58.78
C TYR A 132 -20.71 7.48 58.64
N ILE A 133 -21.50 8.45 59.07
CA ILE A 133 -22.95 8.37 59.12
C ILE A 133 -23.51 9.57 58.39
N LYS A 134 -24.68 9.40 57.79
CA LYS A 134 -25.53 10.49 57.37
C LYS A 134 -26.80 10.43 58.20
N ALA A 135 -27.04 11.46 58.99
CA ALA A 135 -28.13 11.45 59.94
C ALA A 135 -28.64 12.87 60.14
N LEU A 136 -29.75 12.96 60.85
CA LEU A 136 -30.37 14.23 61.14
C LEU A 136 -29.72 14.87 62.36
N SER A 137 -30.04 16.14 62.55
CA SER A 137 -29.34 16.93 63.55
C SER A 137 -29.72 16.50 64.96
N LYS A 138 -31.02 16.33 65.21
CA LYS A 138 -31.47 16.08 66.57
C LYS A 138 -31.10 14.70 67.06
N ASP A 139 -30.97 13.74 66.14
CA ASP A 139 -30.62 12.38 66.49
C ASP A 139 -29.11 12.16 66.57
N LEU A 140 -28.32 13.22 66.51
CA LEU A 140 -26.88 13.07 66.51
C LEU A 140 -26.29 12.46 67.77
N PRO A 141 -26.71 12.83 68.99
CA PRO A 141 -26.05 12.28 70.19
C PRO A 141 -26.03 10.78 70.28
N LYS A 142 -26.89 10.10 69.55
CA LYS A 142 -26.87 8.64 69.50
C LYS A 142 -25.87 8.11 68.49
N ALA A 143 -25.63 8.85 67.41
CA ALA A 143 -24.72 8.39 66.37
C ALA A 143 -23.31 8.23 66.92
N VAL A 144 -22.79 9.30 67.52
CA VAL A 144 -21.41 9.31 67.95
C VAL A 144 -21.16 8.26 69.02
N GLU A 145 -22.20 7.90 69.77
CA GLU A 145 -22.06 6.85 70.77
C GLU A 145 -21.62 5.54 70.13
N LEU A 146 -22.13 5.28 68.93
CA LEU A 146 -21.92 3.98 68.31
C LEU A 146 -20.48 3.80 67.86
N LEU A 147 -19.87 4.87 67.37
CA LEU A 147 -18.55 4.74 66.77
C LEU A 147 -17.50 4.36 67.79
N ALA A 148 -17.73 4.72 69.05
CA ALA A 148 -16.92 4.17 70.13
C ALA A 148 -17.16 2.69 70.27
N ASP A 149 -18.41 2.28 70.16
CA ASP A 149 -18.75 0.87 70.25
C ASP A 149 -18.22 0.10 69.04
N ILE A 150 -17.79 0.79 67.99
CA ILE A 150 -17.33 0.18 66.75
C ILE A 150 -15.82 0.24 66.69
N VAL A 151 -15.28 1.46 66.74
CA VAL A 151 -13.84 1.65 66.62
C VAL A 151 -13.12 0.92 67.76
N GLN A 152 -13.57 1.15 68.99
CA GLN A 152 -12.92 0.57 70.15
C GLN A 152 -13.40 -0.85 70.40
N ASN A 153 -14.71 -1.04 70.47
CA ASN A 153 -15.31 -2.26 71.02
C ASN A 153 -15.85 -3.19 69.95
N CYS A 154 -15.12 -3.35 68.84
CA CYS A 154 -15.47 -4.39 67.88
C CYS A 154 -15.08 -5.75 68.44
N SER A 155 -16.02 -6.67 68.42
CA SER A 155 -15.82 -7.97 69.07
C SER A 155 -15.20 -9.00 68.14
N LEU A 156 -15.51 -8.95 66.85
CA LEU A 156 -14.86 -9.79 65.85
C LEU A 156 -15.07 -11.28 66.13
N GLU A 157 -16.33 -11.67 66.12
CA GLU A 157 -16.67 -13.06 66.43
C GLU A 157 -16.25 -13.98 65.30
N ASP A 158 -15.77 -15.18 65.67
CA ASP A 158 -15.14 -16.05 64.69
C ASP A 158 -16.13 -16.60 63.69
N SER A 159 -17.39 -16.78 64.08
CA SER A 159 -18.37 -17.28 63.13
C SER A 159 -18.55 -16.31 61.97
N GLN A 160 -18.38 -15.02 62.23
CA GLN A 160 -18.44 -14.04 61.16
C GLN A 160 -17.14 -13.94 60.39
N ILE A 161 -16.01 -14.10 61.07
CA ILE A 161 -14.71 -14.01 60.43
C ILE A 161 -14.59 -15.04 59.32
N GLU A 162 -15.21 -16.20 59.49
CA GLU A 162 -15.13 -17.22 58.46
C GLU A 162 -16.06 -16.90 57.31
N LYS A 163 -17.19 -16.26 57.58
CA LYS A 163 -18.11 -15.90 56.51
C LYS A 163 -17.49 -14.85 55.61
N GLU A 164 -16.99 -13.77 56.21
CA GLU A 164 -16.38 -12.71 55.43
C GLU A 164 -15.19 -13.23 54.64
N ARG A 165 -14.43 -14.14 55.26
CA ARG A 165 -13.32 -14.79 54.58
C ARG A 165 -13.75 -15.50 53.29
N ASP A 166 -15.05 -15.77 53.12
CA ASP A 166 -15.59 -16.22 51.86
C ASP A 166 -16.09 -15.08 51.01
N VAL A 167 -16.65 -14.05 51.66
CA VAL A 167 -17.17 -12.91 50.91
C VAL A 167 -16.04 -12.17 50.23
N ILE A 168 -14.91 -12.05 50.91
CA ILE A 168 -13.76 -11.41 50.32
C ILE A 168 -13.34 -12.15 49.07
N LEU A 169 -13.29 -13.47 49.14
CA LEU A 169 -12.96 -14.27 47.98
C LEU A 169 -14.08 -14.32 46.95
N GLN A 170 -15.19 -13.61 47.19
CA GLN A 170 -16.21 -13.41 46.18
C GLN A 170 -16.04 -12.10 45.44
N GLU A 171 -15.39 -11.12 46.06
CA GLU A 171 -15.26 -9.80 45.44
C GLU A 171 -13.97 -9.65 44.66
N LEU A 172 -12.91 -10.34 45.05
CA LEU A 172 -11.74 -10.42 44.18
C LEU A 172 -12.11 -11.01 42.84
N GLN A 173 -13.05 -11.95 42.84
CA GLN A 173 -13.61 -12.44 41.59
C GLN A 173 -14.35 -11.33 40.86
N GLU A 174 -15.04 -10.46 41.60
CA GLU A 174 -15.81 -9.40 40.95
C GLU A 174 -14.88 -8.33 40.37
N ASN A 175 -13.92 -7.86 41.18
CA ASN A 175 -13.06 -6.77 40.72
C ASN A 175 -12.22 -7.17 39.52
N ASP A 176 -12.07 -8.46 39.24
CA ASP A 176 -11.56 -8.87 37.94
C ASP A 176 -12.39 -8.27 36.81
N THR A 177 -13.69 -8.13 37.03
CA THR A 177 -14.57 -7.54 36.05
C THR A 177 -14.61 -6.02 36.13
N SER A 178 -14.22 -5.44 37.27
CA SER A 178 -14.08 -3.99 37.39
C SER A 178 -12.72 -3.63 36.80
N MET A 179 -12.69 -3.64 35.47
CA MET A 179 -11.42 -3.64 34.76
C MET A 179 -10.63 -2.40 35.04
N ARG A 180 -11.32 -1.29 35.30
CA ARG A 180 -10.64 -0.04 35.62
C ARG A 180 -9.79 -0.20 36.86
N ASP A 181 -10.38 -0.73 37.93
CA ASP A 181 -9.67 -0.84 39.19
C ASP A 181 -8.55 -1.86 39.14
N VAL A 182 -8.58 -2.76 38.18
CA VAL A 182 -7.47 -3.68 37.99
C VAL A 182 -6.25 -2.92 37.52
N VAL A 183 -6.46 -1.88 36.73
CA VAL A 183 -5.33 -1.18 36.14
C VAL A 183 -4.57 -0.45 37.23
N PHE A 184 -5.28 0.32 38.04
CA PHE A 184 -4.62 1.09 39.09
C PHE A 184 -3.94 0.17 40.09
N ASN A 185 -4.55 -0.98 40.36
CA ASN A 185 -3.90 -1.96 41.21
C ASN A 185 -2.65 -2.50 40.57
N TYR A 186 -2.60 -2.52 39.24
CA TYR A 186 -1.35 -2.83 38.55
C TYR A 186 -0.43 -1.62 38.54
N LEU A 187 -1.00 -0.43 38.37
CA LEU A 187 -0.18 0.77 38.29
C LEU A 187 0.54 1.01 39.60
N HIS A 188 -0.20 1.07 40.71
CA HIS A 188 0.42 1.23 42.02
C HIS A 188 1.38 0.10 42.32
N ALA A 189 1.15 -1.06 41.72
CA ALA A 189 1.98 -2.23 42.00
C ALA A 189 3.36 -2.12 41.36
N THR A 190 3.48 -1.35 40.29
CA THR A 190 4.74 -1.24 39.56
C THR A 190 5.60 -0.08 40.01
N ALA A 191 5.09 1.13 39.83
CA ALA A 191 5.85 2.33 40.13
C ALA A 191 6.31 2.36 41.57
N PHE A 192 5.57 1.71 42.46
CA PHE A 192 5.90 1.60 43.87
C PHE A 192 6.26 0.17 44.23
N GLN A 193 6.93 -0.52 43.32
CA GLN A 193 7.33 -1.89 43.57
C GLN A 193 8.29 -1.96 44.74
N GLY A 194 8.23 -3.08 45.45
CA GLY A 194 9.09 -3.29 46.59
C GLY A 194 8.61 -2.68 47.89
N THR A 195 7.79 -1.65 47.85
CA THR A 195 7.32 -0.99 49.05
C THR A 195 6.03 -1.64 49.51
N PRO A 196 5.53 -1.28 50.69
CA PRO A 196 4.19 -1.72 51.08
C PRO A 196 3.12 -1.14 50.20
N LEU A 197 3.41 -0.05 49.48
CA LEU A 197 2.38 0.67 48.76
C LEU A 197 1.92 -0.04 47.51
N ALA A 198 2.73 -0.93 46.97
CA ALA A 198 2.30 -1.77 45.86
C ALA A 198 1.20 -2.74 46.25
N GLN A 199 0.90 -2.87 47.53
CA GLN A 199 -0.10 -3.82 47.97
C GLN A 199 -1.49 -3.37 47.52
N SER A 200 -2.38 -4.35 47.48
CA SER A 200 -3.78 -4.10 47.24
C SER A 200 -4.42 -3.59 48.52
N VAL A 201 -5.75 -3.52 48.50
CA VAL A 201 -6.52 -3.07 49.64
C VAL A 201 -7.15 -4.26 50.34
N GLU A 202 -7.77 -5.13 49.56
CA GLU A 202 -8.36 -6.33 50.11
C GLU A 202 -7.32 -7.40 50.38
N GLY A 203 -6.12 -7.26 49.83
CA GLY A 203 -5.05 -8.19 50.05
C GLY A 203 -5.11 -9.35 49.08
N PRO A 204 -3.99 -10.06 48.88
CA PRO A 204 -4.04 -11.25 48.05
C PRO A 204 -4.96 -12.30 48.62
N SER A 205 -5.42 -13.19 47.74
CA SER A 205 -6.28 -14.27 48.18
C SER A 205 -5.57 -15.21 49.14
N GLU A 206 -4.24 -15.25 49.07
CA GLU A 206 -3.49 -16.14 49.93
C GLU A 206 -3.57 -15.69 51.38
N ASN A 207 -3.20 -14.43 51.66
CA ASN A 207 -3.16 -13.95 53.03
C ASN A 207 -4.54 -13.93 53.66
N VAL A 208 -5.57 -13.75 52.86
CA VAL A 208 -6.92 -13.69 53.39
C VAL A 208 -7.35 -15.06 53.88
N ARG A 209 -6.77 -16.13 53.31
CA ARG A 209 -6.98 -17.48 53.80
C ARG A 209 -5.96 -17.89 54.86
N LYS A 210 -5.26 -16.92 55.45
CA LYS A 210 -4.27 -17.18 56.48
C LYS A 210 -4.30 -16.16 57.61
N LEU A 211 -5.17 -15.16 57.55
CA LEU A 211 -5.15 -14.08 58.50
C LEU A 211 -5.83 -14.52 59.78
N SER A 212 -5.29 -14.09 60.92
CA SER A 212 -5.76 -14.51 62.23
C SER A 212 -6.41 -13.35 62.99
N ARG A 213 -7.09 -13.73 64.07
CA ARG A 213 -7.66 -12.75 64.97
C ARG A 213 -6.57 -11.89 65.59
N ALA A 214 -5.42 -12.48 65.89
CA ALA A 214 -4.35 -11.73 66.54
C ALA A 214 -3.77 -10.67 65.62
N ASP A 215 -3.64 -10.99 64.33
CA ASP A 215 -3.15 -10.01 63.37
C ASP A 215 -4.10 -8.83 63.28
N LEU A 216 -5.40 -9.11 63.26
CA LEU A 216 -6.39 -8.05 63.38
C LEU A 216 -6.24 -7.32 64.70
N THR A 217 -6.15 -8.08 65.80
CA THR A 217 -6.04 -7.48 67.12
C THR A 217 -4.78 -6.64 67.22
N GLU A 218 -3.69 -7.14 66.66
CA GLU A 218 -2.43 -6.40 66.69
C GLU A 218 -2.49 -5.21 65.73
N TYR A 219 -3.08 -5.40 64.56
CA TYR A 219 -3.24 -4.31 63.62
C TYR A 219 -4.17 -3.25 64.20
N LEU A 220 -5.29 -3.69 64.74
CA LEU A 220 -6.27 -2.78 65.33
C LEU A 220 -5.64 -2.01 66.49
N SER A 221 -4.89 -2.69 67.33
CA SER A 221 -4.42 -2.13 68.58
C SER A 221 -3.31 -1.12 68.42
N ARG A 222 -2.89 -0.81 67.19
CA ARG A 222 -1.79 0.10 66.93
C ARG A 222 -2.21 1.35 66.18
N HIS A 223 -3.07 1.22 65.19
CA HIS A 223 -3.36 2.33 64.30
C HIS A 223 -4.51 3.18 64.78
N TYR A 224 -5.53 2.57 65.37
CA TYR A 224 -6.65 3.32 65.95
C TYR A 224 -6.16 3.98 67.23
N LYS A 225 -5.51 5.13 67.06
CA LYS A 225 -5.01 5.91 68.19
C LYS A 225 -5.32 7.37 67.96
N ALA A 226 -5.74 8.02 69.03
CA ALA A 226 -6.25 9.38 68.97
C ALA A 226 -5.37 10.38 68.22
N PRO A 227 -4.05 10.41 68.38
CA PRO A 227 -3.26 11.42 67.68
C PRO A 227 -3.32 11.29 66.17
N ARG A 228 -3.63 10.09 65.67
CA ARG A 228 -3.68 9.80 64.25
C ARG A 228 -5.11 9.48 63.83
N MET A 229 -6.08 10.10 64.49
CA MET A 229 -7.49 9.98 64.16
C MET A 229 -8.07 11.38 64.06
N VAL A 230 -9.32 11.43 63.63
CA VAL A 230 -10.06 12.66 63.45
C VAL A 230 -11.53 12.34 63.61
N LEU A 231 -12.27 13.35 64.05
CA LEU A 231 -13.71 13.38 63.96
C LEU A 231 -14.10 14.65 63.24
N ALA A 232 -15.14 14.56 62.42
CA ALA A 232 -15.64 15.75 61.77
C ALA A 232 -17.10 15.56 61.43
N ALA A 233 -17.78 16.68 61.29
CA ALA A 233 -19.16 16.66 60.84
C ALA A 233 -19.57 18.07 60.46
N ALA A 234 -20.67 18.17 59.72
CA ALA A 234 -21.21 19.47 59.37
C ALA A 234 -22.67 19.27 59.00
N GLY A 235 -23.30 20.36 58.58
CA GLY A 235 -24.74 20.41 58.46
C GLY A 235 -25.35 21.03 59.69
N GLY A 236 -26.42 20.43 60.21
CA GLY A 236 -27.15 21.00 61.32
C GLY A 236 -26.57 20.69 62.68
N LEU A 237 -25.51 21.37 63.08
CA LEU A 237 -25.05 21.24 64.44
C LEU A 237 -24.14 22.40 64.80
N GLU A 238 -23.82 22.47 66.09
CA GLU A 238 -22.87 23.40 66.66
C GLU A 238 -21.67 22.62 67.17
N HIS A 239 -20.51 23.27 67.16
CA HIS A 239 -19.27 22.59 67.47
C HIS A 239 -19.21 22.10 68.91
N ARG A 240 -19.99 22.71 69.81
CA ARG A 240 -19.99 22.34 71.21
C ARG A 240 -21.14 21.41 71.58
N GLN A 241 -22.04 21.12 70.65
CA GLN A 241 -22.86 19.93 70.78
C GLN A 241 -22.01 18.67 70.66
N LEU A 242 -20.81 18.79 70.11
CA LEU A 242 -19.98 17.68 69.67
C LEU A 242 -18.79 17.44 70.56
N LEU A 243 -18.08 18.51 70.93
CA LEU A 243 -16.86 18.38 71.70
C LEU A 243 -17.12 17.69 73.03
N ASP A 244 -18.27 17.97 73.64
CA ASP A 244 -18.66 17.26 74.85
C ASP A 244 -18.80 15.77 74.58
N LEU A 245 -19.26 15.41 73.38
CA LEU A 245 -19.62 14.03 73.12
C LEU A 245 -18.40 13.15 72.89
N ALA A 246 -17.35 13.70 72.28
CA ALA A 246 -16.09 12.97 72.24
C ALA A 246 -15.37 13.05 73.57
N GLN A 247 -15.58 14.15 74.31
CA GLN A 247 -15.13 14.22 75.69
C GLN A 247 -15.92 13.23 76.55
N LYS A 248 -17.15 12.92 76.14
CA LYS A 248 -17.96 11.94 76.84
C LYS A 248 -17.51 10.53 76.51
N HIS A 249 -17.51 10.19 75.22
CA HIS A 249 -17.35 8.81 74.75
C HIS A 249 -15.91 8.43 74.43
N PHE A 250 -15.22 9.24 73.63
CA PHE A 250 -13.89 8.92 73.15
C PHE A 250 -12.78 9.33 74.11
N SER A 251 -13.09 9.90 75.26
CA SER A 251 -12.05 10.32 76.19
C SER A 251 -11.25 9.13 76.71
N GLY A 252 -11.88 7.96 76.80
CA GLY A 252 -11.19 6.77 77.27
C GLY A 252 -10.29 6.12 76.25
N LEU A 253 -10.17 6.69 75.06
CA LEU A 253 -9.35 6.10 74.01
C LEU A 253 -7.88 6.09 74.40
N SER A 254 -7.13 5.15 73.83
CA SER A 254 -5.71 5.02 74.09
C SER A 254 -4.94 6.13 73.39
N GLY A 255 -4.79 7.27 74.06
CA GLY A 255 -4.10 8.42 73.50
C GLY A 255 -2.59 8.34 73.49
N THR A 256 -2.01 7.16 73.70
CA THR A 256 -0.56 7.01 73.74
C THR A 256 -0.22 5.61 73.22
N TYR A 257 1.00 5.16 73.50
CA TYR A 257 1.51 3.94 72.89
C TYR A 257 2.83 3.59 73.55
N ASP A 258 3.25 2.33 73.36
CA ASP A 258 4.59 1.93 73.76
C ASP A 258 5.60 2.61 72.85
N GLU A 259 6.57 3.31 73.47
CA GLU A 259 7.38 4.37 72.87
C GLU A 259 7.85 4.11 71.44
N ASP A 260 8.11 2.84 71.10
CA ASP A 260 8.62 2.45 69.78
C ASP A 260 7.60 1.66 68.98
N ALA A 261 6.30 1.88 69.20
CA ALA A 261 5.25 1.08 68.58
C ALA A 261 4.59 1.76 67.39
N VAL A 262 4.61 3.09 67.35
CA VAL A 262 3.86 3.85 66.35
C VAL A 262 4.87 4.36 65.31
N PRO A 263 5.03 3.69 64.17
CA PRO A 263 6.03 4.13 63.20
C PRO A 263 5.57 5.33 62.39
N THR A 264 6.56 6.00 61.81
CA THR A 264 6.34 7.01 60.80
C THR A 264 6.61 6.39 59.43
N LEU A 265 6.68 7.22 58.41
CA LEU A 265 6.63 6.79 57.03
C LEU A 265 8.02 6.53 56.48
N SER A 266 8.05 5.71 55.44
CA SER A 266 9.19 5.61 54.55
C SER A 266 8.93 6.44 53.31
N PRO A 267 9.89 7.21 52.80
CA PRO A 267 9.66 7.84 51.50
C PRO A 267 9.50 6.81 50.42
N CYS A 268 8.30 6.69 49.87
CA CYS A 268 8.04 5.73 48.81
C CYS A 268 8.65 6.25 47.52
N ARG A 269 9.63 5.53 47.00
CA ARG A 269 10.26 5.95 45.77
C ARG A 269 9.31 5.77 44.61
N PHE A 270 9.81 6.08 43.43
CA PHE A 270 9.06 5.96 42.19
C PHE A 270 9.90 5.24 41.16
N THR A 271 9.26 4.32 40.46
CA THR A 271 9.89 3.59 39.37
C THR A 271 9.23 4.01 38.07
N GLY A 272 10.02 3.97 37.01
CA GLY A 272 9.50 4.03 35.67
C GLY A 272 9.50 2.64 35.07
N SER A 273 8.33 2.00 35.02
CA SER A 273 8.25 0.63 34.58
C SER A 273 6.90 0.36 33.95
N GLN A 274 6.89 -0.62 33.05
CA GLN A 274 5.70 -1.00 32.33
C GLN A 274 5.23 -2.37 32.80
N ILE A 275 3.92 -2.54 32.80
CA ILE A 275 3.27 -3.80 33.09
C ILE A 275 2.11 -3.96 32.14
N CYS A 276 1.89 -5.20 31.71
CA CYS A 276 0.92 -5.47 30.66
C CYS A 276 0.35 -6.85 30.89
N HIS A 277 -0.98 -6.94 30.97
CA HIS A 277 -1.68 -8.22 31.07
C HIS A 277 -2.34 -8.46 29.72
N ARG A 278 -1.55 -9.01 28.82
CA ARG A 278 -1.98 -9.21 27.45
C ARG A 278 -3.14 -10.18 27.40
N GLU A 279 -4.27 -9.71 26.88
CA GLU A 279 -5.50 -10.51 26.82
C GLU A 279 -6.25 -10.08 25.56
N ASP A 280 -6.06 -10.83 24.48
CA ASP A 280 -6.66 -10.46 23.20
C ASP A 280 -8.12 -10.84 23.12
N GLY A 281 -8.61 -11.69 24.02
CA GLY A 281 -9.95 -12.23 23.88
C GLY A 281 -11.05 -11.28 24.29
N LEU A 282 -10.71 -10.20 24.98
CA LEU A 282 -11.70 -9.34 25.60
C LEU A 282 -12.11 -8.24 24.64
N PRO A 283 -13.17 -7.49 24.97
CA PRO A 283 -13.64 -6.45 24.05
C PRO A 283 -12.66 -5.31 23.88
N LEU A 284 -12.23 -4.76 25.00
CA LEU A 284 -11.50 -3.51 25.03
C LEU A 284 -10.29 -3.64 25.93
N ALA A 285 -9.43 -2.63 25.84
CA ALA A 285 -8.17 -2.60 26.56
C ALA A 285 -8.14 -1.36 27.43
N HIS A 286 -8.13 -1.57 28.74
CA HIS A 286 -8.00 -0.50 29.69
C HIS A 286 -6.53 -0.22 29.89
N VAL A 287 -6.16 1.05 29.80
CA VAL A 287 -4.77 1.46 29.82
C VAL A 287 -4.60 2.66 30.73
N ALA A 288 -3.42 2.79 31.29
CA ALA A 288 -3.06 3.92 32.13
C ALA A 288 -1.58 4.19 32.03
N ILE A 289 -1.23 5.45 32.19
CA ILE A 289 0.15 5.88 32.32
C ILE A 289 0.18 6.97 33.36
N ALA A 290 1.29 7.05 34.08
CA ALA A 290 1.46 8.14 35.03
C ALA A 290 2.92 8.25 35.43
N VAL A 291 3.20 9.32 36.16
CA VAL A 291 4.52 9.67 36.62
C VAL A 291 4.47 9.86 38.12
N GLU A 292 5.61 10.22 38.69
CA GLU A 292 5.67 10.58 40.09
C GLU A 292 4.88 11.85 40.33
N GLY A 293 4.09 11.86 41.38
CA GLY A 293 3.45 13.06 41.85
C GLY A 293 4.28 13.72 42.92
N PRO A 294 4.05 15.00 43.17
CA PRO A 294 4.86 15.69 44.16
C PRO A 294 4.55 15.29 45.59
N GLY A 295 3.27 15.23 45.93
CA GLY A 295 2.82 14.98 47.29
C GLY A 295 1.63 15.86 47.60
N TRP A 296 1.17 15.77 48.86
CA TRP A 296 0.07 16.58 49.33
C TRP A 296 0.48 18.03 49.49
N ALA A 297 1.46 18.27 50.36
CA ALA A 297 1.80 19.60 50.81
C ALA A 297 2.26 20.51 49.70
N HIS A 298 2.85 19.97 48.66
CA HIS A 298 3.56 20.77 47.69
C HIS A 298 2.55 21.62 46.91
N PRO A 299 2.71 22.95 46.86
CA PRO A 299 1.61 23.79 46.40
C PRO A 299 1.33 23.69 44.92
N ASP A 300 2.25 23.13 44.12
CA ASP A 300 2.03 23.12 42.68
C ASP A 300 0.94 22.14 42.26
N ASN A 301 0.40 21.35 43.19
CA ASN A 301 -0.83 20.62 42.92
C ASN A 301 -1.93 21.53 42.43
N VAL A 302 -1.97 22.77 42.90
CA VAL A 302 -2.96 23.71 42.39
C VAL A 302 -2.65 24.03 40.95
N ALA A 303 -1.38 23.92 40.54
CA ALA A 303 -1.05 24.07 39.14
C ALA A 303 -1.52 22.87 38.35
N LEU A 304 -1.24 21.67 38.84
CA LEU A 304 -1.43 20.47 38.05
C LEU A 304 -2.90 20.17 37.84
N GLN A 305 -3.73 20.46 38.84
CA GLN A 305 -5.16 20.25 38.68
C GLN A 305 -5.71 21.09 37.54
N VAL A 306 -5.10 22.24 37.29
CA VAL A 306 -5.48 23.02 36.13
C VAL A 306 -5.13 22.27 34.85
N ALA A 307 -3.88 21.79 34.78
CA ALA A 307 -3.40 21.17 33.56
C ALA A 307 -4.22 19.95 33.18
N ASN A 308 -4.56 19.12 34.17
CA ASN A 308 -5.48 18.02 33.89
C ASN A 308 -6.81 18.55 33.41
N ALA A 309 -7.26 19.65 33.98
CA ALA A 309 -8.52 20.24 33.53
C ALA A 309 -8.39 20.76 32.12
N ILE A 310 -7.21 21.24 31.74
CA ILE A 310 -7.00 21.67 30.37
C ILE A 310 -7.18 20.49 29.43
N ILE A 311 -6.66 19.34 29.84
CA ILE A 311 -6.81 18.13 29.03
C ILE A 311 -8.21 17.55 29.21
N GLY A 312 -8.52 17.15 30.43
CA GLY A 312 -9.91 16.90 30.78
C GLY A 312 -10.35 15.46 30.72
N HIS A 313 -11.36 15.19 29.89
CA HIS A 313 -12.03 13.91 29.93
C HIS A 313 -13.07 13.86 28.83
N TYR A 314 -13.54 12.65 28.53
CA TYR A 314 -14.50 12.38 27.49
C TYR A 314 -14.91 10.93 27.62
N ASP A 315 -16.20 10.65 27.50
CA ASP A 315 -16.64 9.26 27.37
C ASP A 315 -17.93 9.21 26.55
N CYS A 316 -17.77 9.14 25.23
CA CYS A 316 -18.71 8.56 24.27
C CYS A 316 -20.16 9.00 24.39
N THR A 317 -20.45 10.05 25.16
CA THR A 317 -21.81 10.53 25.35
C THR A 317 -21.95 12.02 25.28
N TYR A 318 -20.89 12.78 25.50
CA TYR A 318 -20.98 14.22 25.48
C TYR A 318 -21.32 14.72 24.09
N GLY A 319 -22.37 15.51 24.01
CA GLY A 319 -22.84 16.03 22.74
C GLY A 319 -21.96 17.08 22.11
N GLY A 320 -20.82 17.42 22.72
CA GLY A 320 -19.96 18.44 22.12
C GLY A 320 -19.31 17.95 20.85
N GLY A 321 -18.67 16.79 20.93
CA GLY A 321 -18.04 16.23 19.74
C GLY A 321 -16.89 17.09 19.29
N ALA A 322 -16.83 17.31 17.97
CA ALA A 322 -15.75 18.08 17.38
C ALA A 322 -15.69 19.49 17.91
N HIS A 323 -16.83 20.06 18.27
CA HIS A 323 -16.87 21.44 18.71
C HIS A 323 -16.35 21.64 20.12
N LEU A 324 -15.92 20.58 20.80
CA LEU A 324 -15.32 20.72 22.11
C LEU A 324 -14.05 21.55 22.03
N SER A 325 -13.49 21.84 23.19
CA SER A 325 -12.36 22.74 23.32
C SER A 325 -11.06 22.01 23.55
N SER A 326 -11.06 21.03 24.43
CA SER A 326 -9.86 20.28 24.69
C SER A 326 -9.48 19.51 23.43
N PRO A 327 -8.31 19.75 22.84
CA PRO A 327 -7.99 19.06 21.58
C PRO A 327 -8.00 17.55 21.70
N LEU A 328 -7.67 17.03 22.88
CA LEU A 328 -7.68 15.60 23.06
C LEU A 328 -9.08 15.03 22.95
N ALA A 329 -10.10 15.84 23.18
CA ALA A 329 -11.47 15.36 23.11
C ALA A 329 -12.01 15.44 21.69
N SER A 330 -11.86 16.60 21.06
CA SER A 330 -12.43 16.80 19.73
C SER A 330 -11.85 15.81 18.74
N ILE A 331 -10.58 15.46 18.92
CA ILE A 331 -9.95 14.47 18.08
C ILE A 331 -10.60 13.12 18.27
N ALA A 332 -10.68 12.68 19.53
CA ALA A 332 -11.26 11.38 19.82
C ALA A 332 -12.74 11.31 19.48
N ALA A 333 -13.42 12.45 19.40
CA ALA A 333 -14.78 12.47 18.91
C ALA A 333 -14.79 12.46 17.40
N THR A 334 -13.91 13.26 16.81
CA THR A 334 -13.79 13.32 15.37
C THR A 334 -13.45 11.96 14.80
N ASN A 335 -12.31 11.42 15.21
CA ASN A 335 -11.79 10.17 14.67
C ASN A 335 -12.32 8.94 15.37
N LYS A 336 -13.07 9.09 16.46
CA LYS A 336 -13.69 7.97 17.16
C LYS A 336 -12.64 6.96 17.62
N LEU A 337 -11.49 7.47 18.03
CA LEU A 337 -10.38 6.60 18.38
C LEU A 337 -10.67 5.77 19.62
N CYS A 338 -11.40 6.33 20.58
CA CYS A 338 -11.55 5.73 21.89
C CYS A 338 -13.00 5.78 22.30
N GLN A 339 -13.26 5.27 23.49
CA GLN A 339 -14.58 5.27 24.09
C GLN A 339 -14.65 6.06 25.37
N SER A 340 -13.55 6.13 26.13
CA SER A 340 -13.55 6.90 27.35
C SER A 340 -12.14 7.06 27.85
N PHE A 341 -11.90 8.18 28.51
CA PHE A 341 -10.65 8.39 29.20
C PHE A 341 -10.80 9.52 30.20
N GLN A 342 -9.96 9.48 31.22
CA GLN A 342 -9.99 10.47 32.28
C GLN A 342 -8.58 10.65 32.79
N THR A 343 -8.28 11.88 33.20
CA THR A 343 -7.07 12.17 33.92
C THR A 343 -7.34 11.99 35.40
N PHE A 344 -6.41 12.42 36.22
CA PHE A 344 -6.55 12.33 37.66
C PHE A 344 -5.43 13.14 38.28
N ASN A 345 -5.38 13.11 39.60
CA ASN A 345 -4.16 13.47 40.30
C ASN A 345 -4.27 12.84 41.69
N ILE A 346 -3.60 11.72 41.86
CA ILE A 346 -3.52 11.10 43.17
C ILE A 346 -2.30 11.68 43.88
N CYS A 347 -2.43 11.85 45.19
CA CYS A 347 -1.41 12.49 45.99
C CYS A 347 -1.26 11.71 47.28
N TYR A 348 -0.06 11.24 47.55
CA TYR A 348 0.27 10.54 48.77
C TYR A 348 1.30 11.37 49.53
N ALA A 349 1.86 10.76 50.58
CA ALA A 349 2.53 11.49 51.66
C ALA A 349 3.57 12.47 51.15
N ASP A 350 4.63 11.95 50.55
CA ASP A 350 5.67 12.75 49.94
C ASP A 350 5.82 12.41 48.46
N THR A 351 4.73 12.00 47.84
CA THR A 351 4.71 11.75 46.41
C THR A 351 3.25 11.58 45.99
N GLY A 352 3.04 11.34 44.72
CA GLY A 352 1.69 11.14 44.25
C GLY A 352 1.73 10.37 42.95
N LEU A 353 0.64 10.48 42.20
CA LEU A 353 0.59 9.93 40.85
C LEU A 353 -0.15 10.91 39.96
N LEU A 354 0.47 11.23 38.83
CA LEU A 354 -0.08 12.12 37.84
C LEU A 354 -0.06 11.41 36.50
N GLY A 355 -1.20 11.36 35.83
CA GLY A 355 -1.23 10.76 34.53
C GLY A 355 -2.60 10.67 33.93
N ALA A 356 -2.95 9.49 33.43
CA ALA A 356 -4.26 9.35 32.82
C ALA A 356 -4.60 7.89 32.60
N HIS A 357 -5.88 7.67 32.34
CA HIS A 357 -6.44 6.37 32.05
C HIS A 357 -7.34 6.53 30.84
N PHE A 358 -7.26 5.56 29.93
CA PHE A 358 -8.04 5.64 28.71
C PHE A 358 -8.38 4.24 28.25
N VAL A 359 -9.44 4.17 27.47
CA VAL A 359 -10.03 2.92 27.02
C VAL A 359 -10.32 3.06 25.55
N CYS A 360 -9.77 2.16 24.74
CA CYS A 360 -9.97 2.28 23.31
C CYS A 360 -9.78 0.93 22.65
N ASP A 361 -10.39 0.81 21.48
CA ASP A 361 -10.23 -0.34 20.63
C ASP A 361 -8.76 -0.58 20.32
N HIS A 362 -8.44 -1.83 20.01
CA HIS A 362 -7.04 -2.23 19.91
C HIS A 362 -6.34 -1.56 18.75
N MET A 363 -7.07 -1.19 17.71
CA MET A 363 -6.47 -0.58 16.53
C MET A 363 -6.21 0.91 16.69
N SER A 364 -6.29 1.46 17.90
CA SER A 364 -6.21 2.90 18.08
C SER A 364 -5.43 3.34 19.32
N ILE A 365 -4.70 2.44 19.97
CA ILE A 365 -3.97 2.82 21.18
C ILE A 365 -2.84 3.76 20.82
N ASP A 366 -2.01 3.37 19.85
CA ASP A 366 -0.81 4.13 19.54
C ASP A 366 -1.15 5.53 19.08
N ASP A 367 -2.30 5.70 18.42
CA ASP A 367 -2.68 7.02 17.97
C ASP A 367 -3.02 7.92 19.14
N MET A 368 -3.73 7.38 20.15
CA MET A 368 -4.10 8.19 21.30
C MET A 368 -2.87 8.65 22.06
N MET A 369 -1.92 7.75 22.25
CA MET A 369 -0.77 8.06 23.08
C MET A 369 0.06 9.17 22.48
N PHE A 370 0.13 9.24 21.15
CA PHE A 370 0.86 10.33 20.53
C PHE A 370 0.19 11.64 20.82
N VAL A 371 -1.13 11.66 20.78
CA VAL A 371 -1.86 12.89 21.02
C VAL A 371 -1.68 13.33 22.46
N LEU A 372 -1.82 12.38 23.39
CA LEU A 372 -1.67 12.68 24.80
C LEU A 372 -0.30 13.28 25.07
N GLN A 373 0.75 12.59 24.64
CA GLN A 373 2.09 13.09 24.82
C GLN A 373 2.27 14.43 24.11
N GLY A 374 1.60 14.62 22.98
CA GLY A 374 1.68 15.87 22.26
C GLY A 374 1.18 17.05 23.08
N GLN A 375 0.21 16.80 23.95
CA GLN A 375 -0.37 17.88 24.71
C GLN A 375 0.51 18.28 25.88
N TRP A 376 1.07 17.29 26.57
CA TRP A 376 1.95 17.59 27.69
C TRP A 376 3.14 18.43 27.25
N MET A 377 3.80 18.00 26.18
CA MET A 377 4.88 18.79 25.62
C MET A 377 4.37 20.15 25.20
N ARG A 378 3.14 20.21 24.70
CA ARG A 378 2.57 21.49 24.34
C ARG A 378 2.40 22.37 25.56
N LEU A 379 1.99 21.78 26.69
CA LEU A 379 1.73 22.57 27.88
C LEU A 379 3.03 22.97 28.55
N CYS A 380 3.98 22.05 28.60
CA CYS A 380 5.28 22.38 29.15
C CYS A 380 5.98 23.46 28.35
N THR A 381 5.65 23.59 27.07
CA THR A 381 6.32 24.53 26.18
C THR A 381 5.44 25.72 25.82
N SER A 382 4.26 25.49 25.27
CA SER A 382 3.42 26.54 24.69
C SER A 382 2.03 26.43 25.31
N ALA A 383 1.88 27.05 26.46
CA ALA A 383 0.62 27.07 27.19
C ALA A 383 -0.05 28.42 26.97
N THR A 384 -1.03 28.45 26.09
CA THR A 384 -1.70 29.70 25.77
C THR A 384 -2.48 30.18 26.96
N GLU A 385 -2.32 31.46 27.28
CA GLU A 385 -2.99 32.05 28.44
C GLU A 385 -4.49 31.88 28.34
N SER A 386 -5.05 32.04 27.13
CA SER A 386 -6.48 31.86 26.94
C SER A 386 -6.92 30.46 27.32
N GLU A 387 -6.04 29.48 27.19
CA GLU A 387 -6.36 28.12 27.57
C GLU A 387 -6.17 27.89 29.06
N VAL A 388 -5.47 28.78 29.74
CA VAL A 388 -5.28 28.63 31.17
C VAL A 388 -6.55 29.00 31.91
N LEU A 389 -7.11 30.16 31.57
CA LEU A 389 -8.29 30.68 32.26
C LEU A 389 -9.45 29.71 32.18
N ARG A 390 -9.47 28.85 31.17
CA ARG A 390 -10.42 27.76 31.14
C ARG A 390 -10.22 26.87 32.35
N GLY A 391 -9.04 26.30 32.48
CA GLY A 391 -8.82 25.31 33.50
C GLY A 391 -8.93 25.90 34.88
N LYS A 392 -8.51 27.14 35.05
CA LYS A 392 -8.75 27.85 36.29
C LYS A 392 -10.24 27.92 36.58
N ASN A 393 -11.00 28.41 35.61
CA ASN A 393 -12.44 28.47 35.75
C ASN A 393 -13.08 27.10 35.76
N LEU A 394 -12.40 26.06 35.29
CA LEU A 394 -12.95 24.72 35.42
C LEU A 394 -12.78 24.21 36.84
N LEU A 395 -11.60 24.47 37.40
CA LEU A 395 -11.29 23.92 38.71
C LEU A 395 -12.21 24.48 39.77
N ARG A 396 -12.52 25.78 39.67
CA ARG A 396 -13.39 26.42 40.65
C ARG A 396 -14.72 25.71 40.75
N ASN A 397 -15.27 25.31 39.61
CA ASN A 397 -16.54 24.63 39.58
C ASN A 397 -16.42 23.14 39.83
N ALA A 398 -15.24 22.67 40.26
CA ALA A 398 -15.12 21.33 40.80
C ALA A 398 -15.20 21.36 42.31
N LEU A 399 -14.27 22.07 42.95
CA LEU A 399 -14.19 22.10 44.40
C LEU A 399 -15.47 22.61 45.00
N VAL A 400 -16.04 23.64 44.38
CA VAL A 400 -17.31 24.16 44.82
C VAL A 400 -18.40 23.11 44.65
N SER A 401 -18.67 22.72 43.41
CA SER A 401 -19.75 21.79 43.12
C SER A 401 -19.51 20.45 43.80
N HIS A 402 -18.26 20.10 44.05
CA HIS A 402 -17.97 18.94 44.88
C HIS A 402 -18.56 19.14 46.27
N LEU A 403 -18.49 20.36 46.77
CA LEU A 403 -18.95 20.69 48.12
C LEU A 403 -20.37 21.24 48.07
N ASP A 404 -21.24 20.41 47.52
CA ASP A 404 -22.68 20.66 47.44
C ASP A 404 -23.32 19.56 48.27
N GLY A 405 -23.37 19.78 49.57
CA GLY A 405 -23.82 18.79 50.51
C GLY A 405 -23.00 18.84 51.77
N THR A 406 -23.15 17.80 52.58
CA THR A 406 -22.44 17.64 53.83
C THR A 406 -21.37 16.56 53.77
N THR A 407 -21.73 15.42 53.19
CA THR A 407 -20.76 14.33 53.08
C THR A 407 -19.51 14.71 52.32
N PRO A 408 -19.57 15.43 51.19
CA PRO A 408 -18.32 15.87 50.58
C PRO A 408 -17.52 16.77 51.49
N VAL A 409 -18.20 17.64 52.23
CA VAL A 409 -17.51 18.51 53.17
C VAL A 409 -16.77 17.66 54.18
N CYS A 410 -17.49 16.76 54.83
CA CYS A 410 -16.95 15.99 55.93
C CYS A 410 -15.89 15.02 55.47
N GLU A 411 -15.81 14.69 54.18
CA GLU A 411 -14.62 14.04 53.65
C GLU A 411 -13.46 15.01 53.66
N ASP A 412 -13.69 16.21 53.10
CA ASP A 412 -12.61 17.17 52.94
C ASP A 412 -12.03 17.59 54.27
N ILE A 413 -12.86 17.60 55.32
CA ILE A 413 -12.36 17.91 56.65
C ILE A 413 -11.50 16.76 57.14
N GLY A 414 -12.11 15.59 57.28
CA GLY A 414 -11.44 14.43 57.82
C GLY A 414 -10.26 13.97 57.00
N ARG A 415 -10.17 14.40 55.75
CA ARG A 415 -9.01 14.15 54.92
C ARG A 415 -7.98 15.25 55.05
N SER A 416 -8.42 16.47 55.33
CA SER A 416 -7.51 17.59 55.42
C SER A 416 -6.67 17.51 56.69
N LEU A 417 -7.28 17.04 57.77
CA LEU A 417 -6.63 16.97 59.07
C LEU A 417 -5.68 15.79 59.20
N LEU A 418 -5.37 15.12 58.09
CA LEU A 418 -4.33 14.10 58.05
C LEU A 418 -3.41 14.24 56.86
N THR A 419 -3.65 15.18 55.96
CA THR A 419 -2.85 15.38 54.77
C THR A 419 -2.10 16.71 54.81
N TYR A 420 -2.86 17.79 54.84
CA TYR A 420 -2.30 19.12 54.92
C TYR A 420 -2.16 19.56 56.37
N GLY A 421 -2.96 19.01 57.26
CA GLY A 421 -3.17 19.57 58.57
C GLY A 421 -4.42 20.40 58.55
N ARG A 422 -4.26 21.72 58.56
CA ARG A 422 -5.40 22.62 58.58
C ARG A 422 -6.30 22.38 57.38
N ARG A 423 -7.61 22.41 57.60
CA ARG A 423 -8.50 22.61 56.48
C ARG A 423 -8.22 23.95 55.86
N ILE A 424 -8.49 24.04 54.56
CA ILE A 424 -8.20 25.22 53.77
C ILE A 424 -9.52 25.91 53.46
N PRO A 425 -9.76 27.12 53.95
CA PRO A 425 -10.93 27.86 53.47
C PRO A 425 -10.80 28.16 51.99
N LEU A 426 -11.92 28.01 51.28
CA LEU A 426 -11.89 28.02 49.83
C LEU A 426 -11.42 29.33 49.25
N ALA A 427 -11.51 30.43 49.98
CA ALA A 427 -10.91 31.67 49.50
C ALA A 427 -9.40 31.65 49.58
N GLU A 428 -8.81 30.61 50.17
CA GLU A 428 -7.36 30.42 50.12
C GLU A 428 -6.93 29.69 48.86
N TRP A 429 -7.69 28.65 48.46
CA TRP A 429 -7.44 28.01 47.18
C TRP A 429 -7.51 29.03 46.05
N GLU A 430 -8.51 29.91 46.12
CA GLU A 430 -8.75 30.86 45.04
C GLU A 430 -7.58 31.80 44.87
N SER A 431 -7.00 32.26 45.98
CA SER A 431 -5.85 33.14 45.88
C SER A 431 -4.66 32.41 45.29
N ARG A 432 -4.47 31.15 45.67
CA ARG A 432 -3.38 30.35 45.13
C ARG A 432 -3.55 30.18 43.62
N ILE A 433 -4.79 30.03 43.17
CA ILE A 433 -5.04 29.82 41.75
C ILE A 433 -4.73 31.07 40.96
N ALA A 434 -5.19 32.22 41.45
CA ALA A 434 -4.98 33.45 40.71
C ALA A 434 -3.52 33.82 40.60
N GLU A 435 -2.65 33.22 41.42
CA GLU A 435 -1.23 33.33 41.19
C GLU A 435 -0.80 32.59 39.93
N VAL A 436 -1.55 31.58 39.52
CA VAL A 436 -1.13 30.71 38.43
C VAL A 436 -1.35 31.43 37.11
N ASP A 437 -0.26 31.64 36.38
CA ASP A 437 -0.27 32.12 35.02
C ASP A 437 0.51 31.15 34.15
N ALA A 438 0.59 31.45 32.87
CA ALA A 438 1.19 30.53 31.92
C ALA A 438 2.68 30.34 32.15
N ARG A 439 3.32 31.23 32.90
CA ARG A 439 4.74 31.06 33.20
C ARG A 439 4.97 29.93 34.17
N VAL A 440 4.03 29.71 35.09
CA VAL A 440 4.25 28.70 36.10
C VAL A 440 4.09 27.32 35.49
N VAL A 441 3.09 27.17 34.64
CA VAL A 441 2.78 25.86 34.08
C VAL A 441 3.97 25.33 33.30
N ARG A 442 4.55 26.18 32.46
CA ARG A 442 5.72 25.79 31.69
C ARG A 442 6.89 25.39 32.58
N GLU A 443 6.91 25.82 33.84
CA GLU A 443 7.93 25.39 34.78
C GLU A 443 7.53 24.11 35.49
N VAL A 444 6.26 24.01 35.87
CA VAL A 444 5.82 22.84 36.61
C VAL A 444 5.88 21.60 35.74
N CYS A 445 5.23 21.65 34.59
CA CYS A 445 5.18 20.49 33.71
C CYS A 445 6.57 20.10 33.24
N SER A 446 7.47 21.07 33.14
CA SER A 446 8.86 20.72 32.85
C SER A 446 9.46 19.88 33.96
N LYS A 447 9.00 20.08 35.19
CA LYS A 447 9.64 19.44 36.32
C LYS A 447 9.17 18.01 36.48
N TYR A 448 7.92 17.72 36.11
CA TYR A 448 7.27 16.47 36.47
C TYR A 448 6.87 15.63 35.28
N PHE A 449 6.79 16.19 34.08
CA PHE A 449 6.55 15.41 32.87
C PHE A 449 7.83 15.16 32.08
N TYR A 450 8.47 16.24 31.66
CA TYR A 450 9.42 16.24 30.56
C TYR A 450 10.59 15.30 30.82
N ASP A 451 10.74 14.31 29.94
CA ASP A 451 11.88 13.41 29.92
C ASP A 451 11.91 12.46 31.11
N GLN A 452 10.83 12.41 31.87
CA GLN A 452 10.82 11.67 33.10
C GLN A 452 10.73 10.17 32.80
N CYS A 453 10.54 9.37 33.84
CA CYS A 453 10.53 7.92 33.77
C CYS A 453 9.13 7.42 34.10
N PRO A 454 8.20 7.45 33.16
CA PRO A 454 6.80 7.14 33.48
C PRO A 454 6.59 5.68 33.82
N ALA A 455 5.39 5.42 34.31
CA ALA A 455 4.92 4.09 34.65
C ALA A 455 3.68 3.80 33.82
N VAL A 456 3.61 2.60 33.28
CA VAL A 456 2.63 2.24 32.28
C VAL A 456 1.96 0.94 32.68
N ALA A 457 0.68 0.85 32.34
CA ALA A 457 -0.15 -0.29 32.69
C ALA A 457 -0.98 -0.70 31.49
N GLY A 458 -1.32 -1.98 31.43
CA GLY A 458 -2.10 -2.48 30.32
C GLY A 458 -2.82 -3.77 30.60
N PHE A 459 -4.07 -3.83 30.16
CA PHE A 459 -4.94 -4.96 30.43
C PHE A 459 -5.92 -5.08 29.28
N GLY A 460 -5.60 -5.94 28.32
CA GLY A 460 -6.50 -6.20 27.23
C GLY A 460 -5.80 -6.45 25.90
N PRO A 461 -6.54 -6.30 24.80
CA PRO A 461 -5.93 -6.48 23.49
C PRO A 461 -5.02 -5.32 23.14
N ILE A 462 -3.80 -5.43 23.60
CA ILE A 462 -2.82 -4.35 23.55
C ILE A 462 -1.73 -4.69 22.55
N GLU A 463 -2.11 -5.41 21.49
CA GLU A 463 -1.19 -5.79 20.44
C GLU A 463 -0.45 -4.60 19.86
N GLN A 464 -1.06 -3.42 19.92
CA GLN A 464 -0.51 -2.19 19.37
C GLN A 464 0.17 -1.34 20.42
N LEU A 465 0.18 -1.76 21.67
CA LEU A 465 0.71 -0.91 22.71
C LEU A 465 2.22 -0.78 22.51
N PRO A 466 2.76 0.42 22.32
CA PRO A 466 4.18 0.52 22.03
C PRO A 466 5.04 0.23 23.24
N ASP A 467 6.29 -0.07 22.95
CA ASP A 467 7.27 -0.36 23.97
C ASP A 467 7.54 0.86 24.82
N TYR A 468 8.06 0.61 26.03
CA TYR A 468 8.38 1.68 26.97
C TYR A 468 9.33 2.70 26.35
N ASN A 469 10.32 2.23 25.59
CA ASN A 469 11.27 3.14 24.98
C ASN A 469 10.57 4.10 24.02
N ARG A 470 9.63 3.59 23.25
CA ARG A 470 8.92 4.46 22.32
C ARG A 470 8.06 5.46 23.07
N ILE A 471 7.59 5.09 24.25
CA ILE A 471 6.80 6.03 25.06
C ILE A 471 7.69 7.17 25.52
N ARG A 472 8.84 6.84 26.06
CA ARG A 472 9.73 7.88 26.56
C ARG A 472 10.27 8.73 25.43
N SER A 473 10.60 8.12 24.28
CA SER A 473 11.07 8.91 23.16
C SER A 473 9.98 9.86 22.68
N GLY A 474 8.74 9.51 22.89
CA GLY A 474 7.65 10.41 22.61
C GLY A 474 7.32 11.35 23.72
N MET A 475 8.14 11.38 24.78
CA MET A 475 7.85 12.23 25.91
C MET A 475 8.34 13.65 25.69
N PHE A 476 9.48 13.82 25.02
CA PHE A 476 10.05 15.13 24.75
C PHE A 476 9.88 15.52 23.29
N TRP A 477 9.22 16.66 23.08
CA TRP A 477 9.17 17.31 21.77
C TRP A 477 10.59 17.58 21.31
N LEU A 478 10.75 17.70 20.00
CA LEU A 478 12.06 17.70 19.35
C LEU A 478 12.84 16.44 19.70
N GLN B 36 -32.09 32.97 54.41
CA GLN B 36 -32.82 33.48 53.24
C GLN B 36 -33.95 32.53 52.87
N ASP B 37 -35.01 33.08 52.29
CA ASP B 37 -36.24 32.36 52.02
C ASP B 37 -36.48 32.31 50.52
N LEU B 38 -37.48 31.52 50.14
CA LEU B 38 -37.71 31.12 48.76
C LEU B 38 -38.85 31.94 48.17
N GLU B 39 -38.49 32.86 47.28
CA GLU B 39 -39.49 33.49 46.44
C GLU B 39 -40.14 32.43 45.56
N PHE B 40 -41.34 32.75 45.09
CA PHE B 40 -42.10 31.86 44.22
C PHE B 40 -43.27 32.63 43.63
N THR B 41 -43.35 32.68 42.32
CA THR B 41 -44.22 33.64 41.64
C THR B 41 -44.88 32.93 40.47
N ARG B 42 -45.48 33.73 39.58
CA ARG B 42 -46.16 33.22 38.41
C ARG B 42 -46.54 34.37 37.48
N LEU B 43 -46.27 34.20 36.20
CA LEU B 43 -46.59 35.20 35.20
C LEU B 43 -47.99 34.98 34.67
N PRO B 44 -48.51 35.92 33.87
CA PRO B 44 -49.78 35.65 33.19
C PRO B 44 -49.72 34.47 32.26
N ASN B 45 -48.56 34.20 31.67
CA ASN B 45 -48.40 33.10 30.72
C ASN B 45 -48.42 31.74 31.39
N GLY B 46 -48.49 31.67 32.72
CA GLY B 46 -48.43 30.40 33.41
C GLY B 46 -47.02 29.93 33.70
N LEU B 47 -46.04 30.80 33.57
CA LEU B 47 -44.64 30.44 33.72
C LEU B 47 -44.21 30.66 35.16
N VAL B 48 -44.04 29.57 35.89
CA VAL B 48 -43.52 29.66 37.23
C VAL B 48 -42.11 30.22 37.20
N ILE B 49 -41.71 30.80 38.33
CA ILE B 49 -40.33 31.19 38.60
C ILE B 49 -40.05 30.77 40.04
N ALA B 50 -38.77 30.69 40.36
CA ALA B 50 -38.33 30.60 41.74
C ALA B 50 -36.96 31.26 41.84
N SER B 51 -36.49 31.40 43.07
CA SER B 51 -35.19 32.00 43.34
C SER B 51 -34.91 31.87 44.82
N LEU B 52 -33.65 31.61 45.15
CA LEU B 52 -33.27 31.44 46.55
C LEU B 52 -31.82 31.89 46.67
N GLU B 53 -31.62 33.18 46.93
CA GLU B 53 -30.30 33.76 46.95
C GLU B 53 -29.62 33.36 48.27
N ASN B 54 -29.11 32.13 48.28
CA ASN B 54 -28.40 31.60 49.43
C ASN B 54 -27.04 32.23 49.66
N TYR B 55 -26.62 33.23 48.87
CA TYR B 55 -25.28 33.80 48.96
C TYR B 55 -24.21 32.72 48.80
N ALA B 56 -24.51 31.72 47.97
CA ALA B 56 -23.56 30.68 47.67
C ALA B 56 -22.67 31.13 46.52
N PRO B 57 -21.46 30.56 46.40
CA PRO B 57 -20.62 30.94 45.27
C PRO B 57 -21.15 30.40 43.97
N ALA B 58 -21.58 29.15 44.02
CA ALA B 58 -21.97 28.42 42.82
C ALA B 58 -23.43 28.72 42.52
N SER B 59 -23.65 29.51 41.50
CA SER B 59 -24.98 29.67 40.97
C SER B 59 -25.46 28.36 40.38
N ARG B 60 -26.72 28.34 39.98
CA ARG B 60 -27.35 27.14 39.45
C ARG B 60 -28.71 27.52 38.94
N ILE B 61 -29.13 26.86 37.88
CA ILE B 61 -30.42 27.12 37.26
C ILE B 61 -31.00 25.79 36.84
N GLY B 62 -32.31 25.73 36.81
CA GLY B 62 -33.05 24.64 36.24
C GLY B 62 -34.23 25.19 35.49
N LEU B 63 -34.65 24.50 34.45
CA LEU B 63 -35.82 24.87 33.69
C LEU B 63 -36.64 23.60 33.49
N PHE B 64 -37.39 23.22 34.50
CA PHE B 64 -38.17 22.00 34.43
C PHE B 64 -39.35 22.19 33.49
N ILE B 65 -39.56 21.21 32.61
CA ILE B 65 -40.56 21.29 31.56
C ILE B 65 -41.25 19.94 31.44
N LYS B 66 -42.54 19.96 31.12
CA LYS B 66 -43.31 18.75 30.85
C LYS B 66 -43.18 18.39 29.37
N ALA B 67 -42.18 17.58 29.04
CA ALA B 67 -42.04 17.09 27.68
C ALA B 67 -41.48 15.68 27.62
N GLY B 68 -41.71 14.88 28.65
CA GLY B 68 -41.19 13.54 28.68
C GLY B 68 -41.79 12.68 27.59
N SER B 69 -41.45 11.39 27.66
CA SER B 69 -41.84 10.45 26.63
C SER B 69 -43.34 10.25 26.55
N ARG B 70 -44.10 10.68 27.56
CA ARG B 70 -45.53 10.37 27.59
C ARG B 70 -46.26 11.14 26.50
N TYR B 71 -45.83 12.36 26.22
CA TYR B 71 -46.44 13.17 25.18
C TYR B 71 -45.98 12.78 23.79
N GLU B 72 -45.21 11.71 23.65
CA GLU B 72 -44.86 11.16 22.35
C GLU B 72 -45.94 10.19 21.91
N ASN B 73 -46.54 10.46 20.76
CA ASN B 73 -47.57 9.57 20.25
C ASN B 73 -46.90 8.38 19.58
N SER B 74 -47.67 7.60 18.83
CA SER B 74 -47.12 6.40 18.22
C SER B 74 -46.12 6.73 17.12
N ASN B 75 -46.31 7.84 16.41
CA ASN B 75 -45.44 8.14 15.29
C ASN B 75 -44.09 8.62 15.75
N ASN B 76 -44.06 9.51 16.74
CA ASN B 76 -42.86 10.25 17.09
C ASN B 76 -42.11 9.63 18.25
N LEU B 77 -42.10 8.31 18.33
CA LEU B 77 -41.43 7.63 19.43
C LEU B 77 -39.96 7.96 19.45
N GLY B 78 -39.38 7.90 20.64
CA GLY B 78 -37.97 8.12 20.82
C GLY B 78 -37.50 9.52 20.51
N THR B 79 -38.40 10.45 20.25
CA THR B 79 -37.98 11.79 19.88
C THR B 79 -37.35 12.51 21.05
N SER B 80 -37.89 12.30 22.25
CA SER B 80 -37.31 12.94 23.43
C SER B 80 -35.91 12.44 23.70
N HIS B 81 -35.65 11.18 23.37
CA HIS B 81 -34.30 10.64 23.50
C HIS B 81 -33.34 11.44 22.64
N LEU B 82 -33.73 11.71 21.40
CA LEU B 82 -32.91 12.53 20.54
C LEU B 82 -32.83 13.94 21.07
N LEU B 83 -33.97 14.50 21.44
CA LEU B 83 -34.00 15.85 21.96
C LEU B 83 -33.26 15.97 23.27
N ARG B 84 -33.06 14.86 23.98
CA ARG B 84 -32.25 14.90 25.18
C ARG B 84 -30.80 15.12 24.84
N LEU B 85 -30.37 14.72 23.65
CA LEU B 85 -29.03 14.99 23.16
C LEU B 85 -28.97 16.27 22.34
N ALA B 86 -30.11 16.82 21.96
CA ALA B 86 -30.11 17.94 21.04
C ALA B 86 -29.52 19.21 21.63
N SER B 87 -29.26 19.22 22.92
CA SER B 87 -28.44 20.26 23.48
C SER B 87 -27.10 20.30 22.76
N SER B 88 -26.47 21.46 22.81
CA SER B 88 -25.19 21.75 22.18
C SER B 88 -25.34 21.98 20.69
N LEU B 89 -26.56 21.94 20.15
CA LEU B 89 -26.75 22.12 18.73
C LEU B 89 -26.93 23.59 18.39
N THR B 90 -27.07 23.86 17.09
CA THR B 90 -27.15 25.21 16.60
C THR B 90 -28.41 25.89 17.12
N THR B 91 -28.33 27.20 17.26
CA THR B 91 -29.44 28.06 17.61
C THR B 91 -29.47 29.22 16.65
N LYS B 92 -30.33 30.20 16.96
CA LYS B 92 -30.32 31.46 16.23
C LYS B 92 -29.33 32.43 16.85
N GLY B 93 -29.32 32.52 18.18
CA GLY B 93 -28.45 33.44 18.87
C GLY B 93 -27.00 33.04 18.87
N ALA B 94 -26.71 31.79 18.54
CA ALA B 94 -25.34 31.31 18.54
C ALA B 94 -25.33 29.93 17.92
N SER B 95 -24.13 29.44 17.66
CA SER B 95 -23.94 28.16 17.00
C SER B 95 -23.79 27.05 18.04
N SER B 96 -23.76 25.82 17.52
CA SER B 96 -23.36 24.69 18.33
C SER B 96 -21.93 24.81 18.82
N PHE B 97 -21.11 25.63 18.16
CA PHE B 97 -19.72 25.76 18.54
C PHE B 97 -19.54 26.78 19.65
N LYS B 98 -20.16 27.94 19.48
CA LYS B 98 -20.00 29.02 20.47
C LYS B 98 -20.48 28.58 21.82
N ILE B 99 -21.56 27.81 21.86
CA ILE B 99 -22.10 27.33 23.13
C ILE B 99 -21.07 26.46 23.83
N THR B 100 -20.53 25.48 23.11
CA THR B 100 -19.68 24.49 23.74
C THR B 100 -18.36 25.09 24.21
N ARG B 101 -17.98 26.26 23.70
CA ARG B 101 -16.76 26.92 24.13
C ARG B 101 -17.00 27.98 25.18
N GLY B 102 -18.06 28.77 25.04
CA GLY B 102 -18.36 29.79 26.03
C GLY B 102 -18.63 29.18 27.39
N ILE B 103 -19.33 28.06 27.42
CA ILE B 103 -19.62 27.37 28.67
C ILE B 103 -18.32 26.91 29.31
N GLU B 104 -17.48 26.22 28.54
CA GLU B 104 -16.29 25.64 29.12
C GLU B 104 -15.32 26.69 29.60
N ALA B 105 -15.36 27.88 29.01
CA ALA B 105 -14.49 28.95 29.47
C ALA B 105 -14.84 29.37 30.89
N VAL B 106 -16.10 29.71 31.14
CA VAL B 106 -16.51 30.11 32.47
C VAL B 106 -16.47 28.96 33.44
N GLY B 107 -16.63 27.74 32.93
CA GLY B 107 -16.49 26.55 33.74
C GLY B 107 -17.78 25.91 34.19
N GLY B 108 -18.86 26.13 33.48
CA GLY B 108 -20.16 25.61 33.88
C GLY B 108 -20.45 24.24 33.34
N LYS B 109 -21.74 24.00 33.14
CA LYS B 109 -22.24 22.73 32.65
C LYS B 109 -23.49 22.98 31.85
N LEU B 110 -24.00 21.93 31.25
CA LEU B 110 -25.30 21.98 30.60
C LEU B 110 -25.82 20.55 30.60
N SER B 111 -26.59 20.21 31.61
CA SER B 111 -27.09 18.87 31.79
C SER B 111 -28.58 18.85 31.52
N VAL B 112 -29.06 17.67 31.15
CA VAL B 112 -30.45 17.47 30.73
C VAL B 112 -30.95 16.23 31.45
N THR B 113 -31.54 16.42 32.60
CA THR B 113 -32.30 15.37 33.23
C THR B 113 -33.68 15.30 32.60
N SER B 114 -34.19 14.09 32.43
CA SER B 114 -35.47 13.91 31.76
C SER B 114 -36.12 12.63 32.22
N THR B 115 -37.44 12.64 32.26
CA THR B 115 -38.25 11.54 32.74
C THR B 115 -39.38 11.29 31.76
N ARG B 116 -40.23 10.33 32.12
CA ARG B 116 -41.43 10.06 31.34
C ARG B 116 -42.42 11.21 31.41
N GLU B 117 -42.33 12.05 32.44
CA GLU B 117 -43.06 13.30 32.53
C GLU B 117 -42.23 14.48 32.06
N ASN B 118 -41.13 14.73 32.75
CA ASN B 118 -40.45 16.02 32.72
C ASN B 118 -39.25 16.00 31.80
N MET B 119 -38.71 17.19 31.55
CA MET B 119 -37.52 17.35 30.71
C MET B 119 -36.79 18.60 31.22
N ALA B 120 -35.86 18.38 32.13
CA ALA B 120 -35.09 19.47 32.71
C ALA B 120 -33.94 19.88 31.83
N TYR B 121 -33.66 21.19 31.79
CA TYR B 121 -32.42 21.73 31.23
C TYR B 121 -31.72 22.45 32.36
N THR B 122 -31.03 21.66 33.17
CA THR B 122 -30.22 22.16 34.26
C THR B 122 -28.89 22.68 33.75
N VAL B 123 -28.28 23.59 34.52
CA VAL B 123 -26.94 24.09 34.27
C VAL B 123 -26.26 24.33 35.62
N GLU B 124 -25.05 24.86 35.55
CA GLU B 124 -24.32 25.37 36.70
C GLU B 124 -23.34 26.42 36.20
N CYS B 125 -22.75 27.15 37.14
CA CYS B 125 -21.72 28.13 36.83
C CYS B 125 -21.18 28.77 38.11
N LEU B 126 -20.19 29.64 37.94
CA LEU B 126 -19.85 30.59 38.98
C LEU B 126 -20.73 31.82 38.83
N ARG B 127 -21.13 32.39 39.96
CA ARG B 127 -22.14 33.45 39.92
C ARG B 127 -21.63 34.73 39.29
N ASP B 128 -20.33 34.88 39.08
CA ASP B 128 -19.82 36.05 38.38
C ASP B 128 -20.21 36.08 36.91
N ASP B 129 -20.68 34.97 36.36
CA ASP B 129 -20.85 34.81 34.91
C ASP B 129 -22.18 34.14 34.58
N VAL B 130 -23.24 34.58 35.24
CA VAL B 130 -24.55 34.00 34.97
C VAL B 130 -25.15 34.62 33.71
N ASP B 131 -24.92 35.92 33.52
CA ASP B 131 -25.59 36.64 32.45
C ASP B 131 -25.20 36.12 31.08
N ILE B 132 -24.04 35.48 30.98
CA ILE B 132 -23.68 34.80 29.74
C ILE B 132 -24.50 33.53 29.60
N LEU B 133 -24.36 32.63 30.57
CA LEU B 133 -24.90 31.29 30.46
C LEU B 133 -26.41 31.29 30.34
N MET B 134 -27.07 32.31 30.85
CA MET B 134 -28.50 32.43 30.62
C MET B 134 -28.79 32.62 29.15
N GLU B 135 -28.01 33.47 28.48
CA GLU B 135 -28.22 33.73 27.06
C GLU B 135 -28.02 32.46 26.24
N PHE B 136 -27.03 31.64 26.60
CA PHE B 136 -26.85 30.36 25.92
C PHE B 136 -28.09 29.52 26.08
N LEU B 137 -28.69 29.52 27.26
CA LEU B 137 -29.75 28.58 27.56
C LEU B 137 -30.97 28.83 26.68
N LEU B 138 -31.63 29.97 26.86
CA LEU B 138 -32.91 30.21 26.20
C LEU B 138 -32.79 30.18 24.68
N ASN B 139 -31.58 30.35 24.16
CA ASN B 139 -31.39 30.14 22.73
C ASN B 139 -31.47 28.66 22.38
N VAL B 140 -31.22 27.78 23.35
CA VAL B 140 -31.49 26.37 23.11
C VAL B 140 -32.98 26.16 22.91
N THR B 141 -33.76 26.67 23.85
CA THR B 141 -35.17 26.32 23.91
C THR B 141 -36.01 27.24 23.04
N THR B 142 -35.78 28.53 23.14
CA THR B 142 -36.61 29.49 22.44
C THR B 142 -36.24 29.63 20.96
N ALA B 143 -35.02 29.24 20.57
CA ALA B 143 -34.59 29.33 19.18
C ALA B 143 -33.66 28.18 18.84
N PRO B 144 -34.17 26.97 18.78
CA PRO B 144 -33.42 25.88 18.16
C PRO B 144 -33.73 25.80 16.68
N GLU B 145 -32.69 25.77 15.84
CA GLU B 145 -32.90 25.60 14.42
C GLU B 145 -33.15 24.14 14.07
N PHE B 146 -32.46 23.23 14.74
CA PHE B 146 -32.49 21.79 14.44
C PHE B 146 -32.27 21.57 12.95
N ARG B 147 -31.09 21.96 12.50
CA ARG B 147 -30.75 21.84 11.10
C ARG B 147 -30.73 20.38 10.70
N ARG B 148 -30.74 20.16 9.39
CA ARG B 148 -30.89 18.82 8.86
C ARG B 148 -29.68 17.96 9.17
N TRP B 149 -28.48 18.48 8.96
CA TRP B 149 -27.31 17.62 8.91
C TRP B 149 -26.76 17.32 10.29
N GLU B 150 -26.76 18.31 11.18
CA GLU B 150 -26.29 18.08 12.54
C GLU B 150 -27.05 16.95 13.21
N VAL B 151 -28.32 16.79 12.85
CA VAL B 151 -29.09 15.65 13.32
C VAL B 151 -28.42 14.35 12.89
N ALA B 152 -27.99 14.28 11.62
CA ALA B 152 -27.52 13.03 11.05
C ALA B 152 -26.31 12.52 11.81
N ALA B 153 -25.42 13.41 12.21
CA ALA B 153 -24.30 13.01 13.05
C ALA B 153 -24.78 12.57 14.41
N LEU B 154 -25.91 13.11 14.86
CA LEU B 154 -26.36 12.94 16.22
C LEU B 154 -27.18 11.68 16.43
N GLN B 155 -27.78 11.14 15.39
CA GLN B 155 -28.59 9.93 15.53
C GLN B 155 -27.77 8.74 16.01
N PRO B 156 -26.70 8.32 15.33
CA PRO B 156 -26.01 7.09 15.75
C PRO B 156 -25.39 7.19 17.13
N GLN B 157 -25.31 8.38 17.71
CA GLN B 157 -24.97 8.51 19.11
C GLN B 157 -25.95 7.74 19.99
N LEU B 158 -27.20 7.63 19.55
CA LEU B 158 -28.22 6.94 20.34
C LEU B 158 -27.86 5.48 20.57
N ARG B 159 -27.32 4.81 19.54
CA ARG B 159 -26.96 3.41 19.70
C ARG B 159 -25.91 3.21 20.77
N ILE B 160 -25.17 4.26 21.11
CA ILE B 160 -24.25 4.19 22.22
C ILE B 160 -25.00 4.50 23.52
N ASP B 161 -25.72 5.61 23.53
CA ASP B 161 -26.47 6.03 24.71
C ASP B 161 -27.42 4.94 25.18
N LYS B 162 -28.21 4.41 24.25
CA LYS B 162 -29.11 3.31 24.57
C LYS B 162 -28.35 2.09 25.06
N ALA B 163 -27.09 1.95 24.71
CA ALA B 163 -26.33 0.76 25.00
C ALA B 163 -25.65 0.83 26.35
N VAL B 164 -25.20 2.02 26.75
CA VAL B 164 -24.55 2.14 28.05
C VAL B 164 -25.51 1.79 29.15
N ALA B 165 -26.77 2.21 29.00
CA ALA B 165 -27.77 1.99 30.02
C ALA B 165 -28.00 0.50 30.24
N LEU B 166 -28.17 -0.24 29.15
CA LEU B 166 -28.50 -1.65 29.24
C LEU B 166 -27.31 -2.52 29.55
N GLN B 167 -26.13 -1.93 29.80
CA GLN B 167 -25.16 -2.60 30.64
C GLN B 167 -25.70 -2.75 32.05
N ASN B 168 -26.61 -1.87 32.45
CA ASN B 168 -27.27 -1.91 33.75
C ASN B 168 -28.66 -2.47 33.48
N PRO B 169 -28.90 -3.77 33.68
CA PRO B 169 -30.08 -4.42 33.08
C PRO B 169 -31.42 -3.94 33.58
N GLN B 170 -31.47 -3.07 34.59
CA GLN B 170 -32.76 -2.64 35.11
C GLN B 170 -33.58 -1.93 34.06
N ALA B 171 -32.94 -1.12 33.23
CA ALA B 171 -33.66 -0.13 32.44
C ALA B 171 -34.16 -0.68 31.12
N HIS B 172 -34.30 -1.98 30.98
CA HIS B 172 -35.26 -2.56 30.05
C HIS B 172 -36.17 -3.54 30.72
N VAL B 173 -35.84 -3.98 31.92
CA VAL B 173 -36.82 -4.59 32.80
C VAL B 173 -37.89 -3.57 33.15
N ILE B 174 -37.46 -2.44 33.68
CA ILE B 174 -38.38 -1.44 34.19
C ILE B 174 -39.18 -0.80 33.06
N GLU B 175 -38.60 -0.71 31.86
CA GLU B 175 -39.34 -0.11 30.76
C GLU B 175 -40.52 -0.98 30.36
N ASN B 176 -40.33 -2.29 30.35
CA ASN B 176 -41.39 -3.17 29.90
C ASN B 176 -42.58 -3.14 30.84
N LEU B 177 -42.37 -2.79 32.11
CA LEU B 177 -43.48 -2.59 33.02
C LEU B 177 -44.43 -1.53 32.49
N HIS B 178 -43.90 -0.34 32.29
CA HIS B 178 -44.67 0.71 31.67
C HIS B 178 -45.18 0.29 30.29
N ALA B 179 -44.44 -0.58 29.61
CA ALA B 179 -44.91 -1.10 28.33
C ALA B 179 -46.02 -2.12 28.50
N ALA B 180 -45.94 -2.93 29.55
CA ALA B 180 -46.95 -3.95 29.80
C ALA B 180 -48.12 -3.35 30.55
N ALA B 181 -47.82 -2.65 31.65
CA ALA B 181 -48.86 -2.16 32.52
C ALA B 181 -49.69 -1.08 31.85
N TYR B 182 -49.07 0.04 31.56
CA TYR B 182 -49.76 1.15 30.94
C TYR B 182 -49.73 0.96 29.43
N ARG B 183 -50.57 1.74 28.75
CA ARG B 183 -50.84 1.52 27.34
C ARG B 183 -50.34 2.64 26.44
N ASN B 184 -50.82 3.86 26.65
CA ASN B 184 -50.74 4.90 25.64
C ASN B 184 -49.52 5.79 25.83
N ALA B 185 -49.47 6.53 26.92
CA ALA B 185 -48.49 7.59 27.09
C ALA B 185 -47.28 7.13 27.89
N LEU B 186 -47.48 6.76 29.15
CA LEU B 186 -46.35 6.44 30.01
C LEU B 186 -45.64 5.16 29.60
N ALA B 187 -46.23 4.39 28.71
CA ALA B 187 -45.54 3.22 28.19
C ALA B 187 -44.39 3.60 27.29
N ASN B 188 -44.40 4.80 26.72
CA ASN B 188 -43.29 5.25 25.90
C ASN B 188 -42.01 5.29 26.72
N SER B 189 -41.10 4.37 26.42
CA SER B 189 -39.78 4.40 27.03
C SER B 189 -39.11 5.74 26.82
N LEU B 190 -38.27 6.11 27.78
CA LEU B 190 -37.40 7.25 27.60
C LEU B 190 -36.59 7.08 26.35
N TYR B 191 -35.96 5.93 26.23
CA TYR B 191 -35.03 5.63 25.16
C TYR B 191 -35.78 5.29 23.90
N CYS B 192 -35.04 5.23 22.82
CA CYS B 192 -35.59 5.16 21.50
C CYS B 192 -35.49 3.74 20.95
N PRO B 193 -36.50 3.20 20.30
CA PRO B 193 -36.33 1.91 19.64
C PRO B 193 -35.28 1.98 18.56
N ASP B 194 -34.72 0.81 18.24
CA ASP B 194 -33.62 0.72 17.29
C ASP B 194 -34.03 1.25 15.93
N TYR B 195 -35.01 0.59 15.31
CA TYR B 195 -35.45 0.91 13.95
C TYR B 195 -35.78 2.38 13.76
N ARG B 196 -36.21 3.05 14.83
CA ARG B 196 -36.52 4.47 14.74
C ARG B 196 -35.28 5.27 14.40
N ILE B 197 -34.13 4.84 14.89
CA ILE B 197 -32.88 5.52 14.59
C ILE B 197 -32.64 5.49 13.08
N GLY B 198 -31.99 6.54 12.58
CA GLY B 198 -31.75 6.68 11.17
C GLY B 198 -32.88 7.31 10.40
N LYS B 199 -34.00 7.60 11.08
CA LYS B 199 -35.25 7.95 10.42
C LYS B 199 -35.93 9.18 10.99
N VAL B 200 -35.44 9.72 12.10
CA VAL B 200 -36.08 10.88 12.69
C VAL B 200 -35.98 12.09 11.79
N THR B 201 -36.95 12.86 11.78
CA THR B 201 -37.13 14.04 10.97
C THR B 201 -36.95 15.30 11.83
N PRO B 202 -36.44 16.40 11.28
CA PRO B 202 -36.39 17.64 12.06
C PRO B 202 -37.75 18.27 12.27
N VAL B 203 -38.60 18.25 11.24
CA VAL B 203 -39.98 18.71 11.37
C VAL B 203 -40.67 18.01 12.53
N GLU B 204 -40.31 16.75 12.75
CA GLU B 204 -40.76 15.95 13.87
C GLU B 204 -40.14 16.40 15.20
N LEU B 205 -39.38 17.50 15.21
CA LEU B 205 -39.03 18.22 16.42
C LEU B 205 -39.70 19.58 16.50
N HIS B 206 -39.67 20.35 15.42
CA HIS B 206 -40.31 21.65 15.40
C HIS B 206 -41.77 21.53 15.82
N ASP B 207 -42.45 20.52 15.29
CA ASP B 207 -43.83 20.26 15.70
C ASP B 207 -43.91 19.96 17.18
N TYR B 208 -42.90 19.27 17.70
CA TYR B 208 -42.90 18.90 19.10
C TYR B 208 -42.62 20.10 19.97
N VAL B 209 -41.57 20.85 19.64
CA VAL B 209 -41.18 22.01 20.43
C VAL B 209 -42.28 23.04 20.44
N GLN B 210 -42.88 23.30 19.27
CA GLN B 210 -43.95 24.27 19.18
C GLN B 210 -45.24 23.80 19.82
N ASN B 211 -45.28 22.57 20.34
CA ASN B 211 -46.45 22.01 20.98
C ASN B 211 -46.22 21.63 22.43
N HIS B 212 -44.98 21.65 22.93
CA HIS B 212 -44.71 21.18 24.28
C HIS B 212 -43.69 21.98 25.05
N PHE B 213 -42.92 22.85 24.42
CA PHE B 213 -42.10 23.83 25.13
C PHE B 213 -42.85 25.16 25.14
N THR B 214 -43.83 25.22 26.03
CA THR B 214 -44.86 26.24 26.03
C THR B 214 -44.93 26.88 27.39
N SER B 215 -45.05 28.21 27.41
CA SER B 215 -44.88 28.96 28.64
C SER B 215 -45.99 28.70 29.66
N ALA B 216 -46.98 27.89 29.31
CA ALA B 216 -48.07 27.55 30.22
C ALA B 216 -47.71 26.41 31.15
N ARG B 217 -46.65 25.66 30.85
CA ARG B 217 -46.35 24.42 31.54
C ARG B 217 -44.86 24.27 31.81
N MET B 218 -44.21 25.37 32.10
CA MET B 218 -42.77 25.45 32.29
C MET B 218 -42.46 25.94 33.69
N ALA B 219 -41.19 26.02 34.00
CA ALA B 219 -40.78 26.49 35.31
C ALA B 219 -39.34 26.95 35.30
N LEU B 220 -39.11 28.23 35.06
CA LEU B 220 -37.78 28.79 35.07
C LEU B 220 -37.29 28.93 36.51
N ILE B 221 -37.02 27.78 37.10
CA ILE B 221 -36.46 27.74 38.43
C ILE B 221 -35.11 28.45 38.40
N GLY B 222 -34.66 28.89 39.56
CA GLY B 222 -33.31 29.39 39.73
C GLY B 222 -32.77 28.94 41.08
N LEU B 223 -31.59 29.43 41.39
CA LEU B 223 -30.91 29.19 42.64
C LEU B 223 -29.60 29.96 42.58
N GLY B 224 -29.02 30.23 43.74
CA GLY B 224 -27.83 31.04 43.83
C GLY B 224 -27.90 32.37 43.09
N VAL B 225 -29.10 32.87 42.85
CA VAL B 225 -29.31 33.98 41.93
C VAL B 225 -30.56 34.74 42.35
N SER B 226 -30.60 36.02 42.02
CA SER B 226 -31.67 36.90 42.44
C SER B 226 -32.91 36.74 41.56
N HIS B 227 -34.01 37.23 42.08
CA HIS B 227 -35.33 37.04 41.48
C HIS B 227 -35.63 37.99 40.33
N PRO B 228 -35.37 39.30 40.44
CA PRO B 228 -35.70 40.18 39.31
C PRO B 228 -34.94 39.84 38.04
N VAL B 229 -33.75 39.29 38.19
CA VAL B 229 -32.94 38.90 37.03
C VAL B 229 -33.70 37.91 36.19
N LEU B 230 -34.26 36.89 36.82
CA LEU B 230 -35.01 35.88 36.10
C LEU B 230 -36.30 36.45 35.55
N LYS B 231 -36.93 37.35 36.31
CA LYS B 231 -38.16 37.97 35.86
C LYS B 231 -37.92 38.83 34.63
N GLN B 232 -36.71 39.37 34.50
CA GLN B 232 -36.35 40.08 33.29
C GLN B 232 -36.34 39.15 32.10
N VAL B 233 -35.56 38.07 32.19
CA VAL B 233 -35.22 37.28 31.03
C VAL B 233 -36.46 36.56 30.51
N ALA B 234 -37.27 36.04 31.42
CA ALA B 234 -38.42 35.26 31.02
C ALA B 234 -39.42 36.10 30.23
N GLU B 235 -39.63 37.34 30.67
CA GLU B 235 -40.58 38.22 30.01
C GLU B 235 -40.09 38.66 28.64
N GLN B 236 -38.79 38.55 28.37
CA GLN B 236 -38.20 39.04 27.13
C GLN B 236 -37.97 37.95 26.10
N PHE B 237 -37.74 36.71 26.54
CA PHE B 237 -37.53 35.58 25.64
C PHE B 237 -38.63 34.53 25.76
N LEU B 238 -39.05 34.19 26.98
CA LEU B 238 -40.05 33.16 27.17
C LEU B 238 -41.48 33.67 27.07
N ASN B 239 -41.68 34.96 26.79
CA ASN B 239 -43.04 35.48 26.62
C ASN B 239 -43.54 35.04 25.26
N ILE B 240 -43.94 33.77 25.21
CA ILE B 240 -44.50 33.14 24.01
C ILE B 240 -45.81 32.50 24.46
N ARG B 241 -46.43 31.72 23.58
CA ARG B 241 -47.71 31.10 23.87
C ARG B 241 -47.70 30.29 25.15
N LEU B 246 -50.09 21.21 22.63
CA LEU B 246 -50.86 19.98 22.70
C LEU B 246 -51.03 19.55 24.14
N SER B 247 -51.71 18.42 24.31
CA SER B 247 -51.93 17.77 25.59
C SER B 247 -51.47 16.32 25.47
N GLY B 248 -51.76 15.53 26.50
CA GLY B 248 -51.45 14.12 26.51
C GLY B 248 -52.62 13.33 27.06
N ALA B 249 -52.69 12.06 26.64
CA ALA B 249 -53.73 11.18 27.15
C ALA B 249 -53.32 10.64 28.51
N LYS B 250 -54.28 10.02 29.18
CA LYS B 250 -54.06 9.51 30.53
C LYS B 250 -53.56 8.08 30.49
N ALA B 251 -52.84 7.70 31.54
CA ALA B 251 -52.23 6.38 31.64
C ALA B 251 -53.32 5.38 32.00
N LYS B 252 -53.91 4.77 30.98
CA LYS B 252 -54.91 3.75 31.20
C LYS B 252 -54.22 2.44 31.57
N TYR B 253 -54.21 2.12 32.86
CA TYR B 253 -53.66 0.85 33.31
C TYR B 253 -54.37 -0.31 32.64
N HIS B 254 -53.62 -1.36 32.37
CA HIS B 254 -54.13 -2.58 31.76
C HIS B 254 -53.93 -3.81 32.64
N GLY B 255 -52.69 -4.10 33.02
CA GLY B 255 -52.36 -5.35 33.66
C GLY B 255 -51.84 -6.36 32.67
N GLY B 256 -50.53 -6.60 32.68
CA GLY B 256 -49.94 -7.50 31.70
C GLY B 256 -48.52 -7.83 32.06
N GLU B 257 -47.99 -8.82 31.34
CA GLU B 257 -46.70 -9.41 31.68
C GLU B 257 -45.86 -9.59 30.42
N ILE B 258 -44.57 -9.25 30.55
CA ILE B 258 -43.61 -9.35 29.47
C ILE B 258 -42.39 -10.12 29.97
N ARG B 259 -41.78 -10.87 29.06
CA ARG B 259 -40.74 -11.83 29.38
C ARG B 259 -39.54 -11.63 28.47
N GLU B 260 -38.36 -11.82 29.04
CA GLU B 260 -37.09 -11.56 28.37
C GLU B 260 -36.12 -12.68 28.74
N GLN B 261 -36.11 -13.72 27.94
CA GLN B 261 -35.12 -14.79 28.07
C GLN B 261 -33.89 -14.32 27.33
N ASN B 262 -32.93 -13.76 28.06
CA ASN B 262 -31.77 -13.11 27.46
C ASN B 262 -30.45 -13.61 28.04
N GLY B 263 -30.41 -14.86 28.46
CA GLY B 263 -29.15 -15.55 28.69
C GLY B 263 -28.28 -15.04 29.82
N ASP B 264 -28.68 -13.99 30.53
CA ASP B 264 -27.88 -13.51 31.64
C ASP B 264 -27.79 -14.59 32.72
N SER B 265 -26.77 -14.47 33.56
CA SER B 265 -26.52 -15.45 34.60
C SER B 265 -27.45 -15.32 35.78
N LEU B 266 -28.04 -14.13 35.99
CA LEU B 266 -28.94 -13.86 37.09
C LEU B 266 -30.36 -13.72 36.58
N VAL B 267 -31.24 -13.38 37.52
CA VAL B 267 -32.62 -13.06 37.22
C VAL B 267 -32.89 -11.66 37.75
N HIS B 268 -33.73 -10.94 37.04
CA HIS B 268 -34.34 -9.72 37.53
C HIS B 268 -35.82 -9.81 37.26
N ALA B 269 -36.62 -9.25 38.18
CA ALA B 269 -38.06 -9.30 38.02
C ALA B 269 -38.67 -8.22 38.89
N ALA B 270 -39.80 -7.71 38.43
CA ALA B 270 -40.57 -6.72 39.15
C ALA B 270 -42.04 -7.11 39.09
N LEU B 271 -42.72 -6.90 40.20
CA LEU B 271 -44.12 -7.30 40.35
C LEU B 271 -44.82 -6.15 41.04
N VAL B 272 -45.80 -5.57 40.37
CA VAL B 272 -46.39 -4.30 40.79
C VAL B 272 -47.90 -4.37 40.71
N ALA B 273 -48.53 -3.28 41.12
CA ALA B 273 -49.96 -3.10 41.01
C ALA B 273 -50.24 -1.60 41.05
N GLU B 274 -51.48 -1.25 40.75
CA GLU B 274 -51.84 0.15 40.61
C GLU B 274 -51.62 0.90 41.91
N SER B 275 -50.76 1.88 41.86
CA SER B 275 -50.56 2.84 42.92
C SER B 275 -51.49 4.03 42.72
N ALA B 276 -51.20 5.11 43.42
CA ALA B 276 -51.86 6.39 43.22
C ALA B 276 -50.83 7.48 42.98
N ALA B 277 -51.32 8.59 42.45
CA ALA B 277 -50.47 9.69 42.08
C ALA B 277 -49.96 10.40 43.32
N ILE B 278 -49.20 11.47 43.09
CA ILE B 278 -48.64 12.27 44.17
C ILE B 278 -49.66 13.30 44.63
N GLY B 279 -49.42 13.90 45.78
CA GLY B 279 -50.30 14.89 46.36
C GLY B 279 -51.39 14.27 47.19
N SER B 280 -52.03 13.23 46.65
CA SER B 280 -52.94 12.42 47.44
C SER B 280 -52.22 11.87 48.67
N ALA B 281 -52.86 11.99 49.82
CA ALA B 281 -52.30 11.39 51.03
C ALA B 281 -52.26 9.88 50.94
N GLU B 282 -52.99 9.28 49.99
CA GLU B 282 -52.82 7.87 49.68
C GLU B 282 -51.40 7.58 49.24
N ALA B 283 -50.75 8.56 48.61
CA ALA B 283 -49.35 8.41 48.24
C ALA B 283 -48.48 8.18 49.46
N ASN B 284 -48.60 9.06 50.45
CA ASN B 284 -47.72 9.03 51.61
C ASN B 284 -47.89 7.77 52.45
N ALA B 285 -48.92 6.96 52.20
CA ALA B 285 -49.01 5.66 52.83
C ALA B 285 -48.15 4.65 52.11
N PHE B 286 -48.11 4.71 50.78
CA PHE B 286 -47.19 3.86 50.03
C PHE B 286 -45.76 4.20 50.36
N SER B 287 -45.41 5.49 50.28
CA SER B 287 -44.02 5.91 50.41
C SER B 287 -43.45 5.55 51.76
N VAL B 288 -44.30 5.42 52.78
CA VAL B 288 -43.84 4.86 54.04
C VAL B 288 -43.88 3.34 53.97
N LEU B 289 -44.91 2.77 53.32
CA LEU B 289 -45.00 1.32 53.19
C LEU B 289 -43.80 0.76 52.44
N GLN B 290 -43.20 1.57 51.55
CA GLN B 290 -41.90 1.28 50.98
C GLN B 290 -40.90 0.85 52.05
N HIS B 291 -40.59 1.77 52.96
CA HIS B 291 -39.57 1.48 53.96
C HIS B 291 -40.00 0.41 54.94
N VAL B 292 -41.30 0.21 55.14
CA VAL B 292 -41.77 -0.88 55.97
C VAL B 292 -41.31 -2.20 55.39
N LEU B 293 -41.31 -2.29 54.07
CA LEU B 293 -41.26 -3.55 53.36
C LEU B 293 -39.86 -3.83 52.81
N GLY B 294 -39.32 -2.90 52.04
CA GLY B 294 -37.96 -2.95 51.57
C GLY B 294 -37.52 -1.58 51.14
N ALA B 295 -36.39 -1.12 51.68
CA ALA B 295 -35.95 0.25 51.54
C ALA B 295 -34.72 0.41 50.67
N GLY B 296 -33.89 -0.62 50.58
CA GLY B 296 -32.55 -0.49 50.09
C GLY B 296 -31.62 -0.36 51.27
N PRO B 297 -30.34 -0.67 51.09
CA PRO B 297 -29.43 -0.74 52.23
C PRO B 297 -29.12 0.64 52.78
N HIS B 298 -29.38 0.81 54.08
CA HIS B 298 -29.00 1.99 54.82
C HIS B 298 -27.64 1.83 55.46
N VAL B 299 -27.25 0.60 55.77
CA VAL B 299 -25.92 0.27 56.25
C VAL B 299 -25.14 -0.33 55.10
N LYS B 300 -23.95 0.19 54.86
CA LYS B 300 -23.06 -0.39 53.88
C LYS B 300 -22.72 -1.82 54.27
N ARG B 301 -22.97 -2.75 53.36
CA ARG B 301 -22.67 -4.16 53.54
C ARG B 301 -23.48 -4.74 54.69
N GLY B 302 -24.68 -4.22 54.89
CA GLY B 302 -25.53 -4.68 55.97
C GLY B 302 -26.43 -5.82 55.57
N SER B 303 -26.84 -6.56 56.59
CA SER B 303 -27.76 -7.67 56.42
C SER B 303 -29.21 -7.23 56.23
N ASN B 304 -29.48 -5.93 56.26
CA ASN B 304 -30.82 -5.37 56.07
C ASN B 304 -31.83 -6.09 56.98
N ALA B 305 -31.53 -6.04 58.28
CA ALA B 305 -32.29 -6.82 59.24
C ALA B 305 -33.74 -6.36 59.30
N THR B 306 -33.95 -5.06 59.43
CA THR B 306 -35.26 -4.51 59.68
C THR B 306 -36.19 -4.59 58.48
N SER B 307 -35.65 -4.83 57.28
CA SER B 307 -36.50 -4.99 56.11
C SER B 307 -37.32 -6.26 56.27
N SER B 308 -38.64 -6.11 56.30
CA SER B 308 -39.53 -7.25 56.49
C SER B 308 -39.38 -8.24 55.35
N LEU B 309 -39.15 -7.74 54.15
CA LEU B 309 -39.13 -8.62 53.00
C LEU B 309 -37.82 -9.37 52.91
N TYR B 310 -36.71 -8.62 52.89
CA TYR B 310 -35.39 -9.24 52.75
C TYR B 310 -35.14 -10.23 53.87
N GLN B 311 -35.59 -9.90 55.08
CA GLN B 311 -35.48 -10.84 56.19
C GLN B 311 -36.31 -12.08 55.92
N ALA B 312 -37.48 -11.91 55.31
CA ALA B 312 -38.35 -13.03 55.07
C ALA B 312 -37.77 -13.99 54.05
N VAL B 313 -36.95 -13.47 53.13
CA VAL B 313 -36.31 -14.35 52.17
C VAL B 313 -35.19 -15.13 52.85
N ALA B 314 -34.54 -14.53 53.84
CA ALA B 314 -33.32 -15.09 54.40
C ALA B 314 -33.53 -16.43 55.06
N LYS B 315 -34.77 -16.81 55.36
CA LYS B 315 -35.08 -18.13 55.90
C LYS B 315 -35.41 -19.06 54.74
N GLY B 316 -34.78 -20.22 54.74
CA GLY B 316 -34.89 -21.15 53.63
C GLY B 316 -33.85 -20.90 52.56
N VAL B 317 -33.77 -19.68 52.07
CA VAL B 317 -32.77 -19.32 51.08
C VAL B 317 -31.41 -19.24 51.76
N HIS B 318 -30.39 -19.77 51.08
CA HIS B 318 -29.03 -19.75 51.59
C HIS B 318 -28.03 -19.45 50.47
N GLU B 319 -28.45 -18.67 49.49
CA GLU B 319 -27.65 -18.31 48.33
C GLU B 319 -27.82 -16.82 48.07
N PRO B 320 -27.06 -16.25 47.14
CA PRO B 320 -27.16 -14.81 46.93
C PRO B 320 -28.53 -14.38 46.42
N PHE B 321 -28.93 -13.18 46.83
CA PHE B 321 -30.15 -12.55 46.36
C PHE B 321 -30.13 -11.11 46.85
N ASP B 322 -31.14 -10.36 46.42
CA ASP B 322 -31.39 -9.02 46.90
C ASP B 322 -32.71 -8.60 46.31
N VAL B 323 -33.38 -7.70 47.02
CA VAL B 323 -34.79 -7.43 46.74
C VAL B 323 -35.19 -6.17 47.48
N SER B 324 -36.11 -5.41 46.93
CA SER B 324 -36.46 -4.13 47.52
C SER B 324 -37.76 -3.65 46.90
N ALA B 325 -38.29 -2.59 47.48
CA ALA B 325 -39.56 -2.02 47.04
C ALA B 325 -39.36 -1.13 45.83
N PHE B 326 -40.42 -1.01 45.04
CA PHE B 326 -40.46 -0.15 43.87
C PHE B 326 -41.64 0.78 43.99
N ASN B 327 -41.37 2.06 44.17
CA ASN B 327 -42.41 3.08 44.23
C ASN B 327 -42.17 4.09 43.11
N ALA B 328 -43.20 4.30 42.30
CA ALA B 328 -43.15 5.24 41.19
C ALA B 328 -44.47 6.00 41.16
N SER B 329 -44.40 7.31 41.29
CA SER B 329 -45.58 8.14 41.55
C SER B 329 -45.57 9.31 40.58
N TYR B 330 -46.26 9.13 39.46
CA TYR B 330 -46.39 10.17 38.45
C TYR B 330 -47.65 10.98 38.70
N SER B 331 -47.81 12.05 37.93
CA SER B 331 -48.87 13.02 38.18
C SER B 331 -50.24 12.40 37.98
N ASP B 332 -50.41 11.69 36.88
CA ASP B 332 -51.70 11.05 36.59
C ASP B 332 -51.88 9.78 37.40
N SER B 333 -50.81 9.03 37.59
CA SER B 333 -50.89 7.71 38.21
C SER B 333 -49.50 7.32 38.70
N GLY B 334 -49.35 6.05 39.02
CA GLY B 334 -48.10 5.57 39.55
C GLY B 334 -48.09 4.06 39.53
N LEU B 335 -47.04 3.51 40.15
CA LEU B 335 -46.99 2.09 40.39
C LEU B 335 -46.38 1.84 41.76
N PHE B 336 -46.67 0.67 42.30
CA PHE B 336 -46.02 0.21 43.51
C PHE B 336 -45.78 -1.28 43.39
N GLY B 337 -44.67 -1.73 43.96
CA GLY B 337 -44.37 -3.14 44.05
C GLY B 337 -42.97 -3.39 44.58
N PHE B 338 -42.27 -4.36 44.01
CA PHE B 338 -40.93 -4.69 44.45
C PHE B 338 -40.12 -5.19 43.26
N TYR B 339 -38.81 -5.25 43.46
CA TYR B 339 -37.87 -5.60 42.40
C TYR B 339 -36.99 -6.72 42.87
N THR B 340 -36.69 -7.66 41.96
CA THR B 340 -36.08 -8.92 42.29
C THR B 340 -34.64 -9.00 41.80
N ILE B 341 -33.82 -9.74 42.54
CA ILE B 341 -32.51 -10.17 42.07
C ILE B 341 -32.26 -11.57 42.64
N SER B 342 -32.17 -12.57 41.77
CA SER B 342 -31.94 -13.93 42.22
C SER B 342 -31.34 -14.76 41.10
N GLN B 343 -30.98 -15.99 41.45
CA GLN B 343 -30.52 -16.98 40.50
C GLN B 343 -31.71 -17.53 39.71
N ALA B 344 -31.42 -18.47 38.82
CA ALA B 344 -32.42 -18.95 37.88
C ALA B 344 -33.48 -19.79 38.59
N ALA B 345 -33.06 -20.88 39.21
CA ALA B 345 -34.00 -21.79 39.86
C ALA B 345 -34.78 -21.11 40.96
N SER B 346 -34.19 -20.12 41.62
CA SER B 346 -34.75 -19.52 42.82
C SER B 346 -35.45 -18.20 42.54
N ALA B 347 -36.15 -18.09 41.42
CA ALA B 347 -37.02 -16.95 41.20
C ALA B 347 -38.34 -17.12 41.92
N GLY B 348 -39.00 -18.26 41.69
CA GLY B 348 -40.26 -18.51 42.36
C GLY B 348 -40.11 -18.58 43.86
N ASP B 349 -39.03 -19.20 44.33
CA ASP B 349 -38.82 -19.37 45.75
C ASP B 349 -38.47 -18.07 46.44
N VAL B 350 -38.26 -16.98 45.70
CA VAL B 350 -38.04 -15.68 46.28
C VAL B 350 -39.28 -14.81 46.15
N ILE B 351 -39.89 -14.83 44.97
CA ILE B 351 -41.05 -13.98 44.74
C ILE B 351 -42.19 -14.43 45.63
N LYS B 352 -42.29 -15.73 45.88
CA LYS B 352 -43.32 -16.25 46.76
C LYS B 352 -43.00 -16.03 48.23
N ALA B 353 -41.91 -15.33 48.54
CA ALA B 353 -41.73 -14.75 49.87
C ALA B 353 -42.32 -13.36 49.91
N ALA B 354 -42.05 -12.58 48.86
CA ALA B 354 -42.53 -11.20 48.80
C ALA B 354 -44.05 -11.17 48.79
N TYR B 355 -44.64 -11.91 47.86
CA TYR B 355 -46.09 -11.88 47.70
C TYR B 355 -46.78 -12.36 48.97
N ASN B 356 -46.30 -13.44 49.56
CA ASN B 356 -46.89 -13.92 50.81
C ASN B 356 -46.70 -12.93 51.93
N GLN B 357 -45.49 -12.35 52.01
CA GLN B 357 -45.20 -11.38 53.06
C GLN B 357 -46.16 -10.21 53.02
N VAL B 358 -46.33 -9.62 51.83
CA VAL B 358 -47.15 -8.43 51.71
C VAL B 358 -48.61 -8.75 51.97
N LYS B 359 -49.03 -9.97 51.69
CA LYS B 359 -50.36 -10.39 52.12
C LYS B 359 -50.49 -10.30 53.63
N THR B 360 -49.48 -10.74 54.36
CA THR B 360 -49.50 -10.61 55.81
C THR B 360 -49.56 -9.16 56.23
N ILE B 361 -48.94 -8.28 55.44
CA ILE B 361 -49.05 -6.86 55.72
C ILE B 361 -50.45 -6.35 55.39
N ALA B 362 -51.17 -7.04 54.52
CA ALA B 362 -52.55 -6.67 54.21
C ALA B 362 -53.57 -7.33 55.12
N GLN B 363 -53.21 -8.44 55.75
CA GLN B 363 -54.07 -9.14 56.70
C GLN B 363 -53.90 -8.65 58.12
N GLY B 364 -53.49 -7.39 58.30
CA GLY B 364 -53.43 -6.77 59.59
C GLY B 364 -52.19 -7.07 60.40
N ASN B 365 -51.47 -8.13 60.09
CA ASN B 365 -50.30 -8.51 60.88
C ASN B 365 -49.23 -7.44 60.70
N LEU B 366 -49.09 -6.59 61.71
CA LEU B 366 -48.19 -5.44 61.63
C LEU B 366 -48.10 -4.80 63.02
N SER B 367 -47.03 -4.06 63.23
CA SER B 367 -46.80 -3.31 64.46
C SER B 367 -46.70 -1.82 64.14
N ASN B 368 -46.81 -1.00 65.19
CA ASN B 368 -46.68 0.44 65.07
C ASN B 368 -45.24 0.93 65.02
N PRO B 369 -44.31 0.41 65.85
CA PRO B 369 -42.93 0.91 65.79
C PRO B 369 -42.27 0.72 64.45
N ASP B 370 -42.58 -0.37 63.74
CA ASP B 370 -42.10 -0.54 62.37
C ASP B 370 -42.44 0.68 61.53
N VAL B 371 -43.69 1.14 61.62
CA VAL B 371 -44.12 2.30 60.88
C VAL B 371 -43.34 3.53 61.31
N GLN B 372 -43.40 3.84 62.61
CA GLN B 372 -42.72 5.03 63.10
C GLN B 372 -41.21 4.91 62.91
N ALA B 373 -40.68 3.69 62.89
CA ALA B 373 -39.32 3.49 62.44
C ALA B 373 -39.22 3.77 60.95
N ALA B 374 -40.16 3.24 60.18
CA ALA B 374 -40.14 3.42 58.73
C ALA B 374 -40.29 4.89 58.37
N LYS B 375 -41.07 5.63 59.14
CA LYS B 375 -41.20 7.06 58.87
C LYS B 375 -39.89 7.78 59.05
N ASN B 376 -39.12 7.40 60.07
CA ASN B 376 -37.82 8.03 60.29
C ASN B 376 -36.92 7.86 59.08
N LYS B 377 -37.09 6.77 58.35
CA LYS B 377 -36.38 6.60 57.08
C LYS B 377 -36.92 7.56 56.04
N LEU B 378 -38.24 7.54 55.84
CA LEU B 378 -38.85 8.39 54.82
C LEU B 378 -38.65 9.86 55.13
N LYS B 379 -38.74 10.23 56.41
CA LYS B 379 -38.49 11.61 56.81
C LYS B 379 -37.05 12.02 56.58
N ALA B 380 -36.14 11.04 56.43
CA ALA B 380 -34.74 11.32 56.22
C ALA B 380 -34.40 11.43 54.74
N GLY B 381 -34.78 10.42 53.96
CA GLY B 381 -34.43 10.39 52.55
C GLY B 381 -34.93 11.60 51.79
N TYR B 382 -36.08 12.13 52.19
CA TYR B 382 -36.57 13.35 51.58
C TYR B 382 -35.62 14.50 51.86
N LEU B 383 -35.26 14.68 53.12
CA LEU B 383 -34.33 15.74 53.49
C LEU B 383 -32.96 15.51 52.90
N MET B 384 -32.47 14.28 52.99
CA MET B 384 -31.14 13.98 52.49
C MET B 384 -31.08 14.14 50.98
N SER B 385 -32.18 13.81 50.28
CA SER B 385 -32.22 14.00 48.84
C SER B 385 -32.04 15.46 48.48
N VAL B 386 -32.68 16.35 49.24
CA VAL B 386 -32.61 17.77 48.98
C VAL B 386 -31.46 18.41 49.76
N GLU B 387 -30.55 17.59 50.27
CA GLU B 387 -29.32 18.10 50.85
C GLU B 387 -28.55 18.91 49.81
N SER B 388 -28.11 18.25 48.76
CA SER B 388 -27.43 18.93 47.67
C SER B 388 -28.37 19.93 47.01
N SER B 389 -27.77 21.03 46.56
CA SER B 389 -28.50 21.99 45.76
C SER B 389 -29.17 21.34 44.56
N GLU B 390 -28.52 20.36 43.95
CA GLU B 390 -29.09 19.72 42.77
C GLU B 390 -30.30 18.88 43.15
N GLY B 391 -30.11 17.93 44.05
CA GLY B 391 -31.23 17.17 44.56
C GLY B 391 -32.28 18.07 45.19
N PHE B 392 -31.84 19.17 45.81
CA PHE B 392 -32.79 20.19 46.23
C PHE B 392 -33.52 20.76 45.03
N LEU B 393 -32.76 21.14 44.01
CA LEU B 393 -33.34 21.72 42.82
C LEU B 393 -34.25 20.75 42.10
N ASP B 394 -34.03 19.45 42.25
CA ASP B 394 -34.90 18.48 41.62
C ASP B 394 -36.32 18.53 42.19
N GLU B 395 -36.47 19.04 43.40
CA GLU B 395 -37.74 18.99 44.13
C GLU B 395 -38.44 20.33 44.16
N VAL B 396 -37.70 21.42 44.01
CA VAL B 396 -38.32 22.74 44.08
C VAL B 396 -39.26 22.95 42.91
N GLY B 397 -38.98 22.33 41.78
CA GLY B 397 -39.70 22.59 40.56
C GLY B 397 -40.55 21.43 40.14
N SER B 398 -40.14 20.21 40.49
CA SER B 398 -40.96 19.05 40.22
C SER B 398 -42.35 19.19 40.84
N GLN B 399 -42.42 19.89 41.96
CA GLN B 399 -43.70 20.28 42.52
C GLN B 399 -44.36 21.36 41.68
N ALA B 400 -43.56 22.30 41.20
CA ALA B 400 -44.08 23.48 40.51
C ALA B 400 -44.86 23.14 39.25
N LEU B 401 -44.63 21.97 38.67
CA LEU B 401 -45.29 21.60 37.43
C LEU B 401 -46.58 20.83 37.67
N ALA B 402 -46.52 19.75 38.45
CA ALA B 402 -47.74 19.04 38.81
C ALA B 402 -48.58 19.87 39.75
N ALA B 403 -48.01 20.23 40.90
CA ALA B 403 -48.65 21.18 41.80
C ALA B 403 -48.40 22.59 41.27
N GLY B 404 -48.67 23.59 42.10
CA GLY B 404 -48.36 24.95 41.77
C GLY B 404 -47.79 25.71 42.94
N SER B 405 -47.33 25.00 43.97
CA SER B 405 -46.79 25.62 45.17
C SER B 405 -45.68 24.76 45.74
N TYR B 406 -44.70 25.42 46.34
CA TYR B 406 -43.60 24.72 46.99
C TYR B 406 -44.00 24.35 48.39
N THR B 407 -44.00 23.05 48.67
CA THR B 407 -44.18 22.54 50.01
C THR B 407 -42.82 22.48 50.70
N PRO B 408 -42.58 23.23 51.78
CA PRO B 408 -41.31 23.10 52.46
C PRO B 408 -41.16 21.74 53.11
N PRO B 409 -39.98 21.42 53.63
CA PRO B 409 -39.79 20.09 54.24
C PRO B 409 -40.65 19.88 55.46
N SER B 410 -40.79 20.91 56.29
CA SER B 410 -41.55 20.79 57.53
C SER B 410 -42.98 20.36 57.25
N THR B 411 -43.64 21.03 56.30
CA THR B 411 -45.01 20.70 55.97
C THR B 411 -45.14 19.27 55.46
N VAL B 412 -44.08 18.72 54.88
CA VAL B 412 -44.11 17.32 54.48
C VAL B 412 -44.07 16.43 55.70
N LEU B 413 -43.13 16.71 56.61
CA LEU B 413 -42.92 15.87 57.78
C LEU B 413 -44.17 15.81 58.63
N GLN B 414 -45.01 16.84 58.59
CA GLN B 414 -46.34 16.73 59.17
C GLN B 414 -47.16 15.69 58.42
N GLN B 415 -47.12 15.73 57.09
CA GLN B 415 -47.89 14.78 56.29
C GLN B 415 -47.39 13.36 56.46
N ILE B 416 -46.16 13.19 56.93
CA ILE B 416 -45.69 11.87 57.29
C ILE B 416 -46.15 11.51 58.69
N ASP B 417 -46.30 12.51 59.56
CA ASP B 417 -46.74 12.23 60.93
C ASP B 417 -48.24 11.94 60.96
N ALA B 418 -49.00 12.56 60.06
CA ALA B 418 -50.44 12.39 60.01
C ALA B 418 -50.87 11.16 59.22
N VAL B 419 -49.95 10.23 58.96
CA VAL B 419 -50.29 9.02 58.22
C VAL B 419 -50.98 8.03 59.14
N ALA B 420 -51.83 7.18 58.56
CA ALA B 420 -52.65 6.24 59.30
C ALA B 420 -52.20 4.81 59.03
N ASP B 421 -52.18 4.01 60.09
CA ASP B 421 -51.90 2.58 60.00
C ASP B 421 -53.09 1.79 59.48
N ALA B 422 -54.17 2.45 59.05
CA ALA B 422 -55.20 1.85 58.22
C ALA B 422 -55.06 2.23 56.75
N ASP B 423 -54.21 3.21 56.43
CA ASP B 423 -53.80 3.48 55.06
C ASP B 423 -52.61 2.62 54.67
N VAL B 424 -51.68 2.41 55.59
CA VAL B 424 -50.51 1.59 55.32
C VAL B 424 -50.90 0.17 55.01
N ILE B 425 -51.98 -0.32 55.60
CA ILE B 425 -52.39 -1.71 55.39
C ILE B 425 -52.82 -1.90 53.96
CA ASN B 426 -55.54 -0.72 52.63
C ASN B 426 -54.63 -0.55 51.43
N ALA B 427 -53.46 0.05 51.67
CA ALA B 427 -52.45 0.21 50.64
C ALA B 427 -52.08 -1.13 50.04
N ALA B 428 -51.48 -1.99 50.85
CA ALA B 428 -51.12 -3.33 50.39
C ALA B 428 -52.34 -4.14 49.98
N LYS B 429 -53.50 -3.81 50.52
CA LYS B 429 -54.72 -4.45 50.06
C LYS B 429 -55.02 -4.08 48.63
N LYS B 430 -54.76 -2.82 48.27
CA LYS B 430 -54.85 -2.42 46.86
C LYS B 430 -53.86 -3.19 46.03
N PHE B 431 -52.65 -3.38 46.55
CA PHE B 431 -51.63 -4.12 45.84
C PHE B 431 -52.06 -5.56 45.61
N VAL B 432 -52.44 -6.26 46.67
CA VAL B 432 -52.75 -7.68 46.55
C VAL B 432 -54.01 -7.88 45.74
N SER B 433 -55.11 -7.25 46.17
CA SER B 433 -56.35 -7.38 45.43
C SER B 433 -56.26 -6.77 44.03
N GLY B 434 -55.35 -5.83 43.82
CA GLY B 434 -55.29 -5.13 42.57
C GLY B 434 -54.77 -6.00 41.43
N ARG B 435 -55.14 -5.59 40.22
CA ARG B 435 -54.61 -6.18 39.02
C ARG B 435 -53.09 -6.04 38.99
N LYS B 436 -52.43 -6.99 38.34
CA LYS B 436 -50.98 -7.12 38.41
C LYS B 436 -50.33 -6.94 37.05
N SER B 437 -49.23 -6.20 37.05
CA SER B 437 -48.32 -6.11 35.93
C SER B 437 -46.95 -6.58 36.39
N MET B 438 -46.19 -7.16 35.46
CA MET B 438 -44.98 -7.88 35.82
C MET B 438 -44.02 -7.84 34.64
N ALA B 439 -42.74 -7.93 34.95
CA ALA B 439 -41.75 -8.16 33.92
C ALA B 439 -40.49 -8.72 34.55
N ALA B 440 -39.67 -9.34 33.72
CA ALA B 440 -38.47 -9.98 34.23
C ALA B 440 -37.50 -10.24 33.09
N SER B 441 -36.25 -10.45 33.47
CA SER B 441 -35.16 -10.56 32.53
C SER B 441 -34.09 -11.48 33.11
N GLY B 442 -33.41 -12.19 32.22
CA GLY B 442 -32.39 -13.14 32.59
C GLY B 442 -32.69 -14.52 32.02
N ASN B 443 -32.49 -15.54 32.83
CA ASN B 443 -32.98 -16.87 32.54
C ASN B 443 -34.35 -17.04 33.18
N LEU B 444 -35.29 -17.56 32.42
CA LEU B 444 -36.69 -17.63 32.82
C LEU B 444 -37.27 -19.01 32.60
N GLY B 445 -36.53 -20.02 33.05
CA GLY B 445 -36.95 -21.40 32.94
C GLY B 445 -37.69 -21.87 34.17
N HIS B 446 -37.45 -21.20 35.30
CA HIS B 446 -38.14 -21.48 36.55
C HIS B 446 -38.85 -20.25 37.10
N THR B 447 -39.01 -19.21 36.31
CA THR B 447 -39.68 -18.00 36.76
C THR B 447 -41.17 -18.11 36.49
N PRO B 448 -42.04 -17.94 37.48
CA PRO B 448 -43.48 -18.09 37.25
C PRO B 448 -44.13 -16.83 36.72
N PHE B 449 -45.34 -17.02 36.18
CA PHE B 449 -46.17 -15.90 35.78
C PHE B 449 -46.82 -15.29 37.02
N ILE B 450 -47.79 -14.42 36.78
CA ILE B 450 -48.67 -13.94 37.84
C ILE B 450 -49.47 -15.10 38.42
N ASP B 451 -50.22 -15.78 37.56
CA ASP B 451 -51.28 -16.68 37.99
C ASP B 451 -50.77 -17.80 38.87
N GLU B 452 -49.50 -18.20 38.70
CA GLU B 452 -48.91 -19.22 39.55
C GLU B 452 -48.52 -18.70 40.92
N LEU B 453 -48.80 -17.44 41.24
CA LEU B 453 -48.52 -16.90 42.55
C LEU B 453 -49.69 -17.16 43.50
N LEU C 10 2.97 12.59 2.31
CA LEU C 10 2.47 11.58 3.24
C LEU C 10 3.11 10.22 3.04
N MET C 11 3.75 10.01 1.89
CA MET C 11 4.30 8.70 1.53
C MET C 11 5.23 8.12 2.57
N LYS C 12 5.71 8.93 3.51
CA LYS C 12 6.45 8.48 4.69
C LYS C 12 5.84 7.25 5.35
N ILE C 13 4.52 7.08 5.26
CA ILE C 13 3.85 5.96 5.90
C ILE C 13 4.34 4.62 5.38
N VAL C 14 4.98 4.58 4.21
CA VAL C 14 5.61 3.35 3.75
C VAL C 14 6.69 2.93 4.75
N ASN C 15 7.32 3.90 5.40
CA ASN C 15 8.33 3.61 6.39
C ASN C 15 7.77 3.15 7.68
N ASN C 16 6.48 2.83 7.73
CA ASN C 16 6.03 1.78 8.63
C ASN C 16 6.88 0.54 8.45
N ALA C 17 7.30 0.27 7.21
CA ALA C 17 8.21 -0.83 6.93
C ALA C 17 9.52 -0.69 7.69
N PHE C 18 10.01 0.54 7.88
CA PHE C 18 11.33 0.77 8.45
C PHE C 18 11.30 1.47 9.80
N ILE C 19 10.14 1.74 10.37
CA ILE C 19 10.04 2.46 11.63
C ILE C 19 9.24 1.65 12.63
N ASP C 20 7.97 1.41 12.30
CA ASP C 20 7.03 0.74 13.19
C ASP C 20 6.85 -0.72 12.82
N LEU C 21 7.83 -1.30 12.17
CA LEU C 21 7.65 -2.63 11.65
C LEU C 21 7.62 -3.64 12.79
N PRO C 22 6.76 -4.65 12.72
CA PRO C 22 6.90 -5.78 13.63
C PRO C 22 8.04 -6.68 13.19
N ALA C 23 8.93 -6.99 14.11
CA ALA C 23 9.96 -7.98 13.88
C ALA C 23 10.26 -8.68 15.19
N PRO C 24 10.89 -9.84 15.14
CA PRO C 24 11.15 -10.59 16.37
C PRO C 24 12.00 -9.87 17.38
N SER C 25 12.21 -10.55 18.51
CA SER C 25 13.08 -10.08 19.57
C SER C 25 14.26 -10.99 19.81
N ASN C 26 14.28 -12.19 19.24
CA ASN C 26 15.29 -13.19 19.53
C ASN C 26 16.45 -13.15 18.57
N ILE C 27 16.79 -11.99 18.10
CA ILE C 27 17.51 -11.85 16.86
C ILE C 27 19.00 -11.69 17.14
N SER C 28 19.80 -12.39 16.36
CA SER C 28 21.25 -12.35 16.50
C SER C 28 21.81 -11.11 15.87
N SER C 29 23.13 -11.03 15.85
CA SER C 29 23.84 -10.09 15.01
C SER C 29 24.09 -10.64 13.61
N TRP C 30 23.61 -11.83 13.28
CA TRP C 30 23.77 -12.31 11.91
C TRP C 30 23.03 -11.41 10.94
N TRP C 31 21.81 -11.03 11.30
CA TRP C 31 20.93 -10.32 10.38
C TRP C 31 21.37 -8.89 10.15
N ASN C 32 22.33 -8.40 10.92
CA ASN C 32 22.99 -7.16 10.55
C ASN C 32 23.60 -7.28 9.17
N PHE C 33 24.19 -8.44 8.86
CA PHE C 33 24.80 -8.65 7.55
C PHE C 33 23.77 -8.47 6.45
N GLY C 34 22.53 -8.87 6.69
CA GLY C 34 21.49 -8.62 5.73
C GLY C 34 21.23 -7.16 5.47
N SER C 35 21.63 -6.30 6.41
CA SER C 35 21.38 -4.86 6.29
C SER C 35 22.58 -4.11 5.76
N LEU C 36 23.79 -4.62 5.99
CA LEU C 36 24.99 -3.89 5.62
C LEU C 36 25.08 -3.69 4.12
N LEU C 37 24.49 -4.58 3.35
CA LEU C 37 24.57 -4.46 1.91
C LEU C 37 23.89 -3.19 1.46
N GLY C 38 22.84 -2.78 2.17
CA GLY C 38 22.25 -1.48 1.95
C GLY C 38 23.26 -0.37 2.15
N ILE C 39 24.22 -0.58 3.04
CA ILE C 39 25.27 0.40 3.25
C ILE C 39 26.38 0.19 2.24
N CYS C 40 26.79 -1.06 2.04
CA CYS C 40 27.84 -1.34 1.07
C CYS C 40 27.43 -0.92 -0.32
N LEU C 41 26.16 -1.15 -0.67
CA LEU C 41 25.71 -0.78 -2.00
C LEU C 41 25.73 0.73 -2.17
N ILE C 42 25.33 1.46 -1.14
CA ILE C 42 25.37 2.92 -1.21
C ILE C 42 26.81 3.39 -1.07
N LEU C 43 27.55 2.80 -0.14
CA LEU C 43 28.93 3.19 0.08
C LEU C 43 29.77 2.95 -1.15
N GLN C 44 29.48 1.91 -1.91
CA GLN C 44 30.32 1.64 -3.05
C GLN C 44 30.03 2.61 -4.17
N ILE C 45 28.75 2.90 -4.36
CA ILE C 45 28.36 3.81 -5.43
C ILE C 45 28.86 5.21 -5.12
N LEU C 46 28.63 5.65 -3.89
CA LEU C 46 29.12 6.94 -3.41
C LEU C 46 30.60 7.10 -3.69
N THR C 47 31.41 6.14 -3.26
CA THR C 47 32.84 6.18 -3.58
C THR C 47 33.05 6.13 -5.08
N GLY C 48 32.52 5.09 -5.72
CA GLY C 48 32.78 4.86 -7.12
C GLY C 48 32.37 5.99 -8.00
N LEU C 49 31.42 6.79 -7.56
CA LEU C 49 30.97 7.89 -8.38
C LEU C 49 32.05 8.95 -8.45
N PHE C 50 32.44 9.48 -7.30
CA PHE C 50 33.55 10.41 -7.25
C PHE C 50 34.78 9.81 -7.91
N LEU C 51 34.97 8.52 -7.72
CA LEU C 51 36.06 7.80 -8.37
C LEU C 51 35.99 7.97 -9.88
N ALA C 52 34.81 7.79 -10.44
CA ALA C 52 34.65 7.80 -11.88
C ALA C 52 34.52 9.19 -12.47
N MET C 53 34.73 10.22 -11.67
CA MET C 53 34.88 11.55 -12.23
C MET C 53 36.20 11.72 -12.93
N HIS C 54 37.14 10.79 -12.73
CA HIS C 54 38.46 10.89 -13.30
C HIS C 54 38.86 9.69 -14.12
N TYR C 55 38.14 8.57 -14.00
CA TYR C 55 38.46 7.42 -14.83
C TYR C 55 38.20 7.76 -16.29
N THR C 56 38.86 7.00 -17.16
CA THR C 56 38.75 7.15 -18.60
C THR C 56 38.52 5.78 -19.20
N SER C 57 37.56 5.69 -20.12
CA SER C 57 37.17 4.40 -20.71
C SER C 57 37.99 4.06 -21.95
N ASP C 58 39.24 4.51 -22.01
CA ASP C 58 40.13 4.22 -23.12
C ASP C 58 41.41 3.58 -22.59
N THR C 59 42.00 2.74 -23.43
CA THR C 59 43.14 1.92 -23.03
C THR C 59 44.33 2.78 -22.67
N THR C 60 44.76 3.62 -23.61
CA THR C 60 46.03 4.32 -23.52
C THR C 60 46.14 5.19 -22.27
N THR C 61 45.01 5.63 -21.75
CA THR C 61 44.95 6.57 -20.66
C THR C 61 44.39 5.97 -19.37
N ALA C 62 43.76 4.81 -19.45
CA ALA C 62 43.05 4.26 -18.30
C ALA C 62 43.97 4.02 -17.12
N PHE C 63 44.98 3.18 -17.31
CA PHE C 63 45.90 2.87 -16.23
C PHE C 63 46.58 4.12 -15.71
N SER C 64 46.86 5.07 -16.60
CA SER C 64 47.30 6.37 -16.13
C SER C 64 46.17 7.06 -15.39
N SER C 65 44.94 6.93 -15.88
CA SER C 65 43.80 7.61 -15.30
C SER C 65 43.47 7.04 -13.93
N VAL C 66 43.90 5.82 -13.64
CA VAL C 66 43.89 5.35 -12.25
C VAL C 66 44.96 6.09 -11.45
N THR C 67 46.20 6.08 -11.95
CA THR C 67 47.28 6.71 -11.21
C THR C 67 47.11 8.21 -11.11
N HIS C 68 46.37 8.80 -12.06
CA HIS C 68 45.94 10.18 -11.92
C HIS C 68 45.24 10.41 -10.60
N ILE C 69 44.58 9.37 -10.08
CA ILE C 69 43.88 9.47 -8.82
C ILE C 69 44.81 9.13 -7.67
N CYS C 70 45.50 8.01 -7.77
CA CYS C 70 46.27 7.48 -6.66
C CYS C 70 47.40 8.41 -6.24
N ARG C 71 47.77 9.36 -7.09
CA ARG C 71 48.87 10.27 -6.84
C ARG C 71 48.42 11.72 -6.69
N ASP C 72 47.78 12.26 -7.71
CA ASP C 72 47.66 13.70 -7.85
C ASP C 72 46.43 14.26 -7.16
N VAL C 73 45.38 13.45 -7.03
CA VAL C 73 44.13 13.95 -6.52
C VAL C 73 44.21 14.10 -5.01
N ASN C 74 43.59 15.17 -4.51
CA ASN C 74 43.50 15.40 -3.08
C ASN C 74 42.64 14.32 -2.44
N TYR C 75 43.29 13.38 -1.78
CA TYR C 75 42.64 12.25 -1.13
C TYR C 75 41.89 11.38 -2.12
N GLY C 76 42.26 11.45 -3.39
CA GLY C 76 41.72 10.51 -4.35
C GLY C 76 42.25 9.12 -4.18
N TRP C 77 43.42 8.98 -3.56
CA TRP C 77 44.01 7.66 -3.44
C TRP C 77 43.16 6.76 -2.55
N ILE C 78 42.48 7.35 -1.56
CA ILE C 78 41.62 6.57 -0.68
C ILE C 78 40.53 5.89 -1.48
N ILE C 79 39.90 6.65 -2.37
CA ILE C 79 38.62 6.26 -2.90
C ILE C 79 38.75 5.00 -3.73
N ARG C 80 39.92 4.76 -4.29
CA ARG C 80 40.15 3.50 -4.98
C ARG C 80 39.98 2.33 -4.02
N TYR C 81 40.45 2.49 -2.79
CA TYR C 81 40.55 1.36 -1.89
C TYR C 81 39.32 1.21 -1.00
N MET C 82 38.68 2.32 -0.59
CA MET C 82 37.36 2.20 0.00
C MET C 82 36.41 1.52 -0.96
N HIS C 83 36.60 1.73 -2.25
CA HIS C 83 35.76 1.10 -3.25
C HIS C 83 36.15 -0.36 -3.43
N ALA C 84 37.43 -0.61 -3.70
CA ALA C 84 37.87 -1.93 -4.08
C ALA C 84 37.69 -2.93 -2.96
N ASN C 85 38.38 -2.70 -1.84
CA ASN C 85 38.23 -3.60 -0.71
C ASN C 85 36.83 -3.55 -0.16
N GLY C 86 36.15 -2.41 -0.32
CA GLY C 86 34.74 -2.35 0.01
C GLY C 86 33.94 -3.35 -0.79
N ALA C 87 34.31 -3.55 -2.05
CA ALA C 87 33.66 -4.57 -2.85
C ALA C 87 33.91 -5.97 -2.33
N SER C 88 34.92 -6.16 -1.49
CA SER C 88 35.20 -7.46 -0.92
C SER C 88 34.50 -7.66 0.40
N MET C 89 34.39 -6.60 1.22
CA MET C 89 33.57 -6.70 2.42
C MET C 89 32.11 -6.89 2.06
N PHE C 90 31.74 -6.49 0.85
CA PHE C 90 30.43 -6.82 0.31
C PHE C 90 30.19 -8.31 0.35
N PHE C 91 31.07 -9.07 -0.31
CA PHE C 91 30.89 -10.51 -0.45
C PHE C 91 30.95 -11.20 0.90
N ILE C 92 31.85 -10.73 1.77
CA ILE C 92 32.02 -11.35 3.08
C ILE C 92 30.73 -11.31 3.86
N CYS C 93 29.87 -10.33 3.58
CA CYS C 93 28.55 -10.32 4.18
C CYS C 93 27.63 -11.31 3.48
N LEU C 94 27.73 -11.40 2.15
CA LEU C 94 26.91 -12.34 1.41
C LEU C 94 27.14 -13.76 1.87
N TYR C 95 28.36 -14.22 1.76
CA TYR C 95 28.61 -15.61 2.06
C TYR C 95 28.57 -15.93 3.54
N MET C 96 28.17 -14.96 4.37
CA MET C 96 27.56 -15.22 5.66
C MET C 96 26.06 -15.04 5.60
N HIS C 97 25.58 -14.20 4.70
CA HIS C 97 24.16 -13.97 4.57
C HIS C 97 23.47 -15.07 3.81
N VAL C 98 24.17 -15.68 2.87
CA VAL C 98 23.56 -16.72 2.07
C VAL C 98 23.57 -18.02 2.82
N GLY C 99 24.70 -18.33 3.46
CA GLY C 99 24.79 -19.51 4.27
C GLY C 99 23.83 -19.49 5.45
N ARG C 100 23.37 -18.31 5.83
CA ARG C 100 22.41 -18.16 6.90
C ARG C 100 21.13 -18.95 6.66
N GLY C 101 20.39 -18.54 5.64
CA GLY C 101 19.07 -19.10 5.40
C GLY C 101 19.09 -20.60 5.28
N LEU C 102 20.21 -21.14 4.80
CA LEU C 102 20.42 -22.57 4.87
C LEU C 102 20.38 -23.04 6.32
N TYR C 103 21.15 -22.37 7.17
CA TYR C 103 21.31 -22.80 8.55
C TYR C 103 20.15 -22.38 9.44
N TYR C 104 19.31 -21.47 8.98
CA TYR C 104 18.11 -21.07 9.69
C TYR C 104 16.84 -21.29 8.89
N GLY C 105 16.93 -21.84 7.69
CA GLY C 105 15.74 -22.24 6.98
C GLY C 105 14.95 -21.12 6.38
N SER C 106 15.61 -20.07 5.91
CA SER C 106 14.90 -18.94 5.33
C SER C 106 14.56 -19.14 3.86
N TYR C 107 15.19 -20.10 3.19
CA TYR C 107 14.93 -20.32 1.78
C TYR C 107 13.49 -20.73 1.50
N THR C 108 12.76 -21.15 2.54
CA THR C 108 11.36 -21.47 2.40
C THR C 108 10.53 -20.32 1.84
N PHE C 109 10.95 -19.07 2.08
CA PHE C 109 10.28 -17.93 1.47
C PHE C 109 10.61 -17.96 -0.01
N LEU C 110 9.88 -18.79 -0.73
CA LEU C 110 10.23 -19.14 -2.10
C LEU C 110 10.23 -17.92 -3.00
N GLU C 111 9.32 -16.99 -2.75
CA GLU C 111 9.28 -15.78 -3.56
C GLU C 111 10.49 -14.91 -3.35
N THR C 112 11.22 -15.11 -2.26
CA THR C 112 12.33 -14.24 -1.88
C THR C 112 13.67 -14.85 -2.21
N TRP C 113 13.84 -16.13 -1.93
CA TRP C 113 15.14 -16.76 -2.14
C TRP C 113 15.56 -16.68 -3.58
N ASN C 114 14.61 -16.82 -4.49
CA ASN C 114 14.92 -16.75 -5.91
C ASN C 114 15.43 -15.37 -6.26
N ILE C 115 14.91 -14.36 -5.60
CA ILE C 115 15.45 -13.01 -5.78
C ILE C 115 16.87 -12.96 -5.26
N GLY C 116 17.14 -13.70 -4.19
CA GLY C 116 18.48 -13.76 -3.64
C GLY C 116 19.49 -14.36 -4.59
N VAL C 117 19.03 -15.04 -5.63
CA VAL C 117 19.93 -15.50 -6.67
C VAL C 117 20.26 -14.36 -7.61
N ILE C 118 19.22 -13.72 -8.13
CA ILE C 118 19.41 -12.81 -9.26
C ILE C 118 20.21 -11.61 -8.83
N LEU C 119 20.17 -11.28 -7.55
CA LEU C 119 21.10 -10.27 -7.05
C LEU C 119 22.52 -10.78 -7.18
N LEU C 120 22.74 -12.03 -6.84
CA LEU C 120 24.09 -12.56 -6.80
C LEU C 120 24.70 -12.60 -8.19
N LEU C 121 23.98 -13.23 -9.13
CA LEU C 121 24.46 -13.32 -10.48
C LEU C 121 24.64 -11.95 -11.10
N THR C 122 23.83 -10.99 -10.66
CA THR C 122 24.03 -9.62 -11.10
C THR C 122 25.39 -9.12 -10.65
N VAL C 123 25.77 -9.47 -9.44
CA VAL C 123 27.02 -8.97 -8.90
C VAL C 123 28.20 -9.71 -9.50
N MET C 124 28.12 -11.05 -9.53
CA MET C 124 29.21 -11.84 -10.04
C MET C 124 29.45 -11.65 -11.53
N ALA C 125 28.56 -10.94 -12.22
CA ALA C 125 28.82 -10.40 -13.55
C ALA C 125 29.12 -8.92 -13.51
N THR C 126 28.85 -8.26 -12.39
CA THR C 126 29.26 -6.88 -12.19
C THR C 126 30.71 -6.79 -11.73
N ALA C 127 30.98 -7.39 -10.57
CA ALA C 127 32.31 -7.31 -9.96
C ALA C 127 33.38 -7.74 -10.94
N PHE C 128 33.07 -8.74 -11.76
CA PHE C 128 33.93 -9.11 -12.86
C PHE C 128 34.25 -7.91 -13.73
N MET C 129 33.22 -7.20 -14.19
CA MET C 129 33.46 -5.99 -14.97
C MET C 129 34.25 -4.97 -14.19
N GLY C 130 34.12 -4.97 -12.87
CA GLY C 130 34.81 -4.00 -12.06
C GLY C 130 36.28 -4.27 -11.90
N TYR C 131 36.73 -5.48 -12.15
CA TYR C 131 38.15 -5.78 -12.01
C TYR C 131 38.94 -5.44 -13.25
N VAL C 132 38.28 -5.35 -14.40
CA VAL C 132 38.99 -5.28 -15.68
C VAL C 132 39.22 -3.85 -16.14
N LEU C 133 38.50 -2.89 -15.60
CA LEU C 133 38.66 -1.50 -16.01
C LEU C 133 40.08 -0.96 -16.03
N PRO C 134 40.95 -1.26 -15.06
CA PRO C 134 42.23 -0.57 -14.98
C PRO C 134 43.39 -1.24 -15.73
N TRP C 135 43.18 -2.39 -16.35
CA TRP C 135 44.20 -3.05 -17.17
C TRP C 135 45.44 -3.41 -16.35
N GLY C 136 45.25 -4.33 -15.42
CA GLY C 136 46.29 -4.70 -14.49
C GLY C 136 47.08 -5.93 -14.89
N GLN C 137 47.05 -6.31 -16.17
CA GLN C 137 47.69 -7.53 -16.69
C GLN C 137 47.02 -8.81 -16.20
N MET C 138 46.07 -8.72 -15.27
CA MET C 138 45.17 -9.77 -14.85
C MET C 138 43.75 -9.45 -15.23
N SER C 139 43.43 -8.16 -15.26
CA SER C 139 42.26 -7.66 -15.94
C SER C 139 42.07 -8.33 -17.29
N PHE C 140 43.08 -8.18 -18.15
CA PHE C 140 42.98 -8.64 -19.52
C PHE C 140 42.82 -10.15 -19.56
N TRP C 141 43.75 -10.88 -18.96
CA TRP C 141 43.68 -12.32 -19.00
C TRP C 141 42.55 -12.83 -18.13
N GLY C 142 42.29 -12.17 -17.01
CA GLY C 142 41.12 -12.51 -16.23
C GLY C 142 39.85 -12.27 -17.01
N ALA C 143 39.86 -11.27 -17.88
CA ALA C 143 38.75 -11.09 -18.79
C ALA C 143 38.75 -12.18 -19.85
N THR C 144 39.92 -12.63 -20.26
CA THR C 144 40.00 -13.59 -21.33
C THR C 144 39.57 -14.96 -20.84
N VAL C 145 40.08 -15.38 -19.68
CA VAL C 145 39.83 -16.74 -19.23
C VAL C 145 38.36 -16.95 -18.96
N ILE C 146 37.74 -16.00 -18.26
CA ILE C 146 36.34 -16.17 -17.90
C ILE C 146 35.47 -16.04 -19.14
N THR C 147 35.76 -15.05 -19.97
CA THR C 147 34.88 -14.78 -21.08
C THR C 147 34.99 -15.84 -22.16
N ASN C 148 36.19 -16.42 -22.33
CA ASN C 148 36.40 -17.40 -23.39
C ASN C 148 35.58 -18.66 -23.17
N LEU C 149 35.18 -18.94 -21.93
CA LEU C 149 34.50 -20.19 -21.63
C LEU C 149 33.20 -20.32 -22.39
N LEU C 150 32.53 -19.20 -22.62
CA LEU C 150 31.28 -19.24 -23.36
C LEU C 150 31.47 -19.72 -24.79
N SER C 151 32.71 -19.66 -25.30
CA SER C 151 33.02 -20.30 -26.57
C SER C 151 32.80 -21.80 -26.54
N ALA C 152 32.80 -22.40 -25.34
CA ALA C 152 32.57 -23.84 -25.22
C ALA C 152 31.23 -24.26 -25.82
N ILE C 153 30.26 -23.37 -25.85
CA ILE C 153 28.92 -23.66 -26.35
C ILE C 153 29.05 -24.04 -27.82
N PRO C 154 28.17 -24.90 -28.37
CA PRO C 154 28.22 -25.17 -29.81
C PRO C 154 27.37 -24.21 -30.63
N TYR C 155 27.93 -23.81 -31.77
CA TYR C 155 27.23 -23.10 -32.83
C TYR C 155 26.90 -21.65 -32.50
N ILE C 156 27.13 -21.22 -31.26
CA ILE C 156 26.94 -19.82 -30.89
C ILE C 156 28.09 -19.28 -30.06
N GLY C 157 28.92 -20.17 -29.51
CA GLY C 157 29.96 -19.74 -28.61
C GLY C 157 30.92 -18.76 -29.26
N THR C 158 31.44 -19.11 -30.42
CA THR C 158 32.35 -18.21 -31.11
C THR C 158 31.65 -16.93 -31.53
N ASN C 159 30.34 -16.98 -31.73
CA ASN C 159 29.63 -15.80 -32.20
C ASN C 159 29.38 -14.80 -31.08
N LEU C 160 28.93 -15.29 -29.92
CA LEU C 160 28.66 -14.39 -28.81
C LEU C 160 29.94 -13.78 -28.29
N VAL C 161 30.96 -14.60 -28.10
CA VAL C 161 32.17 -14.11 -27.47
C VAL C 161 32.86 -13.11 -28.38
N GLU C 162 32.85 -13.37 -29.69
CA GLU C 162 33.28 -12.35 -30.64
C GLU C 162 32.37 -11.14 -30.56
N TRP C 163 31.07 -11.38 -30.35
CA TRP C 163 30.13 -10.27 -30.30
C TRP C 163 30.36 -9.41 -29.08
N ILE C 164 30.71 -10.04 -27.96
CA ILE C 164 31.02 -9.28 -26.75
C ILE C 164 32.47 -8.81 -26.76
N TRP C 165 33.34 -9.48 -27.50
CA TRP C 165 34.68 -8.97 -27.74
C TRP C 165 34.71 -7.91 -28.81
N GLY C 166 33.55 -7.52 -29.36
CA GLY C 166 33.50 -6.45 -30.34
C GLY C 166 34.41 -6.72 -31.51
N GLY C 167 34.53 -7.98 -31.90
CA GLY C 167 35.60 -8.38 -32.77
C GLY C 167 36.10 -9.76 -32.44
N PHE C 168 37.39 -9.86 -32.13
CA PHE C 168 38.08 -11.12 -32.04
C PHE C 168 38.83 -11.32 -30.75
N SER C 169 39.07 -10.26 -29.99
CA SER C 169 39.56 -10.40 -28.64
C SER C 169 39.38 -9.08 -27.93
N VAL C 170 39.70 -9.08 -26.64
CA VAL C 170 39.54 -7.90 -25.82
C VAL C 170 40.42 -6.79 -26.35
N ASP C 171 39.91 -5.58 -26.31
CA ASP C 171 40.56 -4.42 -26.89
C ASP C 171 39.86 -3.19 -26.30
N LYS C 172 40.14 -2.02 -26.88
CA LYS C 172 39.58 -0.77 -26.37
C LYS C 172 38.08 -0.81 -26.31
N ALA C 173 37.44 -1.45 -27.28
CA ALA C 173 35.99 -1.46 -27.31
C ALA C 173 35.44 -2.26 -26.14
N THR C 174 36.10 -3.35 -25.79
CA THR C 174 35.55 -4.24 -24.79
C THR C 174 35.68 -3.67 -23.40
N LEU C 175 36.67 -2.81 -23.19
CA LEU C 175 36.68 -1.99 -21.99
C LEU C 175 35.40 -1.20 -21.88
N THR C 176 35.17 -0.34 -22.86
CA THR C 176 34.12 0.65 -22.77
C THR C 176 32.75 0.01 -22.77
N ARG C 177 32.62 -1.20 -23.32
CA ARG C 177 31.36 -1.90 -23.22
C ARG C 177 31.05 -2.34 -21.81
N PHE C 178 32.05 -2.37 -20.92
CA PHE C 178 31.81 -2.75 -19.54
C PHE C 178 31.60 -1.54 -18.65
N PHE C 179 32.41 -0.50 -18.83
CA PHE C 179 32.36 0.66 -17.95
C PHE C 179 30.97 1.27 -17.91
N ALA C 180 30.20 1.09 -18.98
CA ALA C 180 28.81 1.49 -18.97
C ALA C 180 27.91 0.38 -18.48
N PHE C 181 28.19 -0.88 -18.84
CA PHE C 181 27.47 -1.97 -18.22
C PHE C 181 27.73 -2.09 -16.74
N HIS C 182 28.81 -1.49 -16.26
CA HIS C 182 29.23 -1.67 -14.89
C HIS C 182 28.83 -0.53 -13.99
N PHE C 183 28.79 0.66 -14.54
CA PHE C 183 28.38 1.84 -13.80
C PHE C 183 26.86 1.97 -13.70
N ILE C 184 26.12 0.96 -14.15
CA ILE C 184 24.66 1.01 -14.24
C ILE C 184 24.02 -0.04 -13.35
N LEU C 185 24.52 -1.27 -13.39
CA LEU C 185 23.84 -2.39 -12.73
C LEU C 185 23.62 -2.22 -11.25
N PRO C 186 24.52 -1.62 -10.47
CA PRO C 186 24.25 -1.47 -9.04
C PRO C 186 22.96 -0.73 -8.76
N PHE C 187 22.57 0.16 -9.67
CA PHE C 187 21.25 0.75 -9.58
C PHE C 187 20.17 -0.29 -9.84
N ILE C 188 20.41 -1.18 -10.80
CA ILE C 188 19.48 -2.27 -11.01
C ILE C 188 19.44 -3.16 -9.79
N ILE C 189 20.57 -3.27 -9.09
CA ILE C 189 20.57 -3.94 -7.80
C ILE C 189 19.86 -3.06 -6.78
N MET C 190 20.05 -1.75 -6.85
CA MET C 190 19.40 -0.85 -5.90
C MET C 190 17.90 -0.93 -6.02
N ALA C 191 17.40 -1.24 -7.20
CA ALA C 191 15.97 -1.36 -7.39
C ALA C 191 15.49 -2.74 -6.98
N ILE C 192 16.14 -3.78 -7.50
CA ILE C 192 15.71 -5.14 -7.24
C ILE C 192 15.84 -5.44 -5.76
N ALA C 193 16.76 -4.78 -5.08
CA ALA C 193 16.85 -4.91 -3.64
C ALA C 193 15.54 -4.47 -2.99
N MET C 194 14.90 -3.44 -3.52
CA MET C 194 13.63 -3.02 -2.94
C MET C 194 12.59 -4.09 -3.17
N VAL C 195 12.65 -4.78 -4.30
CA VAL C 195 11.77 -5.90 -4.51
C VAL C 195 12.07 -7.00 -3.52
N HIS C 196 13.35 -7.20 -3.24
CA HIS C 196 13.76 -8.28 -2.35
C HIS C 196 13.21 -8.09 -0.96
N LEU C 197 12.90 -6.84 -0.60
CA LEU C 197 12.27 -6.54 0.67
C LEU C 197 10.76 -6.56 0.59
N LEU C 198 10.21 -6.33 -0.59
CA LEU C 198 8.77 -6.20 -0.70
C LEU C 198 8.09 -7.53 -0.43
N PHE C 199 8.56 -8.59 -1.09
CA PHE C 199 7.99 -9.90 -0.85
C PHE C 199 8.18 -10.33 0.60
N LEU C 200 9.22 -9.81 1.24
CA LEU C 200 9.41 -10.11 2.65
C LEU C 200 8.32 -9.48 3.49
N HIS C 201 7.98 -8.23 3.19
CA HIS C 201 7.11 -7.45 4.04
C HIS C 201 5.72 -8.06 4.14
N GLU C 202 5.36 -8.96 3.24
CA GLU C 202 4.13 -9.71 3.35
C GLU C 202 4.20 -10.81 4.40
N THR C 203 5.41 -11.18 4.86
CA THR C 203 5.59 -12.23 5.85
C THR C 203 6.52 -11.86 6.98
N GLY C 204 7.38 -10.88 6.82
CA GLY C 204 8.35 -10.55 7.85
C GLY C 204 9.45 -11.57 7.92
N SER C 205 10.29 -11.42 8.93
CA SER C 205 11.53 -12.17 9.00
C SER C 205 11.26 -13.62 9.37
N ASN C 206 12.34 -14.36 9.63
CA ASN C 206 12.26 -15.81 9.84
C ASN C 206 13.29 -16.16 10.90
N ASN C 207 12.81 -16.28 12.13
CA ASN C 207 13.63 -16.44 13.32
C ASN C 207 14.62 -17.59 13.23
N PRO C 208 15.63 -17.63 14.11
CA PRO C 208 16.54 -18.77 14.11
C PRO C 208 15.86 -20.08 14.40
N THR C 209 14.84 -20.05 15.25
CA THR C 209 14.14 -21.27 15.60
C THR C 209 13.39 -21.85 14.40
N GLY C 210 12.74 -20.98 13.65
CA GLY C 210 11.87 -21.37 12.57
C GLY C 210 10.41 -21.17 12.88
N ILE C 211 10.09 -20.73 14.06
CA ILE C 211 8.73 -20.64 14.54
C ILE C 211 8.16 -19.27 14.22
N SER C 212 6.87 -19.22 13.94
CA SER C 212 6.20 -17.94 13.77
C SER C 212 6.14 -17.25 15.10
N SER C 213 6.98 -16.23 15.27
CA SER C 213 7.07 -15.48 16.49
C SER C 213 6.14 -14.28 16.50
N ASP C 214 4.99 -14.40 15.82
CA ASP C 214 4.03 -13.31 15.74
C ASP C 214 3.64 -12.80 17.12
N VAL C 215 3.61 -13.70 18.11
CA VAL C 215 3.30 -13.33 19.47
C VAL C 215 4.33 -12.39 20.07
N ASP C 216 5.53 -12.33 19.50
CA ASP C 216 6.66 -11.62 20.11
C ASP C 216 7.37 -10.79 19.05
N LYS C 217 6.59 -10.09 18.25
CA LYS C 217 7.14 -9.12 17.32
C LYS C 217 7.17 -7.75 17.98
N ILE C 218 8.15 -6.96 17.60
CA ILE C 218 8.42 -5.70 18.28
C ILE C 218 8.82 -4.63 17.28
N PRO C 219 8.99 -3.37 17.70
CA PRO C 219 9.40 -2.33 16.77
C PRO C 219 10.80 -2.47 16.21
N PHE C 220 11.23 -1.43 15.52
CA PHE C 220 12.43 -1.45 14.70
C PHE C 220 13.25 -0.17 14.77
N HIS C 221 12.65 0.96 15.15
CA HIS C 221 13.34 2.24 15.11
C HIS C 221 14.38 2.38 16.21
N PRO C 222 14.08 2.03 17.46
CA PRO C 222 15.11 2.11 18.47
C PRO C 222 16.09 0.94 18.46
N TYR C 223 15.55 -0.26 18.24
CA TYR C 223 16.25 -1.49 18.59
C TYR C 223 17.18 -1.99 17.51
N TYR C 224 16.64 -2.34 16.35
CA TYR C 224 17.48 -2.91 15.31
C TYR C 224 18.19 -1.84 14.51
N THR C 225 17.70 -0.61 14.59
CA THR C 225 18.41 0.52 13.99
C THR C 225 19.81 0.64 14.55
N ILE C 226 19.91 0.90 15.85
CA ILE C 226 21.20 1.06 16.51
C ILE C 226 22.04 -0.18 16.34
N LYS C 227 21.41 -1.35 16.45
CA LYS C 227 22.11 -2.60 16.21
C LYS C 227 22.70 -2.63 14.82
N ASP C 228 21.93 -2.19 13.83
CA ASP C 228 22.47 -2.11 12.48
C ASP C 228 23.60 -1.11 12.41
N ILE C 229 23.48 0.02 13.11
CA ILE C 229 24.57 0.98 13.15
C ILE C 229 25.79 0.34 13.77
N LEU C 230 25.60 -0.33 14.90
CA LEU C 230 26.67 -1.10 15.52
C LEU C 230 27.23 -2.09 14.53
N GLY C 231 26.36 -2.77 13.79
CA GLY C 231 26.84 -3.64 12.73
C GLY C 231 27.60 -2.87 11.69
N ALA C 232 27.11 -1.69 11.34
CA ALA C 232 27.78 -0.87 10.36
C ALA C 232 29.11 -0.37 10.88
N LEU C 233 29.18 -0.10 12.17
CA LEU C 233 30.39 0.49 12.73
C LEU C 233 31.54 -0.49 12.65
N LEU C 234 31.25 -1.77 12.91
CA LEU C 234 32.28 -2.79 12.80
C LEU C 234 32.71 -2.97 11.36
N LEU C 235 31.79 -2.77 10.42
CA LEU C 235 32.13 -2.89 9.01
C LEU C 235 33.16 -1.86 8.62
N ILE C 236 32.85 -0.59 8.88
CA ILE C 236 33.76 0.48 8.53
C ILE C 236 35.10 0.25 9.18
N LEU C 237 35.09 -0.19 10.44
CA LEU C 237 36.31 -0.57 11.11
C LEU C 237 37.05 -1.62 10.30
N ALA C 238 36.39 -2.75 10.05
CA ALA C 238 37.03 -3.81 9.30
C ALA C 238 37.10 -3.52 7.81
N LEU C 239 36.77 -2.31 7.39
CA LEU C 239 37.09 -1.81 6.06
C LEU C 239 38.20 -0.77 6.09
N MET C 240 38.24 0.06 7.12
CA MET C 240 39.35 1.00 7.24
C MET C 240 40.67 0.28 7.46
N LEU C 241 40.64 -0.86 8.16
CA LEU C 241 41.88 -1.57 8.41
C LEU C 241 42.53 -2.00 7.12
N LEU C 242 41.74 -2.53 6.19
CA LEU C 242 42.29 -2.98 4.93
C LEU C 242 42.92 -1.82 4.18
N VAL C 243 42.11 -0.81 3.86
CA VAL C 243 42.61 0.33 3.10
C VAL C 243 43.77 1.00 3.84
N LEU C 244 43.65 1.19 5.14
CA LEU C 244 44.69 1.91 5.84
C LEU C 244 45.92 1.05 6.05
N PHE C 245 45.73 -0.22 6.43
CA PHE C 245 46.85 -1.04 6.88
C PHE C 245 47.22 -2.17 5.95
N ALA C 246 46.38 -2.56 4.99
CA ALA C 246 46.77 -3.66 4.13
C ALA C 246 45.96 -3.74 2.84
N PRO C 247 45.99 -2.70 2.02
CA PRO C 247 45.22 -2.74 0.78
C PRO C 247 45.73 -3.74 -0.23
N ASP C 248 47.02 -4.06 -0.18
CA ASP C 248 47.62 -5.04 -1.06
C ASP C 248 47.27 -6.47 -0.69
N LEU C 249 46.45 -6.68 0.34
CA LEU C 249 46.28 -8.01 0.88
C LEU C 249 45.57 -8.92 -0.11
N LEU C 250 44.32 -8.60 -0.44
CA LEU C 250 43.50 -9.51 -1.23
C LEU C 250 43.76 -9.35 -2.71
N GLY C 251 43.63 -8.13 -3.20
CA GLY C 251 43.90 -7.85 -4.60
C GLY C 251 45.27 -8.31 -4.98
N ASP C 252 45.35 -9.15 -6.01
CA ASP C 252 46.63 -9.70 -6.41
C ASP C 252 47.57 -8.57 -6.80
N PRO C 253 48.88 -8.74 -6.60
CA PRO C 253 49.79 -7.64 -6.85
C PRO C 253 49.89 -7.28 -8.30
N ASP C 254 49.68 -8.26 -9.18
CA ASP C 254 49.88 -8.06 -10.61
C ASP C 254 49.02 -6.94 -11.17
N ASN C 255 47.90 -6.62 -10.53
CA ASN C 255 46.95 -5.65 -11.09
C ASN C 255 47.50 -4.23 -11.21
N TYR C 256 48.72 -3.98 -10.76
CA TYR C 256 49.39 -2.72 -10.98
C TYR C 256 50.28 -2.73 -12.20
N THR C 257 50.43 -3.86 -12.85
CA THR C 257 51.21 -3.93 -14.06
C THR C 257 50.33 -3.55 -15.24
N PRO C 258 50.80 -2.76 -16.21
CA PRO C 258 49.99 -2.56 -17.40
C PRO C 258 49.79 -3.86 -18.15
N ALA C 259 48.77 -3.88 -18.98
CA ALA C 259 48.35 -5.11 -19.64
C ALA C 259 48.97 -5.22 -21.01
N ASN C 260 49.36 -6.44 -21.36
CA ASN C 260 50.04 -6.74 -22.60
C ASN C 260 49.62 -8.13 -23.05
N PRO C 261 48.97 -8.28 -24.21
CA PRO C 261 48.52 -9.61 -24.61
C PRO C 261 49.63 -10.57 -24.97
N LEU C 262 50.88 -10.10 -25.07
CA LEU C 262 51.99 -10.94 -25.47
C LEU C 262 52.84 -11.37 -24.29
N ASN C 263 52.28 -11.36 -23.09
CA ASN C 263 53.01 -11.79 -21.91
C ASN C 263 52.00 -12.13 -20.83
N THR C 264 51.90 -13.37 -20.51
CA THR C 264 51.08 -13.85 -19.43
C THR C 264 51.90 -14.00 -18.16
N PRO C 265 51.30 -13.91 -16.98
CA PRO C 265 51.99 -14.34 -15.78
C PRO C 265 52.08 -15.85 -15.71
N PRO C 266 52.96 -16.39 -14.89
CA PRO C 266 53.00 -17.85 -14.75
C PRO C 266 51.70 -18.38 -14.16
N HIS C 267 51.34 -17.83 -13.00
CA HIS C 267 50.11 -18.20 -12.31
C HIS C 267 49.05 -17.18 -12.61
N ILE C 268 47.83 -17.67 -12.84
CA ILE C 268 46.68 -16.83 -13.08
C ILE C 268 45.62 -17.25 -12.08
N LYS C 269 44.97 -16.27 -11.49
CA LYS C 269 43.76 -16.50 -10.79
C LYS C 269 42.98 -15.20 -10.86
N PRO C 270 41.66 -15.26 -11.02
CA PRO C 270 40.88 -14.05 -10.80
C PRO C 270 40.88 -13.71 -9.33
N GLU C 271 40.13 -12.67 -8.96
CA GLU C 271 40.07 -12.28 -7.57
C GLU C 271 39.56 -13.43 -6.71
N TRP C 272 39.91 -13.37 -5.43
CA TRP C 272 39.82 -14.53 -4.54
C TRP C 272 38.43 -15.13 -4.47
N TYR C 273 37.40 -14.33 -4.71
CA TYR C 273 36.06 -14.74 -4.35
C TYR C 273 35.41 -15.66 -5.37
N PHE C 274 35.83 -15.62 -6.63
CA PHE C 274 35.38 -16.62 -7.59
C PHE C 274 35.79 -18.03 -7.17
N LEU C 275 36.88 -18.14 -6.42
CA LEU C 275 37.69 -19.35 -6.44
C LEU C 275 36.94 -20.59 -6.01
N PHE C 276 35.89 -20.43 -5.19
CA PHE C 276 35.07 -21.58 -4.87
C PHE C 276 34.43 -22.15 -6.13
N ALA C 277 34.20 -21.31 -7.12
CA ALA C 277 33.53 -21.67 -8.36
C ALA C 277 34.50 -21.91 -9.51
N TYR C 278 35.54 -21.08 -9.61
CA TYR C 278 36.57 -21.29 -10.62
C TYR C 278 37.20 -22.65 -10.49
N ALA C 279 37.50 -23.06 -9.26
CA ALA C 279 38.13 -24.34 -9.01
C ALA C 279 37.29 -25.48 -9.54
N ILE C 280 35.97 -25.34 -9.46
CA ILE C 280 35.08 -26.40 -9.90
C ILE C 280 35.26 -26.65 -11.38
N LEU C 281 35.35 -25.58 -12.17
CA LEU C 281 35.62 -25.72 -13.57
C LEU C 281 37.00 -26.32 -13.80
N ARG C 282 37.99 -25.82 -13.07
CA ARG C 282 39.37 -26.23 -13.24
C ARG C 282 39.55 -27.70 -12.95
N SER C 283 38.69 -28.26 -12.09
CA SER C 283 38.79 -29.68 -11.79
C SER C 283 38.48 -30.51 -13.02
N ILE C 284 37.39 -30.19 -13.70
CA ILE C 284 36.97 -30.95 -14.85
C ILE C 284 37.96 -30.72 -15.99
N PRO C 285 38.66 -31.74 -16.49
CA PRO C 285 39.52 -31.49 -17.65
C PRO C 285 38.73 -31.18 -18.91
N ASN C 286 37.49 -31.63 -19.01
CA ASN C 286 36.68 -31.25 -20.14
C ASN C 286 36.32 -29.78 -20.04
N LYS C 287 36.02 -29.18 -21.19
CA LYS C 287 35.75 -27.75 -21.25
C LYS C 287 34.30 -27.47 -20.90
N LEU C 288 33.37 -27.96 -21.71
CA LEU C 288 31.97 -27.60 -21.55
C LEU C 288 31.39 -28.21 -20.29
N GLY C 289 31.53 -29.51 -20.14
CA GLY C 289 30.91 -30.22 -19.01
C GLY C 289 31.32 -29.70 -17.66
N GLY C 290 32.40 -28.93 -17.57
CA GLY C 290 32.73 -28.25 -16.34
C GLY C 290 32.00 -26.93 -16.21
N VAL C 291 31.72 -26.26 -17.33
CA VAL C 291 31.01 -24.99 -17.30
C VAL C 291 29.65 -25.16 -16.66
N LEU C 292 28.86 -26.09 -17.19
CA LEU C 292 27.51 -26.27 -16.66
C LEU C 292 27.49 -26.70 -15.21
N ALA C 293 28.63 -27.17 -14.69
CA ALA C 293 28.75 -27.33 -13.25
C ALA C 293 28.85 -25.97 -12.58
N LEU C 294 29.56 -25.04 -13.21
CA LEU C 294 29.73 -23.71 -12.63
C LEU C 294 28.40 -23.02 -12.45
N ALA C 295 27.70 -22.80 -13.56
CA ALA C 295 26.40 -22.16 -13.50
C ALA C 295 25.45 -22.93 -12.59
N PHE C 296 25.60 -24.24 -12.55
CA PHE C 296 24.83 -25.04 -11.61
C PHE C 296 25.38 -24.95 -10.21
N SER C 297 26.66 -24.60 -10.06
CA SER C 297 27.21 -24.37 -8.74
C SER C 297 26.58 -23.19 -8.03
N ILE C 298 25.89 -22.34 -8.78
CA ILE C 298 25.20 -21.18 -8.23
C ILE C 298 23.69 -21.38 -8.25
N LEU C 299 23.14 -21.71 -9.41
CA LEU C 299 21.71 -21.88 -9.55
C LEU C 299 21.16 -23.02 -8.73
N ILE C 300 22.01 -23.89 -8.19
CA ILE C 300 21.57 -24.93 -7.26
C ILE C 300 20.83 -24.34 -6.09
N LEU C 301 21.15 -23.10 -5.73
CA LEU C 301 20.45 -22.46 -4.62
C LEU C 301 18.97 -22.32 -4.92
N ALA C 302 18.61 -22.19 -6.19
CA ALA C 302 17.20 -22.20 -6.55
C ALA C 302 16.59 -23.58 -6.43
N LEU C 303 17.42 -24.61 -6.44
CA LEU C 303 16.96 -25.99 -6.41
C LEU C 303 16.76 -26.50 -4.99
N ILE C 304 17.22 -25.74 -4.00
CA ILE C 304 17.15 -26.21 -2.62
C ILE C 304 15.72 -26.31 -2.11
N PRO C 305 14.86 -25.29 -2.26
CA PRO C 305 13.54 -25.34 -1.59
C PRO C 305 12.69 -26.51 -1.99
N LEU C 306 12.98 -27.16 -3.10
CA LEU C 306 12.38 -28.42 -3.44
C LEU C 306 13.07 -29.60 -2.79
N LEU C 307 13.91 -29.34 -1.78
CA LEU C 307 14.63 -30.37 -1.08
C LEU C 307 14.63 -30.10 0.42
N HIS C 308 13.56 -29.51 0.92
CA HIS C 308 13.39 -29.29 2.36
C HIS C 308 12.57 -30.44 2.90
N THR C 309 13.24 -31.35 3.57
CA THR C 309 12.66 -32.62 3.97
C THR C 309 12.04 -32.55 5.35
N SER C 310 12.81 -32.10 6.32
CA SER C 310 12.33 -32.04 7.70
C SER C 310 11.10 -31.17 7.80
N LYS C 311 10.10 -31.65 8.52
CA LYS C 311 8.96 -30.81 8.84
C LYS C 311 9.29 -29.78 9.90
N GLN C 312 10.50 -29.76 10.41
CA GLN C 312 11.03 -28.58 11.04
C GLN C 312 11.55 -27.63 9.97
N ARG C 313 12.05 -26.49 10.41
CA ARG C 313 12.65 -25.52 9.50
C ARG C 313 14.13 -25.32 9.79
N SER C 314 14.48 -25.00 11.01
CA SER C 314 15.82 -24.55 11.31
C SER C 314 16.82 -25.70 11.26
N MET C 315 18.06 -25.37 11.61
CA MET C 315 19.10 -26.33 11.91
C MET C 315 19.63 -26.16 13.31
N MET C 316 19.20 -25.14 14.02
CA MET C 316 19.43 -25.06 15.46
C MET C 316 18.91 -26.31 16.15
N PHE C 317 17.85 -26.91 15.64
CA PHE C 317 17.21 -28.07 16.22
C PHE C 317 17.38 -29.30 15.33
N ARG C 318 18.54 -29.40 14.70
CA ARG C 318 18.87 -30.54 13.84
C ARG C 318 20.36 -30.77 13.91
N PRO C 319 20.84 -31.35 15.01
CA PRO C 319 22.29 -31.46 15.22
C PRO C 319 23.01 -32.25 14.14
N LEU C 320 22.33 -33.17 13.48
CA LEU C 320 22.99 -33.92 12.43
C LEU C 320 23.28 -33.03 11.24
N SER C 321 22.30 -32.22 10.83
CA SER C 321 22.52 -31.33 9.69
C SER C 321 23.56 -30.28 10.01
N GLN C 322 23.69 -29.90 11.28
CA GLN C 322 24.77 -29.02 11.67
C GLN C 322 26.11 -29.62 11.30
N CYS C 323 26.26 -30.93 11.51
CA CYS C 323 27.52 -31.59 11.20
C CYS C 323 27.80 -31.55 9.71
N LEU C 324 26.74 -31.52 8.90
CA LEU C 324 26.89 -31.45 7.45
C LEU C 324 26.94 -30.02 6.94
N PHE C 325 26.37 -29.07 7.67
CA PHE C 325 26.36 -27.71 7.16
C PHE C 325 27.74 -27.11 7.21
N TRP C 326 28.30 -26.99 8.41
CA TRP C 326 29.65 -26.46 8.56
C TRP C 326 30.66 -27.25 7.76
N ALA C 327 30.37 -28.52 7.51
CA ALA C 327 31.19 -29.31 6.59
C ALA C 327 31.24 -28.68 5.23
N LEU C 328 30.08 -28.19 4.74
CA LEU C 328 30.06 -27.52 3.46
C LEU C 328 30.89 -26.26 3.48
N VAL C 329 30.96 -25.60 4.63
CA VAL C 329 31.73 -24.37 4.74
C VAL C 329 33.20 -24.69 4.54
N ALA C 330 33.64 -25.84 5.02
CA ALA C 330 35.02 -26.26 4.82
C ALA C 330 35.30 -26.43 3.35
N ASP C 331 34.49 -27.24 2.68
CA ASP C 331 34.67 -27.53 1.27
C ASP C 331 34.73 -26.25 0.44
N LEU C 332 33.93 -25.25 0.82
CA LEU C 332 34.06 -23.95 0.19
C LEU C 332 35.39 -23.31 0.52
N LEU C 333 35.73 -23.30 1.80
CA LEU C 333 37.00 -22.70 2.21
C LEU C 333 38.16 -23.45 1.61
N THR C 334 37.95 -24.73 1.31
CA THR C 334 38.93 -25.46 0.52
C THR C 334 38.91 -24.96 -0.92
N LEU C 335 37.77 -25.10 -1.59
CA LEU C 335 37.67 -24.68 -2.99
C LEU C 335 37.96 -23.21 -3.17
N THR C 336 37.80 -22.41 -2.12
CA THR C 336 38.25 -21.03 -2.20
C THR C 336 39.74 -20.95 -2.38
N TRP C 337 40.47 -21.90 -1.79
CA TRP C 337 41.92 -21.87 -1.79
C TRP C 337 42.51 -22.74 -2.87
N ILE C 338 41.88 -23.88 -3.12
CA ILE C 338 42.45 -24.84 -4.04
C ILE C 338 42.47 -24.28 -5.46
N GLY C 339 41.45 -23.52 -5.82
CA GLY C 339 41.49 -22.82 -7.09
C GLY C 339 42.55 -21.74 -7.10
N GLY C 340 42.85 -21.17 -5.94
CA GLY C 340 43.83 -20.11 -5.90
C GLY C 340 45.25 -20.56 -6.15
N GLN C 341 45.48 -21.86 -6.18
CA GLN C 341 46.79 -22.44 -6.39
C GLN C 341 46.86 -23.12 -7.75
N PRO C 342 48.06 -23.33 -8.30
CA PRO C 342 48.14 -23.80 -9.67
C PRO C 342 47.68 -25.23 -9.88
N VAL C 343 47.79 -25.69 -11.12
CA VAL C 343 47.31 -26.99 -11.54
C VAL C 343 48.44 -28.00 -11.42
N GLU C 344 48.43 -28.78 -10.35
CA GLU C 344 49.41 -29.84 -10.15
C GLU C 344 48.74 -31.02 -9.47
N HIS C 345 49.38 -32.17 -9.53
CA HIS C 345 48.78 -33.43 -9.14
C HIS C 345 48.28 -33.49 -7.69
N PRO C 346 48.97 -32.90 -6.71
CA PRO C 346 48.45 -33.00 -5.34
C PRO C 346 47.09 -32.36 -5.15
N TYR C 347 46.82 -31.29 -5.89
CA TYR C 347 45.62 -30.49 -5.67
C TYR C 347 44.47 -30.96 -6.55
N ILE C 348 44.80 -31.44 -7.75
CA ILE C 348 43.78 -31.84 -8.71
C ILE C 348 43.00 -33.00 -8.12
N THR C 349 43.69 -33.86 -7.38
CA THR C 349 43.02 -34.95 -6.71
C THR C 349 42.03 -34.44 -5.67
N ILE C 350 42.23 -33.23 -5.17
CA ILE C 350 41.34 -32.66 -4.18
C ILE C 350 40.14 -32.00 -4.86
N GLY C 351 40.37 -31.32 -5.97
CA GLY C 351 39.27 -30.68 -6.67
C GLY C 351 38.27 -31.67 -7.21
N GLN C 352 38.75 -32.80 -7.74
CA GLN C 352 37.86 -33.86 -8.20
C GLN C 352 36.99 -34.37 -7.07
N LEU C 353 37.48 -34.29 -5.84
CA LEU C 353 36.71 -34.71 -4.67
C LEU C 353 35.85 -33.57 -4.16
N ALA C 354 36.49 -32.44 -3.87
CA ALA C 354 35.82 -31.35 -3.17
C ALA C 354 34.66 -30.81 -3.99
N SER C 355 34.87 -30.63 -5.29
CA SER C 355 33.80 -30.13 -6.15
C SER C 355 32.64 -31.10 -6.16
N VAL C 356 32.93 -32.40 -6.10
CA VAL C 356 31.87 -33.39 -6.03
C VAL C 356 31.22 -33.35 -4.67
N LEU C 357 32.01 -33.08 -3.63
CA LEU C 357 31.45 -32.98 -2.29
C LEU C 357 30.44 -31.85 -2.21
N TYR C 358 30.72 -30.74 -2.89
CA TYR C 358 29.81 -29.59 -2.92
C TYR C 358 28.44 -30.00 -3.42
N PHE C 359 28.38 -30.54 -4.64
CA PHE C 359 27.12 -31.06 -5.16
C PHE C 359 26.57 -32.17 -4.29
N LEU C 360 27.45 -32.93 -3.64
CA LEU C 360 27.00 -34.13 -2.95
C LEU C 360 26.30 -33.77 -1.65
N LEU C 361 26.89 -32.86 -0.88
CA LEU C 361 26.32 -32.52 0.41
C LEU C 361 24.95 -31.88 0.25
N ILE C 362 24.76 -31.13 -0.83
CA ILE C 362 23.51 -30.43 -1.03
C ILE C 362 22.42 -31.42 -1.43
N LEU C 363 22.70 -32.23 -2.44
CA LEU C 363 21.66 -32.94 -3.16
C LEU C 363 21.39 -34.34 -2.67
N VAL C 364 22.10 -34.81 -1.65
CA VAL C 364 21.94 -36.17 -1.16
C VAL C 364 21.68 -36.15 0.33
N LEU C 365 22.57 -35.51 1.06
CA LEU C 365 22.71 -35.76 2.48
C LEU C 365 21.91 -34.80 3.35
N MET C 366 21.88 -33.52 2.98
CA MET C 366 21.03 -32.58 3.71
C MET C 366 19.56 -32.97 3.64
N PRO C 367 19.02 -33.42 2.51
CA PRO C 367 17.71 -34.05 2.56
C PRO C 367 17.69 -35.28 3.43
N THR C 368 18.73 -36.10 3.32
CA THR C 368 18.76 -37.38 4.00
C THR C 368 18.69 -37.21 5.51
N ALA C 369 19.23 -36.10 6.02
CA ALA C 369 19.17 -35.85 7.45
C ALA C 369 17.74 -35.70 7.92
N GLY C 370 16.97 -34.84 7.24
CA GLY C 370 15.60 -34.63 7.66
C GLY C 370 14.74 -35.84 7.42
N THR C 371 15.07 -36.60 6.36
CA THR C 371 14.41 -37.87 6.14
C THR C 371 14.59 -38.77 7.35
N ILE C 372 15.75 -38.69 7.99
CA ILE C 372 16.00 -39.43 9.21
C ILE C 372 15.37 -38.72 10.39
N GLU C 373 15.68 -37.44 10.57
CA GLU C 373 15.30 -36.73 11.77
C GLU C 373 13.80 -36.62 11.90
N ASN C 374 13.07 -36.68 10.79
CA ASN C 374 11.63 -36.87 10.89
C ASN C 374 11.31 -38.18 11.56
N LYS C 375 12.10 -39.22 11.28
CA LYS C 375 11.78 -40.56 11.74
C LYS C 375 12.24 -40.80 13.16
N LEU C 376 13.30 -40.13 13.59
CA LEU C 376 13.73 -40.24 14.99
C LEU C 376 12.69 -39.70 15.94
N LEU C 377 11.77 -38.87 15.45
CA LEU C 377 10.80 -38.18 16.28
C LEU C 377 9.38 -38.40 15.79
N LYS C 378 9.18 -39.39 14.94
CA LYS C 378 7.85 -39.91 14.61
C LYS C 378 6.99 -38.89 13.88
N TRP C 379 7.46 -38.43 12.73
CA TRP C 379 6.57 -37.92 11.70
C TRP C 379 7.20 -38.09 10.32
N ASP D 86 63.95 -24.08 -10.92
CA ASP D 86 62.74 -24.88 -10.82
C ASP D 86 61.85 -24.39 -9.68
N LEU D 87 62.50 -24.02 -8.59
CA LEU D 87 61.81 -23.55 -7.40
C LEU D 87 61.69 -22.04 -7.46
N GLU D 88 60.81 -21.50 -6.64
CA GLU D 88 60.74 -20.06 -6.43
C GLU D 88 61.85 -19.69 -5.47
N LEU D 89 61.76 -18.54 -4.82
CA LEU D 89 62.49 -18.35 -3.58
C LEU D 89 61.78 -17.27 -2.79
N HIS D 90 61.46 -17.56 -1.55
CA HIS D 90 60.81 -16.58 -0.70
C HIS D 90 61.87 -15.73 -0.03
N PRO D 91 61.92 -14.42 -0.25
CA PRO D 91 62.79 -13.60 0.56
C PRO D 91 62.36 -13.66 2.02
N PRO D 92 63.23 -13.32 2.94
CA PRO D 92 62.79 -13.31 4.35
C PRO D 92 61.97 -12.08 4.72
N SER D 93 61.67 -11.98 6.00
CA SER D 93 60.90 -10.86 6.55
C SER D 93 61.88 -9.90 7.19
N TYR D 94 62.49 -9.07 6.37
CA TYR D 94 63.48 -8.15 6.88
C TYR D 94 62.82 -7.08 7.72
N PRO D 95 63.55 -6.48 8.67
CA PRO D 95 63.05 -5.28 9.32
C PRO D 95 63.25 -4.07 8.42
N TRP D 96 62.57 -3.01 8.78
CA TRP D 96 62.64 -1.77 8.04
C TRP D 96 62.33 -0.64 9.01
N SER D 97 62.53 0.59 8.54
CA SER D 97 62.07 1.73 9.29
C SER D 97 60.59 1.99 9.12
N HIS D 98 59.88 1.16 8.35
CA HIS D 98 58.48 1.42 8.02
C HIS D 98 57.62 0.18 8.03
N ARG D 99 58.13 -0.96 8.50
CA ARG D 99 57.34 -2.18 8.49
C ARG D 99 56.25 -2.18 9.55
N GLY D 100 56.38 -1.33 10.56
CA GLY D 100 55.38 -1.27 11.60
C GLY D 100 54.09 -0.65 11.12
N LEU D 101 53.01 -0.93 11.87
CA LEU D 101 51.69 -0.44 11.52
C LEU D 101 51.50 1.02 11.85
N LEU D 102 52.52 1.69 12.38
CA LEU D 102 52.55 3.14 12.45
C LEU D 102 53.92 3.67 12.05
N SER D 103 54.75 2.84 11.44
CA SER D 103 56.11 3.20 11.11
C SER D 103 56.15 3.81 9.72
N SER D 104 56.53 5.07 9.65
CA SER D 104 56.61 5.80 8.40
C SER D 104 57.97 5.57 7.75
N LEU D 105 58.26 6.33 6.71
CA LEU D 105 59.50 6.20 5.97
C LEU D 105 60.54 7.20 6.47
N ASP D 106 61.76 6.71 6.60
CA ASP D 106 62.89 7.60 6.88
C ASP D 106 63.12 8.41 5.62
N HIS D 107 62.61 9.64 5.63
CA HIS D 107 62.67 10.47 4.44
C HIS D 107 64.10 10.78 4.04
N THR D 108 65.00 10.84 5.01
CA THR D 108 66.41 10.89 4.69
C THR D 108 66.78 9.74 3.79
N SER D 109 66.31 8.54 4.11
CA SER D 109 66.65 7.38 3.32
C SER D 109 66.05 7.47 1.92
N ILE D 110 64.96 8.24 1.77
CA ILE D 110 64.43 8.48 0.45
C ILE D 110 65.36 9.41 -0.31
N ARG D 111 66.08 10.28 0.39
CA ARG D 111 66.86 11.30 -0.28
C ARG D 111 67.97 10.67 -1.10
N ARG D 112 68.88 9.97 -0.43
CA ARG D 112 70.01 9.36 -1.11
C ARG D 112 69.55 8.33 -2.13
N GLY D 113 68.41 7.69 -1.88
CA GLY D 113 67.90 6.71 -2.83
C GLY D 113 67.59 7.34 -4.17
N PHE D 114 67.15 8.60 -4.17
CA PHE D 114 66.83 9.25 -5.43
C PHE D 114 68.08 9.50 -6.25
N GLN D 115 69.20 9.79 -5.57
CA GLN D 115 70.46 9.94 -6.28
C GLN D 115 70.80 8.67 -7.03
N VAL D 116 70.41 7.53 -6.48
CA VAL D 116 70.77 6.26 -7.09
C VAL D 116 69.99 6.08 -8.38
N TYR D 117 68.71 6.46 -8.38
CA TYR D 117 67.90 6.30 -9.58
C TYR D 117 68.46 7.12 -10.73
N LYS D 118 69.10 8.24 -10.43
CA LYS D 118 69.56 9.17 -11.43
C LYS D 118 70.91 8.76 -11.99
N GLN D 119 71.86 8.48 -11.12
CA GLN D 119 73.20 8.13 -11.57
C GLN D 119 73.22 6.79 -12.28
N VAL D 120 72.29 5.90 -11.94
CA VAL D 120 72.40 4.49 -12.29
C VAL D 120 71.21 4.03 -13.10
N CYS D 121 70.02 4.09 -12.49
CA CYS D 121 68.87 3.40 -13.03
C CYS D 121 68.29 4.13 -14.24
N SER D 122 68.29 5.45 -14.19
CA SER D 122 67.55 6.25 -15.15
C SER D 122 68.14 6.22 -16.55
N SER D 123 69.19 5.45 -16.80
CA SER D 123 69.63 5.21 -18.16
C SER D 123 68.78 4.18 -18.87
N CYS D 124 68.05 3.33 -18.14
CA CYS D 124 67.25 2.27 -18.73
C CYS D 124 65.88 2.04 -18.12
N HIS D 125 65.57 2.62 -16.97
CA HIS D 125 64.29 2.39 -16.29
C HIS D 125 63.33 3.54 -16.57
N SER D 126 62.33 3.28 -17.41
CA SER D 126 61.35 4.28 -17.78
C SER D 126 60.29 4.40 -16.69
N MET D 127 60.61 5.14 -15.64
CA MET D 127 59.63 5.59 -14.66
C MET D 127 58.92 6.80 -15.21
N ASP D 128 57.64 6.63 -15.52
CA ASP D 128 56.86 7.66 -16.19
C ASP D 128 55.82 8.29 -15.28
N TYR D 129 55.39 7.60 -14.24
CA TYR D 129 54.24 8.01 -13.44
C TYR D 129 54.61 8.88 -12.26
N VAL D 130 55.68 9.64 -12.39
CA VAL D 130 56.18 10.49 -11.31
C VAL D 130 56.76 11.75 -11.94
N ALA D 131 56.77 12.82 -11.16
CA ALA D 131 57.47 14.04 -11.54
C ALA D 131 58.22 14.59 -10.33
N TYR D 132 59.14 15.50 -10.63
CA TYR D 132 59.95 16.11 -9.58
C TYR D 132 59.10 16.84 -8.56
N ARG D 133 57.94 17.35 -8.97
CA ARG D 133 57.08 18.05 -8.02
C ARG D 133 56.54 17.12 -6.95
N HIS D 134 56.50 15.82 -7.21
CA HIS D 134 56.11 14.88 -6.18
C HIS D 134 57.20 14.71 -5.14
N LEU D 135 58.41 15.19 -5.41
CA LEU D 135 59.51 15.03 -4.48
C LEU D 135 59.51 16.10 -3.41
N VAL D 136 58.90 17.25 -3.71
CA VAL D 136 58.76 18.31 -2.73
C VAL D 136 58.04 17.78 -1.50
N GLY D 137 58.40 18.35 -0.36
CA GLY D 137 57.79 18.00 0.90
C GLY D 137 58.02 16.55 1.31
N VAL D 138 58.93 15.85 0.62
CA VAL D 138 59.27 14.48 0.96
C VAL D 138 60.77 14.25 1.12
N CYS D 139 61.55 14.61 0.09
CA CYS D 139 62.99 14.41 0.13
C CYS D 139 63.80 15.66 -0.19
N TYR D 140 63.34 16.48 -1.11
CA TYR D 140 63.97 17.73 -1.49
C TYR D 140 63.02 18.89 -1.24
N THR D 141 63.48 20.08 -1.58
CA THR D 141 62.70 21.30 -1.52
C THR D 141 62.30 21.73 -2.92
N GLU D 142 61.64 22.88 -2.99
CA GLU D 142 61.23 23.41 -4.29
C GLU D 142 62.43 23.75 -5.15
N ASP D 143 63.36 24.54 -4.61
CA ASP D 143 64.48 25.02 -5.40
C ASP D 143 65.42 23.89 -5.75
N GLU D 144 65.74 23.03 -4.77
CA GLU D 144 66.69 21.97 -5.02
C GLU D 144 66.17 20.99 -6.05
N ALA D 145 64.87 20.71 -6.03
CA ALA D 145 64.28 19.82 -7.02
C ALA D 145 64.18 20.51 -8.37
N LYS D 146 63.73 21.76 -8.36
CA LYS D 146 63.64 22.54 -9.58
C LYS D 146 64.99 22.64 -10.27
N ALA D 147 66.08 22.63 -9.49
CA ALA D 147 67.40 22.58 -10.07
C ALA D 147 67.59 21.36 -10.95
N LEU D 148 66.94 20.25 -10.59
CA LEU D 148 67.12 19.02 -11.33
C LEU D 148 66.29 18.97 -12.59
N ALA D 149 65.23 19.76 -12.67
CA ALA D 149 64.50 19.86 -13.93
C ALA D 149 65.21 20.80 -14.88
N GLU D 150 65.79 21.88 -14.34
CA GLU D 150 66.66 22.72 -15.14
C GLU D 150 67.87 21.97 -15.64
N GLU D 151 68.24 20.87 -14.97
CA GLU D 151 69.39 20.10 -15.40
C GLU D 151 69.12 19.43 -16.74
N VAL D 152 68.09 18.61 -16.80
CA VAL D 152 67.86 17.76 -17.96
C VAL D 152 66.92 18.47 -18.93
N GLU D 153 67.13 18.21 -20.21
CA GLU D 153 66.32 18.81 -21.26
C GLU D 153 65.10 17.94 -21.55
N VAL D 154 64.02 18.60 -21.98
CA VAL D 154 62.74 17.95 -22.25
C VAL D 154 62.19 18.45 -23.58
N GLN D 155 61.59 17.53 -24.31
CA GLN D 155 60.91 17.84 -25.56
C GLN D 155 59.54 18.43 -25.27
N ASP D 156 59.35 19.67 -25.71
CA ASP D 156 58.15 20.41 -25.40
C ASP D 156 57.95 21.56 -26.38
N GLY D 157 56.73 21.67 -26.89
CA GLY D 157 56.31 22.85 -27.58
C GLY D 157 56.28 22.66 -29.06
N PRO D 158 55.18 23.04 -29.68
CA PRO D 158 55.20 23.35 -31.11
C PRO D 158 55.61 24.79 -31.40
N ASN D 159 56.75 24.98 -32.03
CA ASN D 159 57.27 26.28 -32.38
C ASN D 159 56.32 26.94 -33.38
N GLU D 160 56.29 28.27 -33.39
CA GLU D 160 55.49 28.97 -34.39
C GLU D 160 55.97 28.67 -35.80
N ASP D 161 57.24 28.29 -35.96
CA ASP D 161 57.73 27.77 -37.22
C ASP D 161 57.11 26.43 -37.59
N GLY D 162 56.47 25.76 -36.65
CA GLY D 162 55.87 24.47 -36.91
C GLY D 162 56.77 23.30 -36.62
N GLU D 163 57.63 23.43 -35.61
CA GLU D 163 58.56 22.38 -35.22
C GLU D 163 58.50 22.19 -33.73
N MET D 164 59.24 21.20 -33.25
CA MET D 164 59.40 20.94 -31.83
C MET D 164 60.86 21.07 -31.43
N PHE D 165 61.07 21.44 -30.17
CA PHE D 165 62.40 21.76 -29.68
C PHE D 165 62.59 21.14 -28.30
N MET D 166 63.73 21.46 -27.69
CA MET D 166 64.07 21.02 -26.35
C MET D 166 64.23 22.23 -25.45
N ARG D 167 63.84 22.07 -24.20
CA ARG D 167 64.00 23.09 -23.18
C ARG D 167 64.49 22.42 -21.91
N PRO D 168 65.00 23.18 -20.96
CA PRO D 168 65.23 22.61 -19.63
C PRO D 168 63.92 22.22 -19.00
N GLY D 169 63.94 21.08 -18.31
CA GLY D 169 62.75 20.60 -17.64
C GLY D 169 62.28 21.57 -16.58
N LYS D 170 61.03 21.39 -16.21
CA LYS D 170 60.46 22.08 -15.06
C LYS D 170 59.88 21.04 -14.09
N LEU D 171 59.23 21.51 -13.04
CA LEU D 171 58.71 20.59 -12.04
C LEU D 171 57.59 19.75 -12.60
N SER D 172 56.71 20.35 -13.40
CA SER D 172 55.52 19.64 -13.88
C SER D 172 55.85 18.52 -14.84
N ASP D 173 57.07 18.44 -15.35
CA ASP D 173 57.44 17.39 -16.28
C ASP D 173 57.81 16.14 -15.50
N TYR D 174 57.34 15.00 -16.00
CA TYR D 174 57.65 13.73 -15.41
C TYR D 174 59.13 13.43 -15.62
N PHE D 175 59.58 12.29 -15.08
CA PHE D 175 60.99 11.96 -15.19
C PHE D 175 61.37 11.83 -16.67
N PRO D 176 62.54 12.30 -17.08
CA PRO D 176 62.96 12.07 -18.47
C PRO D 176 63.03 10.58 -18.75
N LYS D 177 62.18 10.15 -19.66
CA LYS D 177 62.17 8.76 -20.04
C LYS D 177 63.50 8.40 -20.70
N PRO D 178 64.09 7.24 -20.39
CA PRO D 178 65.34 6.89 -21.07
C PRO D 178 65.18 6.71 -22.56
N TYR D 179 64.27 5.85 -22.98
CA TYR D 179 64.15 5.42 -24.34
C TYR D 179 62.74 5.66 -24.85
N PRO D 180 62.56 5.98 -26.14
CA PRO D 180 61.23 6.38 -26.61
C PRO D 180 60.22 5.26 -26.59
N ASN D 181 60.64 4.01 -26.57
CA ASN D 181 59.71 2.90 -26.67
C ASN D 181 60.36 1.66 -26.07
N PRO D 182 59.59 0.59 -25.87
CA PRO D 182 60.19 -0.63 -25.31
C PRO D 182 61.18 -1.29 -26.24
N GLU D 183 60.91 -1.28 -27.54
CA GLU D 183 61.69 -2.06 -28.47
C GLU D 183 63.15 -1.64 -28.46
N ALA D 184 63.40 -0.34 -28.56
CA ALA D 184 64.76 0.17 -28.49
C ALA D 184 65.45 -0.22 -27.20
N ALA D 185 64.67 -0.43 -26.14
CA ALA D 185 65.25 -0.92 -24.90
C ALA D 185 65.62 -2.39 -25.03
N ARG D 186 64.82 -3.15 -25.77
CA ARG D 186 65.19 -4.54 -26.02
C ARG D 186 66.37 -4.63 -26.97
N ALA D 187 66.44 -3.72 -27.93
CA ALA D 187 67.56 -3.72 -28.86
C ALA D 187 68.82 -3.21 -28.19
N ALA D 188 68.69 -2.24 -27.30
CA ALA D 188 69.82 -1.77 -26.50
C ALA D 188 70.14 -2.69 -25.34
N ASN D 189 69.46 -3.84 -25.25
CA ASN D 189 69.85 -4.91 -24.36
C ASN D 189 69.81 -6.22 -25.13
N ASN D 190 69.92 -7.35 -24.45
CA ASN D 190 69.86 -8.65 -25.11
C ASN D 190 68.41 -9.08 -25.31
N GLY D 191 67.68 -8.27 -26.06
CA GLY D 191 66.29 -8.53 -26.36
C GLY D 191 65.31 -8.33 -25.22
N ALA D 192 65.79 -8.08 -24.01
CA ALA D 192 64.95 -8.02 -22.83
C ALA D 192 64.63 -6.57 -22.48
N LEU D 193 63.55 -6.40 -21.72
CA LEU D 193 62.95 -5.10 -21.47
C LEU D 193 63.00 -4.76 -19.99
N PRO D 194 63.58 -3.63 -19.56
CA PRO D 194 63.45 -3.24 -18.17
C PRO D 194 62.00 -2.93 -17.85
N PRO D 195 61.44 -3.53 -16.80
CA PRO D 195 60.14 -3.06 -16.34
C PRO D 195 60.30 -1.75 -15.60
N ASP D 196 59.25 -0.94 -15.70
CA ASP D 196 59.15 0.26 -14.89
C ASP D 196 59.28 -0.07 -13.41
N LEU D 197 59.65 0.93 -12.63
CA LEU D 197 59.80 0.82 -11.19
C LEU D 197 58.75 1.61 -10.42
N SER D 198 57.78 2.20 -11.12
CA SER D 198 56.74 2.96 -10.45
C SER D 198 56.02 2.11 -9.43
N TYR D 199 55.45 0.99 -9.88
CA TYR D 199 54.64 0.10 -9.06
C TYR D 199 55.20 -1.31 -9.04
N ILE D 200 56.50 -1.45 -9.27
CA ILE D 200 57.09 -2.77 -9.30
C ILE D 200 57.05 -3.41 -7.92
N VAL D 201 57.14 -2.61 -6.87
CA VAL D 201 57.26 -3.18 -5.54
C VAL D 201 55.96 -3.88 -5.18
N ARG D 202 54.84 -3.19 -5.38
CA ARG D 202 53.54 -3.76 -5.12
C ARG D 202 53.11 -4.75 -6.18
N ALA D 203 53.82 -4.82 -7.30
CA ALA D 203 53.51 -5.73 -8.38
C ALA D 203 54.37 -6.99 -8.36
N ARG D 204 55.14 -7.19 -7.30
CA ARG D 204 56.03 -8.33 -7.21
C ARG D 204 55.96 -8.87 -5.80
N HIS D 205 55.73 -10.18 -5.69
CA HIS D 205 55.49 -10.79 -4.40
C HIS D 205 56.66 -10.55 -3.46
N GLY D 206 56.39 -9.85 -2.37
CA GLY D 206 57.36 -9.50 -1.38
C GLY D 206 57.85 -8.08 -1.50
N GLY D 207 57.82 -7.53 -2.70
CA GLY D 207 58.20 -6.15 -2.89
C GLY D 207 59.64 -5.85 -2.52
N GLU D 208 59.82 -5.15 -1.42
CA GLU D 208 61.13 -4.69 -1.02
C GLU D 208 62.09 -5.85 -0.78
N ASP D 209 61.64 -6.81 0.03
CA ASP D 209 62.49 -7.93 0.39
C ASP D 209 62.97 -8.67 -0.85
N TYR D 210 62.10 -8.82 -1.82
CA TYR D 210 62.48 -9.34 -3.12
C TYR D 210 63.56 -8.48 -3.75
N VAL D 211 63.23 -7.21 -3.93
CA VAL D 211 64.07 -6.30 -4.70
C VAL D 211 65.42 -6.12 -4.03
N PHE D 212 65.42 -5.97 -2.71
CA PHE D 212 66.68 -5.91 -1.99
C PHE D 212 67.45 -7.20 -2.19
N SER D 213 66.81 -8.33 -1.89
CA SER D 213 67.51 -9.60 -2.02
C SER D 213 67.76 -9.99 -3.45
N LEU D 214 67.19 -9.27 -4.41
CA LEU D 214 67.53 -9.51 -5.80
C LEU D 214 68.92 -8.99 -6.08
N LEU D 215 69.12 -7.70 -5.85
CA LEU D 215 70.41 -7.08 -6.11
C LEU D 215 71.51 -7.74 -5.29
N THR D 216 71.20 -8.09 -4.05
CA THR D 216 72.16 -8.66 -3.12
C THR D 216 72.06 -10.17 -3.08
N GLY D 217 71.82 -10.76 -4.24
CA GLY D 217 71.78 -12.20 -4.39
C GLY D 217 72.49 -12.66 -5.64
N TYR D 218 73.25 -11.77 -6.27
CA TYR D 218 74.12 -12.16 -7.36
C TYR D 218 75.25 -13.01 -6.83
N CYS D 219 75.39 -14.21 -7.38
CA CYS D 219 76.37 -15.16 -6.91
C CYS D 219 76.88 -15.96 -8.09
N GLU D 220 78.02 -16.60 -7.89
CA GLU D 220 78.57 -17.46 -8.92
C GLU D 220 77.58 -18.59 -9.19
N PRO D 221 77.43 -19.04 -10.43
CA PRO D 221 76.46 -20.09 -10.71
C PRO D 221 76.78 -21.37 -9.96
N PRO D 222 75.83 -22.28 -9.84
CA PRO D 222 76.11 -23.57 -9.23
C PRO D 222 76.63 -24.59 -10.24
N THR D 223 76.76 -25.82 -9.78
CA THR D 223 77.20 -26.90 -10.65
C THR D 223 76.15 -27.22 -11.70
N GLY D 224 76.64 -27.52 -12.90
CA GLY D 224 75.80 -28.06 -13.96
C GLY D 224 74.99 -27.04 -14.73
N VAL D 225 75.00 -25.78 -14.33
CA VAL D 225 74.18 -24.75 -14.94
C VAL D 225 74.99 -24.04 -16.02
N SER D 226 74.37 -23.85 -17.18
CA SER D 226 74.95 -23.07 -18.28
C SER D 226 73.95 -22.03 -18.73
N LEU D 227 74.48 -20.87 -19.12
CA LEU D 227 73.66 -19.70 -19.39
C LEU D 227 74.20 -18.94 -20.58
N ARG D 228 73.28 -18.43 -21.41
CA ARG D 228 73.63 -17.75 -22.63
C ARG D 228 74.31 -16.42 -22.33
N GLU D 229 74.62 -15.68 -23.39
CA GLU D 229 75.34 -14.44 -23.25
C GLU D 229 74.38 -13.32 -22.87
N GLY D 230 74.85 -12.42 -22.03
CA GLY D 230 74.04 -11.35 -21.48
C GLY D 230 73.35 -11.74 -20.21
N LEU D 231 72.81 -12.95 -20.16
CA LEU D 231 72.12 -13.40 -18.97
C LEU D 231 73.10 -13.52 -17.81
N TYR D 232 72.54 -13.69 -16.62
CA TYR D 232 73.31 -13.90 -15.42
C TYR D 232 72.47 -14.73 -14.48
N PHE D 233 73.02 -15.03 -13.31
CA PHE D 233 72.39 -15.89 -12.33
C PHE D 233 71.95 -15.09 -11.11
N ASN D 234 70.74 -15.39 -10.64
CA ASN D 234 70.22 -14.87 -9.40
C ASN D 234 69.04 -15.73 -9.02
N PRO D 235 69.00 -16.32 -7.82
CA PRO D 235 67.94 -17.30 -7.57
C PRO D 235 66.56 -16.71 -7.45
N TYR D 236 66.44 -15.50 -6.89
CA TYR D 236 65.13 -14.97 -6.55
C TYR D 236 64.28 -14.75 -7.79
N PHE D 237 64.87 -14.24 -8.86
CA PHE D 237 64.14 -14.05 -10.11
C PHE D 237 63.62 -15.40 -10.60
N PRO D 238 62.38 -15.48 -11.08
CA PRO D 238 61.85 -16.77 -11.53
C PRO D 238 62.61 -17.29 -12.74
N GLY D 239 62.79 -18.61 -12.79
CA GLY D 239 63.64 -19.23 -13.77
C GLY D 239 65.12 -19.20 -13.42
N GLN D 240 65.53 -18.38 -12.45
CA GLN D 240 66.92 -18.25 -12.05
C GLN D 240 67.81 -17.89 -13.22
N ALA D 241 67.26 -17.15 -14.18
CA ALA D 241 68.01 -16.74 -15.37
C ALA D 241 67.48 -15.38 -15.77
N ILE D 242 68.33 -14.37 -15.67
CA ILE D 242 67.91 -13.00 -15.83
C ILE D 242 68.88 -12.28 -16.76
N GLY D 243 68.35 -11.30 -17.49
CA GLY D 243 69.12 -10.51 -18.42
C GLY D 243 69.60 -9.24 -17.78
N MET D 244 69.79 -9.30 -16.47
CA MET D 244 70.10 -8.14 -15.65
C MET D 244 71.59 -8.04 -15.48
N ALA D 245 72.18 -7.04 -16.12
CA ALA D 245 73.55 -6.72 -15.80
C ALA D 245 73.64 -6.28 -14.35
N PRO D 246 74.66 -6.69 -13.62
CA PRO D 246 74.80 -6.21 -12.25
C PRO D 246 74.92 -4.69 -12.20
N PRO D 247 73.93 -3.99 -11.63
CA PRO D 247 73.89 -2.53 -11.74
C PRO D 247 74.63 -1.83 -10.62
N ILE D 248 74.71 -2.52 -9.49
CA ILE D 248 75.28 -2.00 -8.25
C ILE D 248 76.64 -2.63 -8.05
N TYR D 249 77.59 -1.85 -7.58
CA TYR D 249 78.77 -2.41 -6.96
C TYR D 249 79.28 -1.38 -5.96
N ASN D 250 80.09 -1.87 -5.03
CA ASN D 250 80.55 -1.05 -3.91
C ASN D 250 81.26 0.20 -4.41
N GLU D 251 80.74 1.35 -3.97
CA GLU D 251 81.23 2.66 -4.40
C GLU D 251 81.17 2.77 -5.91
N VAL D 252 80.02 2.38 -6.46
CA VAL D 252 79.72 2.75 -7.84
C VAL D 252 79.51 4.24 -7.97
N LEU D 253 79.14 4.91 -6.89
CA LEU D 253 78.96 6.36 -6.90
C LEU D 253 79.29 6.88 -5.52
N GLU D 254 78.91 8.13 -5.27
CA GLU D 254 79.08 8.74 -3.96
C GLU D 254 77.92 9.68 -3.71
N PHE D 255 77.44 9.67 -2.47
CA PHE D 255 76.26 10.45 -2.10
C PHE D 255 76.67 11.80 -1.55
N ASP D 256 75.67 12.60 -1.18
CA ASP D 256 75.91 14.00 -0.85
C ASP D 256 76.42 14.15 0.57
N ASP D 257 75.63 13.73 1.56
CA ASP D 257 76.06 13.83 2.94
C ASP D 257 77.33 13.02 3.20
N GLY D 258 77.57 11.98 2.43
CA GLY D 258 78.80 11.23 2.49
C GLY D 258 78.74 9.95 3.26
N THR D 259 77.59 9.28 3.29
CA THR D 259 77.47 8.02 3.98
C THR D 259 78.32 6.96 3.29
N PRO D 260 78.54 5.83 3.94
CA PRO D 260 79.25 4.74 3.26
C PRO D 260 78.46 4.21 2.09
N ALA D 261 78.94 4.44 0.88
CA ALA D 261 78.24 4.03 -0.34
C ALA D 261 78.50 2.56 -0.66
N THR D 262 78.20 1.71 0.31
CA THR D 262 78.36 0.30 0.13
C THR D 262 77.14 -0.28 -0.59
N MET D 263 77.31 -1.49 -1.10
CA MET D 263 76.26 -2.12 -1.90
C MET D 263 74.97 -2.28 -1.11
N SER D 264 75.05 -2.36 0.21
CA SER D 264 73.84 -2.52 1.00
C SER D 264 73.14 -1.19 1.22
N GLN D 265 73.85 -0.20 1.75
CA GLN D 265 73.24 1.09 2.08
C GLN D 265 72.62 1.74 0.86
N VAL D 266 73.18 1.48 -0.31
CA VAL D 266 72.51 1.86 -1.55
C VAL D 266 71.18 1.14 -1.65
N ALA D 267 71.22 -0.17 -1.46
CA ALA D 267 70.05 -1.00 -1.70
C ALA D 267 68.93 -0.69 -0.72
N LYS D 268 69.26 -0.17 0.46
CA LYS D 268 68.19 0.23 1.37
C LYS D 268 67.52 1.49 0.85
N ASP D 269 68.31 2.53 0.60
CA ASP D 269 67.72 3.83 0.25
C ASP D 269 66.96 3.76 -1.05
N VAL D 270 67.37 2.89 -1.97
CA VAL D 270 66.62 2.73 -3.21
C VAL D 270 65.33 1.98 -2.94
N CYS D 271 65.39 0.89 -2.19
CA CYS D 271 64.18 0.13 -1.93
C CYS D 271 63.25 0.93 -1.04
N THR D 272 63.82 1.77 -0.19
CA THR D 272 63.00 2.71 0.55
C THR D 272 62.36 3.70 -0.39
N PHE D 273 63.06 4.08 -1.45
CA PHE D 273 62.50 5.01 -2.42
C PHE D 273 61.35 4.39 -3.16
N LEU D 274 61.53 3.16 -3.65
CA LEU D 274 60.56 2.57 -4.55
C LEU D 274 59.22 2.38 -3.88
N ARG D 275 59.22 2.10 -2.59
CA ARG D 275 57.97 1.98 -1.87
C ARG D 275 57.23 3.31 -1.90
N TRP D 276 57.96 4.41 -1.78
CA TRP D 276 57.34 5.71 -1.85
C TRP D 276 56.77 5.97 -3.23
N ALA D 277 57.44 5.47 -4.26
CA ALA D 277 56.94 5.65 -5.61
C ALA D 277 55.58 5.00 -5.77
N ALA D 278 55.46 3.76 -5.32
CA ALA D 278 54.20 3.05 -5.32
C ALA D 278 53.35 3.35 -4.10
N GLU D 279 53.67 4.39 -3.37
CA GLU D 279 52.87 4.80 -2.25
C GLU D 279 53.26 6.22 -1.84
N PRO D 280 52.81 7.25 -2.57
CA PRO D 280 52.99 8.62 -2.08
C PRO D 280 52.12 8.99 -0.89
N GLU D 281 51.39 8.03 -0.31
CA GLU D 281 50.44 8.27 0.75
C GLU D 281 50.84 7.62 2.07
N HIS D 282 52.02 7.01 2.14
CA HIS D 282 52.41 6.24 3.31
C HIS D 282 52.40 7.08 4.56
N ASP D 283 52.94 8.30 4.47
CA ASP D 283 52.97 9.17 5.64
C ASP D 283 51.57 9.48 6.12
N HIS D 284 50.66 9.77 5.20
CA HIS D 284 49.30 10.15 5.55
C HIS D 284 48.42 8.94 5.73
N ARG D 285 48.79 7.80 5.15
CA ARG D 285 48.01 6.58 5.35
C ARG D 285 47.97 6.20 6.82
N LYS D 286 49.09 6.38 7.51
CA LYS D 286 49.16 5.98 8.90
C LYS D 286 48.50 7.01 9.81
N ARG D 287 48.49 8.28 9.40
CA ARG D 287 47.88 9.31 10.23
C ARG D 287 46.39 9.04 10.40
N MET D 288 45.66 8.99 9.28
CA MET D 288 44.32 8.45 9.33
C MET D 288 44.33 6.99 9.72
N GLY D 289 45.45 6.30 9.47
CA GLY D 289 45.66 4.98 10.03
C GLY D 289 45.56 4.97 11.54
N LEU D 290 45.98 6.06 12.18
CA LEU D 290 45.95 6.14 13.63
C LEU D 290 44.69 6.82 14.12
N LYS D 291 44.30 7.92 13.48
CA LYS D 291 43.12 8.66 13.93
C LYS D 291 41.89 7.79 13.97
N MET D 292 41.85 6.75 13.14
CA MET D 292 40.69 5.87 13.07
C MET D 292 40.43 5.21 14.42
N LEU D 293 41.44 4.50 14.94
CA LEU D 293 41.25 3.68 16.13
C LEU D 293 40.80 4.51 17.31
N LEU D 294 41.51 5.60 17.57
CA LEU D 294 41.22 6.40 18.74
C LEU D 294 39.89 7.13 18.65
N MET D 295 39.23 7.06 17.49
CA MET D 295 37.80 7.29 17.42
C MET D 295 37.04 5.99 17.62
N MET D 296 37.30 4.99 16.78
CA MET D 296 36.45 3.80 16.77
C MET D 296 36.61 3.02 18.07
N GLY D 297 37.84 2.86 18.54
CA GLY D 297 38.04 2.24 19.83
C GLY D 297 37.36 2.99 20.95
N LEU D 298 37.20 4.30 20.79
CA LEU D 298 36.50 5.11 21.77
C LEU D 298 34.99 5.09 21.55
N LEU D 299 34.56 5.16 20.29
CA LEU D 299 33.14 5.13 19.99
C LEU D 299 32.54 3.79 20.32
N LEU D 300 33.05 2.75 19.68
CA LEU D 300 32.50 1.41 19.59
C LEU D 300 32.01 0.86 20.93
N PRO D 301 32.64 1.18 22.06
CA PRO D 301 32.00 0.84 23.33
C PRO D 301 30.76 1.67 23.60
N LEU D 302 30.85 2.98 23.36
CA LEU D 302 29.73 3.86 23.68
C LEU D 302 28.49 3.46 22.91
N VAL D 303 28.66 3.17 21.63
CA VAL D 303 27.58 2.57 20.86
C VAL D 303 27.16 1.26 21.50
N TYR D 304 28.14 0.44 21.88
CA TYR D 304 27.83 -0.84 22.49
C TYR D 304 27.15 -0.66 23.83
N ALA D 305 27.27 0.51 24.44
CA ALA D 305 26.42 0.85 25.57
C ALA D 305 25.05 1.31 25.11
N MET D 306 25.02 2.19 24.11
CA MET D 306 23.75 2.72 23.63
C MET D 306 22.88 1.61 23.09
N LYS D 307 23.50 0.62 22.46
CA LYS D 307 22.78 -0.62 22.17
C LYS D 307 22.22 -1.18 23.45
N ARG D 308 23.10 -1.54 24.38
CA ARG D 308 22.67 -2.19 25.61
C ARG D 308 21.82 -1.26 26.46
N HIS D 309 21.87 0.05 26.22
CA HIS D 309 21.00 0.94 26.97
C HIS D 309 19.54 0.74 26.58
N LYS D 310 19.29 0.47 25.31
CA LYS D 310 17.91 0.31 24.84
C LYS D 310 17.43 -1.10 25.10
N TRP D 311 18.21 -2.09 24.67
CA TRP D 311 17.83 -3.49 24.81
C TRP D 311 17.62 -3.91 26.25
N SER D 312 18.17 -3.17 27.21
CA SER D 312 18.11 -3.58 28.60
C SER D 312 16.68 -3.66 29.10
N VAL D 313 15.73 -3.05 28.41
CA VAL D 313 14.33 -3.28 28.71
C VAL D 313 14.02 -4.75 28.59
N LEU D 314 14.61 -5.41 27.59
CA LEU D 314 14.24 -6.76 27.20
C LEU D 314 15.31 -7.78 27.50
N LYS D 315 16.53 -7.35 27.73
CA LYS D 315 17.48 -8.21 28.42
C LYS D 315 17.03 -8.53 29.82
N SER D 316 16.15 -7.72 30.40
CA SER D 316 15.63 -7.90 31.74
C SER D 316 14.11 -7.85 31.63
N ARG D 317 13.52 -9.02 31.46
CA ARG D 317 12.07 -9.15 31.33
C ARG D 317 11.68 -10.52 31.81
N LYS D 318 10.80 -10.56 32.80
CA LYS D 318 10.21 -11.79 33.29
C LYS D 318 8.77 -11.86 32.84
N LEU D 319 8.35 -13.06 32.45
CA LEU D 319 7.01 -13.33 31.96
C LEU D 319 6.30 -14.26 32.93
N ALA D 320 5.07 -14.63 32.55
CA ALA D 320 4.21 -15.38 33.44
C ALA D 320 3.09 -15.98 32.62
N TYR D 321 2.24 -16.74 33.30
CA TYR D 321 1.12 -17.42 32.68
C TYR D 321 0.10 -17.67 33.77
N ARG D 322 -0.91 -16.82 33.84
CA ARG D 322 -1.84 -16.75 34.97
C ARG D 322 -3.27 -16.94 34.50
N PRO D 323 -3.61 -18.14 34.02
CA PRO D 323 -4.98 -18.42 33.64
C PRO D 323 -5.83 -18.71 34.86
N PRO D 324 -7.12 -18.98 34.68
CA PRO D 324 -7.99 -19.45 35.76
C PRO D 324 -7.86 -20.95 36.01
N SER E 79 -6.00 -13.65 42.12
CA SER E 79 -6.57 -12.74 41.14
C SER E 79 -5.61 -11.59 40.88
N HIS E 80 -6.14 -10.47 40.35
CA HIS E 80 -5.32 -9.31 40.05
C HIS E 80 -4.73 -8.68 41.29
N THR E 81 -5.10 -9.12 42.48
CA THR E 81 -4.39 -8.75 43.70
C THR E 81 -3.29 -9.72 44.04
N ASP E 82 -3.48 -11.01 43.75
CA ASP E 82 -2.44 -12.00 43.96
C ASP E 82 -1.20 -11.75 43.11
N ILE E 83 -1.32 -10.91 42.08
CA ILE E 83 -0.19 -10.54 41.27
C ILE E 83 0.87 -9.84 42.12
N LYS E 84 2.11 -9.96 41.66
CA LYS E 84 3.24 -9.36 42.33
C LYS E 84 4.34 -9.15 41.30
N VAL E 85 5.13 -8.11 41.52
CA VAL E 85 6.24 -7.77 40.64
C VAL E 85 7.51 -8.35 41.24
N PRO E 86 8.35 -9.03 40.47
CA PRO E 86 9.63 -9.47 41.03
C PRO E 86 10.58 -8.33 41.34
N ASP E 87 11.77 -8.69 41.80
CA ASP E 87 12.77 -7.73 42.24
C ASP E 87 13.91 -7.76 41.24
N PHE E 88 14.13 -6.63 40.58
CA PHE E 88 15.22 -6.48 39.64
C PHE E 88 16.48 -5.95 40.31
N SER E 89 16.58 -6.07 41.63
CA SER E 89 17.72 -5.54 42.37
C SER E 89 19.03 -6.19 41.95
N ASP E 90 18.97 -7.37 41.31
CA ASP E 90 20.15 -7.91 40.66
C ASP E 90 20.56 -7.11 39.44
N TYR E 91 19.65 -6.24 38.93
CA TYR E 91 19.86 -5.53 37.69
C TYR E 91 19.87 -4.01 37.82
N ARG E 92 19.31 -3.45 38.88
CA ARG E 92 19.13 -2.01 38.96
C ARG E 92 20.47 -1.28 39.02
N ARG E 93 20.37 0.04 39.05
CA ARG E 93 21.48 0.89 39.40
C ARG E 93 21.66 0.87 40.91
N PRO E 94 22.86 1.15 41.41
CA PRO E 94 23.04 1.19 42.86
C PRO E 94 22.29 2.32 43.52
N GLU E 95 22.06 3.42 42.81
CA GLU E 95 21.46 4.62 43.38
C GLU E 95 20.03 4.41 43.85
N VAL E 96 19.37 3.34 43.42
CA VAL E 96 17.94 3.15 43.62
C VAL E 96 17.60 1.87 44.37
N LEU E 97 18.60 1.06 44.74
CA LEU E 97 18.31 -0.21 45.37
C LEU E 97 17.58 -0.07 46.69
N ASP E 98 17.69 1.07 47.34
CA ASP E 98 17.12 1.27 48.68
C ASP E 98 15.68 1.70 48.49
N SER E 99 14.75 0.75 48.60
CA SER E 99 13.34 1.04 48.42
C SER E 99 12.82 2.09 49.40
N THR E 100 13.47 2.26 50.54
CA THR E 100 13.02 3.24 51.52
C THR E 100 13.29 4.67 51.07
N LYS E 101 14.26 4.87 50.18
CA LYS E 101 14.63 6.21 49.74
C LYS E 101 13.64 6.69 48.71
N SER E 102 13.96 7.80 48.05
CA SER E 102 13.21 8.29 46.91
C SER E 102 14.12 8.40 45.70
N SER E 103 13.49 8.48 44.54
CA SER E 103 14.16 8.89 43.32
C SER E 103 14.24 10.41 43.35
N LYS E 104 14.53 11.01 42.20
CA LYS E 104 14.46 12.44 41.94
C LYS E 104 15.67 13.17 42.53
N GLU E 105 16.53 12.51 43.31
CA GLU E 105 17.77 13.07 43.79
C GLU E 105 18.97 12.51 43.03
N SER E 106 18.80 11.34 42.43
CA SER E 106 19.78 10.77 41.51
C SER E 106 19.25 10.67 40.09
N SER E 107 17.94 10.84 39.90
CA SER E 107 17.34 10.81 38.56
C SER E 107 18.06 11.76 37.62
N GLU E 108 18.19 13.01 38.04
CA GLU E 108 18.87 14.01 37.25
C GLU E 108 20.29 13.57 36.88
N ALA E 109 20.91 12.73 37.71
CA ALA E 109 22.20 12.17 37.37
C ALA E 109 22.05 10.94 36.49
N ARG E 110 21.06 10.10 36.78
CA ARG E 110 20.86 8.89 36.00
C ARG E 110 20.61 9.23 34.54
N LYS E 111 19.74 10.20 34.30
CA LYS E 111 19.47 10.62 32.95
C LYS E 111 20.63 11.41 32.36
N GLY E 112 21.56 11.86 33.19
CA GLY E 112 22.68 12.62 32.70
C GLY E 112 23.75 11.73 32.13
N PHE E 113 24.06 10.66 32.85
CA PHE E 113 25.15 9.79 32.44
C PHE E 113 24.83 9.10 31.13
N SER E 114 23.61 8.60 30.99
CA SER E 114 23.26 7.86 29.79
C SER E 114 23.25 8.78 28.58
N TYR E 115 22.57 9.92 28.68
CA TYR E 115 22.52 10.86 27.59
C TYR E 115 23.89 11.42 27.28
N LEU E 116 24.77 11.48 28.28
CA LEU E 116 26.14 11.91 28.02
C LEU E 116 26.82 10.97 27.04
N VAL E 117 26.46 9.70 27.06
CA VAL E 117 27.02 8.79 26.09
C VAL E 117 26.52 9.16 24.71
N THR E 118 25.24 9.52 24.62
CA THR E 118 24.63 9.81 23.34
C THR E 118 25.28 11.02 22.69
N ALA E 119 25.63 12.01 23.51
CA ALA E 119 26.28 13.19 22.98
C ALA E 119 27.67 12.87 22.47
N THR E 120 28.53 12.39 23.37
CA THR E 120 29.92 12.11 23.06
C THR E 120 30.05 11.18 21.87
N THR E 121 29.07 10.31 21.67
CA THR E 121 28.96 9.59 20.42
C THR E 121 28.83 10.58 19.27
N THR E 122 27.78 11.40 19.33
CA THR E 122 27.47 12.34 18.28
C THR E 122 28.60 13.33 18.07
N VAL E 123 29.40 13.59 19.09
CA VAL E 123 30.60 14.40 18.94
C VAL E 123 31.51 13.76 17.91
N GLY E 124 31.89 12.51 18.14
CA GLY E 124 32.83 11.85 17.25
C GLY E 124 32.27 11.62 15.87
N VAL E 125 30.95 11.44 15.77
CA VAL E 125 30.31 11.27 14.48
C VAL E 125 30.59 12.47 13.60
N ALA E 126 30.48 13.66 14.17
CA ALA E 126 30.69 14.87 13.39
C ALA E 126 32.15 14.98 12.96
N TYR E 127 33.07 14.58 13.82
CA TYR E 127 34.48 14.66 13.48
C TYR E 127 34.78 13.79 12.27
N ALA E 128 34.41 12.51 12.35
CA ALA E 128 34.63 11.60 11.23
C ALA E 128 33.87 12.07 10.01
N ALA E 129 32.75 12.72 10.20
CA ALA E 129 31.94 13.16 9.08
C ALA E 129 32.48 14.44 8.46
N LYS E 130 32.96 15.37 9.30
CA LYS E 130 33.46 16.62 8.77
C LYS E 130 34.68 16.41 7.91
N ASN E 131 35.48 15.40 8.22
CA ASN E 131 36.70 15.15 7.47
C ASN E 131 36.39 14.40 6.18
N VAL E 132 35.70 13.27 6.31
CA VAL E 132 35.49 12.37 5.18
C VAL E 132 34.73 13.07 4.06
N VAL E 133 33.81 13.94 4.43
CA VAL E 133 33.05 14.66 3.41
C VAL E 133 33.98 15.58 2.65
N SER E 134 34.85 16.29 3.37
CA SER E 134 35.80 17.17 2.71
C SER E 134 36.85 16.40 1.93
N GLN E 135 37.00 15.09 2.20
CA GLN E 135 37.91 14.31 1.38
C GLN E 135 37.40 14.22 -0.04
N PHE E 136 36.13 13.83 -0.21
CA PHE E 136 35.55 13.76 -1.53
C PHE E 136 35.56 15.14 -2.19
N VAL E 137 35.13 16.15 -1.44
CA VAL E 137 34.97 17.48 -1.99
C VAL E 137 36.30 18.05 -2.46
N SER E 138 37.40 17.57 -1.88
CA SER E 138 38.70 17.93 -2.40
C SER E 138 39.04 17.17 -3.67
N SER E 139 38.35 16.07 -3.95
CA SER E 139 38.53 15.40 -5.22
C SER E 139 37.90 16.18 -6.35
N MET E 140 36.68 16.66 -6.14
CA MET E 140 36.07 17.59 -7.08
C MET E 140 36.93 18.84 -7.27
N SER E 141 37.75 19.20 -6.29
CA SER E 141 38.62 20.35 -6.44
C SER E 141 39.69 20.03 -7.46
N ALA E 142 40.55 21.01 -7.68
CA ALA E 142 41.61 20.84 -8.65
C ALA E 142 42.63 19.84 -8.14
N SER E 143 43.09 18.99 -9.03
CA SER E 143 44.11 18.01 -8.68
C SER E 143 45.44 18.69 -8.45
N ALA E 144 46.47 17.88 -8.22
CA ALA E 144 47.80 18.42 -8.04
C ALA E 144 48.43 18.79 -9.38
N ASP E 145 48.11 18.04 -10.43
CA ASP E 145 48.75 18.29 -11.72
C ASP E 145 48.38 19.65 -12.26
N VAL E 146 47.14 20.06 -12.05
CA VAL E 146 46.68 21.32 -12.62
C VAL E 146 47.38 22.48 -11.94
N LEU E 147 47.63 22.35 -10.64
CA LEU E 147 48.21 23.46 -9.91
C LEU E 147 49.63 23.74 -10.38
N ALA E 148 50.39 22.70 -10.70
CA ALA E 148 51.74 22.90 -11.20
C ALA E 148 51.75 23.62 -12.53
N MET E 149 50.66 23.56 -13.28
CA MET E 149 50.49 24.34 -14.50
C MET E 149 49.75 25.64 -14.25
N SER E 150 49.47 25.97 -12.99
CA SER E 150 48.68 27.15 -12.69
C SER E 150 49.54 28.41 -12.68
N LYS E 151 50.50 28.47 -11.75
CA LYS E 151 51.24 29.70 -11.56
C LYS E 151 52.37 29.85 -12.57
N ILE E 152 52.94 28.76 -13.02
CA ILE E 152 54.12 28.83 -13.85
C ILE E 152 53.72 29.10 -15.29
N GLU E 153 54.40 30.07 -15.91
CA GLU E 153 54.33 30.21 -17.35
C GLU E 153 55.61 30.94 -17.76
N ILE E 154 56.58 30.18 -18.24
CA ILE E 154 57.90 30.73 -18.57
C ILE E 154 57.83 31.12 -20.04
N LYS E 155 57.40 32.36 -20.27
CA LYS E 155 57.38 32.93 -21.61
C LYS E 155 58.77 33.42 -21.99
N LEU E 156 58.89 33.97 -23.19
CA LEU E 156 60.14 34.53 -23.68
C LEU E 156 59.91 35.88 -24.35
N GLU E 161 58.45 41.47 -31.02
CA GLU E 161 57.83 42.78 -31.06
C GLU E 161 57.18 43.04 -32.42
N GLY E 162 55.86 43.19 -32.42
CA GLY E 162 55.09 43.39 -33.63
C GLY E 162 54.33 42.15 -34.04
N LYS E 163 53.75 41.46 -33.05
CA LYS E 163 53.02 40.22 -33.31
C LYS E 163 51.93 40.08 -32.25
N ASN E 164 50.90 39.30 -32.61
CA ASN E 164 49.77 39.05 -31.72
C ASN E 164 50.00 37.73 -30.99
N MET E 165 50.84 37.81 -29.94
CA MET E 165 51.17 36.64 -29.15
C MET E 165 50.00 36.31 -28.23
N ALA E 166 49.33 35.20 -28.51
CA ALA E 166 48.23 34.69 -27.69
C ALA E 166 48.48 33.21 -27.45
N PHE E 167 48.77 32.84 -26.20
CA PHE E 167 49.12 31.48 -25.84
C PHE E 167 48.23 31.00 -24.70
N LYS E 168 47.91 29.71 -24.73
CA LYS E 168 47.03 29.13 -23.75
C LYS E 168 47.69 29.09 -22.38
N TRP E 169 46.90 29.30 -21.35
CA TRP E 169 47.40 29.32 -19.98
C TRP E 169 46.21 29.24 -19.03
N ARG E 170 46.28 28.30 -18.09
CA ARG E 170 45.14 27.97 -17.23
C ARG E 170 43.91 27.66 -18.05
N GLY E 171 44.10 27.04 -19.21
CA GLY E 171 43.03 26.87 -20.18
C GLY E 171 42.42 28.16 -20.66
N LYS E 172 43.09 29.30 -20.45
CA LYS E 172 42.66 30.60 -20.89
C LYS E 172 43.75 31.22 -21.76
N PRO E 173 43.48 32.31 -22.46
CA PRO E 173 44.50 32.91 -23.31
C PRO E 173 45.45 33.81 -22.54
N LEU E 174 46.61 34.05 -23.15
CA LEU E 174 47.62 34.96 -22.62
C LEU E 174 48.02 35.91 -23.75
N PHE E 175 47.38 37.07 -23.82
CA PHE E 175 47.70 38.04 -24.85
C PHE E 175 48.93 38.82 -24.44
N VAL E 176 49.98 38.72 -25.25
CA VAL E 176 51.20 39.49 -25.07
C VAL E 176 51.67 39.97 -26.43
N ILE E 184 52.93 52.42 -27.12
CA ILE E 184 53.67 53.06 -26.05
C ILE E 184 54.15 54.42 -26.52
N ASP E 185 54.47 54.51 -27.82
CA ASP E 185 54.75 55.81 -28.42
C ASP E 185 53.46 56.60 -28.60
N GLN E 186 52.44 55.95 -29.17
CA GLN E 186 51.12 56.53 -29.34
C GLN E 186 50.13 56.07 -28.28
N GLU E 187 50.42 54.96 -27.59
CA GLU E 187 49.48 54.45 -26.59
C GLU E 187 49.27 55.44 -25.46
N ALA E 188 50.34 56.11 -25.05
CA ALA E 188 50.22 57.09 -23.98
C ALA E 188 49.47 58.34 -24.43
N ALA E 189 49.33 58.55 -25.73
CA ALA E 189 48.64 59.73 -26.23
C ALA E 189 47.16 59.74 -25.84
N VAL E 190 46.56 58.55 -25.68
CA VAL E 190 45.14 58.47 -25.39
C VAL E 190 44.86 59.10 -24.02
N GLU E 191 43.73 59.81 -23.93
CA GLU E 191 43.34 60.45 -22.68
C GLU E 191 42.68 59.44 -21.76
N VAL E 192 43.16 59.37 -20.52
CA VAL E 192 42.60 58.42 -19.56
C VAL E 192 41.23 58.89 -19.07
N SER E 193 41.04 60.20 -18.91
CA SER E 193 39.75 60.71 -18.47
C SER E 193 38.65 60.40 -19.49
N GLN E 194 39.01 60.39 -20.77
CA GLN E 194 38.04 60.07 -21.81
C GLN E 194 37.60 58.62 -21.75
N LEU E 195 38.49 57.73 -21.29
CA LEU E 195 38.19 56.31 -21.28
C LEU E 195 37.01 56.00 -20.37
N ARG E 196 36.25 54.96 -20.75
CA ARG E 196 35.16 54.48 -19.92
C ARG E 196 35.66 54.06 -18.55
N ASP E 197 36.87 53.52 -18.47
CA ASP E 197 37.51 53.12 -17.22
C ASP E 197 38.80 53.92 -17.06
N PRO E 198 38.89 54.91 -16.15
CA PRO E 198 40.12 55.69 -16.07
C PRO E 198 41.29 54.87 -15.57
N GLN E 199 42.24 54.57 -16.45
CA GLN E 199 43.35 53.70 -16.09
C GLN E 199 44.44 53.88 -17.12
N HIS E 200 45.63 54.24 -16.65
CA HIS E 200 46.76 54.52 -17.53
C HIS E 200 47.43 53.21 -17.94
N ASP E 201 48.18 53.28 -19.05
CA ASP E 201 48.90 52.10 -19.56
C ASP E 201 49.87 51.56 -18.51
N LEU E 202 50.84 52.38 -18.11
CA LEU E 202 51.88 51.91 -17.20
C LEU E 202 51.34 51.53 -15.82
N GLU E 203 50.11 51.92 -15.48
CA GLU E 203 49.45 51.31 -14.33
C GLU E 203 49.24 49.82 -14.57
N ARG E 204 48.87 49.46 -15.80
CA ARG E 204 48.56 48.07 -16.11
C ARG E 204 49.82 47.21 -16.18
N VAL E 205 50.84 47.70 -16.88
CA VAL E 205 52.04 46.94 -17.12
C VAL E 205 53.12 47.35 -16.12
N LYS E 206 54.19 46.59 -16.09
CA LYS E 206 55.39 46.90 -15.32
C LYS E 206 56.53 47.37 -16.20
N LYS E 207 56.83 46.61 -17.26
CA LYS E 207 57.62 47.13 -18.38
C LYS E 207 56.70 47.84 -19.37
N PRO E 208 57.10 48.96 -19.97
CA PRO E 208 56.23 49.57 -20.97
C PRO E 208 56.02 48.70 -22.20
N GLU E 209 57.07 48.04 -22.68
CA GLU E 209 57.04 47.35 -23.96
C GLU E 209 56.74 45.86 -23.81
N TRP E 210 56.02 45.49 -22.76
CA TRP E 210 55.57 44.09 -22.56
C TRP E 210 54.16 44.17 -21.98
N VAL E 211 53.18 44.07 -22.87
CA VAL E 211 51.78 44.09 -22.48
C VAL E 211 51.37 42.69 -22.06
N ILE E 212 50.59 42.61 -20.98
CA ILE E 212 50.07 41.33 -20.49
C ILE E 212 48.62 41.55 -20.09
N LEU E 213 47.78 40.58 -20.44
CA LEU E 213 46.40 40.59 -19.96
C LEU E 213 45.75 39.23 -20.22
N ILE E 214 44.70 38.96 -19.46
CA ILE E 214 43.88 37.79 -19.68
C ILE E 214 42.92 38.12 -20.82
N GLY E 215 43.02 37.37 -21.91
CA GLY E 215 42.21 37.63 -23.08
C GLY E 215 40.76 37.23 -22.89
N VAL E 216 40.06 37.96 -22.03
CA VAL E 216 38.65 37.76 -21.75
C VAL E 216 37.92 39.05 -22.09
N CYS E 217 37.16 39.03 -23.19
CA CYS E 217 36.25 40.14 -23.49
C CYS E 217 35.33 40.36 -22.30
N THR E 218 35.35 41.57 -21.76
CA THR E 218 34.75 41.81 -20.45
C THR E 218 33.24 41.56 -20.46
N HIS E 219 32.60 41.65 -21.62
CA HIS E 219 31.15 41.53 -21.70
C HIS E 219 30.67 40.16 -21.26
N LEU E 220 30.98 39.12 -22.05
CA LEU E 220 30.37 37.81 -21.86
C LEU E 220 31.36 36.67 -22.10
N GLY E 221 32.65 36.92 -21.90
CA GLY E 221 33.64 35.86 -21.91
C GLY E 221 33.94 35.21 -23.25
N CYS E 222 34.59 35.94 -24.15
CA CYS E 222 34.98 35.41 -25.47
C CYS E 222 36.48 35.62 -25.65
N VAL E 223 36.95 35.37 -26.86
CA VAL E 223 38.35 35.56 -27.24
C VAL E 223 38.42 36.79 -28.13
N PRO E 224 38.93 37.91 -27.66
CA PRO E 224 39.25 39.01 -28.57
C PRO E 224 40.34 38.60 -29.54
N ILE E 225 40.45 39.37 -30.62
CA ILE E 225 41.52 39.20 -31.61
C ILE E 225 42.36 40.47 -31.59
N ALA E 226 43.68 40.28 -31.63
CA ALA E 226 44.62 41.39 -31.51
C ALA E 226 44.92 41.94 -32.90
N ASN E 227 44.81 43.26 -33.05
CA ASN E 227 45.01 43.94 -34.32
C ASN E 227 44.09 43.35 -35.40
N TYR E 235 40.52 42.60 -29.87
CA TYR E 235 39.27 43.08 -30.44
C TYR E 235 38.16 42.04 -30.26
N CYS E 236 37.23 42.31 -29.33
CA CYS E 236 36.12 41.42 -29.04
C CYS E 236 35.29 41.22 -30.30
N PRO E 237 35.31 40.02 -30.95
CA PRO E 237 34.57 39.88 -32.21
C PRO E 237 33.08 39.69 -32.00
N CYS E 238 32.70 38.99 -30.94
CA CYS E 238 31.29 38.68 -30.71
C CYS E 238 30.47 39.92 -30.39
N HIS E 239 31.12 41.04 -30.04
CA HIS E 239 30.41 42.29 -29.82
C HIS E 239 31.13 43.51 -30.39
N GLY E 240 32.28 43.34 -31.04
CA GLY E 240 32.94 44.44 -31.72
C GLY E 240 33.37 45.55 -30.78
N SER E 241 34.19 45.21 -29.79
CA SER E 241 34.70 46.17 -28.81
C SER E 241 36.13 46.50 -29.19
N HIS E 242 36.36 47.75 -29.59
CA HIS E 242 37.68 48.16 -30.03
C HIS E 242 38.65 48.27 -28.86
N TYR E 243 39.87 47.80 -29.08
CA TYR E 243 40.91 47.80 -28.06
C TYR E 243 42.21 48.35 -28.63
N ASP E 244 43.04 48.83 -27.72
CA ASP E 244 44.34 49.39 -28.05
C ASP E 244 45.35 48.28 -28.29
N ALA E 245 46.58 48.68 -28.64
CA ALA E 245 47.69 47.73 -28.60
C ALA E 245 47.93 47.25 -27.19
N SER E 246 47.62 48.09 -26.19
CA SER E 246 47.77 47.74 -24.79
C SER E 246 46.63 46.92 -24.24
N GLY E 247 45.50 46.86 -24.95
CA GLY E 247 44.32 46.16 -24.48
C GLY E 247 43.28 47.04 -23.81
N ARG E 248 43.58 48.31 -23.61
CA ARG E 248 42.58 49.20 -23.05
C ARG E 248 41.44 49.38 -24.04
N ILE E 249 40.27 49.64 -23.50
CA ILE E 249 39.07 49.83 -24.30
C ILE E 249 39.10 51.22 -24.94
N ARG E 250 38.52 51.31 -26.14
CA ARG E 250 38.24 52.61 -26.76
C ARG E 250 36.77 52.70 -27.14
N LYS E 251 36.23 51.62 -27.68
CA LYS E 251 34.81 51.47 -27.92
C LYS E 251 34.36 50.11 -27.41
N GLY E 252 33.33 50.12 -26.57
CA GLY E 252 32.93 48.92 -25.90
C GLY E 252 31.49 48.84 -25.43
N PRO E 253 30.83 47.75 -25.81
CA PRO E 253 29.98 47.07 -24.82
C PRO E 253 30.82 46.58 -23.65
N ALA E 254 32.10 46.30 -23.91
CA ALA E 254 33.09 46.07 -22.89
C ALA E 254 33.20 47.22 -21.88
N PRO E 255 32.77 47.03 -20.63
CA PRO E 255 32.86 48.15 -19.67
C PRO E 255 34.26 48.50 -19.26
N LEU E 256 35.05 47.49 -18.90
CA LEU E 256 36.38 47.69 -18.34
C LEU E 256 37.44 47.48 -19.40
N ASN E 257 38.62 48.02 -19.12
CA ASN E 257 39.83 47.54 -19.76
C ASN E 257 40.04 46.08 -19.35
N LEU E 258 40.71 45.33 -20.20
CA LEU E 258 40.81 43.90 -20.02
C LEU E 258 41.60 43.55 -18.76
N GLU E 259 41.25 42.42 -18.16
CA GLU E 259 41.89 41.99 -16.92
C GLU E 259 43.37 41.75 -17.12
N VAL E 260 44.17 42.25 -16.19
CA VAL E 260 45.61 42.03 -16.17
C VAL E 260 45.91 41.04 -15.05
N PRO E 261 46.66 39.98 -15.28
CA PRO E 261 47.05 39.10 -14.18
C PRO E 261 48.21 39.69 -13.39
N SER E 262 48.32 39.22 -12.14
CA SER E 262 49.53 39.45 -11.37
C SER E 262 50.65 38.58 -11.91
N TYR E 263 51.84 39.16 -12.05
CA TYR E 263 52.96 38.45 -12.64
C TYR E 263 54.27 38.96 -12.07
N GLU E 264 55.37 38.45 -12.61
CA GLU E 264 56.71 38.75 -12.11
C GLU E 264 57.70 38.46 -13.21
N PHE E 265 58.75 39.28 -13.28
CA PHE E 265 59.83 39.12 -14.24
C PHE E 265 61.08 38.68 -13.48
N THR E 266 61.49 37.43 -13.71
CA THR E 266 62.75 36.96 -13.17
C THR E 266 63.92 37.63 -13.90
N SER E 267 63.86 37.64 -15.22
CA SER E 267 64.88 38.26 -16.06
C SER E 267 64.18 38.92 -17.23
N ASP E 268 64.97 39.52 -18.10
CA ASP E 268 64.44 40.22 -19.26
C ASP E 268 64.17 39.29 -20.44
N ASP E 269 64.34 37.98 -20.27
CA ASP E 269 63.99 36.99 -21.27
C ASP E 269 63.00 35.94 -20.76
N MET E 270 62.46 36.12 -19.55
CA MET E 270 61.53 35.17 -18.98
C MET E 270 60.50 35.89 -18.14
N VAL E 271 59.38 35.24 -17.92
CA VAL E 271 58.25 35.80 -17.19
C VAL E 271 57.68 34.73 -16.29
N ILE E 272 57.09 35.16 -15.18
CA ILE E 272 56.36 34.30 -14.27
C ILE E 272 54.96 34.89 -14.15
N VAL E 273 54.03 34.41 -14.96
CA VAL E 273 52.68 34.92 -14.99
C VAL E 273 51.89 34.19 -13.91
N GLY E 274 51.56 34.89 -12.84
CA GLY E 274 50.82 34.31 -11.75
C GLY E 274 51.01 35.09 -10.46
N TRP F 13 20.19 -51.69 19.37
CA TRP F 13 19.03 -51.17 20.08
C TRP F 13 18.80 -49.77 19.66
N LEU F 14 17.52 -49.42 19.54
CA LEU F 14 17.12 -48.13 19.00
C LEU F 14 16.83 -47.13 20.10
N GLU F 15 15.80 -47.37 20.92
CA GLU F 15 15.16 -46.35 21.74
C GLU F 15 16.13 -45.56 22.61
N GLY F 16 17.33 -46.10 22.84
CA GLY F 16 18.34 -45.31 23.51
C GLY F 16 18.87 -44.16 22.67
N ILE F 17 18.53 -44.13 21.39
CA ILE F 17 19.01 -43.09 20.48
C ILE F 17 17.99 -41.97 20.33
N ARG F 18 16.70 -42.30 20.23
CA ARG F 18 15.67 -41.27 20.17
C ARG F 18 15.76 -40.39 21.40
N LYS F 19 15.93 -41.01 22.56
CA LYS F 19 16.02 -40.26 23.80
C LYS F 19 17.26 -39.39 23.82
N TRP F 20 18.29 -39.77 23.07
CA TRP F 20 19.52 -38.99 23.07
C TRP F 20 19.44 -37.84 22.10
N TYR F 21 19.03 -38.11 20.87
CA TYR F 21 18.79 -37.08 19.88
C TYR F 21 17.90 -35.99 20.44
N TYR F 22 16.83 -36.38 21.12
CA TYR F 22 15.92 -35.42 21.73
C TYR F 22 16.61 -34.57 22.78
N ASN F 23 17.74 -35.03 23.33
CA ASN F 23 18.51 -34.23 24.26
C ASN F 23 19.53 -33.36 23.57
N ALA F 24 19.92 -33.71 22.34
CA ALA F 24 20.93 -32.97 21.62
C ALA F 24 20.36 -31.89 20.72
N ALA F 25 19.08 -32.01 20.36
CA ALA F 25 18.46 -31.00 19.52
C ALA F 25 18.37 -29.65 20.20
N GLY F 26 18.39 -29.63 21.52
CA GLY F 26 18.35 -28.41 22.28
C GLY F 26 16.98 -28.03 22.79
N PHE F 27 15.93 -28.44 22.10
CA PHE F 27 14.63 -27.87 22.38
C PHE F 27 13.93 -28.49 23.58
N ASN F 28 14.66 -29.22 24.42
CA ASN F 28 14.24 -29.45 25.78
C ASN F 28 14.92 -28.48 26.74
N LYS F 29 15.97 -27.81 26.29
CA LYS F 29 16.66 -26.82 27.11
C LYS F 29 15.98 -25.47 27.09
N LEU F 30 14.81 -25.36 26.46
CA LEU F 30 14.10 -24.08 26.34
C LEU F 30 12.64 -24.23 26.71
N GLY F 31 12.32 -25.20 27.56
CA GLY F 31 10.96 -25.35 28.02
C GLY F 31 9.98 -25.72 26.93
N LEU F 32 10.45 -26.14 25.78
CA LEU F 32 9.60 -26.43 24.65
C LEU F 32 9.26 -27.91 24.59
N MET F 33 8.36 -28.23 23.67
CA MET F 33 8.03 -29.59 23.30
C MET F 33 8.34 -29.76 21.82
N ARG F 34 7.95 -30.91 21.29
CA ARG F 34 8.28 -31.34 19.95
C ARG F 34 7.38 -30.69 18.90
N ASP F 35 6.08 -30.69 19.16
CA ASP F 35 5.14 -30.09 18.22
C ASP F 35 5.33 -28.59 18.12
N ASP F 36 5.97 -27.97 19.12
CA ASP F 36 6.16 -26.53 19.11
C ASP F 36 6.96 -26.08 17.90
N THR F 37 7.98 -26.83 17.55
CA THR F 37 9.01 -26.36 16.63
C THR F 37 8.71 -26.66 15.18
N ILE F 38 7.50 -27.13 14.88
CA ILE F 38 7.24 -27.61 13.54
C ILE F 38 7.20 -26.47 12.56
N HIS F 39 7.68 -26.74 11.36
CA HIS F 39 7.51 -25.81 10.26
C HIS F 39 6.04 -25.53 10.05
N GLU F 40 5.71 -24.26 9.99
CA GLU F 40 4.33 -23.85 9.82
C GLU F 40 4.00 -23.77 8.34
N ASN F 41 2.97 -24.51 7.93
CA ASN F 41 2.42 -24.42 6.60
C ASN F 41 0.90 -24.46 6.70
N ASP F 42 0.25 -24.49 5.54
CA ASP F 42 -1.21 -24.51 5.50
C ASP F 42 -1.76 -25.73 6.21
N ASP F 43 -1.09 -26.87 6.05
CA ASP F 43 -1.55 -28.09 6.68
C ASP F 43 -1.51 -27.97 8.20
N VAL F 44 -0.54 -27.23 8.72
CA VAL F 44 -0.34 -27.14 10.16
C VAL F 44 -1.16 -25.99 10.74
N LYS F 45 -1.20 -24.86 10.03
CA LYS F 45 -2.04 -23.74 10.47
C LYS F 45 -3.47 -24.16 10.70
N GLU F 46 -3.96 -25.14 9.93
CA GLU F 46 -5.28 -25.70 10.19
C GLU F 46 -5.36 -26.26 11.58
N ALA F 47 -4.37 -27.07 11.96
CA ALA F 47 -4.45 -27.77 13.23
C ALA F 47 -4.33 -26.79 14.39
N ILE F 48 -3.40 -25.85 14.29
CA ILE F 48 -3.20 -24.90 15.36
C ILE F 48 -4.42 -24.00 15.50
N ARG F 49 -5.19 -23.84 14.42
CA ARG F 49 -6.47 -23.18 14.54
C ARG F 49 -7.48 -24.05 15.26
N ARG F 50 -7.36 -25.37 15.14
CA ARG F 50 -8.37 -26.28 15.64
C ARG F 50 -8.19 -26.64 17.10
N LEU F 51 -7.11 -26.20 17.73
CA LEU F 51 -6.86 -26.64 19.08
C LEU F 51 -7.80 -25.96 20.07
N PRO F 52 -7.92 -26.52 21.27
CA PRO F 52 -8.69 -25.87 22.32
C PRO F 52 -7.87 -24.83 23.06
N GLU F 53 -8.59 -23.99 23.80
CA GLU F 53 -7.99 -22.84 24.46
C GLU F 53 -6.94 -23.28 25.48
N ASN F 54 -7.29 -24.25 26.33
CA ASN F 54 -6.44 -24.63 27.44
C ASN F 54 -5.09 -25.11 26.97
N LEU F 55 -5.08 -25.79 25.83
CA LEU F 55 -3.85 -26.27 25.25
C LEU F 55 -3.22 -25.23 24.33
N TYR F 56 -4.03 -24.37 23.74
CA TYR F 56 -3.52 -23.43 22.75
C TYR F 56 -2.66 -22.37 23.42
N ASP F 57 -3.21 -21.71 24.43
CA ASP F 57 -2.42 -20.77 25.21
C ASP F 57 -1.20 -21.46 25.80
N ASP F 58 -1.33 -22.76 26.13
CA ASP F 58 -0.19 -23.51 26.64
C ASP F 58 0.86 -23.71 25.56
N ARG F 59 0.48 -23.61 24.29
CA ARG F 59 1.49 -23.58 23.24
C ARG F 59 2.18 -22.24 23.23
N VAL F 60 1.41 -21.18 23.43
CA VAL F 60 1.93 -19.83 23.26
C VAL F 60 3.04 -19.58 24.26
N PHE F 61 2.78 -19.87 25.53
CA PHE F 61 3.72 -19.50 26.56
C PHE F 61 5.01 -20.30 26.45
N ARG F 62 4.93 -21.54 26.00
CA ARG F 62 6.14 -22.31 25.78
C ARG F 62 7.03 -21.61 24.75
N ILE F 63 6.41 -21.03 23.73
CA ILE F 63 7.18 -20.34 22.71
C ILE F 63 7.65 -19.00 23.24
N LYS F 64 6.77 -18.28 23.91
CA LYS F 64 6.99 -16.87 24.22
C LYS F 64 8.18 -16.69 25.13
N ARG F 65 8.57 -17.71 25.89
CA ARG F 65 9.73 -17.63 26.75
C ARG F 65 10.96 -18.20 26.08
N ALA F 66 10.79 -19.19 25.21
CA ALA F 66 11.94 -19.74 24.51
C ALA F 66 12.54 -18.69 23.59
N LEU F 67 11.72 -17.83 23.00
CA LEU F 67 12.24 -16.75 22.17
C LEU F 67 13.09 -15.81 22.99
N ASP F 68 12.52 -15.31 24.09
CA ASP F 68 13.21 -14.36 24.94
C ASP F 68 14.52 -14.91 25.50
N LEU F 69 14.70 -16.24 25.49
CA LEU F 69 15.90 -16.88 25.96
C LEU F 69 16.83 -17.27 24.83
N SER F 70 16.29 -17.48 23.63
CA SER F 70 17.13 -17.46 22.45
C SER F 70 17.59 -16.07 22.11
N MET F 71 16.98 -15.05 22.72
CA MET F 71 17.51 -13.70 22.61
C MET F 71 18.80 -13.59 23.39
N ARG F 72 18.72 -13.85 24.70
CA ARG F 72 19.86 -13.80 25.59
C ARG F 72 20.89 -14.88 25.33
N GLN F 73 20.52 -15.92 24.59
CA GLN F 73 21.27 -17.17 24.48
C GLN F 73 21.33 -17.90 25.81
N GLN F 74 20.46 -17.57 26.74
CA GLN F 74 20.33 -18.30 27.98
C GLN F 74 19.31 -19.41 27.81
N ILE F 75 19.21 -20.24 28.84
CA ILE F 75 18.36 -21.40 28.86
C ILE F 75 17.69 -21.48 30.22
N LEU F 76 16.96 -22.52 30.43
CA LEU F 76 16.37 -22.81 31.70
C LEU F 76 17.33 -23.67 32.51
N PRO F 77 17.17 -23.73 33.81
CA PRO F 77 17.96 -24.68 34.59
C PRO F 77 17.58 -26.11 34.23
N LYS F 78 18.46 -27.02 34.65
CA LYS F 78 18.30 -28.41 34.26
C LYS F 78 16.99 -29.01 34.75
N GLU F 79 16.45 -28.49 35.85
CA GLU F 79 15.23 -29.04 36.40
C GLU F 79 14.04 -28.74 35.50
N GLN F 80 13.89 -27.48 35.11
CA GLN F 80 12.78 -27.08 34.27
C GLN F 80 12.87 -27.56 32.84
N TRP F 81 13.94 -28.25 32.45
CA TRP F 81 14.03 -28.78 31.10
C TRP F 81 12.89 -29.74 30.84
N THR F 82 12.76 -30.13 29.59
CA THR F 82 11.73 -31.08 29.19
C THR F 82 12.32 -32.48 29.21
N LYS F 83 11.45 -33.46 29.42
CA LYS F 83 11.84 -34.86 29.56
C LYS F 83 11.18 -35.68 28.46
N TYR F 84 11.95 -36.61 27.90
CA TYR F 84 11.52 -37.35 26.72
C TYR F 84 10.22 -38.10 26.97
N GLU F 85 10.07 -38.70 28.14
CA GLU F 85 8.84 -39.41 28.42
C GLU F 85 7.65 -38.47 28.48
N GLU F 86 7.89 -37.20 28.79
CA GLU F 86 6.86 -36.18 28.86
C GLU F 86 6.68 -35.41 27.55
N ASP F 87 7.36 -35.82 26.49
CA ASP F 87 7.22 -35.15 25.20
C ASP F 87 5.87 -35.50 24.60
N LYS F 88 4.83 -34.82 25.07
CA LYS F 88 3.47 -35.18 24.67
C LYS F 88 3.26 -34.86 23.20
N SER F 89 2.63 -35.80 22.50
CA SER F 89 2.34 -35.65 21.08
C SER F 89 0.91 -35.12 20.95
N TYR F 90 0.70 -33.92 21.46
CA TYR F 90 -0.66 -33.39 21.57
C TYR F 90 -1.25 -33.01 20.22
N LEU F 91 -0.42 -32.80 19.22
CA LEU F 91 -0.87 -32.29 17.93
C LEU F 91 -1.20 -33.38 16.92
N GLU F 92 -0.60 -34.55 17.04
CA GLU F 92 -0.73 -35.58 16.02
C GLU F 92 -2.17 -35.98 15.71
N PRO F 93 -3.08 -36.13 16.67
CA PRO F 93 -4.45 -36.45 16.30
C PRO F 93 -5.09 -35.39 15.43
N TYR F 94 -4.84 -34.14 15.75
CA TYR F 94 -5.46 -33.06 15.01
C TYR F 94 -4.85 -32.89 13.63
N LEU F 95 -3.61 -33.31 13.46
CA LEU F 95 -2.93 -33.11 12.19
C LEU F 95 -3.32 -34.20 11.20
N LYS F 96 -3.10 -35.46 11.57
CA LYS F 96 -3.38 -36.57 10.66
C LYS F 96 -4.84 -36.58 10.24
N GLU F 97 -5.72 -36.04 11.09
CA GLU F 97 -7.08 -35.76 10.69
C GLU F 97 -7.10 -34.92 9.42
N VAL F 98 -6.21 -33.94 9.32
CA VAL F 98 -6.23 -33.02 8.19
C VAL F 98 -5.83 -33.73 6.92
N ILE F 99 -4.62 -34.29 6.91
CA ILE F 99 -4.06 -34.86 5.71
C ILE F 99 -4.91 -36.02 5.21
N ARG F 100 -5.70 -36.63 6.09
CA ARG F 100 -6.76 -37.51 5.64
C ARG F 100 -7.71 -36.75 4.75
N GLU F 101 -8.16 -35.57 5.18
CA GLU F 101 -9.07 -34.79 4.35
C GLU F 101 -8.40 -34.32 3.09
N ARG F 102 -7.10 -34.03 3.16
CA ARG F 102 -6.40 -33.55 1.98
C ARG F 102 -6.38 -34.62 0.91
N LYS F 103 -5.99 -35.83 1.26
CA LYS F 103 -5.89 -36.88 0.27
C LYS F 103 -7.27 -37.36 -0.15
N GLU F 104 -8.26 -37.24 0.74
CA GLU F 104 -9.63 -37.43 0.30
C GLU F 104 -10.04 -36.34 -0.67
N ARG F 105 -9.48 -35.14 -0.52
CA ARG F 105 -9.85 -34.04 -1.39
C ARG F 105 -9.14 -34.12 -2.73
N GLU F 106 -8.00 -34.80 -2.76
CA GLU F 106 -7.25 -34.91 -4.00
C GLU F 106 -7.71 -36.11 -4.82
N GLU F 107 -7.68 -37.29 -4.21
CA GLU F 107 -8.04 -38.50 -4.94
C GLU F 107 -9.49 -38.45 -5.40
N TRP F 108 -10.34 -37.75 -4.66
CA TRP F 108 -11.70 -37.54 -5.13
C TRP F 108 -11.73 -36.66 -6.36
N ALA F 109 -10.70 -35.84 -6.57
CA ALA F 109 -10.65 -34.97 -7.72
C ALA F 109 -10.17 -35.69 -8.97
N LYS F 110 -9.30 -36.68 -8.79
CA LYS F 110 -8.79 -37.43 -9.92
C LYS F 110 -9.89 -38.27 -10.57
N ARG G 3 1.02 -5.22 6.70
CA ARG G 3 0.82 -5.88 7.97
C ARG G 3 1.35 -5.03 9.11
N GLN G 4 0.77 -5.17 10.30
CA GLN G 4 1.16 -4.34 11.43
C GLN G 4 0.59 -4.96 12.69
N PHE G 5 0.86 -4.31 13.81
CA PHE G 5 0.25 -4.69 15.07
C PHE G 5 -1.26 -4.54 15.00
N GLY G 6 -1.98 -5.56 15.45
CA GLY G 6 -3.38 -5.44 15.76
C GLY G 6 -4.26 -6.61 15.37
N HIS G 7 -3.82 -7.39 14.38
CA HIS G 7 -4.58 -8.54 13.92
C HIS G 7 -3.66 -9.71 13.60
N LEU G 8 -2.51 -9.78 14.26
CA LEU G 8 -1.55 -10.83 13.94
C LEU G 8 -2.05 -12.18 14.41
N THR G 9 -2.24 -12.31 15.72
CA THR G 9 -2.63 -13.58 16.29
C THR G 9 -3.15 -13.33 17.70
N ARG G 10 -3.49 -14.41 18.38
CA ARG G 10 -4.23 -14.36 19.62
C ARG G 10 -3.30 -14.62 20.79
N VAL G 11 -3.57 -13.94 21.89
CA VAL G 11 -2.91 -14.19 23.15
C VAL G 11 -3.96 -14.10 24.24
N ARG G 12 -3.81 -14.96 25.24
CA ARG G 12 -4.75 -15.00 26.36
C ARG G 12 -4.00 -15.28 27.64
N HIS G 13 -4.20 -14.41 28.63
CA HIS G 13 -3.78 -14.67 29.99
C HIS G 13 -2.27 -14.85 30.06
N VAL G 14 -1.59 -13.77 29.67
CA VAL G 14 -0.15 -13.67 29.78
C VAL G 14 0.18 -12.27 30.27
N ILE G 15 1.24 -12.19 31.06
CA ILE G 15 1.59 -10.99 31.80
C ILE G 15 3.05 -10.67 31.51
N THR G 16 3.33 -9.38 31.35
CA THR G 16 4.64 -8.90 30.99
C THR G 16 5.11 -7.90 32.05
N TYR G 17 6.34 -8.07 32.51
CA TYR G 17 6.97 -7.17 33.46
C TYR G 17 8.22 -6.62 32.82
N SER G 18 8.26 -5.30 32.63
CA SER G 18 9.40 -4.66 31.99
C SER G 18 9.69 -3.33 32.65
N LEU G 19 10.98 -2.99 32.66
CA LEU G 19 11.51 -1.85 33.38
C LEU G 19 12.19 -0.88 32.42
N SER G 20 12.20 0.39 32.82
CA SER G 20 13.00 1.39 32.17
C SER G 20 14.46 0.98 32.08
N PRO G 21 15.23 1.59 31.18
CA PRO G 21 16.67 1.41 31.22
C PRO G 21 17.34 2.29 32.27
N PHE G 22 16.79 3.49 32.42
CA PHE G 22 17.35 4.46 33.36
C PHE G 22 17.39 3.91 34.77
N GLU G 23 16.42 3.09 35.12
CA GLU G 23 16.37 2.46 36.42
C GLU G 23 17.25 1.24 36.53
N GLN G 24 18.20 1.04 35.62
CA GLN G 24 19.05 -0.13 35.74
C GLN G 24 20.36 0.08 35.01
N ARG G 25 21.37 -0.64 35.49
CA ARG G 25 22.67 -0.62 34.83
C ARG G 25 22.54 -1.24 33.46
N ALA G 26 23.39 -0.79 32.55
CA ALA G 26 23.38 -1.31 31.19
C ALA G 26 23.99 -2.70 31.14
N PHE G 27 25.13 -2.89 31.79
CA PHE G 27 25.92 -4.12 31.73
C PHE G 27 26.01 -4.78 33.10
N PRO G 28 24.91 -5.33 33.60
CA PRO G 28 24.97 -6.07 34.86
C PRO G 28 25.48 -7.47 34.64
N HIS G 29 26.40 -7.90 35.50
CA HIS G 29 26.91 -9.27 35.50
C HIS G 29 27.47 -9.64 34.14
N TYR G 30 28.07 -8.65 33.47
CA TYR G 30 28.67 -8.88 32.17
C TYR G 30 29.77 -9.91 32.24
N PHE G 31 30.63 -9.82 33.25
CA PHE G 31 31.69 -10.79 33.48
C PHE G 31 31.21 -12.00 34.25
N SER G 32 30.34 -11.79 35.24
CA SER G 32 29.99 -12.87 36.16
C SER G 32 29.21 -13.97 35.46
N LYS G 33 28.03 -13.64 34.95
CA LYS G 33 27.13 -14.63 34.37
C LYS G 33 27.39 -14.87 32.90
N GLY G 34 27.95 -13.90 32.20
CA GLY G 34 28.18 -14.05 30.78
C GLY G 34 29.17 -15.14 30.46
N ILE G 35 30.35 -15.06 31.07
CA ILE G 35 31.47 -15.90 30.65
C ILE G 35 31.16 -17.38 30.86
N PRO G 36 30.56 -17.79 31.96
CA PRO G 36 30.02 -19.16 32.00
C PRO G 36 29.02 -19.43 30.90
N ASN G 37 28.26 -18.42 30.49
CA ASN G 37 27.30 -18.59 29.42
C ASN G 37 27.97 -18.61 28.06
N VAL G 38 29.16 -18.02 27.95
CA VAL G 38 29.93 -18.16 26.74
C VAL G 38 30.39 -19.60 26.59
N LEU G 39 30.83 -20.21 27.69
CA LEU G 39 31.34 -21.57 27.64
C LEU G 39 30.23 -22.54 27.28
N ARG G 40 29.12 -22.47 28.04
CA ARG G 40 27.97 -23.31 27.75
C ARG G 40 27.48 -23.09 26.33
N ARG G 41 27.52 -21.83 25.87
CA ARG G 41 27.24 -21.57 24.47
C ARG G 41 28.26 -22.27 23.59
N THR G 42 29.50 -22.32 24.04
CA THR G 42 30.58 -22.85 23.21
C THR G 42 30.57 -24.36 23.18
N ARG G 43 30.38 -25.01 24.33
CA ARG G 43 30.41 -26.47 24.37
C ARG G 43 29.33 -27.08 23.51
N ALA G 44 28.23 -26.36 23.30
CA ALA G 44 27.10 -26.90 22.56
C ALA G 44 27.25 -26.75 21.06
N CYS G 45 28.30 -26.09 20.58
CA CYS G 45 28.54 -25.90 19.16
C CYS G 45 29.87 -26.48 18.69
N ILE G 46 30.87 -26.54 19.57
CA ILE G 46 32.25 -26.79 19.16
C ILE G 46 32.41 -28.12 18.45
N LEU G 47 31.65 -29.13 18.88
CA LEU G 47 31.89 -30.48 18.36
C LEU G 47 31.53 -30.58 16.89
N ARG G 48 30.45 -29.92 16.48
CA ARG G 48 29.93 -30.04 15.12
C ARG G 48 30.22 -28.79 14.29
N VAL G 49 31.30 -28.09 14.64
CA VAL G 49 31.75 -26.91 13.92
C VAL G 49 33.19 -27.05 13.48
N ALA G 50 34.05 -27.49 14.37
CA ALA G 50 35.48 -27.60 14.13
C ALA G 50 35.87 -28.72 13.18
N PRO G 51 35.45 -29.97 13.42
CA PRO G 51 36.13 -31.14 12.81
C PRO G 51 36.29 -31.04 11.30
N PRO G 52 35.33 -30.46 10.59
CA PRO G 52 35.63 -30.10 9.19
C PRO G 52 36.79 -29.14 9.09
N PHE G 53 36.73 -28.04 9.83
CA PHE G 53 37.82 -27.07 9.79
C PHE G 53 39.11 -27.67 10.34
N VAL G 54 39.00 -28.63 11.25
CA VAL G 54 40.19 -29.34 11.70
C VAL G 54 40.80 -30.10 10.55
N ALA G 55 39.98 -30.85 9.83
CA ALA G 55 40.46 -31.60 8.68
C ALA G 55 41.03 -30.68 7.62
N PHE G 56 40.48 -29.48 7.51
CA PHE G 56 41.00 -28.52 6.55
C PHE G 56 42.44 -28.15 6.86
N TYR G 57 42.75 -27.96 8.14
CA TYR G 57 44.11 -27.66 8.56
C TYR G 57 45.07 -28.75 8.15
N LEU G 58 44.58 -29.97 8.01
CA LEU G 58 45.41 -31.09 7.61
C LEU G 58 45.56 -31.17 6.11
N VAL G 59 44.51 -30.78 5.37
CA VAL G 59 44.61 -30.79 3.92
C VAL G 59 45.20 -29.51 3.40
N TYR G 60 45.22 -28.46 4.22
CA TYR G 60 46.11 -27.35 3.95
C TYR G 60 47.54 -27.69 4.34
N THR G 61 47.68 -28.67 5.24
CA THR G 61 49.00 -29.12 5.65
C THR G 61 49.59 -30.08 4.63
N TRP G 62 48.93 -31.22 4.44
CA TRP G 62 49.46 -32.23 3.52
C TRP G 62 49.47 -31.73 2.08
N GLY G 63 48.59 -30.78 1.76
CA GLY G 63 48.52 -30.31 0.39
C GLY G 63 49.74 -29.52 -0.01
N THR G 64 50.35 -28.83 0.94
CA THR G 64 51.56 -28.06 0.65
C THR G 64 52.80 -28.91 0.75
N GLN G 65 52.89 -29.73 1.79
CA GLN G 65 54.04 -30.60 1.97
C GLN G 65 54.20 -31.54 0.77
N GLU G 66 53.13 -32.23 0.40
CA GLU G 66 53.16 -33.09 -0.76
C GLU G 66 53.39 -32.30 -2.04
N PHE G 67 53.10 -31.00 -2.03
CA PHE G 67 53.39 -30.16 -3.20
C PHE G 67 54.85 -29.78 -3.24
N GLU G 68 55.43 -29.53 -2.07
CA GLU G 68 56.83 -29.13 -2.00
C GLU G 68 57.73 -30.26 -2.47
N LYS G 69 57.46 -31.49 -2.04
CA LYS G 69 58.30 -32.63 -2.39
C LYS G 69 58.35 -32.83 -3.89
N SER G 70 57.22 -32.69 -4.56
CA SER G 70 57.12 -33.02 -5.97
C SER G 70 58.05 -32.16 -6.83
N LYS G 71 58.43 -30.99 -6.34
CA LYS G 71 59.37 -30.14 -7.06
C LYS G 71 60.81 -30.51 -6.78
N ARG G 72 61.09 -31.04 -5.59
CA ARG G 72 62.44 -31.50 -5.30
C ARG G 72 62.76 -32.71 -6.17
N LYS G 73 64.00 -32.77 -6.62
CA LYS G 73 64.39 -33.81 -7.56
C LYS G 73 64.29 -35.18 -6.91
N ASN G 74 64.41 -36.20 -7.74
CA ASN G 74 64.51 -37.59 -7.33
C ASN G 74 65.95 -38.06 -7.46
N PRO G 75 66.34 -39.13 -6.77
CA PRO G 75 67.68 -39.67 -6.97
C PRO G 75 67.79 -40.42 -8.29
N ALA G 76 68.01 -39.68 -9.38
CA ALA G 76 68.12 -40.28 -10.70
C ALA G 76 68.66 -39.26 -11.71
N LEU H 26 87.52 -0.18 1.41
CA LEU H 26 86.09 -0.06 1.65
C LEU H 26 85.43 -1.42 1.58
N VAL H 27 84.54 -1.69 2.53
CA VAL H 27 83.97 -3.01 2.73
C VAL H 27 82.46 -2.90 2.83
N ASP H 28 81.78 -3.88 2.25
CA ASP H 28 80.35 -4.05 2.46
C ASP H 28 80.09 -4.65 3.86
N PRO H 29 79.23 -4.04 4.68
CA PRO H 29 78.89 -4.67 5.96
C PRO H 29 78.25 -6.03 5.81
N LEU H 30 77.66 -6.31 4.65
CA LEU H 30 76.95 -7.56 4.45
C LEU H 30 77.88 -8.76 4.57
N THR H 31 79.01 -8.72 3.85
CA THR H 31 79.87 -9.89 3.75
C THR H 31 80.41 -10.31 5.10
N THR H 32 80.59 -9.35 6.00
CA THR H 32 80.93 -9.69 7.37
C THR H 32 79.87 -10.58 7.98
N VAL H 33 78.60 -10.32 7.66
CA VAL H 33 77.52 -11.03 8.33
C VAL H 33 77.32 -12.39 7.70
N ARG H 34 77.38 -12.47 6.37
CA ARG H 34 77.34 -13.76 5.71
C ARG H 34 78.47 -14.65 6.20
N GLU H 35 79.62 -14.06 6.47
CA GLU H 35 80.77 -14.83 6.94
C GLU H 35 80.49 -15.43 8.31
N GLN H 36 79.98 -14.62 9.23
CA GLN H 36 79.65 -15.12 10.56
C GLN H 36 78.59 -16.20 10.50
N CYS H 37 77.69 -16.12 9.53
CA CYS H 37 76.53 -16.99 9.51
C CYS H 37 76.84 -18.34 8.89
N GLU H 38 77.77 -18.40 7.95
CA GLU H 38 78.18 -19.66 7.36
C GLU H 38 78.77 -20.62 8.39
N GLN H 39 79.13 -20.15 9.57
CA GLN H 39 79.52 -21.00 10.68
C GLN H 39 78.35 -21.64 11.40
N LEU H 40 77.12 -21.17 11.14
CA LEU H 40 75.98 -21.61 11.93
C LEU H 40 75.52 -22.99 11.50
N GLU H 41 74.66 -23.58 12.33
CA GLU H 41 74.34 -25.00 12.21
C GLU H 41 73.71 -25.31 10.85
N LYS H 42 72.54 -24.75 10.59
CA LYS H 42 71.83 -25.04 9.35
C LYS H 42 72.63 -24.64 8.13
N CYS H 43 73.43 -23.58 8.25
CA CYS H 43 74.25 -23.14 7.13
C CYS H 43 75.32 -24.16 6.80
N VAL H 44 76.04 -24.63 7.82
CA VAL H 44 77.15 -25.54 7.59
C VAL H 44 76.65 -26.87 7.03
N LYS H 45 75.57 -27.38 7.60
CA LYS H 45 75.07 -28.68 7.18
C LYS H 45 74.66 -28.67 5.72
N ALA H 46 73.91 -27.65 5.30
CA ALA H 46 73.51 -27.56 3.91
C ALA H 46 74.72 -27.32 3.01
N ARG H 47 75.73 -26.63 3.52
CA ARG H 47 76.96 -26.46 2.75
C ARG H 47 77.60 -27.81 2.47
N GLU H 48 77.54 -28.73 3.43
CA GLU H 48 78.12 -30.05 3.23
C GLU H 48 77.37 -30.83 2.18
N ARG H 49 76.03 -30.80 2.23
CA ARG H 49 75.25 -31.46 1.19
C ARG H 49 75.52 -30.85 -0.18
N LEU H 50 75.77 -29.55 -0.21
CA LEU H 50 76.03 -28.89 -1.49
C LEU H 50 77.28 -29.44 -2.14
N GLU H 51 78.34 -29.63 -1.35
CA GLU H 51 79.58 -30.17 -1.90
C GLU H 51 79.37 -31.60 -2.39
N LEU H 52 78.50 -32.36 -1.74
CA LEU H 52 78.24 -33.72 -2.18
C LEU H 52 77.41 -33.73 -3.45
N CYS H 53 76.45 -32.82 -3.56
CA CYS H 53 75.83 -32.56 -4.84
C CYS H 53 76.87 -32.09 -5.85
N ASP H 54 77.77 -31.22 -5.40
CA ASP H 54 78.76 -30.64 -6.31
C ASP H 54 79.64 -31.71 -6.93
N GLU H 55 80.09 -32.66 -6.10
CA GLU H 55 80.94 -33.73 -6.61
C GLU H 55 80.13 -34.76 -7.37
N ARG H 56 78.90 -35.03 -6.91
CA ARG H 56 78.05 -36.01 -7.57
C ARG H 56 77.80 -35.62 -9.02
N VAL H 57 77.66 -34.33 -9.30
CA VAL H 57 77.43 -33.88 -10.65
C VAL H 57 78.74 -33.75 -11.40
N SER H 58 79.69 -33.03 -10.80
CA SER H 58 80.94 -32.73 -11.49
C SER H 58 81.72 -34.00 -11.80
N SER H 59 81.60 -35.03 -10.96
CA SER H 59 82.22 -36.31 -11.26
C SER H 59 81.48 -37.08 -12.34
N ARG H 60 80.19 -36.82 -12.51
CA ARG H 60 79.42 -37.41 -13.60
C ARG H 60 79.60 -36.59 -14.86
N SER H 61 79.40 -37.25 -16.00
CA SER H 61 79.68 -36.65 -17.30
C SER H 61 78.43 -36.04 -17.92
N GLN H 62 77.43 -36.86 -18.17
CA GLN H 62 76.22 -36.47 -18.89
C GLN H 62 75.05 -36.56 -17.92
N THR H 63 74.67 -35.41 -17.34
CA THR H 63 73.58 -35.35 -16.38
C THR H 63 72.79 -34.08 -16.61
N GLU H 64 71.47 -34.23 -16.75
CA GLU H 64 70.56 -33.10 -16.63
C GLU H 64 70.17 -32.97 -15.17
N GLU H 65 71.15 -32.52 -14.40
CA GLU H 65 71.05 -32.39 -12.96
C GLU H 65 71.91 -31.20 -12.55
N ASP H 66 71.63 -30.66 -11.36
CA ASP H 66 72.34 -29.47 -10.91
C ASP H 66 72.14 -29.32 -9.41
N CYS H 67 72.96 -28.44 -8.84
CA CYS H 67 72.87 -28.09 -7.43
C CYS H 67 72.08 -26.82 -7.19
N THR H 68 71.31 -26.38 -8.19
CA THR H 68 70.26 -25.39 -7.96
C THR H 68 69.31 -25.87 -6.86
N GLU H 69 69.09 -27.18 -6.78
CA GLU H 69 68.33 -27.78 -5.69
C GLU H 69 68.88 -27.38 -4.34
N GLU H 70 70.12 -27.78 -4.04
CA GLU H 70 70.64 -27.66 -2.69
C GLU H 70 71.07 -26.25 -2.35
N LEU H 71 71.38 -25.44 -3.36
CA LEU H 71 71.88 -24.09 -3.09
C LEU H 71 70.84 -23.25 -2.36
N LEU H 72 69.56 -23.49 -2.67
CA LEU H 72 68.51 -22.64 -2.11
C LEU H 72 68.29 -22.94 -0.64
N ASP H 73 68.36 -24.22 -0.27
CA ASP H 73 68.23 -24.59 1.12
C ASP H 73 69.36 -24.00 1.95
N PHE H 74 70.50 -23.74 1.32
CA PHE H 74 71.58 -23.04 2.00
C PHE H 74 71.24 -21.58 2.20
N LEU H 75 70.68 -20.93 1.19
CA LEU H 75 70.52 -19.48 1.22
C LEU H 75 69.41 -19.04 2.15
N HIS H 76 68.23 -19.65 2.02
CA HIS H 76 67.14 -19.32 2.93
C HIS H 76 67.52 -19.61 4.37
N ALA H 77 68.41 -20.56 4.57
CA ALA H 77 69.00 -20.76 5.89
C ALA H 77 69.99 -19.66 6.22
N ARG H 78 70.70 -19.16 5.21
CA ARG H 78 71.62 -18.06 5.45
C ARG H 78 70.85 -16.79 5.76
N ASP H 79 70.04 -16.32 4.80
CA ASP H 79 69.45 -14.98 4.88
C ASP H 79 68.58 -14.79 6.11
N HIS H 80 68.11 -15.88 6.72
CA HIS H 80 67.35 -15.78 7.95
C HIS H 80 68.18 -15.20 9.08
N CYS H 81 69.50 -15.41 9.05
CA CYS H 81 70.38 -14.83 10.06
C CYS H 81 70.72 -13.40 9.70
N VAL H 82 71.02 -13.17 8.42
CA VAL H 82 71.24 -11.84 7.90
C VAL H 82 70.04 -10.95 8.21
N ALA H 83 68.85 -11.55 8.16
CA ALA H 83 67.62 -10.82 8.43
C ALA H 83 67.62 -10.21 9.82
N HIS H 84 67.84 -11.04 10.83
CA HIS H 84 67.50 -10.71 12.20
C HIS H 84 68.21 -9.47 12.73
N LYS H 85 69.34 -9.07 12.14
CA LYS H 85 70.21 -8.07 12.74
C LYS H 85 70.77 -7.01 11.81
N LEU H 86 70.84 -7.25 10.50
CA LEU H 86 71.74 -6.49 9.62
C LEU H 86 71.53 -4.99 9.69
N PHE H 87 70.29 -4.54 9.88
CA PHE H 87 70.01 -3.11 9.95
C PHE H 87 70.20 -2.55 11.34
N ASN H 88 70.95 -3.25 12.20
CA ASN H 88 71.55 -2.61 13.35
C ASN H 88 72.70 -1.72 12.92
N SER H 89 73.50 -2.20 11.97
CA SER H 89 74.62 -1.43 11.47
C SER H 89 74.15 -0.26 10.62
N LEU H 90 73.34 -0.53 9.61
CA LEU H 90 72.88 0.50 8.69
C LEU H 90 71.76 1.31 9.33
N ARG I 1 -36.59 0.82 40.58
CA ARG I 1 -36.64 2.16 41.14
C ARG I 1 -37.00 3.18 40.05
N PRO I 2 -37.57 4.35 40.45
CA PRO I 2 -38.16 5.23 39.43
C PRO I 2 -37.11 5.87 38.56
N VAL I 3 -36.66 5.14 37.55
CA VAL I 3 -35.43 5.50 36.86
C VAL I 3 -35.62 6.79 36.11
N VAL I 4 -34.53 7.55 36.01
CA VAL I 4 -34.52 8.85 35.38
C VAL I 4 -33.29 8.96 34.50
N ALA I 5 -33.43 9.66 33.38
CA ALA I 5 -32.37 9.84 32.43
C ALA I 5 -31.57 11.10 32.77
N SER I 6 -30.36 11.15 32.22
CA SER I 6 -29.51 12.32 32.37
C SER I 6 -28.40 12.22 31.35
N VAL I 7 -28.25 13.26 30.54
CA VAL I 7 -27.11 13.40 29.66
C VAL I 7 -26.57 14.77 29.93
N SER I 8 -25.63 15.23 29.13
CA SER I 8 -25.06 16.54 29.38
C SER I 8 -24.26 16.99 28.20
N LEU I 9 -23.56 18.09 28.42
CA LEU I 9 -22.46 18.55 27.62
C LEU I 9 -21.12 18.17 28.21
N ASN I 10 -21.05 18.02 29.54
CA ASN I 10 -19.80 17.68 30.21
C ASN I 10 -19.93 16.68 31.34
N VAL I 11 -21.12 16.38 31.84
CA VAL I 11 -21.31 15.36 32.87
C VAL I 11 -21.48 14.03 32.13
N PRO I 12 -20.87 12.93 32.57
CA PRO I 12 -21.10 11.64 31.89
C PRO I 12 -22.57 11.24 31.93
N ALA I 13 -23.09 10.90 30.75
CA ALA I 13 -24.44 10.39 30.65
C ALA I 13 -24.62 9.19 31.57
N SER I 14 -25.82 9.08 32.14
CA SER I 14 -26.02 8.20 33.27
C SER I 14 -27.46 7.78 33.34
N VAL I 15 -27.75 6.91 34.29
CA VAL I 15 -29.10 6.39 34.52
C VAL I 15 -29.29 6.42 36.02
N ARG I 16 -29.96 7.45 36.51
CA ARG I 16 -30.36 7.51 37.90
C ARG I 16 -31.31 6.36 38.17
N TYR I 17 -30.84 5.36 38.92
CA TYR I 17 -31.55 4.10 39.06
C TYR I 17 -31.82 3.46 37.71
N PRO J 4 24.66 18.03 44.19
CA PRO J 4 24.51 17.27 42.95
C PRO J 4 25.85 16.92 42.32
N THR J 5 25.92 15.76 41.68
CA THR J 5 27.11 15.41 40.93
C THR J 5 27.28 16.35 39.76
N LEU J 6 28.42 16.22 39.09
CA LEU J 6 28.61 16.92 37.83
C LEU J 6 27.57 16.48 36.82
N THR J 7 27.24 15.19 36.82
CA THR J 7 26.32 14.63 35.84
C THR J 7 24.97 15.32 35.93
N ALA J 8 24.40 15.39 37.12
CA ALA J 8 23.09 16.00 37.26
C ALA J 8 23.13 17.49 37.00
N ARG J 9 24.22 18.16 37.44
CA ARG J 9 24.39 19.55 37.07
C ARG J 9 24.55 19.70 35.57
N LEU J 10 25.11 18.68 34.91
CA LEU J 10 25.28 18.74 33.48
C LEU J 10 23.97 18.54 32.75
N TYR J 11 23.11 17.67 33.30
CA TYR J 11 21.84 17.35 32.67
C TYR J 11 20.97 18.58 32.55
N SER J 12 20.59 19.15 33.69
CA SER J 12 19.59 20.20 33.72
C SER J 12 20.05 21.49 33.06
N LEU J 13 21.33 21.62 32.77
CA LEU J 13 21.83 22.80 32.07
C LEU J 13 21.78 22.60 30.57
N LEU J 14 22.30 21.48 30.09
CA LEU J 14 22.51 21.23 28.68
C LEU J 14 21.65 20.12 28.12
N PHE J 15 21.73 18.93 28.67
CA PHE J 15 21.19 17.76 28.00
C PHE J 15 19.69 17.62 28.15
N ARG J 16 19.00 18.63 28.69
CA ARG J 16 17.57 18.57 28.86
C ARG J 16 16.85 19.20 27.68
N ARG J 17 17.20 20.43 27.35
CA ARG J 17 16.56 21.17 26.27
C ARG J 17 17.28 20.83 24.98
N THR J 18 16.53 20.26 24.03
CA THR J 18 17.14 19.73 22.83
C THR J 18 17.82 20.82 22.00
N SER J 19 17.29 22.04 22.05
CA SER J 19 17.95 23.15 21.40
C SER J 19 19.35 23.34 21.96
N THR J 20 19.51 23.16 23.26
CA THR J 20 20.83 23.28 23.86
C THR J 20 21.67 22.06 23.54
N PHE J 21 21.03 20.89 23.48
CA PHE J 21 21.78 19.65 23.35
C PHE J 21 22.50 19.58 22.01
N ALA J 22 21.98 20.27 21.00
CA ALA J 22 22.68 20.35 19.73
C ALA J 22 23.73 21.44 19.76
N LEU J 23 23.46 22.52 20.49
CA LEU J 23 24.45 23.58 20.63
C LEU J 23 25.66 23.08 21.37
N THR J 24 25.47 22.14 22.29
CA THR J 24 26.58 21.62 23.07
C THR J 24 27.55 20.86 22.19
N ILE J 25 27.03 20.11 21.24
CA ILE J 25 27.83 19.10 20.58
C ILE J 25 28.79 19.74 19.58
N VAL J 26 28.32 20.74 18.85
CA VAL J 26 29.17 21.43 17.90
C VAL J 26 30.27 22.17 18.64
N VAL J 27 29.93 22.73 19.80
CA VAL J 27 30.92 23.40 20.64
C VAL J 27 32.02 22.42 21.02
N GLY J 28 31.64 21.32 21.65
CA GLY J 28 32.62 20.33 22.04
C GLY J 28 33.38 19.78 20.85
N ALA J 29 32.70 19.59 19.73
CA ALA J 29 33.36 19.09 18.53
C ALA J 29 34.33 20.12 17.99
N LEU J 30 33.94 21.38 18.01
CA LEU J 30 34.78 22.44 17.48
C LEU J 30 36.10 22.51 18.24
N PHE J 31 36.06 22.32 19.55
CA PHE J 31 37.29 22.28 20.32
C PHE J 31 37.96 20.92 20.21
N PHE J 32 37.17 19.86 20.10
CA PHE J 32 37.73 18.51 19.98
C PHE J 32 38.60 18.38 18.75
N GLU J 33 38.20 19.00 17.65
CA GLU J 33 39.02 19.01 16.46
C GLU J 33 40.38 19.64 16.72
N ARG J 34 40.45 20.56 17.68
CA ARG J 34 41.67 21.30 17.93
C ARG J 34 42.63 20.51 18.81
N ALA J 35 42.14 19.51 19.52
CA ALA J 35 42.98 18.69 20.40
C ALA J 35 43.40 17.41 19.74
N PHE J 36 42.46 16.70 19.14
CA PHE J 36 42.72 15.36 18.62
C PHE J 36 43.76 15.41 17.53
N ASP J 37 43.72 16.42 16.69
CA ASP J 37 44.74 16.60 15.66
C ASP J 37 46.11 16.81 16.30
N GLN J 38 46.19 17.74 17.25
CA GLN J 38 47.45 18.00 17.93
C GLN J 38 48.00 16.76 18.60
N GLY J 39 47.13 15.90 19.11
CA GLY J 39 47.56 14.71 19.77
C GLY J 39 48.23 13.75 18.81
N ALA J 40 47.48 13.31 17.81
CA ALA J 40 47.99 12.31 16.89
C ALA J 40 49.16 12.85 16.09
N ASP J 41 49.09 14.12 15.69
CA ASP J 41 50.20 14.71 14.96
C ASP J 41 51.48 14.70 15.78
N ALA J 42 51.36 14.78 17.12
CA ALA J 42 52.54 14.73 17.96
C ALA J 42 52.95 13.29 18.24
N ILE J 43 51.98 12.42 18.50
CA ILE J 43 52.30 11.02 18.69
C ILE J 43 52.89 10.45 17.42
N TYR J 44 52.29 10.78 16.29
CA TYR J 44 52.84 10.35 15.01
C TYR J 44 54.21 10.94 14.80
N GLU J 45 54.39 12.21 15.15
CA GLU J 45 55.71 12.82 15.16
C GLU J 45 56.63 12.06 16.12
N HIS J 46 56.13 11.75 17.31
CA HIS J 46 56.98 11.15 18.33
C HIS J 46 57.44 9.76 17.91
N ILE J 47 56.53 8.95 17.39
CA ILE J 47 56.88 7.58 17.08
C ILE J 47 57.81 7.55 15.88
N ASN J 48 57.74 8.55 15.01
CA ASN J 48 58.58 8.64 13.83
C ASN J 48 59.60 9.76 14.00
N GLU J 49 60.08 9.91 15.22
CA GLU J 49 61.10 10.91 15.51
C GLU J 49 62.35 10.64 14.69
N GLY J 50 62.87 11.69 14.06
CA GLY J 50 64.02 11.57 13.21
C GLY J 50 63.76 11.07 11.82
N LYS J 51 62.52 11.20 11.32
CA LYS J 51 62.15 10.66 10.02
C LYS J 51 61.39 11.65 9.15
N LEU J 52 60.67 12.58 9.78
CA LEU J 52 59.75 13.42 9.06
C LEU J 52 60.43 14.65 8.49
N TRP J 53 59.72 15.33 7.60
CA TRP J 53 60.30 16.48 6.92
C TRP J 53 60.58 17.60 7.88
N LYS J 54 59.66 17.87 8.82
CA LYS J 54 59.87 18.97 9.74
C LYS J 54 61.06 18.72 10.64
N HIS J 55 61.48 17.47 10.79
CA HIS J 55 62.68 17.15 11.53
C HIS J 55 63.94 17.34 10.71
N ILE J 56 63.81 17.47 9.39
CA ILE J 56 64.95 17.75 8.51
C ILE J 56 64.66 19.01 7.72
N LYS J 57 63.92 19.93 8.32
CA LYS J 57 63.47 21.15 7.68
C LYS J 57 64.44 22.30 7.89
N HIS J 58 65.35 22.17 8.85
CA HIS J 58 66.31 23.22 9.17
C HIS J 58 67.58 23.09 8.34
N LYS J 59 68.01 21.85 8.04
CA LYS J 59 69.23 21.65 7.28
C LYS J 59 69.13 22.29 5.91
N TYR J 60 67.95 22.22 5.30
CA TYR J 60 67.69 22.79 4.00
C TYR J 60 66.62 23.87 4.11
N ALA K 36 -36.84 -52.39 -9.18
CA ALA K 36 -36.74 -52.05 -10.58
C ALA K 36 -35.60 -51.06 -10.81
N THR K 37 -35.50 -50.52 -12.02
CA THR K 37 -34.40 -49.68 -12.44
C THR K 37 -34.92 -48.37 -13.00
N TYR K 38 -34.01 -47.58 -13.58
CA TYR K 38 -34.37 -46.28 -14.11
C TYR K 38 -34.97 -46.40 -15.50
N ALA K 39 -34.22 -46.99 -16.42
CA ALA K 39 -34.68 -47.09 -17.81
C ALA K 39 -35.99 -47.85 -17.90
N GLN K 40 -36.16 -48.87 -17.07
CA GLN K 40 -37.45 -49.55 -16.97
C GLN K 40 -38.55 -48.58 -16.54
N ALA K 41 -38.20 -47.60 -15.70
CA ALA K 41 -39.20 -46.72 -15.12
C ALA K 41 -39.84 -45.84 -16.17
N LEU K 42 -39.02 -45.15 -16.96
CA LEU K 42 -39.55 -44.20 -17.92
C LEU K 42 -40.41 -44.89 -18.97
N GLN K 43 -40.14 -46.17 -19.23
CA GLN K 43 -41.01 -46.92 -20.12
C GLN K 43 -42.38 -47.12 -19.50
N SER K 44 -42.41 -47.38 -18.20
CA SER K 44 -43.67 -47.55 -17.48
C SER K 44 -44.45 -46.27 -17.31
N VAL K 45 -43.90 -45.12 -17.68
CA VAL K 45 -44.56 -43.84 -17.52
C VAL K 45 -45.77 -43.82 -18.47
N PRO K 46 -46.84 -43.10 -18.15
CA PRO K 46 -47.93 -42.97 -19.13
C PRO K 46 -47.49 -42.23 -20.37
N GLU K 47 -47.58 -42.89 -21.51
CA GLU K 47 -47.35 -42.25 -22.78
C GLU K 47 -48.50 -41.32 -23.07
N THR K 48 -48.21 -40.03 -23.21
CA THR K 48 -49.23 -39.03 -23.40
C THR K 48 -50.02 -39.30 -24.68
N GLN K 49 -51.20 -38.72 -24.74
CA GLN K 49 -52.13 -38.90 -25.84
C GLN K 49 -52.44 -37.55 -26.43
N VAL K 50 -52.79 -37.56 -27.71
CA VAL K 50 -52.97 -36.35 -28.50
C VAL K 50 -54.27 -36.44 -29.25
N SER K 51 -54.85 -35.29 -29.53
CA SER K 51 -56.02 -35.22 -30.40
C SER K 51 -56.10 -33.83 -30.99
N GLN K 52 -57.03 -33.68 -31.92
CA GLN K 52 -57.19 -32.48 -32.71
C GLN K 52 -58.68 -32.24 -32.86
N LEU K 53 -59.04 -30.99 -33.13
CA LEU K 53 -60.40 -30.63 -33.44
C LEU K 53 -60.44 -29.83 -34.73
N ASP K 54 -61.60 -29.89 -35.38
CA ASP K 54 -61.74 -29.37 -36.74
C ASP K 54 -61.46 -27.88 -36.82
N ASN K 55 -61.67 -27.16 -35.71
CA ASN K 55 -61.37 -25.72 -35.70
C ASN K 55 -59.87 -25.48 -35.66
N GLY K 56 -59.14 -26.31 -34.92
CA GLY K 56 -57.70 -26.18 -34.81
C GLY K 56 -57.17 -26.38 -33.40
N LEU K 57 -58.07 -26.49 -32.43
CA LEU K 57 -57.67 -26.58 -31.04
C LEU K 57 -57.07 -27.95 -30.78
N ARG K 58 -55.75 -28.01 -30.71
CA ARG K 58 -55.09 -29.21 -30.25
C ARG K 58 -55.60 -29.59 -28.87
N VAL K 59 -55.54 -30.89 -28.57
CA VAL K 59 -55.87 -31.38 -27.25
C VAL K 59 -54.97 -32.56 -26.96
N ALA K 60 -54.59 -32.70 -25.70
CA ALA K 60 -53.80 -33.82 -25.24
C ALA K 60 -54.08 -34.00 -23.76
N SER K 61 -53.55 -35.07 -23.21
CA SER K 61 -53.70 -35.33 -21.78
C SER K 61 -52.77 -36.47 -21.41
N GLU K 62 -52.87 -36.89 -20.15
CA GLU K 62 -52.04 -37.97 -19.65
C GLU K 62 -52.79 -38.63 -18.50
N GLN K 63 -53.17 -39.88 -18.69
CA GLN K 63 -53.84 -40.62 -17.63
C GLN K 63 -52.87 -40.94 -16.51
N SER K 64 -53.35 -40.81 -15.27
CA SER K 64 -52.57 -41.26 -14.13
C SER K 64 -53.51 -41.43 -12.94
N SER K 65 -53.03 -42.17 -11.96
CA SER K 65 -53.86 -42.62 -10.85
C SER K 65 -54.12 -41.55 -9.80
N GLN K 66 -53.74 -40.31 -10.05
CA GLN K 66 -53.97 -39.26 -9.08
C GLN K 66 -55.46 -38.93 -9.04
N PRO K 67 -56.12 -38.92 -7.88
CA PRO K 67 -57.53 -38.51 -7.89
C PRO K 67 -57.73 -37.07 -8.29
N THR K 68 -56.79 -36.20 -7.95
CA THR K 68 -56.84 -34.83 -8.40
C THR K 68 -56.62 -34.78 -9.90
N CYS K 69 -56.66 -33.56 -10.43
CA CYS K 69 -56.29 -33.31 -11.81
C CYS K 69 -56.05 -31.82 -11.94
N THR K 70 -55.81 -31.39 -13.16
CA THR K 70 -55.64 -29.98 -13.44
C THR K 70 -55.70 -29.79 -14.94
N VAL K 71 -56.38 -28.74 -15.36
CA VAL K 71 -56.68 -28.51 -16.77
C VAL K 71 -56.47 -27.04 -17.06
N GLY K 72 -56.01 -26.74 -18.27
CA GLY K 72 -55.75 -25.37 -18.63
C GLY K 72 -55.70 -25.17 -20.13
N VAL K 73 -55.35 -23.94 -20.50
CA VAL K 73 -55.40 -23.48 -21.88
C VAL K 73 -54.10 -22.73 -22.14
N TRP K 74 -53.09 -23.45 -22.60
CA TRP K 74 -51.75 -22.89 -22.78
C TRP K 74 -51.56 -22.44 -24.22
N ILE K 75 -51.48 -21.14 -24.43
CA ILE K 75 -51.60 -20.55 -25.75
C ILE K 75 -50.37 -19.77 -26.16
N ASP K 76 -50.46 -19.12 -27.32
CA ASP K 76 -49.35 -18.39 -27.93
C ASP K 76 -49.79 -16.93 -28.04
N ALA K 77 -49.58 -16.17 -26.98
CA ALA K 77 -49.97 -14.77 -26.96
C ALA K 77 -49.34 -14.02 -25.81
N GLY K 78 -48.73 -12.89 -26.10
CA GLY K 78 -48.14 -12.07 -25.06
C GLY K 78 -47.60 -10.76 -25.57
N SER K 79 -46.51 -10.31 -24.96
CA SER K 79 -45.97 -9.00 -25.26
C SER K 79 -45.22 -8.97 -26.59
N ARG K 80 -44.60 -10.08 -26.97
CA ARG K 80 -43.87 -10.13 -28.23
C ARG K 80 -44.75 -9.84 -29.42
N TYR K 81 -46.05 -10.07 -29.30
CA TYR K 81 -47.01 -9.77 -30.35
C TYR K 81 -47.60 -8.39 -30.18
N GLU K 82 -47.68 -7.90 -28.96
CA GLU K 82 -48.06 -6.53 -28.74
C GLU K 82 -47.11 -5.59 -29.48
N SER K 83 -47.65 -4.49 -29.95
CA SER K 83 -46.87 -3.35 -30.37
C SER K 83 -46.96 -2.29 -29.29
N GLU K 84 -46.31 -1.16 -29.53
CA GLU K 84 -46.24 -0.12 -28.50
C GLU K 84 -47.59 0.48 -28.17
N LYS K 85 -48.58 0.33 -29.04
CA LYS K 85 -49.89 0.92 -28.83
C LYS K 85 -50.82 0.03 -28.02
N ASN K 86 -50.61 -1.28 -28.06
CA ASN K 86 -51.38 -2.24 -27.28
C ASN K 86 -50.51 -2.96 -26.27
N ASN K 87 -49.41 -2.32 -25.86
CA ASN K 87 -48.48 -2.98 -24.97
C ASN K 87 -49.09 -3.10 -23.59
N GLY K 88 -48.80 -4.22 -22.91
CA GLY K 88 -49.41 -4.51 -21.63
C GLY K 88 -50.78 -5.14 -21.72
N ALA K 89 -51.30 -5.34 -22.92
CA ALA K 89 -52.64 -5.90 -23.07
C ALA K 89 -52.72 -7.31 -22.51
N GLY K 90 -51.76 -8.15 -22.91
CA GLY K 90 -51.79 -9.56 -22.55
C GLY K 90 -51.82 -9.82 -21.07
N TYR K 91 -51.41 -8.85 -20.26
CA TYR K 91 -51.52 -8.93 -18.81
C TYR K 91 -52.81 -8.33 -18.31
N PHE K 92 -53.24 -7.22 -18.92
CA PHE K 92 -54.44 -6.54 -18.46
C PHE K 92 -55.66 -7.40 -18.64
N VAL K 93 -55.70 -8.20 -19.70
CA VAL K 93 -56.79 -9.15 -19.90
C VAL K 93 -56.85 -10.13 -18.75
N GLU K 94 -55.69 -10.49 -18.21
CA GLU K 94 -55.63 -11.60 -17.27
C GLU K 94 -56.37 -11.29 -15.98
N HIS K 95 -56.64 -10.03 -15.68
CA HIS K 95 -57.36 -9.68 -14.47
C HIS K 95 -58.86 -9.61 -14.69
N LEU K 96 -59.29 -9.37 -15.92
CA LEU K 96 -60.71 -9.20 -16.21
C LEU K 96 -61.39 -10.48 -16.67
N ALA K 97 -60.61 -11.48 -17.05
CA ALA K 97 -61.21 -12.75 -17.46
C ALA K 97 -61.98 -13.36 -16.31
N PHE K 98 -61.39 -13.39 -15.12
CA PHE K 98 -62.01 -13.93 -13.94
C PHE K 98 -62.89 -12.92 -13.21
N LYS K 99 -63.26 -11.83 -13.86
CA LYS K 99 -64.01 -10.74 -13.25
C LYS K 99 -65.13 -10.31 -14.16
N GLY K 100 -65.82 -11.28 -14.74
CA GLY K 100 -67.01 -11.02 -15.52
C GLY K 100 -67.03 -11.72 -16.85
N THR K 101 -68.18 -12.31 -17.16
CA THR K 101 -68.44 -12.94 -18.44
C THR K 101 -69.84 -12.54 -18.86
N LYS K 102 -70.36 -13.23 -19.88
CA LYS K 102 -71.72 -12.98 -20.35
C LYS K 102 -72.73 -13.89 -19.64
N ASN K 103 -72.39 -15.15 -19.44
CA ASN K 103 -73.28 -16.11 -18.81
C ASN K 103 -73.01 -16.32 -17.33
N ARG K 104 -71.93 -15.75 -16.78
CA ARG K 104 -71.59 -15.89 -15.38
C ARG K 104 -70.93 -14.61 -14.90
N PRO K 105 -71.66 -13.50 -14.88
CA PRO K 105 -71.06 -12.22 -14.55
C PRO K 105 -70.70 -12.11 -13.07
N GLY K 106 -70.06 -10.99 -12.75
CA GLY K 106 -69.74 -10.69 -11.37
C GLY K 106 -68.86 -11.74 -10.73
N ASN K 107 -69.12 -11.98 -9.45
CA ASN K 107 -68.38 -12.97 -8.68
C ASN K 107 -68.94 -14.38 -8.83
N ALA K 108 -69.80 -14.61 -9.81
CA ALA K 108 -70.40 -15.93 -9.97
C ALA K 108 -69.35 -16.95 -10.37
N LEU K 109 -68.56 -16.62 -11.39
CA LEU K 109 -67.46 -17.48 -11.81
C LEU K 109 -66.50 -17.75 -10.67
N GLU K 110 -66.20 -16.72 -9.89
CA GLU K 110 -65.35 -16.87 -8.71
C GLU K 110 -66.02 -17.74 -7.65
N LYS K 111 -67.33 -17.92 -7.72
CA LYS K 111 -68.08 -18.64 -6.71
C LYS K 111 -68.28 -20.11 -7.07
N GLU K 112 -68.31 -20.43 -8.34
CA GLU K 112 -68.48 -21.80 -8.77
C GLU K 112 -67.21 -22.63 -8.65
N VAL K 113 -66.09 -22.02 -8.24
CA VAL K 113 -64.85 -22.75 -8.03
C VAL K 113 -64.71 -23.00 -6.55
N GLU K 114 -64.73 -21.91 -5.78
CA GLU K 114 -64.66 -22.01 -4.32
C GLU K 114 -65.71 -22.97 -3.79
N SER K 115 -66.94 -22.82 -4.28
CA SER K 115 -67.99 -23.75 -3.92
C SER K 115 -67.67 -25.16 -4.37
N MET K 116 -66.98 -25.29 -5.51
CA MET K 116 -66.53 -26.59 -5.96
C MET K 116 -65.30 -27.06 -5.22
N GLY K 117 -64.53 -26.14 -4.65
CA GLY K 117 -63.37 -26.50 -3.85
C GLY K 117 -62.09 -26.67 -4.63
N ALA K 118 -61.96 -26.01 -5.76
CA ALA K 118 -60.77 -26.07 -6.59
C ALA K 118 -59.99 -24.78 -6.48
N HIS K 119 -58.78 -24.80 -6.98
CA HIS K 119 -57.97 -23.60 -7.17
C HIS K 119 -58.04 -23.18 -8.62
N LEU K 120 -57.84 -21.89 -8.86
CA LEU K 120 -57.84 -21.33 -10.19
C LEU K 120 -56.65 -20.39 -10.30
N ASN K 121 -56.02 -20.39 -11.46
CA ASN K 121 -54.72 -19.78 -11.60
C ASN K 121 -54.48 -19.38 -13.05
N ALA K 122 -53.58 -18.42 -13.21
CA ALA K 122 -53.19 -17.93 -14.51
C ALA K 122 -51.79 -17.35 -14.41
N TYR K 123 -51.16 -17.17 -15.57
CA TYR K 123 -49.91 -16.42 -15.64
C TYR K 123 -49.60 -16.14 -17.09
N SER K 124 -49.07 -14.96 -17.35
CA SER K 124 -48.64 -14.54 -18.66
C SER K 124 -47.14 -14.67 -18.80
N THR K 125 -46.67 -14.42 -20.01
CA THR K 125 -45.27 -14.37 -20.34
C THR K 125 -45.09 -13.37 -21.47
N ARG K 126 -43.93 -13.40 -22.11
CA ARG K 126 -43.67 -12.57 -23.27
C ARG K 126 -44.07 -13.24 -24.58
N GLU K 127 -44.18 -14.56 -24.60
CA GLU K 127 -44.71 -15.29 -25.74
C GLU K 127 -45.99 -16.05 -25.41
N HIS K 128 -45.93 -16.96 -24.46
CA HIS K 128 -47.04 -17.83 -24.15
C HIS K 128 -47.96 -17.14 -23.17
N THR K 129 -48.88 -17.91 -22.59
CA THR K 129 -49.90 -17.43 -21.68
C THR K 129 -50.66 -18.68 -21.26
N ALA K 130 -51.36 -18.61 -20.14
CA ALA K 130 -52.04 -19.80 -19.67
C ALA K 130 -53.04 -19.47 -18.58
N TYR K 131 -54.21 -20.07 -18.69
CA TYR K 131 -55.18 -20.18 -17.62
C TYR K 131 -55.32 -21.66 -17.29
N TYR K 132 -55.54 -21.97 -16.01
CA TYR K 132 -55.69 -23.37 -15.66
C TYR K 132 -56.33 -23.50 -14.30
N ILE K 133 -56.76 -24.73 -14.03
CA ILE K 133 -57.49 -25.11 -12.83
C ILE K 133 -56.77 -26.27 -12.20
N LYS K 134 -56.86 -26.37 -10.87
CA LYS K 134 -56.56 -27.57 -10.13
C LYS K 134 -57.85 -28.05 -9.49
N ALA K 135 -58.30 -29.23 -9.89
CA ALA K 135 -59.60 -29.71 -9.45
C ALA K 135 -59.56 -31.23 -9.38
N LEU K 136 -60.63 -31.77 -8.83
CA LEU K 136 -60.79 -33.21 -8.70
C LEU K 136 -61.30 -33.82 -9.98
N SER K 137 -61.22 -35.14 -10.03
CA SER K 137 -61.51 -35.84 -11.28
C SER K 137 -62.99 -35.79 -11.61
N LYS K 138 -63.84 -36.08 -10.64
CA LYS K 138 -65.26 -36.23 -10.92
C LYS K 138 -65.91 -34.90 -11.25
N ASP K 139 -65.38 -33.80 -10.71
CA ASP K 139 -65.94 -32.49 -10.94
C ASP K 139 -65.38 -31.83 -12.20
N LEU K 140 -64.65 -32.58 -13.02
CA LEU K 140 -64.02 -32.00 -14.20
C LEU K 140 -65.01 -31.47 -15.24
N PRO K 141 -66.11 -32.15 -15.59
CA PRO K 141 -66.97 -31.65 -16.67
C PRO K 141 -67.50 -30.24 -16.47
N LYS K 142 -67.49 -29.73 -15.25
CA LYS K 142 -67.88 -28.37 -14.98
C LYS K 142 -66.74 -27.39 -15.21
N ALA K 143 -65.50 -27.82 -14.97
CA ALA K 143 -64.35 -26.93 -15.11
C ALA K 143 -64.22 -26.46 -16.54
N VAL K 144 -64.17 -27.39 -17.48
CA VAL K 144 -63.89 -27.06 -18.88
C VAL K 144 -64.99 -26.19 -19.45
N GLU K 145 -66.20 -26.30 -18.91
CA GLU K 145 -67.30 -25.45 -19.35
C GLU K 145 -66.95 -23.98 -19.16
N LEU K 146 -66.26 -23.68 -18.07
CA LEU K 146 -66.05 -22.28 -17.68
C LEU K 146 -65.07 -21.60 -18.63
N LEU K 147 -64.05 -22.33 -19.07
CA LEU K 147 -62.99 -21.71 -19.84
C LEU K 147 -63.49 -21.21 -21.18
N ALA K 148 -64.54 -21.84 -21.71
CA ALA K 148 -65.23 -21.27 -22.86
C ALA K 148 -65.91 -19.97 -22.47
N ASP K 149 -66.52 -19.96 -21.29
CA ASP K 149 -67.17 -18.75 -20.80
C ASP K 149 -66.16 -17.66 -20.48
N ILE K 150 -64.87 -17.99 -20.42
CA ILE K 150 -63.81 -17.06 -20.05
C ILE K 150 -63.05 -16.65 -21.30
N VAL K 151 -62.47 -17.63 -21.99
CA VAL K 151 -61.66 -17.35 -23.17
C VAL K 151 -62.51 -16.65 -24.23
N GLN K 152 -63.67 -17.23 -24.54
CA GLN K 152 -64.53 -16.67 -25.58
C GLN K 152 -65.39 -15.53 -25.06
N ASN K 153 -66.11 -15.77 -23.96
CA ASN K 153 -67.21 -14.91 -23.54
C ASN K 153 -66.83 -14.01 -22.37
N CYS K 154 -65.63 -13.45 -22.37
CA CYS K 154 -65.30 -12.42 -21.40
C CYS K 154 -66.00 -11.12 -21.77
N SER K 155 -66.70 -10.53 -20.82
CA SER K 155 -67.54 -9.37 -21.10
C SER K 155 -66.79 -8.05 -20.96
N LEU K 156 -65.84 -7.97 -20.04
CA LEU K 156 -64.96 -6.82 -19.91
C LEU K 156 -65.75 -5.54 -19.61
N GLU K 157 -66.43 -5.55 -18.48
CA GLU K 157 -67.27 -4.41 -18.13
C GLU K 157 -66.41 -3.21 -17.73
N ASP K 158 -66.87 -2.03 -18.11
CA ASP K 158 -66.02 -0.84 -17.98
C ASP K 158 -65.80 -0.45 -16.53
N SER K 159 -66.75 -0.73 -15.64
CA SER K 159 -66.56 -0.39 -14.25
C SER K 159 -65.38 -1.15 -13.66
N GLN K 160 -65.13 -2.35 -14.17
CA GLN K 160 -63.96 -3.12 -13.73
C GLN K 160 -62.70 -2.67 -14.44
N ILE K 161 -62.80 -2.30 -15.72
CA ILE K 161 -61.64 -1.87 -16.48
C ILE K 161 -60.98 -0.68 -15.82
N GLU K 162 -61.75 0.20 -15.20
CA GLU K 162 -61.17 1.35 -14.54
C GLU K 162 -60.53 0.97 -13.22
N LYS K 163 -61.08 -0.01 -12.53
CA LYS K 163 -60.49 -0.45 -11.28
C LYS K 163 -59.13 -1.08 -11.51
N GLU K 164 -59.08 -2.05 -12.43
CA GLU K 164 -57.82 -2.73 -12.70
C GLU K 164 -56.78 -1.74 -13.21
N ARG K 165 -57.22 -0.77 -14.01
CA ARG K 165 -56.35 0.31 -14.47
C ARG K 165 -55.69 1.07 -13.32
N ASP K 166 -56.22 0.95 -12.10
CA ASP K 166 -55.55 1.43 -10.91
C ASP K 166 -54.72 0.36 -10.25
N VAL K 167 -55.20 -0.88 -10.30
CA VAL K 167 -54.47 -1.98 -9.67
C VAL K 167 -53.16 -2.21 -10.39
N ILE K 168 -53.17 -2.10 -11.71
CA ILE K 168 -51.96 -2.25 -12.49
C ILE K 168 -50.94 -1.21 -12.05
N LEU K 169 -51.39 0.03 -11.90
CA LEU K 169 -50.51 1.08 -11.43
C LEU K 169 -50.17 0.97 -9.96
N GLN K 170 -50.65 -0.07 -9.28
CA GLN K 170 -50.22 -0.39 -7.93
C GLN K 170 -49.12 -1.44 -7.92
N GLU K 171 -49.05 -2.28 -8.96
CA GLU K 171 -48.07 -3.36 -8.99
C GLU K 171 -46.78 -2.97 -9.68
N LEU K 172 -46.84 -2.07 -10.65
CA LEU K 172 -45.61 -1.49 -11.16
C LEU K 172 -44.84 -0.81 -10.05
N GLN K 173 -45.55 -0.22 -9.10
CA GLN K 173 -44.91 0.28 -7.90
C GLN K 173 -44.29 -0.85 -7.09
N GLU K 174 -44.95 -2.00 -7.05
CA GLU K 174 -44.44 -3.12 -6.26
C GLU K 174 -43.21 -3.73 -6.92
N ASN K 175 -43.29 -4.02 -8.22
CA ASN K 175 -42.19 -4.70 -8.90
C ASN K 175 -40.92 -3.88 -8.91
N ASP K 176 -41.02 -2.57 -8.66
CA ASP K 176 -39.83 -1.79 -8.34
C ASP K 176 -39.08 -2.42 -7.17
N THR K 177 -39.81 -2.98 -6.22
CA THR K 177 -39.22 -3.63 -5.07
C THR K 177 -38.84 -5.08 -5.35
N SER K 178 -39.44 -5.70 -6.37
CA SER K 178 -39.04 -7.03 -6.80
C SER K 178 -37.82 -6.85 -7.69
N MET K 179 -36.68 -6.60 -7.04
CA MET K 179 -35.51 -6.10 -7.72
C MET K 179 -35.00 -7.07 -8.75
N ARG K 180 -35.20 -8.36 -8.50
CA ARG K 180 -34.78 -9.38 -9.46
C ARG K 180 -35.48 -9.19 -10.79
N ASP K 181 -36.80 -9.06 -10.76
CA ASP K 181 -37.57 -8.96 -11.98
C ASP K 181 -37.33 -7.66 -12.72
N VAL K 182 -36.81 -6.65 -12.02
CA VAL K 182 -36.42 -5.42 -12.70
C VAL K 182 -35.25 -5.68 -13.61
N VAL K 183 -34.36 -6.57 -13.20
CA VAL K 183 -33.15 -6.79 -13.96
C VAL K 183 -33.48 -7.43 -15.30
N PHE K 184 -34.26 -8.51 -15.27
CA PHE K 184 -34.60 -9.21 -16.50
C PHE K 184 -35.41 -8.32 -17.41
N ASN K 185 -36.26 -7.48 -16.84
CA ASN K 185 -36.98 -6.50 -17.66
C ASN K 185 -36.03 -5.50 -18.28
N TYR K 186 -34.91 -5.24 -17.63
CA TYR K 186 -33.85 -4.44 -18.26
C TYR K 186 -33.06 -5.30 -19.24
N LEU K 187 -32.81 -6.56 -18.88
CA LEU K 187 -32.01 -7.41 -19.73
C LEU K 187 -32.69 -7.65 -21.07
N HIS K 188 -33.94 -8.12 -21.03
CA HIS K 188 -34.72 -8.32 -22.24
C HIS K 188 -34.87 -7.02 -23.01
N ALA K 189 -34.83 -5.90 -22.31
CA ALA K 189 -35.04 -4.61 -22.94
C ALA K 189 -33.85 -4.17 -23.78
N THR K 190 -32.65 -4.67 -23.47
CA THR K 190 -31.43 -4.25 -24.15
C THR K 190 -31.07 -5.16 -25.31
N ALA K 191 -30.79 -6.42 -24.99
CA ALA K 191 -30.32 -7.36 -26.00
C ALA K 191 -31.31 -7.50 -27.14
N PHE K 192 -32.59 -7.28 -26.88
CA PHE K 192 -33.65 -7.32 -27.87
C PHE K 192 -34.22 -5.93 -28.10
N GLN K 193 -33.36 -4.92 -28.07
CA GLN K 193 -33.81 -3.56 -28.29
C GLN K 193 -34.38 -3.41 -29.70
N GLY K 194 -35.34 -2.51 -29.82
CA GLY K 194 -35.97 -2.24 -31.08
C GLY K 194 -37.09 -3.18 -31.47
N THR K 195 -37.10 -4.39 -30.95
CA THR K 195 -38.13 -5.36 -31.28
C THR K 195 -39.30 -5.23 -30.33
N PRO K 196 -40.41 -5.92 -30.60
CA PRO K 196 -41.47 -5.99 -29.59
C PRO K 196 -41.04 -6.70 -28.34
N LEU K 197 -39.98 -7.51 -28.40
CA LEU K 197 -39.64 -8.37 -27.30
C LEU K 197 -39.02 -7.62 -26.13
N ALA K 198 -38.46 -6.45 -26.38
CA ALA K 198 -37.98 -5.61 -25.30
C ALA K 198 -39.11 -5.11 -24.41
N GLN K 199 -40.36 -5.30 -24.79
CA GLN K 199 -41.47 -4.80 -24.02
C GLN K 199 -41.59 -5.55 -22.71
N SER K 200 -42.26 -4.90 -21.76
CA SER K 200 -42.61 -5.52 -20.51
C SER K 200 -43.82 -6.42 -20.73
N VAL K 201 -44.39 -6.88 -19.63
CA VAL K 201 -45.57 -7.72 -19.65
C VAL K 201 -46.80 -6.94 -19.28
N GLU K 202 -46.69 -6.18 -18.20
CA GLU K 202 -47.79 -5.32 -17.78
C GLU K 202 -47.86 -4.06 -18.61
N GLY K 203 -46.81 -3.72 -19.35
CA GLY K 203 -46.79 -2.56 -20.19
C GLY K 203 -46.36 -1.33 -19.44
N PRO K 204 -45.91 -0.29 -20.15
CA PRO K 204 -45.59 0.96 -19.47
C PRO K 204 -46.81 1.57 -18.81
N SER K 205 -46.54 2.41 -17.82
CA SER K 205 -47.63 3.08 -17.12
C SER K 205 -48.39 4.00 -18.05
N GLU K 206 -47.76 4.47 -19.12
CA GLU K 206 -48.41 5.37 -20.05
C GLU K 206 -49.51 4.67 -20.82
N ASN K 207 -49.19 3.56 -21.48
CA ASN K 207 -50.18 2.88 -22.31
C ASN K 207 -51.33 2.34 -21.49
N VAL K 208 -51.06 1.98 -20.24
CA VAL K 208 -52.11 1.43 -19.40
C VAL K 208 -53.13 2.51 -19.06
N ARG K 209 -52.72 3.77 -19.06
CA ARG K 209 -53.63 4.89 -18.90
C ARG K 209 -54.18 5.39 -20.23
N LYS K 210 -54.06 4.59 -21.29
CA LYS K 210 -54.55 4.97 -22.61
C LYS K 210 -55.20 3.80 -23.34
N LEU K 211 -55.24 2.62 -22.76
CA LEU K 211 -55.69 1.44 -23.47
C LEU K 211 -57.22 1.43 -23.49
N SER K 212 -57.79 0.98 -24.60
CA SER K 212 -59.22 1.00 -24.82
C SER K 212 -59.80 -0.40 -24.87
N ARG K 213 -61.13 -0.45 -24.79
CA ARG K 213 -61.85 -1.70 -24.96
C ARG K 213 -61.61 -2.28 -26.34
N ALA K 214 -61.51 -1.43 -27.35
CA ALA K 214 -61.34 -1.91 -28.72
C ALA K 214 -59.99 -2.57 -28.90
N ASP K 215 -58.94 -2.01 -28.29
CA ASP K 215 -57.62 -2.62 -28.38
C ASP K 215 -57.62 -3.99 -27.75
N LEU K 216 -58.28 -4.12 -26.59
CA LEU K 216 -58.51 -5.43 -26.02
C LEU K 216 -59.33 -6.30 -26.96
N THR K 217 -60.43 -5.76 -27.46
CA THR K 217 -61.30 -6.51 -28.35
C THR K 217 -60.56 -6.94 -29.60
N GLU K 218 -59.75 -6.04 -30.14
CA GLU K 218 -58.98 -6.36 -31.33
C GLU K 218 -57.84 -7.32 -31.00
N TYR K 219 -57.18 -7.10 -29.86
CA TYR K 219 -56.14 -8.03 -29.42
C TYR K 219 -56.73 -9.40 -29.14
N LEU K 220 -57.82 -9.42 -28.41
CA LEU K 220 -58.48 -10.67 -28.06
C LEU K 220 -58.92 -11.40 -29.30
N SER K 221 -59.50 -10.68 -30.26
CA SER K 221 -60.17 -11.29 -31.40
C SER K 221 -59.21 -11.86 -32.43
N ARG K 222 -57.91 -11.82 -32.19
CA ARG K 222 -56.92 -12.29 -33.14
C ARG K 222 -56.09 -13.45 -32.62
N HIS K 223 -55.69 -13.42 -31.36
CA HIS K 223 -54.74 -14.39 -30.84
C HIS K 223 -55.41 -15.63 -30.28
N TYR K 224 -56.56 -15.47 -29.63
CA TYR K 224 -57.32 -16.61 -29.13
C TYR K 224 -57.97 -17.30 -30.32
N LYS K 225 -57.18 -18.15 -30.97
CA LYS K 225 -57.66 -18.92 -32.11
C LYS K 225 -57.16 -20.35 -31.99
N ALA K 226 -58.06 -21.27 -32.31
CA ALA K 226 -57.82 -22.70 -32.09
C ALA K 226 -56.50 -23.23 -32.60
N PRO K 227 -56.02 -22.87 -33.80
CA PRO K 227 -54.76 -23.46 -34.28
C PRO K 227 -53.56 -23.09 -33.43
N ARG K 228 -53.64 -21.98 -32.70
CA ARG K 228 -52.57 -21.48 -31.86
C ARG K 228 -52.97 -21.53 -30.39
N MET K 229 -53.77 -22.52 -30.03
CA MET K 229 -54.18 -22.80 -28.67
C MET K 229 -53.94 -24.25 -28.37
N VAL K 230 -54.13 -24.60 -27.10
CA VAL K 230 -53.93 -25.96 -26.61
C VAL K 230 -54.83 -26.14 -25.42
N LEU K 231 -55.24 -27.37 -25.18
CA LEU K 231 -55.82 -27.82 -23.95
C LEU K 231 -55.01 -29.01 -23.47
N ALA K 232 -54.82 -29.10 -22.16
CA ALA K 232 -54.14 -30.25 -21.61
C ALA K 232 -54.58 -30.45 -20.18
N ALA K 233 -54.42 -31.70 -19.73
CA ALA K 233 -54.69 -32.02 -18.34
C ALA K 233 -54.13 -33.40 -18.05
N ALA K 234 -53.97 -33.69 -16.77
CA ALA K 234 -53.53 -35.01 -16.36
C ALA K 234 -53.95 -35.21 -14.91
N GLY K 235 -53.56 -36.35 -14.35
CA GLY K 235 -54.10 -36.81 -13.11
C GLY K 235 -55.21 -37.80 -13.34
N GLY K 236 -56.31 -37.64 -12.60
CA GLY K 236 -57.40 -38.59 -12.67
C GLY K 236 -58.37 -38.37 -13.81
N LEU K 237 -58.01 -38.75 -15.02
CA LEU K 237 -58.98 -38.72 -16.10
C LEU K 237 -58.52 -39.60 -17.24
N GLU K 238 -59.43 -39.79 -18.18
CA GLU K 238 -59.20 -40.47 -19.44
C GLU K 238 -59.31 -39.46 -20.58
N HIS K 239 -58.57 -39.72 -21.65
CA HIS K 239 -58.47 -38.76 -22.74
C HIS K 239 -59.80 -38.53 -23.44
N ARG K 240 -60.71 -39.50 -23.37
CA ARG K 240 -62.02 -39.40 -24.03
C ARG K 240 -63.13 -38.95 -23.10
N GLN K 241 -62.85 -38.78 -21.81
CA GLN K 241 -63.69 -37.93 -20.99
C GLN K 241 -63.59 -36.48 -21.42
N LEU K 242 -62.54 -36.13 -22.16
CA LEU K 242 -62.14 -34.76 -22.41
C LEU K 242 -62.41 -34.33 -23.84
N LEU K 243 -62.07 -35.19 -24.80
CA LEU K 243 -62.20 -34.83 -26.21
C LEU K 243 -63.64 -34.49 -26.56
N ASP K 244 -64.58 -35.20 -25.96
CA ASP K 244 -65.99 -34.87 -26.14
C ASP K 244 -66.29 -33.47 -25.63
N LEU K 245 -65.60 -33.07 -24.55
CA LEU K 245 -65.96 -31.84 -23.88
C LEU K 245 -65.48 -30.61 -24.62
N ALA K 246 -64.33 -30.69 -25.28
CA ALA K 246 -63.94 -29.62 -26.19
C ALA K 246 -64.71 -29.71 -27.49
N GLN K 247 -65.09 -30.92 -27.90
CA GLN K 247 -66.02 -31.09 -28.99
C GLN K 247 -67.39 -30.57 -28.61
N LYS K 248 -67.70 -30.58 -27.32
CA LYS K 248 -68.96 -30.03 -26.83
C LYS K 248 -68.91 -28.50 -26.78
N HIS K 249 -67.93 -27.96 -26.06
CA HIS K 249 -67.89 -26.55 -25.71
C HIS K 249 -67.07 -25.69 -26.67
N PHE K 250 -65.85 -26.11 -26.98
CA PHE K 250 -64.94 -25.31 -27.79
C PHE K 250 -65.11 -25.53 -29.29
N SER K 251 -66.05 -26.35 -29.72
CA SER K 251 -66.22 -26.59 -31.15
C SER K 251 -66.66 -25.33 -31.88
N GLY K 252 -67.36 -24.43 -31.20
CA GLY K 252 -67.81 -23.19 -31.81
C GLY K 252 -66.74 -22.12 -31.92
N LEU K 253 -65.52 -22.42 -31.50
CA LEU K 253 -64.45 -21.43 -31.54
C LEU K 253 -64.10 -21.05 -32.98
N SER K 254 -63.58 -19.84 -33.13
CA SER K 254 -63.18 -19.33 -34.44
C SER K 254 -61.91 -20.02 -34.90
N GLY K 255 -62.06 -21.15 -35.59
CA GLY K 255 -60.93 -21.93 -36.08
C GLY K 255 -60.25 -21.39 -37.32
N THR K 256 -60.52 -20.15 -37.70
CA THR K 256 -59.94 -19.56 -38.91
C THR K 256 -59.78 -18.07 -38.68
N TYR K 257 -59.59 -17.32 -39.76
CA TYR K 257 -59.22 -15.92 -39.66
C TYR K 257 -59.28 -15.29 -41.05
N ASP K 258 -59.31 -13.97 -41.08
CA ASP K 258 -59.15 -13.25 -42.34
C ASP K 258 -57.73 -13.41 -42.84
N GLU K 259 -57.60 -13.88 -44.08
CA GLU K 259 -56.40 -14.52 -44.63
C GLU K 259 -55.07 -13.88 -44.25
N ASP K 260 -55.05 -12.57 -44.07
CA ASP K 260 -53.84 -11.82 -43.73
C ASP K 260 -53.87 -11.24 -42.32
N ALA K 261 -54.58 -11.90 -41.39
CA ALA K 261 -54.79 -11.34 -40.06
C ALA K 261 -53.89 -11.97 -39.00
N VAL K 262 -53.43 -13.20 -39.22
CA VAL K 262 -52.71 -13.97 -38.22
C VAL K 262 -51.22 -13.96 -38.61
N PRO K 263 -50.41 -13.08 -38.04
CA PRO K 263 -49.00 -13.03 -38.45
C PRO K 263 -48.16 -14.16 -37.85
N THR K 264 -47.03 -14.38 -38.49
CA THR K 264 -45.97 -15.20 -37.96
C THR K 264 -44.89 -14.30 -37.38
N LEU K 265 -43.76 -14.89 -37.04
CA LEU K 265 -42.75 -14.25 -36.21
C LEU K 265 -41.74 -13.49 -37.05
N SER K 266 -41.10 -12.54 -36.39
CA SER K 266 -39.87 -11.94 -36.86
C SER K 266 -38.69 -12.58 -36.15
N PRO K 267 -37.60 -12.91 -36.82
CA PRO K 267 -36.43 -13.36 -36.06
C PRO K 267 -35.91 -12.24 -35.18
N CYS K 268 -36.04 -12.40 -33.88
CA CYS K 268 -35.56 -11.41 -32.94
C CYS K 268 -34.05 -11.48 -32.88
N ARG K 269 -33.38 -10.41 -33.30
CA ARG K 269 -31.94 -10.40 -33.26
C ARG K 269 -31.45 -10.30 -31.83
N PHE K 270 -30.13 -10.25 -31.68
CA PHE K 270 -29.48 -10.15 -30.40
C PHE K 270 -28.46 -9.03 -30.44
N THR K 271 -28.44 -8.24 -29.39
CA THR K 271 -27.46 -7.18 -29.23
C THR K 271 -26.56 -7.54 -28.07
N GLY K 272 -25.31 -7.08 -28.17
CA GLY K 272 -24.41 -7.06 -27.04
C GLY K 272 -24.34 -5.66 -26.48
N SER K 273 -25.01 -5.41 -25.37
CA SER K 273 -25.12 -4.07 -24.85
C SER K 273 -25.27 -4.12 -23.34
N GLN K 274 -24.84 -3.05 -22.69
CA GLN K 274 -24.87 -2.92 -21.24
C GLN K 274 -25.90 -1.88 -20.86
N ILE K 275 -26.55 -2.12 -19.73
CA ILE K 275 -27.48 -1.17 -19.13
C ILE K 275 -27.25 -1.21 -17.63
N CYS K 276 -27.37 -0.05 -17.00
CA CYS K 276 -27.01 0.10 -15.60
C CYS K 276 -27.88 1.17 -15.00
N HIS K 277 -28.60 0.83 -13.92
CA HIS K 277 -29.38 1.80 -13.16
C HIS K 277 -28.63 2.06 -11.87
N ARG K 278 -27.67 2.98 -11.96
CA ARG K 278 -26.78 3.28 -10.85
C ARG K 278 -27.58 3.83 -9.68
N GLU K 279 -27.50 3.15 -8.55
CA GLU K 279 -28.25 3.52 -7.37
C GLU K 279 -27.42 3.11 -6.15
N ASP K 280 -26.65 4.07 -5.61
CA ASP K 280 -25.76 3.76 -4.52
C ASP K 280 -26.46 3.69 -3.18
N GLY K 281 -27.70 4.18 -3.09
CA GLY K 281 -28.35 4.30 -1.80
C GLY K 281 -28.90 3.00 -1.27
N LEU K 282 -29.00 1.98 -2.10
CA LEU K 282 -29.70 0.76 -1.74
C LEU K 282 -28.76 -0.24 -1.09
N PRO K 283 -29.30 -1.32 -0.52
CA PRO K 283 -28.42 -2.26 0.18
C PRO K 283 -27.49 -3.01 -0.74
N LEU K 284 -28.06 -3.59 -1.79
CA LEU K 284 -27.37 -4.54 -2.63
C LEU K 284 -27.61 -4.22 -4.09
N ALA K 285 -26.83 -4.88 -4.94
CA ALA K 285 -26.85 -4.65 -6.37
C ALA K 285 -27.19 -5.95 -7.06
N HIS K 286 -28.35 -5.98 -7.71
CA HIS K 286 -28.76 -7.11 -8.50
C HIS K 286 -28.17 -6.95 -9.89
N VAL K 287 -27.54 -8.02 -10.38
CA VAL K 287 -26.80 -7.98 -11.62
C VAL K 287 -27.12 -9.21 -12.44
N ALA K 288 -27.01 -9.07 -13.75
CA ALA K 288 -27.21 -10.17 -14.68
C ALA K 288 -26.37 -9.95 -15.92
N ILE K 289 -25.95 -11.06 -16.50
CA ILE K 289 -25.31 -11.06 -17.80
C ILE K 289 -25.83 -12.24 -18.57
N ALA K 290 -25.90 -12.11 -19.88
CA ALA K 290 -26.28 -13.24 -20.71
C ALA K 290 -25.94 -12.98 -22.15
N VAL K 291 -26.08 -14.02 -22.95
CA VAL K 291 -25.76 -14.02 -24.36
C VAL K 291 -26.98 -14.48 -25.13
N GLU K 292 -26.83 -14.56 -26.44
CA GLU K 292 -27.87 -15.13 -27.28
C GLU K 292 -28.03 -16.61 -26.97
N GLY K 293 -29.28 -17.04 -26.85
CA GLY K 293 -29.60 -18.44 -26.77
C GLY K 293 -29.92 -18.99 -28.13
N PRO K 294 -29.83 -20.30 -28.30
CA PRO K 294 -30.09 -20.89 -29.62
C PRO K 294 -31.55 -20.85 -30.03
N GLY K 295 -32.43 -21.24 -29.13
CA GLY K 295 -33.84 -21.38 -29.40
C GLY K 295 -34.39 -22.62 -28.73
N TRP K 296 -35.66 -22.89 -28.99
CA TRP K 296 -36.32 -24.08 -28.44
C TRP K 296 -35.82 -25.33 -29.13
N ALA K 297 -36.03 -25.41 -30.44
CA ALA K 297 -35.86 -26.64 -31.18
C ALA K 297 -34.43 -27.16 -31.16
N HIS K 298 -33.46 -26.27 -31.02
CA HIS K 298 -32.09 -26.65 -31.24
C HIS K 298 -31.64 -27.61 -30.15
N PRO K 299 -31.12 -28.80 -30.49
CA PRO K 299 -30.97 -29.84 -29.47
C PRO K 299 -29.89 -29.58 -28.46
N ASP K 300 -28.98 -28.64 -28.71
CA ASP K 300 -27.87 -28.43 -27.78
C ASP K 300 -28.32 -27.78 -26.49
N ASN K 301 -29.58 -27.37 -26.37
CA ASN K 301 -30.14 -27.01 -25.07
C ASN K 301 -29.94 -28.12 -24.05
N VAL K 302 -29.99 -29.37 -24.49
CA VAL K 302 -29.73 -30.46 -23.56
C VAL K 302 -28.28 -30.42 -23.13
N ALA K 303 -27.40 -29.86 -23.96
CA ALA K 303 -26.02 -29.65 -23.53
C ALA K 303 -25.94 -28.53 -22.51
N LEU K 304 -26.59 -27.40 -22.80
CA LEU K 304 -26.37 -26.20 -22.01
C LEU K 304 -26.96 -26.34 -20.63
N GLN K 305 -28.09 -27.03 -20.50
CA GLN K 305 -28.68 -27.25 -19.19
C GLN K 305 -27.72 -27.99 -18.28
N VAL K 306 -26.87 -28.84 -18.86
CA VAL K 306 -25.85 -29.49 -18.07
C VAL K 306 -24.84 -28.46 -17.58
N ALA K 307 -24.36 -27.61 -18.50
CA ALA K 307 -23.31 -26.67 -18.16
C ALA K 307 -23.74 -25.71 -17.07
N ASN K 308 -24.97 -25.21 -17.14
CA ASN K 308 -25.49 -24.41 -16.05
C ASN K 308 -25.53 -25.23 -14.77
N ALA K 309 -25.88 -26.51 -14.88
CA ALA K 309 -25.90 -27.36 -13.71
C ALA K 309 -24.50 -27.57 -13.17
N ILE K 310 -23.50 -27.58 -14.05
CA ILE K 310 -22.13 -27.67 -13.58
C ILE K 310 -21.79 -26.46 -12.73
N ILE K 311 -22.23 -25.29 -13.18
CA ILE K 311 -22.00 -24.07 -12.43
C ILE K 311 -22.96 -23.99 -11.25
N GLY K 312 -24.25 -23.92 -11.53
CA GLY K 312 -25.24 -24.17 -10.53
C GLY K 312 -25.83 -22.95 -9.87
N HIS K 313 -25.69 -22.86 -8.55
CA HIS K 313 -26.41 -21.86 -7.79
C HIS K 313 -25.97 -21.95 -6.33
N TYR K 314 -26.31 -20.90 -5.58
CA TYR K 314 -25.95 -20.76 -4.18
C TYR K 314 -26.70 -19.55 -3.65
N ASP K 315 -27.26 -19.67 -2.46
CA ASP K 315 -27.78 -18.47 -1.78
C ASP K 315 -27.70 -18.67 -0.27
N CYS K 316 -26.54 -18.32 0.29
CA CYS K 316 -26.35 -17.90 1.67
C CYS K 316 -26.98 -18.77 2.76
N THR K 317 -27.42 -19.98 2.41
CA THR K 317 -28.06 -20.88 3.37
C THR K 317 -27.62 -22.31 3.26
N TYR K 318 -27.08 -22.73 2.13
CA TYR K 318 -26.67 -24.11 1.96
C TYR K 318 -25.51 -24.44 2.88
N GLY K 319 -25.68 -25.49 3.66
CA GLY K 319 -24.68 -25.89 4.61
C GLY K 319 -23.42 -26.49 4.02
N GLY K 320 -23.32 -26.57 2.70
CA GLY K 320 -22.12 -27.16 2.11
C GLY K 320 -20.90 -26.29 2.30
N GLY K 321 -21.02 -25.02 1.94
CA GLY K 321 -19.92 -24.10 2.12
C GLY K 321 -18.74 -24.46 1.25
N ALA K 322 -17.55 -24.43 1.85
CA ALA K 322 -16.33 -24.70 1.11
C ALA K 322 -16.32 -26.11 0.53
N HIS K 323 -16.97 -27.05 1.21
CA HIS K 323 -16.93 -28.44 0.77
C HIS K 323 -17.82 -28.71 -0.44
N LEU K 324 -18.52 -27.70 -0.96
CA LEU K 324 -19.29 -27.88 -2.16
C LEU K 324 -18.38 -28.26 -3.33
N SER K 325 -19.03 -28.57 -4.45
CA SER K 325 -18.34 -29.09 -5.63
C SER K 325 -18.17 -28.04 -6.71
N SER K 326 -19.20 -27.28 -6.99
CA SER K 326 -19.10 -26.26 -8.00
C SER K 326 -18.11 -25.20 -7.53
N PRO K 327 -17.00 -24.96 -8.23
CA PRO K 327 -16.01 -23.99 -7.73
C PRO K 327 -16.59 -22.62 -7.52
N LEU K 328 -17.56 -22.23 -8.32
CA LEU K 328 -18.18 -20.92 -8.16
C LEU K 328 -18.89 -20.79 -6.82
N ALA K 329 -19.30 -21.91 -6.23
CA ALA K 329 -20.01 -21.86 -4.96
C ALA K 329 -19.05 -21.85 -3.78
N SER K 330 -18.10 -22.79 -3.79
CA SER K 330 -17.18 -22.92 -2.67
C SER K 330 -16.39 -21.64 -2.47
N ILE K 331 -16.07 -20.96 -3.56
CA ILE K 331 -15.37 -19.70 -3.48
C ILE K 331 -16.25 -18.65 -2.79
N ALA K 332 -17.46 -18.49 -3.30
CA ALA K 332 -18.38 -17.50 -2.74
C ALA K 332 -18.78 -17.82 -1.31
N ALA K 333 -18.67 -19.09 -0.92
CA ALA K 333 -18.88 -19.44 0.49
C ALA K 333 -17.62 -19.16 1.28
N THR K 334 -16.49 -19.54 0.71
CA THR K 334 -15.21 -19.31 1.35
C THR K 334 -14.99 -17.82 1.60
N ASN K 335 -14.98 -17.04 0.53
CA ASN K 335 -14.66 -15.64 0.59
C ASN K 335 -15.87 -14.75 0.89
N LYS K 336 -17.07 -15.31 0.92
CA LYS K 336 -18.28 -14.57 1.27
C LYS K 336 -18.50 -13.39 0.33
N LEU K 337 -18.17 -13.59 -0.93
CA LEU K 337 -18.22 -12.50 -1.89
C LEU K 337 -19.64 -12.03 -2.14
N CYS K 338 -20.60 -12.95 -2.13
CA CYS K 338 -21.95 -12.66 -2.58
C CYS K 338 -22.95 -13.23 -1.58
N GLN K 339 -24.21 -13.02 -1.89
CA GLN K 339 -25.32 -13.53 -1.11
C GLN K 339 -26.18 -14.52 -1.86
N SER K 340 -26.29 -14.38 -3.17
CA SER K 340 -27.08 -15.32 -3.95
C SER K 340 -26.79 -15.12 -5.42
N PHE K 341 -26.91 -16.22 -6.16
CA PHE K 341 -26.85 -16.15 -7.61
C PHE K 341 -27.41 -17.43 -8.18
N GLN K 342 -27.89 -17.33 -9.41
CA GLN K 342 -28.49 -18.43 -10.11
C GLN K 342 -28.22 -18.27 -11.59
N THR K 343 -28.05 -19.40 -12.25
CA THR K 343 -28.02 -19.42 -13.70
C THR K 343 -29.43 -19.61 -14.20
N PHE K 344 -29.56 -19.86 -15.49
CA PHE K 344 -30.86 -20.07 -16.10
C PHE K 344 -30.62 -20.60 -17.50
N ASN K 345 -31.71 -20.78 -18.24
CA ASN K 345 -31.65 -20.87 -19.68
C ASN K 345 -33.04 -20.55 -20.19
N ILE K 346 -33.22 -19.34 -20.64
CA ILE K 346 -34.46 -18.96 -21.29
C ILE K 346 -34.32 -19.26 -22.77
N CYS K 347 -35.43 -19.68 -23.37
CA CYS K 347 -35.44 -20.10 -24.76
C CYS K 347 -36.69 -19.55 -25.40
N TYR K 348 -36.51 -18.80 -26.48
CA TYR K 348 -37.59 -18.25 -27.27
C TYR K 348 -37.51 -18.85 -28.67
N ALA K 349 -38.32 -18.31 -29.58
CA ALA K 349 -38.70 -18.98 -30.82
C ALA K 349 -37.50 -19.48 -31.60
N ASP K 350 -36.68 -18.56 -32.08
CA ASP K 350 -35.45 -18.88 -32.79
C ASP K 350 -34.24 -18.27 -32.08
N THR K 351 -34.34 -18.10 -30.77
CA THR K 351 -33.23 -17.63 -29.96
C THR K 351 -33.61 -17.83 -28.50
N GLY K 352 -32.71 -17.45 -27.62
CA GLY K 352 -32.98 -17.59 -26.21
C GLY K 352 -32.12 -16.63 -25.43
N LEU K 353 -31.94 -16.95 -24.15
CA LEU K 353 -31.01 -16.22 -23.31
C LEU K 353 -30.31 -17.19 -22.40
N LEU K 354 -28.99 -17.11 -22.39
CA LEU K 354 -28.13 -17.94 -21.57
C LEU K 354 -27.21 -17.03 -20.78
N GLY K 355 -27.19 -17.21 -19.47
CA GLY K 355 -26.30 -16.43 -18.65
C GLY K 355 -26.45 -16.66 -17.18
N ALA K 356 -26.55 -15.57 -16.41
CA ALA K 356 -26.67 -15.74 -14.98
C ALA K 356 -27.09 -14.43 -14.33
N HIS K 357 -27.53 -14.58 -13.10
CA HIS K 357 -27.93 -13.49 -12.24
C HIS K 357 -27.29 -13.68 -10.89
N PHE K 358 -26.78 -12.60 -10.32
CA PHE K 358 -26.09 -12.69 -9.04
C PHE K 358 -26.29 -11.41 -8.28
N VAL K 359 -26.14 -11.53 -6.97
CA VAL K 359 -26.41 -10.46 -6.03
C VAL K 359 -25.26 -10.43 -5.04
N CYS K 360 -24.61 -9.28 -4.93
CA CYS K 360 -23.47 -9.19 -4.03
C CYS K 360 -23.25 -7.76 -3.61
N ASP K 361 -22.57 -7.63 -2.48
CA ASP K 361 -22.15 -6.35 -1.96
C ASP K 361 -21.29 -5.63 -2.98
N HIS K 362 -21.26 -4.31 -2.88
CA HIS K 362 -20.67 -3.49 -3.93
C HIS K 362 -19.17 -3.70 -4.03
N MET K 363 -18.52 -4.09 -2.94
CA MET K 363 -17.08 -4.27 -2.95
C MET K 363 -16.64 -5.62 -3.50
N SER K 364 -17.52 -6.36 -4.16
CA SER K 364 -17.19 -7.72 -4.57
C SER K 364 -17.74 -8.10 -5.95
N ILE K 365 -18.24 -7.15 -6.73
CA ILE K 365 -18.79 -7.51 -8.04
C ILE K 365 -17.68 -7.98 -8.97
N ASP K 366 -16.62 -7.19 -9.08
CA ASP K 366 -15.58 -7.48 -10.07
C ASP K 366 -14.93 -8.82 -9.78
N ASP K 367 -14.85 -9.20 -8.52
CA ASP K 367 -14.24 -10.47 -8.19
C ASP K 367 -15.10 -11.63 -8.66
N MET K 368 -16.42 -11.52 -8.51
CA MET K 368 -17.32 -12.59 -8.94
C MET K 368 -17.25 -12.78 -10.44
N MET K 369 -17.25 -11.68 -11.18
CA MET K 369 -17.34 -11.76 -12.62
C MET K 369 -16.12 -12.45 -13.20
N PHE K 370 -14.95 -12.26 -12.59
CA PHE K 370 -13.76 -12.94 -13.06
C PHE K 370 -13.91 -14.44 -12.88
N VAL K 371 -14.49 -14.85 -11.76
CA VAL K 371 -14.63 -16.26 -11.49
C VAL K 371 -15.62 -16.86 -12.47
N LEU K 372 -16.76 -16.18 -12.66
CA LEU K 372 -17.77 -16.67 -13.58
C LEU K 372 -17.20 -16.86 -14.97
N GLN K 373 -16.58 -15.82 -15.50
CA GLN K 373 -15.95 -15.92 -16.80
C GLN K 373 -14.87 -16.98 -16.81
N GLY K 374 -14.16 -17.17 -15.70
CA GLY K 374 -13.14 -18.19 -15.62
C GLY K 374 -13.70 -19.58 -15.83
N GLN K 375 -14.95 -19.80 -15.43
CA GLN K 375 -15.52 -21.13 -15.52
C GLN K 375 -15.97 -21.43 -16.94
N TRP K 376 -16.60 -20.46 -17.59
CA TRP K 376 -17.05 -20.67 -18.96
C TRP K 376 -15.88 -21.02 -19.87
N MET K 377 -14.83 -20.22 -19.80
CA MET K 377 -13.62 -20.54 -20.55
C MET K 377 -13.07 -21.89 -20.15
N ARG K 378 -13.21 -22.24 -18.86
CA ARG K 378 -12.77 -23.54 -18.42
C ARG K 378 -13.61 -24.64 -19.06
N LEU K 379 -14.91 -24.40 -19.20
CA LEU K 379 -15.79 -25.43 -19.75
C LEU K 379 -15.64 -25.52 -21.25
N CYS K 380 -15.53 -24.38 -21.92
CA CYS K 380 -15.30 -24.39 -23.35
C CYS K 380 -13.98 -25.05 -23.71
N THR K 381 -13.01 -25.04 -22.79
CA THR K 381 -11.69 -25.57 -23.04
C THR K 381 -11.42 -26.89 -22.34
N SER K 382 -11.58 -26.93 -21.02
CA SER K 382 -11.14 -28.07 -20.21
C SER K 382 -12.33 -28.50 -19.35
N ALA K 383 -13.18 -29.33 -19.92
CA ALA K 383 -14.36 -29.86 -19.24
C ALA K 383 -14.07 -31.29 -18.83
N THR K 384 -13.76 -31.45 -17.55
CA THR K 384 -13.42 -32.78 -17.04
C THR K 384 -14.63 -33.68 -17.08
N GLU K 385 -14.43 -34.89 -17.62
CA GLU K 385 -15.53 -35.85 -17.76
C GLU K 385 -16.17 -36.13 -16.41
N SER K 386 -15.37 -36.22 -15.36
CA SER K 386 -15.92 -36.45 -14.03
C SER K 386 -16.86 -35.36 -13.61
N GLU K 387 -16.65 -34.14 -14.10
CA GLU K 387 -17.53 -33.04 -13.78
C GLU K 387 -18.75 -33.02 -14.68
N VAL K 388 -18.74 -33.76 -15.78
CA VAL K 388 -19.90 -33.81 -16.65
C VAL K 388 -20.97 -34.68 -16.04
N LEU K 389 -20.60 -35.88 -15.60
CA LEU K 389 -21.56 -36.83 -15.06
C LEU K 389 -22.31 -36.27 -13.88
N ARG K 390 -21.72 -35.29 -13.19
CA ARG K 390 -22.47 -34.56 -12.19
C ARG K 390 -23.67 -33.88 -12.83
N GLY K 391 -23.41 -33.00 -13.78
CA GLY K 391 -24.47 -32.18 -14.32
C GLY K 391 -25.50 -33.02 -15.05
N LYS K 392 -25.06 -34.08 -15.71
CA LYS K 392 -26.00 -35.03 -16.28
C LYS K 392 -26.90 -35.60 -15.19
N ASN K 393 -26.28 -36.12 -14.13
CA ASN K 393 -27.04 -36.64 -13.02
C ASN K 393 -27.76 -35.56 -12.23
N LEU K 394 -27.37 -34.29 -12.38
CA LEU K 394 -28.14 -33.23 -11.76
C LEU K 394 -29.40 -32.95 -12.55
N LEU K 395 -29.25 -32.93 -13.87
CA LEU K 395 -30.37 -32.55 -14.71
C LEU K 395 -31.50 -33.55 -14.59
N ARG K 396 -31.17 -34.83 -14.50
CA ARG K 396 -32.18 -35.87 -14.41
C ARG K 396 -33.09 -35.62 -13.22
N ASN K 397 -32.52 -35.23 -12.09
CA ASN K 397 -33.28 -34.96 -10.90
C ASN K 397 -33.88 -33.58 -10.87
N ALA K 398 -33.84 -32.86 -11.99
CA ALA K 398 -34.65 -31.65 -12.15
C ALA K 398 -35.96 -31.97 -12.86
N LEU K 399 -35.84 -32.46 -14.09
CA LEU K 399 -37.01 -32.71 -14.92
C LEU K 399 -37.94 -33.70 -14.26
N VAL K 400 -37.37 -34.72 -13.64
CA VAL K 400 -38.16 -35.68 -12.89
C VAL K 400 -38.83 -35.00 -11.71
N SER K 401 -38.03 -34.50 -10.77
CA SER K 401 -38.57 -33.91 -9.56
C SER K 401 -39.43 -32.69 -9.87
N HIS K 402 -39.17 -32.02 -10.99
CA HIS K 402 -40.10 -31.00 -11.46
C HIS K 402 -41.46 -31.60 -11.72
N LEU K 403 -41.48 -32.82 -12.26
CA LEU K 403 -42.72 -33.51 -12.63
C LEU K 403 -43.16 -34.44 -11.51
N ASP K 404 -43.35 -33.84 -10.34
CA ASP K 404 -43.86 -34.49 -9.15
C ASP K 404 -45.18 -33.80 -8.85
N GLY K 405 -46.22 -34.25 -9.53
CA GLY K 405 -47.51 -33.63 -9.46
C GLY K 405 -48.17 -33.64 -10.81
N THR K 406 -49.24 -32.85 -10.93
CA THR K 406 -50.01 -32.71 -12.14
C THR K 406 -49.80 -31.36 -12.81
N THR K 407 -49.83 -30.30 -12.02
CA THR K 407 -49.64 -28.97 -12.57
C THR K 407 -48.30 -28.81 -13.28
N PRO K 408 -47.17 -29.30 -12.78
CA PRO K 408 -45.95 -29.22 -13.59
C PRO K 408 -46.08 -29.99 -14.88
N VAL K 409 -46.75 -31.14 -14.85
CA VAL K 409 -46.95 -31.91 -16.07
C VAL K 409 -47.71 -31.07 -17.07
N CYS K 410 -48.86 -30.56 -16.64
CA CYS K 410 -49.76 -29.86 -17.53
C CYS K 410 -49.20 -28.53 -18.02
N GLU K 411 -48.18 -27.99 -17.34
CA GLU K 411 -47.40 -26.93 -17.95
C GLU K 411 -46.57 -27.48 -19.10
N ASP K 412 -45.85 -28.57 -18.83
CA ASP K 412 -44.93 -29.12 -19.82
C ASP K 412 -45.66 -29.57 -21.07
N ILE K 413 -46.91 -30.01 -20.91
CA ILE K 413 -47.69 -30.38 -22.08
C ILE K 413 -48.07 -29.13 -22.85
N GLY K 414 -48.82 -28.25 -22.21
CA GLY K 414 -49.32 -27.05 -22.84
C GLY K 414 -48.23 -26.12 -23.33
N ARG K 415 -47.01 -26.28 -22.83
CA ARG K 415 -45.87 -25.54 -23.32
C ARG K 415 -45.17 -26.28 -24.45
N SER K 416 -45.24 -27.60 -24.43
CA SER K 416 -44.56 -28.39 -25.45
C SER K 416 -45.27 -28.28 -26.78
N LEU K 417 -46.59 -28.22 -26.76
CA LEU K 417 -47.40 -28.17 -27.96
C LEU K 417 -47.43 -26.81 -28.62
N LEU K 418 -46.56 -25.89 -28.19
CA LEU K 418 -46.38 -24.63 -28.85
C LEU K 418 -44.91 -24.25 -29.03
N THR K 419 -43.99 -25.06 -28.52
CA THR K 419 -42.57 -24.79 -28.62
C THR K 419 -41.86 -25.81 -29.49
N TYR K 420 -41.89 -27.06 -29.06
CA TYR K 420 -41.31 -28.15 -29.81
C TYR K 420 -42.31 -28.78 -30.76
N GLY K 421 -43.60 -28.65 -30.45
CA GLY K 421 -44.62 -29.46 -31.05
C GLY K 421 -44.91 -30.63 -30.14
N ARG K 422 -44.45 -31.82 -30.52
CA ARG K 422 -44.72 -33.01 -29.72
C ARG K 422 -44.19 -32.85 -28.31
N ARG K 423 -44.97 -33.32 -27.34
CA ARG K 423 -44.38 -33.57 -26.04
C ARG K 423 -43.30 -34.64 -26.19
N ILE K 424 -42.32 -34.58 -25.31
CA ILE K 424 -41.16 -35.46 -25.35
C ILE K 424 -41.30 -36.45 -24.19
N PRO K 425 -41.46 -37.74 -24.46
CA PRO K 425 -41.36 -38.71 -23.37
C PRO K 425 -39.97 -38.70 -22.76
N LEU K 426 -39.93 -38.77 -21.44
CA LEU K 426 -38.71 -38.52 -20.70
C LEU K 426 -37.59 -39.49 -21.02
N ALA K 427 -37.93 -40.68 -21.52
CA ALA K 427 -36.88 -41.58 -21.99
C ALA K 427 -36.26 -41.11 -23.30
N GLU K 428 -36.79 -40.06 -23.92
CA GLU K 428 -36.15 -39.44 -25.06
C GLU K 428 -35.13 -38.40 -24.63
N TRP K 429 -35.45 -37.59 -23.62
CA TRP K 429 -34.46 -36.69 -23.06
C TRP K 429 -33.24 -37.47 -22.58
N GLU K 430 -33.49 -38.60 -21.94
CA GLU K 430 -32.41 -39.37 -21.34
C GLU K 430 -31.44 -39.88 -22.41
N SER K 431 -31.97 -40.32 -23.54
CA SER K 431 -31.08 -40.78 -24.60
C SER K 431 -30.28 -39.62 -25.17
N ARG K 432 -30.91 -38.45 -25.30
CA ARG K 432 -30.19 -37.28 -25.78
C ARG K 432 -29.05 -36.91 -24.84
N ILE K 433 -29.29 -37.06 -23.54
CA ILE K 433 -28.28 -36.70 -22.55
C ILE K 433 -27.09 -37.64 -22.62
N ALA K 434 -27.36 -38.94 -22.70
CA ALA K 434 -26.27 -39.91 -22.70
C ALA K 434 -25.40 -39.78 -23.94
N GLU K 435 -25.88 -39.10 -24.97
CA GLU K 435 -24.99 -38.73 -26.07
C GLU K 435 -23.98 -37.69 -25.65
N VAL K 436 -24.29 -36.90 -24.63
CA VAL K 436 -23.44 -35.77 -24.26
C VAL K 436 -22.22 -36.28 -23.52
N ASP K 437 -21.05 -36.01 -24.08
CA ASP K 437 -19.77 -36.23 -23.45
C ASP K 437 -18.99 -34.92 -23.49
N ALA K 438 -17.78 -34.96 -22.94
CA ALA K 438 -17.00 -33.75 -22.79
C ALA K 438 -16.57 -33.15 -24.12
N ARG K 439 -16.64 -33.93 -25.20
CA ARG K 439 -16.29 -33.39 -26.51
C ARG K 439 -17.35 -32.43 -27.01
N VAL K 440 -18.60 -32.67 -26.67
CA VAL K 440 -19.66 -31.84 -27.20
C VAL K 440 -19.63 -30.49 -26.52
N VAL K 441 -19.43 -30.50 -25.20
CA VAL K 441 -19.50 -29.27 -24.42
C VAL K 441 -18.47 -28.27 -24.92
N ARG K 442 -17.25 -28.75 -25.12
CA ARG K 442 -16.18 -27.89 -25.64
C ARG K 442 -16.52 -27.32 -27.01
N GLU K 443 -17.43 -27.94 -27.74
CA GLU K 443 -17.89 -27.39 -29.01
C GLU K 443 -19.05 -26.43 -28.82
N VAL K 444 -19.97 -26.79 -27.94
CA VAL K 444 -21.16 -25.97 -27.75
C VAL K 444 -20.77 -24.63 -27.14
N CYS K 445 -20.09 -24.68 -25.99
CA CYS K 445 -19.74 -23.46 -25.30
C CYS K 445 -18.83 -22.59 -26.14
N SER K 446 -18.03 -23.18 -27.02
CA SER K 446 -17.28 -22.40 -27.97
C SER K 446 -18.19 -21.62 -28.91
N LYS K 447 -19.36 -22.17 -29.19
CA LYS K 447 -20.21 -21.56 -30.19
C LYS K 447 -20.99 -20.40 -29.63
N TYR K 448 -21.35 -20.44 -28.35
CA TYR K 448 -22.31 -19.54 -27.78
C TYR K 448 -21.76 -18.65 -26.67
N PHE K 449 -20.62 -19.00 -26.07
CA PHE K 449 -19.95 -18.13 -25.11
C PHE K 449 -18.78 -17.38 -25.73
N TYR K 450 -17.81 -18.12 -26.24
CA TYR K 450 -16.46 -17.63 -26.47
C TYR K 450 -16.43 -16.44 -27.41
N ASP K 451 -15.94 -15.31 -26.91
CA ASP K 451 -15.66 -14.12 -27.71
C ASP K 451 -16.93 -13.43 -28.17
N GLN K 452 -18.07 -13.84 -27.65
CA GLN K 452 -19.35 -13.36 -28.15
C GLN K 452 -19.59 -11.93 -27.66
N CYS K 453 -20.78 -11.43 -27.89
CA CYS K 453 -21.17 -10.06 -27.59
C CYS K 453 -22.24 -10.06 -26.51
N PRO K 454 -21.87 -10.22 -25.26
CA PRO K 454 -22.87 -10.41 -24.20
C PRO K 454 -23.69 -9.16 -23.94
N ALA K 455 -24.74 -9.38 -23.15
CA ALA K 455 -25.63 -8.34 -22.69
C ALA K 455 -25.58 -8.30 -21.17
N VAL K 456 -25.54 -7.09 -20.63
CA VAL K 456 -25.25 -6.89 -19.23
C VAL K 456 -26.29 -5.96 -18.63
N ALA K 457 -26.62 -6.19 -17.37
CA ALA K 457 -27.63 -5.43 -16.67
C ALA K 457 -27.13 -5.11 -15.28
N GLY K 458 -27.61 -3.99 -14.74
CA GLY K 458 -27.20 -3.56 -13.42
C GLY K 458 -28.15 -2.63 -12.74
N PHE K 459 -28.37 -2.88 -11.46
CA PHE K 459 -29.35 -2.14 -10.68
C PHE K 459 -28.86 -2.12 -9.24
N GLY K 460 -28.17 -1.04 -8.85
CA GLY K 460 -27.75 -0.87 -7.48
C GLY K 460 -26.40 -0.20 -7.34
N PRO K 461 -25.76 -0.37 -6.18
CA PRO K 461 -24.45 0.20 -5.96
C PRO K 461 -23.38 -0.54 -6.75
N ILE K 462 -23.24 -0.15 -8.01
CA ILE K 462 -22.42 -0.85 -8.98
C ILE K 462 -21.20 -0.02 -9.31
N GLU K 463 -20.72 0.72 -8.32
CA GLU K 463 -19.52 1.54 -8.48
C GLU K 463 -18.34 0.75 -9.00
N GLN K 464 -18.31 -0.55 -8.73
CA GLN K 464 -17.23 -1.43 -9.13
C GLN K 464 -17.53 -2.21 -10.38
N LEU K 465 -18.70 -2.03 -10.96
CA LEU K 465 -19.08 -2.85 -12.11
C LEU K 465 -18.19 -2.48 -13.28
N PRO K 466 -17.42 -3.40 -13.84
CA PRO K 466 -16.49 -3.01 -14.90
C PRO K 466 -17.21 -2.69 -16.19
N ASP K 467 -16.48 -1.99 -17.04
CA ASP K 467 -16.98 -1.59 -18.33
C ASP K 467 -17.20 -2.81 -19.22
N TYR K 468 -18.05 -2.62 -20.24
CA TYR K 468 -18.36 -3.68 -21.18
C TYR K 468 -17.11 -4.24 -21.83
N ASN K 469 -16.16 -3.37 -22.19
CA ASN K 469 -14.94 -3.82 -22.82
C ASN K 469 -14.16 -4.77 -21.91
N ARG K 470 -14.10 -4.45 -20.63
CA ARG K 470 -13.39 -5.30 -19.70
C ARG K 470 -14.10 -6.64 -19.55
N ILE K 471 -15.41 -6.65 -19.71
CA ILE K 471 -16.15 -7.90 -19.63
C ILE K 471 -15.79 -8.77 -20.81
N ARG K 472 -15.82 -8.21 -22.00
CA ARG K 472 -15.51 -9.00 -23.18
C ARG K 472 -14.07 -9.44 -23.19
N SER K 473 -13.14 -8.56 -22.77
CA SER K 473 -11.74 -8.98 -22.71
C SER K 473 -11.55 -10.11 -21.72
N GLY K 474 -12.40 -10.20 -20.73
CA GLY K 474 -12.39 -11.32 -19.83
C GLY K 474 -13.18 -12.49 -20.31
N MET K 475 -13.69 -12.45 -21.54
CA MET K 475 -14.51 -13.54 -22.03
C MET K 475 -13.67 -14.69 -22.58
N PHE K 476 -12.54 -14.38 -23.21
CA PHE K 476 -11.66 -15.39 -23.77
C PHE K 476 -10.39 -15.55 -22.95
N TRP K 477 -10.16 -16.78 -22.49
CA TRP K 477 -8.90 -17.16 -21.88
C TRP K 477 -7.78 -16.90 -22.88
N LEU K 478 -6.57 -16.74 -22.35
CA LEU K 478 -5.44 -16.22 -23.11
C LEU K 478 -5.75 -14.87 -23.72
N GLN L 36 -50.27 -50.08 -6.90
CA GLN L 36 -49.47 -50.56 -5.79
C GLN L 36 -49.96 -49.95 -4.49
N ASP L 37 -49.79 -50.69 -3.39
CA ASP L 37 -50.33 -50.34 -2.09
C ASP L 37 -49.20 -50.09 -1.10
N LEU L 38 -49.58 -49.59 0.07
CA LEU L 38 -48.65 -49.05 1.05
C LEU L 38 -48.42 -50.06 2.16
N GLU L 39 -47.24 -50.67 2.16
CA GLU L 39 -46.79 -51.40 3.33
C GLU L 39 -46.67 -50.45 4.51
N PHE L 40 -46.72 -51.03 5.70
CA PHE L 40 -46.61 -50.27 6.93
C PHE L 40 -46.42 -51.24 8.09
N THR L 41 -45.33 -51.09 8.84
CA THR L 41 -44.87 -52.12 9.74
C THR L 41 -44.40 -51.47 11.03
N ARG L 42 -43.69 -52.24 11.84
CA ARG L 42 -43.18 -51.76 13.11
C ARG L 42 -42.22 -52.79 13.70
N LEU L 43 -41.07 -52.33 14.17
CA LEU L 43 -40.07 -53.18 14.79
C LEU L 43 -40.33 -53.30 16.28
N PRO L 44 -39.61 -54.20 16.96
CA PRO L 44 -39.71 -54.23 18.43
C PRO L 44 -39.26 -52.94 19.07
N ASN L 45 -38.31 -52.23 18.44
CA ASN L 45 -37.78 -50.99 18.98
C ASN L 45 -38.77 -49.83 18.89
N GLY L 46 -39.93 -50.02 18.28
CA GLY L 46 -40.86 -48.93 18.09
C GLY L 46 -40.61 -48.12 16.85
N LEU L 47 -39.79 -48.61 15.93
CA LEU L 47 -39.40 -47.87 14.74
C LEU L 47 -40.34 -48.20 13.61
N VAL L 48 -41.20 -47.25 13.28
CA VAL L 48 -42.06 -47.42 12.13
C VAL L 48 -41.22 -47.53 10.87
N ILE L 49 -41.81 -48.12 9.85
CA ILE L 49 -41.29 -48.14 8.49
C ILE L 49 -42.50 -47.91 7.58
N ALA L 50 -42.22 -47.50 6.35
CA ALA L 50 -43.20 -47.53 5.28
C ALA L 50 -42.46 -47.75 3.97
N SER L 51 -43.23 -47.95 2.91
CA SER L 51 -42.70 -48.17 1.58
C SER L 51 -43.85 -48.22 0.60
N LEU L 52 -43.63 -47.65 -0.57
CA LEU L 52 -44.67 -47.63 -1.59
C LEU L 52 -43.99 -47.62 -2.95
N GLU L 53 -43.73 -48.82 -3.47
CA GLU L 53 -42.97 -48.98 -4.70
C GLU L 53 -43.88 -48.61 -5.87
N ASN L 54 -44.03 -47.32 -6.09
CA ASN L 54 -44.84 -46.81 -7.19
C ASN L 54 -44.22 -47.03 -8.56
N TYR L 55 -43.07 -47.70 -8.67
CA TYR L 55 -42.37 -47.84 -9.94
C TYR L 55 -42.07 -46.48 -10.56
N ALA L 56 -41.82 -45.50 -9.71
CA ALA L 56 -41.44 -44.18 -10.19
C ALA L 56 -39.93 -44.12 -10.40
N PRO L 57 -39.46 -43.21 -11.25
CA PRO L 57 -38.01 -43.12 -11.45
C PRO L 57 -37.33 -42.54 -10.24
N ALA L 58 -37.94 -41.51 -9.69
CA ALA L 58 -37.34 -40.73 -8.61
C ALA L 58 -37.66 -41.40 -7.28
N SER L 59 -36.66 -42.03 -6.71
CA SER L 59 -36.78 -42.49 -5.35
C SER L 59 -36.89 -41.30 -4.41
N ARG L 60 -37.14 -41.59 -3.15
CA ARG L 60 -37.34 -40.57 -2.15
C ARG L 60 -37.41 -41.25 -0.80
N ILE L 61 -36.92 -40.57 0.22
CA ILE L 61 -36.90 -41.09 1.57
C ILE L 61 -37.22 -39.94 2.50
N GLY L 62 -37.81 -40.28 3.64
CA GLY L 62 -38.00 -39.38 4.74
C GLY L 62 -37.73 -40.13 6.01
N LEU L 63 -37.26 -39.43 7.02
CA LEU L 63 -37.05 -39.98 8.35
C LEU L 63 -37.63 -39.02 9.35
N PHE L 64 -38.94 -39.06 9.51
CA PHE L 64 -39.60 -38.14 10.43
C PHE L 64 -39.29 -38.51 11.86
N ILE L 65 -38.94 -37.51 12.66
CA ILE L 65 -38.50 -37.69 14.03
C ILE L 65 -39.12 -36.62 14.90
N LYS L 66 -39.43 -36.97 16.15
CA LYS L 66 -39.91 -36.01 17.14
C LYS L 66 -38.73 -35.39 17.86
N ALA L 67 -38.24 -34.27 17.33
CA ALA L 67 -37.18 -33.53 18.02
C ALA L 67 -37.31 -32.03 17.81
N GLY L 68 -38.52 -31.53 17.62
CA GLY L 68 -38.71 -30.12 17.40
C GLY L 68 -38.33 -29.29 18.61
N SER L 69 -38.63 -28.01 18.51
CA SER L 69 -38.22 -27.06 19.54
C SER L 69 -38.90 -27.31 20.87
N ARG L 70 -39.96 -28.11 20.91
CA ARG L 70 -40.71 -28.27 22.15
C ARG L 70 -39.91 -29.01 23.19
N TYR L 71 -39.11 -29.98 22.76
CA TYR L 71 -38.27 -30.74 23.66
C TYR L 71 -37.01 -30.00 24.06
N GLU L 72 -36.87 -28.74 23.68
CA GLU L 72 -35.79 -27.88 24.16
C GLU L 72 -36.20 -27.23 25.46
N ASN L 73 -35.44 -27.47 26.51
CA ASN L 73 -35.74 -26.85 27.79
C ASN L 73 -35.23 -25.41 27.78
N SER L 74 -35.18 -24.79 28.95
CA SER L 74 -34.79 -23.38 29.01
C SER L 74 -33.32 -23.20 28.67
N ASN L 75 -32.48 -24.17 29.01
CA ASN L 75 -31.05 -24.00 28.82
C ASN L 75 -30.67 -24.13 27.36
N ASN L 76 -31.23 -25.12 26.68
CA ASN L 76 -30.74 -25.51 25.35
C ASN L 76 -31.56 -24.91 24.23
N LEU L 77 -32.03 -23.68 24.42
CA LEU L 77 -32.85 -23.04 23.41
C LEU L 77 -32.10 -22.90 22.10
N GLY L 78 -32.85 -22.88 21.02
CA GLY L 78 -32.29 -22.69 19.70
C GLY L 78 -31.40 -23.81 19.22
N THR L 79 -31.31 -24.91 19.95
CA THR L 79 -30.40 -25.97 19.56
C THR L 79 -30.88 -26.66 18.29
N SER L 80 -32.20 -26.84 18.17
CA SER L 80 -32.73 -27.47 16.97
C SER L 80 -32.47 -26.62 15.74
N HIS L 81 -32.46 -25.31 15.91
CA HIS L 81 -32.12 -24.42 14.80
C HIS L 81 -30.71 -24.73 14.29
N LEU L 82 -29.79 -24.89 15.22
CA LEU L 82 -28.43 -25.26 14.85
C LEU L 82 -28.41 -26.64 14.24
N LEU L 83 -29.07 -27.58 14.91
CA LEU L 83 -29.11 -28.94 14.44
C LEU L 83 -29.84 -29.06 13.11
N ARG L 84 -30.67 -28.07 12.78
CA ARG L 84 -31.30 -28.08 11.48
C ARG L 84 -30.29 -27.79 10.39
N LEU L 85 -29.23 -27.08 10.72
CA LEU L 85 -28.12 -26.85 9.81
C LEU L 85 -27.02 -27.88 9.94
N ALA L 86 -27.05 -28.68 11.00
CA ALA L 86 -25.95 -29.57 11.30
C ALA L 86 -25.79 -30.67 10.27
N SER L 87 -26.75 -30.83 9.38
CA SER L 87 -26.53 -31.67 8.23
C SER L 87 -25.32 -31.17 7.46
N SER L 88 -24.71 -32.07 6.71
CA SER L 88 -23.52 -31.84 5.91
C SER L 88 -22.27 -31.85 6.77
N LEU L 89 -22.37 -32.08 8.07
CA LEU L 89 -21.22 -32.07 8.94
C LEU L 89 -20.56 -33.44 9.02
N THR L 90 -19.47 -33.49 9.76
CA THR L 90 -18.69 -34.71 9.84
C THR L 90 -19.49 -35.82 10.51
N THR L 91 -19.17 -37.05 10.14
CA THR L 91 -19.71 -38.24 10.73
C THR L 91 -18.56 -39.18 11.07
N LYS L 92 -18.92 -40.41 11.45
CA LYS L 92 -17.92 -41.46 11.59
C LYS L 92 -17.70 -42.18 10.28
N GLY L 93 -18.78 -42.49 9.58
CA GLY L 93 -18.68 -43.21 8.33
C GLY L 93 -18.15 -42.40 7.18
N ALA L 94 -18.13 -41.07 7.32
CA ALA L 94 -17.65 -40.21 6.26
C ALA L 94 -17.54 -38.81 6.81
N SER L 95 -16.92 -37.94 6.03
CA SER L 95 -16.68 -36.57 6.43
C SER L 95 -17.80 -35.67 5.96
N SER L 96 -17.74 -34.42 6.42
CA SER L 96 -18.57 -33.38 5.86
C SER L 96 -18.30 -33.14 4.39
N PHE L 97 -17.13 -33.56 3.90
CA PHE L 97 -16.77 -33.32 2.51
C PHE L 97 -17.31 -34.42 1.61
N LYS L 98 -17.11 -35.67 2.02
CA LYS L 98 -17.52 -36.79 1.19
C LYS L 98 -19.02 -36.78 0.96
N ILE L 99 -19.77 -36.37 1.98
CA ILE L 99 -21.22 -36.31 1.86
C ILE L 99 -21.60 -35.31 0.80
N THR L 100 -21.05 -34.10 0.89
CA THR L 100 -21.50 -33.03 0.01
C THR L 100 -21.11 -33.27 -1.44
N ARG L 101 -20.16 -34.17 -1.70
CA ARG L 101 -19.76 -34.49 -3.06
C ARG L 101 -20.43 -35.74 -3.59
N GLY L 102 -20.55 -36.77 -2.75
CA GLY L 102 -21.22 -37.99 -3.20
C GLY L 102 -22.66 -37.74 -3.58
N ILE L 103 -23.34 -36.91 -2.80
CA ILE L 103 -24.72 -36.57 -3.09
C ILE L 103 -24.82 -35.85 -4.43
N GLU L 104 -24.00 -34.83 -4.62
CA GLU L 104 -24.12 -34.01 -5.81
C GLU L 104 -23.76 -34.79 -7.05
N ALA L 105 -22.93 -35.82 -6.92
CA ALA L 105 -22.59 -36.65 -8.07
C ALA L 105 -23.82 -37.38 -8.59
N VAL L 106 -24.49 -38.12 -7.72
CA VAL L 106 -25.67 -38.87 -8.14
C VAL L 106 -26.82 -37.93 -8.45
N GLY L 107 -26.83 -36.75 -7.87
CA GLY L 107 -27.80 -35.75 -8.18
C GLY L 107 -28.95 -35.61 -7.23
N GLY L 108 -28.79 -36.02 -5.99
CA GLY L 108 -29.86 -35.98 -5.02
C GLY L 108 -29.96 -34.70 -4.25
N LYS L 109 -30.45 -34.83 -3.03
CA LYS L 109 -30.65 -33.71 -2.14
C LYS L 109 -30.47 -34.18 -0.72
N LEU L 110 -30.52 -33.24 0.20
CA LEU L 110 -30.56 -33.57 1.61
C LEU L 110 -31.22 -32.39 2.30
N SER L 111 -32.52 -32.47 2.47
CA SER L 111 -33.30 -31.39 3.05
C SER L 111 -33.76 -31.79 4.44
N VAL L 112 -34.03 -30.77 5.23
CA VAL L 112 -34.36 -30.92 6.64
C VAL L 112 -35.56 -30.02 6.91
N THR L 113 -36.75 -30.59 6.78
CA THR L 113 -37.94 -29.93 7.27
C THR L 113 -38.05 -30.18 8.76
N SER L 114 -38.50 -29.17 9.49
CA SER L 114 -38.58 -29.28 10.94
C SER L 114 -39.65 -28.35 11.47
N THR L 115 -40.28 -28.76 12.57
CA THR L 115 -41.38 -28.07 13.18
C THR L 115 -41.15 -28.00 14.68
N ARG L 116 -42.13 -27.43 15.38
CA ARG L 116 -42.11 -27.40 16.83
C ARG L 116 -42.25 -28.78 17.42
N GLU L 117 -42.83 -29.72 16.66
CA GLU L 117 -42.85 -31.13 17.02
C GLU L 117 -41.72 -31.91 16.36
N ASN L 118 -41.73 -31.93 15.03
CA ASN L 118 -41.01 -32.92 14.26
C ASN L 118 -39.70 -32.37 13.72
N MET L 119 -38.88 -33.29 13.20
CA MET L 119 -37.60 -32.94 12.60
C MET L 119 -37.31 -33.98 11.51
N ALA L 120 -37.71 -33.65 10.29
CA ALA L 120 -37.53 -34.54 9.17
C ALA L 120 -36.14 -34.43 8.59
N TYR L 121 -35.58 -35.55 8.15
CA TYR L 121 -34.40 -35.58 7.31
C TYR L 121 -34.79 -36.24 6.00
N THR L 122 -35.40 -35.45 5.14
CA THR L 122 -35.80 -35.85 3.82
C THR L 122 -34.60 -35.86 2.87
N VAL L 123 -34.71 -36.65 1.81
CA VAL L 123 -33.74 -36.68 0.72
C VAL L 123 -34.48 -36.94 -0.57
N GLU L 124 -33.72 -37.06 -1.65
CA GLU L 124 -34.20 -37.51 -2.95
C GLU L 124 -33.01 -38.11 -3.69
N CYS L 125 -33.31 -38.79 -4.80
CA CYS L 125 -32.29 -39.34 -5.68
C CYS L 125 -32.92 -40.00 -6.90
N LEU L 126 -32.07 -40.48 -7.80
CA LEU L 126 -32.50 -41.46 -8.79
C LEU L 126 -32.40 -42.84 -8.18
N ARG L 127 -33.36 -43.70 -8.52
CA ARG L 127 -33.46 -44.98 -7.84
C ARG L 127 -32.32 -45.93 -8.17
N ASP L 128 -31.50 -45.64 -9.17
CA ASP L 128 -30.33 -46.46 -9.44
C ASP L 128 -29.27 -46.34 -8.36
N ASP L 129 -29.35 -45.35 -7.48
CA ASP L 129 -28.27 -45.00 -6.58
C ASP L 129 -28.79 -44.72 -5.18
N VAL L 130 -29.70 -45.57 -4.69
CA VAL L 130 -30.23 -45.37 -3.36
C VAL L 130 -29.28 -45.91 -2.32
N ASP L 131 -28.62 -47.03 -2.64
CA ASP L 131 -27.80 -47.72 -1.65
C ASP L 131 -26.64 -46.88 -1.17
N ILE L 132 -26.21 -45.91 -1.98
CA ILE L 132 -25.22 -44.94 -1.52
C ILE L 132 -25.87 -43.98 -0.54
N LEU L 133 -26.88 -43.26 -1.01
CA LEU L 133 -27.44 -42.15 -0.27
C LEU L 133 -28.02 -42.58 1.06
N MET L 134 -28.45 -43.83 1.17
CA MET L 134 -28.86 -44.34 2.47
C MET L 134 -27.70 -44.34 3.45
N GLU L 135 -26.54 -44.78 2.99
CA GLU L 135 -25.36 -44.84 3.85
C GLU L 135 -24.97 -43.45 4.32
N PHE L 136 -25.07 -42.45 3.45
CA PHE L 136 -24.80 -41.08 3.87
C PHE L 136 -25.75 -40.68 4.98
N LEU L 137 -27.02 -41.07 4.87
CA LEU L 137 -28.03 -40.57 5.78
C LEU L 137 -27.77 -41.01 7.20
N LEU L 138 -27.87 -42.31 7.46
CA LEU L 138 -27.83 -42.81 8.84
C LEU L 138 -26.52 -42.48 9.53
N ASN L 139 -25.48 -42.18 8.76
CA ASN L 139 -24.26 -41.68 9.36
C ASN L 139 -24.44 -40.27 9.88
N VAL L 140 -25.41 -39.52 9.32
CA VAL L 140 -25.76 -38.25 9.91
C VAL L 140 -26.33 -38.47 11.29
N THR L 141 -27.33 -39.34 11.38
CA THR L 141 -28.11 -39.44 12.60
C THR L 141 -27.50 -40.41 13.58
N THR L 142 -27.08 -41.57 13.12
CA THR L 142 -26.57 -42.60 14.01
C THR L 142 -25.13 -42.36 14.44
N ALA L 143 -24.37 -41.56 13.69
CA ALA L 143 -22.97 -41.27 14.02
C ALA L 143 -22.61 -39.85 13.62
N PRO L 144 -23.16 -38.86 14.30
CA PRO L 144 -22.63 -37.51 14.18
C PRO L 144 -21.55 -37.26 15.20
N GLU L 145 -20.40 -36.77 14.77
CA GLU L 145 -19.35 -36.43 15.72
C GLU L 145 -19.61 -35.08 16.36
N PHE L 146 -20.14 -34.13 15.59
CA PHE L 146 -20.32 -32.74 16.02
C PHE L 146 -19.05 -32.20 16.65
N ARG L 147 -18.02 -32.14 15.82
CA ARG L 147 -16.73 -31.67 16.28
C ARG L 147 -16.82 -30.22 16.73
N ARG L 148 -15.80 -29.80 17.46
CA ARG L 148 -15.82 -28.49 18.09
C ARG L 148 -15.81 -27.37 17.06
N TRP L 149 -14.91 -27.47 16.07
CA TRP L 149 -14.61 -26.29 15.27
C TRP L 149 -15.61 -26.09 14.14
N GLU L 150 -16.05 -27.18 13.51
CA GLU L 150 -17.05 -27.06 12.45
C GLU L 150 -18.29 -26.36 12.94
N VAL L 151 -18.62 -26.51 14.22
CA VAL L 151 -19.70 -25.76 14.82
C VAL L 151 -19.43 -24.27 14.71
N ALA L 152 -18.19 -23.86 15.02
CA ALA L 152 -17.88 -22.44 15.13
C ALA L 152 -18.13 -21.72 13.82
N ALA L 153 -17.78 -22.36 12.71
CA ALA L 153 -18.10 -21.80 11.41
C ALA L 153 -19.60 -21.77 11.19
N LEU L 154 -20.32 -22.69 11.81
CA LEU L 154 -21.73 -22.91 11.50
C LEU L 154 -22.65 -22.00 12.30
N GLN L 155 -22.21 -21.50 13.45
CA GLN L 155 -23.06 -20.63 14.25
C GLN L 155 -23.45 -19.35 13.53
N PRO L 156 -22.52 -18.52 13.05
CA PRO L 156 -22.94 -17.24 12.46
C PRO L 156 -23.78 -17.37 11.22
N GLN L 157 -23.86 -18.58 10.64
CA GLN L 157 -24.85 -18.85 9.62
C GLN L 157 -26.26 -18.57 10.12
N LEU L 158 -26.50 -18.76 11.42
CA LEU L 158 -27.82 -18.56 11.98
C LEU L 158 -28.29 -17.13 11.81
N ARG L 159 -27.40 -16.16 12.00
CA ARG L 159 -27.78 -14.77 11.87
C ARG L 159 -28.27 -14.45 10.46
N ILE L 160 -27.89 -15.25 9.49
CA ILE L 160 -28.44 -15.11 8.15
C ILE L 160 -29.76 -15.85 8.05
N ASP L 161 -29.76 -17.12 8.47
CA ASP L 161 -30.97 -17.95 8.41
C ASP L 161 -32.12 -17.29 9.16
N LYS L 162 -31.87 -16.86 10.39
CA LYS L 162 -32.87 -16.17 11.17
C LYS L 162 -33.31 -14.87 10.50
N ALA L 163 -32.48 -14.31 9.64
CA ALA L 163 -32.74 -13.01 9.06
C ALA L 163 -33.54 -13.10 7.77
N VAL L 164 -33.32 -14.15 6.99
CA VAL L 164 -34.06 -14.30 5.75
C VAL L 164 -35.54 -14.46 6.05
N ALA L 165 -35.85 -15.20 7.10
CA ALA L 165 -37.24 -15.48 7.47
C ALA L 165 -37.98 -14.19 7.81
N LEU L 166 -37.37 -13.36 8.63
CA LEU L 166 -38.01 -12.15 9.11
C LEU L 166 -37.99 -11.02 8.09
N GLN L 167 -37.50 -11.27 6.88
CA GLN L 167 -37.96 -10.50 5.75
C GLN L 167 -39.43 -10.76 5.50
N ASN L 168 -39.90 -11.94 5.90
CA ASN L 168 -41.30 -12.31 5.79
C ASN L 168 -41.88 -12.16 7.20
N PRO L 169 -42.56 -11.06 7.51
CA PRO L 169 -42.78 -10.70 8.92
C PRO L 169 -43.67 -11.64 9.70
N GLN L 170 -44.27 -12.64 9.08
CA GLN L 170 -45.17 -13.54 9.81
C GLN L 170 -44.43 -14.26 10.92
N ALA L 171 -43.20 -14.68 10.68
CA ALA L 171 -42.58 -15.68 11.51
C ALA L 171 -41.85 -15.10 12.72
N HIS L 172 -42.20 -13.89 13.12
CA HIS L 172 -42.02 -13.48 14.51
C HIS L 172 -43.31 -12.94 15.10
N VAL L 173 -44.30 -12.64 14.27
CA VAL L 173 -45.67 -12.52 14.75
C VAL L 173 -46.12 -13.86 15.29
N ILE L 174 -46.03 -14.90 14.46
CA ILE L 174 -46.57 -16.19 14.79
C ILE L 174 -45.80 -16.83 15.94
N GLU L 175 -44.51 -16.53 16.06
CA GLU L 175 -43.74 -17.13 17.14
C GLU L 175 -44.20 -16.60 18.48
N ASN L 176 -44.50 -15.32 18.56
CA ASN L 176 -44.88 -14.73 19.84
C ASN L 176 -46.19 -15.28 20.34
N LEU L 177 -47.05 -15.77 19.45
CA LEU L 177 -48.27 -16.45 19.87
C LEU L 177 -47.93 -17.63 20.75
N HIS L 178 -47.16 -18.56 20.21
CA HIS L 178 -46.67 -19.66 21.01
C HIS L 178 -45.88 -19.18 22.21
N ALA L 179 -45.24 -18.02 22.10
CA ALA L 179 -44.53 -17.46 23.24
C ALA L 179 -45.49 -16.87 24.25
N ALA L 180 -46.57 -16.27 23.79
CA ALA L 180 -47.55 -15.66 24.68
C ALA L 180 -48.53 -16.70 25.17
N ALA L 181 -49.10 -17.45 24.24
CA ALA L 181 -50.16 -18.39 24.57
C ALA L 181 -49.64 -19.53 25.43
N TYR L 182 -48.78 -20.35 24.86
CA TYR L 182 -48.23 -21.49 25.56
C TYR L 182 -47.02 -21.04 26.36
N ARG L 183 -46.59 -21.90 27.26
CA ARG L 183 -45.60 -21.54 28.27
C ARG L 183 -44.29 -22.27 28.11
N ASN L 184 -44.31 -23.59 28.20
CA ASN L 184 -43.11 -24.37 28.46
C ASN L 184 -42.44 -24.88 27.20
N ALA L 185 -43.13 -25.74 26.46
CA ALA L 185 -42.49 -26.46 25.37
C ALA L 185 -42.75 -25.80 24.02
N LEU L 186 -44.01 -25.74 23.60
CA LEU L 186 -44.30 -25.25 22.27
C LEU L 186 -44.04 -23.77 22.11
N ALA L 187 -43.79 -23.06 23.20
CA ALA L 187 -43.39 -21.67 23.09
C ALA L 187 -41.99 -21.52 22.52
N ASN L 188 -41.17 -22.55 22.62
CA ASN L 188 -39.84 -22.50 22.03
C ASN L 188 -39.93 -22.29 20.53
N SER L 189 -39.55 -21.10 20.07
CA SER L 189 -39.46 -20.83 18.65
C SER L 189 -38.57 -21.85 17.96
N LEU L 190 -38.88 -22.11 16.70
CA LEU L 190 -37.98 -22.89 15.86
C LEU L 190 -36.61 -22.26 15.86
N TYR L 191 -36.58 -20.98 15.60
CA TYR L 191 -35.36 -20.23 15.42
C TYR L 191 -34.74 -19.92 16.77
N CYS L 192 -33.52 -19.46 16.71
CA CYS L 192 -32.68 -19.32 17.88
C CYS L 192 -32.60 -17.87 18.30
N PRO L 193 -32.68 -17.56 19.60
CA PRO L 193 -32.44 -16.17 20.01
C PRO L 193 -31.03 -15.73 19.68
N ASP L 194 -30.88 -14.41 19.58
CA ASP L 194 -29.61 -13.83 19.17
C ASP L 194 -28.49 -14.21 20.12
N TYR L 195 -28.60 -13.78 21.37
CA TYR L 195 -27.57 -13.98 22.39
C TYR L 195 -27.13 -15.42 22.51
N ARG L 196 -28.01 -16.37 22.20
CA ARG L 196 -27.64 -17.77 22.26
C ARG L 196 -26.56 -18.10 21.25
N ILE L 197 -26.57 -17.42 20.11
CA ILE L 197 -25.55 -17.64 19.10
C ILE L 197 -24.19 -17.27 19.68
N GLY L 198 -23.15 -17.97 19.21
CA GLY L 198 -21.82 -17.78 19.72
C GLY L 198 -21.51 -18.58 20.96
N LYS L 199 -22.49 -19.31 21.50
CA LYS L 199 -22.40 -19.89 22.82
C LYS L 199 -22.81 -21.35 22.88
N VAL L 200 -23.36 -21.91 21.81
CA VAL L 200 -23.79 -23.30 21.84
C VAL L 200 -22.61 -24.24 22.00
N THR L 201 -22.83 -25.25 22.69
CA THR L 201 -21.87 -26.28 23.06
C THR L 201 -22.13 -27.55 22.24
N PRO L 202 -21.10 -28.32 21.90
CA PRO L 202 -21.37 -29.62 21.24
C PRO L 202 -21.97 -30.65 22.18
N VAL L 203 -21.50 -30.71 23.41
CA VAL L 203 -22.10 -31.58 24.43
C VAL L 203 -23.58 -31.34 24.52
N GLU L 204 -23.99 -30.08 24.34
CA GLU L 204 -25.38 -29.66 24.26
C GLU L 204 -26.06 -30.12 22.97
N LEU L 205 -25.40 -30.93 22.15
CA LEU L 205 -26.03 -31.71 21.11
C LEU L 205 -26.00 -33.21 21.39
N HIS L 206 -24.84 -33.73 21.79
CA HIS L 206 -24.73 -35.14 22.11
C HIS L 206 -25.78 -35.54 23.14
N ASP L 207 -25.95 -34.71 24.16
CA ASP L 207 -27.00 -34.95 25.15
C ASP L 207 -28.36 -34.95 24.50
N TYR L 208 -28.55 -34.09 23.50
CA TYR L 208 -29.84 -33.99 22.84
C TYR L 208 -30.08 -35.19 21.95
N VAL L 209 -29.09 -35.51 21.12
CA VAL L 209 -29.23 -36.61 20.18
C VAL L 209 -29.42 -37.92 20.93
N GLN L 210 -28.64 -38.13 21.98
CA GLN L 210 -28.76 -39.35 22.75
C GLN L 210 -30.03 -39.41 23.59
N ASN L 211 -30.85 -38.36 23.56
CA ASN L 211 -32.09 -38.30 24.30
C ASN L 211 -33.32 -38.14 23.43
N HIS L 212 -33.16 -37.87 22.14
CA HIS L 212 -34.32 -37.58 21.29
C HIS L 212 -34.26 -38.15 19.90
N PHE L 213 -33.11 -38.62 19.43
CA PHE L 213 -33.04 -39.42 18.20
C PHE L 213 -32.98 -40.89 18.60
N THR L 214 -34.15 -41.40 18.95
CA THR L 214 -34.32 -42.66 19.64
C THR L 214 -35.30 -43.52 18.87
N SER L 215 -34.96 -44.81 18.73
CA SER L 215 -35.69 -45.68 17.83
C SER L 215 -37.13 -45.95 18.27
N ALA L 216 -37.53 -45.43 19.44
CA ALA L 216 -38.89 -45.59 19.93
C ALA L 216 -39.85 -44.57 19.35
N ARG L 217 -39.35 -43.50 18.75
CA ARG L 217 -40.16 -42.37 18.35
C ARG L 217 -39.76 -41.82 16.99
N MET L 218 -39.37 -42.72 16.10
CA MET L 218 -38.86 -42.38 14.79
C MET L 218 -39.74 -43.00 13.72
N ALA L 219 -39.39 -42.74 12.47
CA ALA L 219 -40.17 -43.28 11.38
C ALA L 219 -39.36 -43.28 10.09
N LEU L 220 -38.67 -44.37 9.81
CA LEU L 220 -37.91 -44.50 8.58
C LEU L 220 -38.85 -44.73 7.41
N ILE L 221 -39.57 -43.68 7.07
CA ILE L 221 -40.44 -43.71 5.92
C ILE L 221 -39.58 -43.94 4.68
N GLY L 222 -40.22 -44.43 3.62
CA GLY L 222 -39.62 -44.52 2.32
C GLY L 222 -40.63 -44.18 1.26
N LEU L 223 -40.20 -44.33 0.02
CA LEU L 223 -41.01 -44.12 -1.16
C LEU L 223 -40.13 -44.43 -2.35
N GLY L 224 -40.76 -44.71 -3.49
CA GLY L 224 -40.05 -45.14 -4.68
C GLY L 224 -39.06 -46.27 -4.47
N VAL L 225 -39.25 -47.06 -3.42
CA VAL L 225 -38.24 -48.00 -2.96
C VAL L 225 -38.94 -49.16 -2.26
N SER L 226 -38.28 -50.31 -2.28
CA SER L 226 -38.86 -51.54 -1.76
C SER L 226 -38.73 -51.61 -0.24
N HIS L 227 -39.52 -52.50 0.34
CA HIS L 227 -39.67 -52.60 1.78
C HIS L 227 -38.56 -53.39 2.46
N PRO L 228 -38.14 -54.55 1.96
CA PRO L 228 -37.07 -55.29 2.67
C PRO L 228 -35.78 -54.51 2.75
N VAL L 229 -35.52 -53.66 1.76
CA VAL L 229 -34.30 -52.86 1.75
C VAL L 229 -34.23 -52.01 3.00
N LEU L 230 -35.34 -51.34 3.32
CA LEU L 230 -35.36 -50.49 4.50
C LEU L 230 -35.33 -51.32 5.76
N LYS L 231 -35.97 -52.47 5.74
CA LYS L 231 -35.97 -53.36 6.90
C LYS L 231 -34.57 -53.87 7.18
N GLN L 232 -33.75 -53.99 6.15
CA GLN L 232 -32.35 -54.35 6.34
C GLN L 232 -31.63 -53.25 7.11
N VAL L 233 -31.68 -52.03 6.59
CA VAL L 233 -30.79 -50.97 7.05
C VAL L 233 -31.13 -50.58 8.47
N ALA L 234 -32.43 -50.51 8.78
CA ALA L 234 -32.85 -50.04 10.09
C ALA L 234 -32.39 -51.01 11.18
N GLU L 235 -32.48 -52.31 10.92
CA GLU L 235 -32.09 -53.29 11.91
C GLU L 235 -30.59 -53.33 12.13
N GLN L 236 -29.81 -52.78 11.20
CA GLN L 236 -28.36 -52.85 11.25
C GLN L 236 -27.71 -51.58 11.79
N PHE L 237 -28.34 -50.42 11.58
CA PHE L 237 -27.84 -49.14 12.07
C PHE L 237 -28.75 -48.52 13.10
N LEU L 238 -30.07 -48.52 12.89
CA LEU L 238 -30.99 -47.89 13.81
C LEU L 238 -31.40 -48.80 14.96
N ASN L 239 -30.87 -50.02 15.05
CA ASN L 239 -31.19 -50.89 16.19
C ASN L 239 -30.41 -50.38 17.39
N ILE L 240 -30.93 -49.30 17.97
CA ILE L 240 -30.38 -48.67 19.17
C ILE L 240 -31.54 -48.55 20.16
N ARG L 241 -31.32 -47.84 21.27
CA ARG L 241 -32.33 -47.71 22.30
C ARG L 241 -33.65 -47.16 21.76
N LEU L 246 -35.35 -38.95 26.65
CA LEU L 246 -36.14 -38.03 27.48
C LEU L 246 -37.55 -37.92 26.94
N SER L 247 -38.35 -37.10 27.62
CA SER L 247 -39.72 -36.78 27.26
C SER L 247 -39.85 -35.27 27.18
N GLY L 248 -41.08 -34.80 27.03
CA GLY L 248 -41.37 -33.38 27.02
C GLY L 248 -42.61 -33.08 27.85
N ALA L 249 -42.67 -31.85 28.35
CA ALA L 249 -43.83 -31.43 29.10
C ALA L 249 -44.95 -31.03 28.16
N LYS L 250 -46.14 -30.86 28.72
CA LYS L 250 -47.32 -30.55 27.93
C LYS L 250 -47.49 -29.05 27.78
N ALA L 251 -48.16 -28.67 26.69
CA ALA L 251 -48.37 -27.27 26.37
C ALA L 251 -49.46 -26.71 27.26
N LYS L 252 -49.07 -26.14 28.38
CA LYS L 252 -50.01 -25.53 29.30
C LYS L 252 -50.40 -24.15 28.75
N TYR L 253 -51.57 -24.07 28.13
CA TYR L 253 -52.09 -22.79 27.65
C TYR L 253 -52.20 -21.81 28.80
N HIS L 254 -51.95 -20.54 28.48
CA HIS L 254 -52.04 -19.45 29.44
C HIS L 254 -53.06 -18.40 29.04
N GLY L 255 -52.90 -17.81 27.86
CA GLY L 255 -53.67 -16.65 27.47
C GLY L 255 -52.90 -15.37 27.72
N GLY L 256 -52.38 -14.76 26.66
CA GLY L 256 -51.57 -13.57 26.83
C GLY L 256 -51.33 -12.89 25.50
N GLU L 257 -50.78 -11.68 25.60
CA GLU L 257 -50.67 -10.80 24.45
C GLU L 257 -49.28 -10.15 24.42
N ILE L 258 -48.70 -10.11 23.23
CA ILE L 258 -47.38 -9.53 22.99
C ILE L 258 -47.50 -8.53 21.85
N ARG L 259 -46.68 -7.48 21.94
CA ARG L 259 -46.77 -6.32 21.06
C ARG L 259 -45.40 -5.99 20.49
N GLU L 260 -45.39 -5.56 19.23
CA GLU L 260 -44.18 -5.30 18.48
C GLU L 260 -44.37 -4.02 17.66
N GLN L 261 -44.02 -2.90 18.25
CA GLN L 261 -44.01 -1.63 17.55
C GLN L 261 -42.68 -1.56 16.81
N ASN L 262 -42.69 -1.93 15.52
CA ASN L 262 -41.46 -2.09 14.75
C ASN L 262 -41.50 -1.32 13.44
N GLY L 263 -42.22 -0.20 13.40
CA GLY L 263 -42.04 0.78 12.35
C GLY L 263 -42.44 0.37 10.95
N ASP L 264 -42.90 -0.86 10.73
CA ASP L 264 -43.32 -1.26 9.41
C ASP L 264 -44.51 -0.41 8.95
N SER L 265 -44.71 -0.37 7.65
CA SER L 265 -45.77 0.45 7.08
C SER L 265 -47.15 -0.17 7.23
N LEU L 266 -47.23 -1.48 7.40
CA LEU L 266 -48.48 -2.20 7.53
C LEU L 266 -48.66 -2.68 8.96
N VAL L 267 -49.74 -3.42 9.16
CA VAL L 267 -50.02 -4.09 10.41
C VAL L 267 -50.16 -5.58 10.13
N HIS L 268 -49.73 -6.38 11.08
CA HIS L 268 -50.04 -7.79 11.12
C HIS L 268 -50.52 -8.11 12.52
N ALA L 269 -51.48 -9.03 12.62
CA ALA L 269 -52.02 -9.40 13.91
C ALA L 269 -52.70 -10.74 13.79
N ALA L 270 -52.67 -11.48 14.88
CA ALA L 270 -53.33 -12.77 14.98
C ALA L 270 -54.06 -12.83 16.31
N LEU L 271 -55.24 -13.43 16.27
CA LEU L 271 -56.12 -13.51 17.43
C LEU L 271 -56.67 -14.92 17.47
N VAL L 272 -56.38 -15.65 18.54
CA VAL L 272 -56.61 -17.07 18.59
C VAL L 272 -57.26 -17.45 19.92
N ALA L 273 -57.55 -18.74 20.04
CA ALA L 273 -58.05 -19.32 21.26
C ALA L 273 -57.77 -20.81 21.22
N GLU L 274 -57.97 -21.46 22.35
CA GLU L 274 -57.59 -22.86 22.48
C GLU L 274 -58.35 -23.72 21.49
N SER L 275 -57.62 -24.38 20.63
CA SER L 275 -58.13 -25.40 19.75
C SER L 275 -58.02 -26.76 20.42
N ALA L 276 -58.16 -27.82 19.62
CA ALA L 276 -57.90 -29.18 20.06
C ALA L 276 -56.90 -29.85 19.15
N ALA L 277 -56.34 -30.94 19.64
CA ALA L 277 -55.31 -31.66 18.92
C ALA L 277 -55.92 -32.37 17.72
N ILE L 278 -55.05 -33.11 17.02
CA ILE L 278 -55.46 -33.88 15.85
C ILE L 278 -55.99 -35.24 16.29
N GLY L 279 -56.67 -35.92 15.39
CA GLY L 279 -57.26 -37.22 15.66
C GLY L 279 -58.64 -37.10 16.25
N SER L 280 -58.79 -36.24 17.24
CA SER L 280 -60.11 -35.89 17.74
C SER L 280 -60.97 -35.37 16.60
N ALA L 281 -62.20 -35.88 16.51
CA ALA L 281 -63.15 -35.36 15.54
C ALA L 281 -63.50 -33.91 15.81
N GLU L 282 -63.22 -33.41 17.01
CA GLU L 282 -63.32 -31.99 17.27
C GLU L 282 -62.37 -31.20 16.36
N ALA L 283 -61.26 -31.80 15.97
CA ALA L 283 -60.35 -31.18 15.01
C ALA L 283 -61.06 -30.91 13.70
N ASN L 284 -61.67 -31.95 13.13
CA ASN L 284 -62.26 -31.86 11.81
C ASN L 284 -63.42 -30.88 11.73
N ALA L 285 -63.91 -30.39 12.86
CA ALA L 285 -64.88 -29.32 12.85
C ALA L 285 -64.19 -27.97 12.68
N PHE L 286 -63.03 -27.79 13.31
CA PHE L 286 -62.26 -26.59 13.07
C PHE L 286 -61.78 -26.53 11.64
N SER L 287 -61.15 -27.62 11.17
CA SER L 287 -60.51 -27.62 9.86
C SER L 287 -61.50 -27.34 8.75
N VAL L 288 -62.78 -27.65 8.95
CA VAL L 288 -63.80 -27.21 8.02
C VAL L 288 -64.22 -25.78 8.35
N LEU L 289 -64.31 -25.45 9.65
CA LEU L 289 -64.67 -24.09 10.04
C LEU L 289 -63.67 -23.07 9.53
N GLN L 290 -62.41 -23.50 9.34
CA GLN L 290 -61.43 -22.72 8.60
C GLN L 290 -62.00 -22.22 7.28
N HIS L 291 -62.35 -23.15 6.38
CA HIS L 291 -62.81 -22.74 5.06
C HIS L 291 -64.15 -22.03 5.10
N VAL L 292 -64.96 -22.28 6.13
CA VAL L 292 -66.21 -21.53 6.29
C VAL L 292 -65.91 -20.06 6.42
N LEU L 293 -64.83 -19.74 7.13
CA LEU L 293 -64.59 -18.43 7.67
C LEU L 293 -63.59 -17.65 6.82
N GLY L 294 -62.41 -18.23 6.61
CA GLY L 294 -61.41 -17.68 5.72
C GLY L 294 -60.44 -18.76 5.34
N ALA L 295 -60.24 -18.94 4.04
CA ALA L 295 -59.50 -20.07 3.50
C ALA L 295 -58.17 -19.70 2.89
N GLY L 296 -58.04 -18.47 2.42
CA GLY L 296 -56.98 -18.09 1.52
C GLY L 296 -57.51 -18.14 0.11
N PRO L 297 -56.87 -17.43 -0.81
CA PRO L 297 -57.42 -17.29 -2.16
C PRO L 297 -57.34 -18.59 -2.94
N HIS L 298 -58.49 -19.05 -3.42
CA HIS L 298 -58.57 -20.17 -4.33
C HIS L 298 -58.54 -19.72 -5.78
N VAL L 299 -59.00 -18.51 -6.04
CA VAL L 299 -58.90 -17.89 -7.35
C VAL L 299 -57.76 -16.88 -7.31
N LYS L 300 -56.86 -16.97 -8.28
CA LYS L 300 -55.80 -15.98 -8.41
C LYS L 300 -56.42 -14.61 -8.65
N ARG L 301 -56.05 -13.66 -7.80
CA ARG L 301 -56.49 -12.28 -7.91
C ARG L 301 -58.00 -12.17 -7.72
N GLY L 302 -58.55 -13.06 -6.91
CA GLY L 302 -59.98 -13.08 -6.68
C GLY L 302 -60.40 -12.21 -5.51
N SER L 303 -61.66 -11.81 -5.56
CA SER L 303 -62.28 -11.02 -4.52
C SER L 303 -62.64 -11.84 -3.28
N ASN L 304 -62.39 -13.15 -3.28
CA ASN L 304 -62.68 -14.04 -2.17
C ASN L 304 -64.11 -13.83 -1.67
N ALA L 305 -65.05 -14.01 -2.59
CA ALA L 305 -66.44 -13.68 -2.32
C ALA L 305 -67.01 -14.57 -1.23
N THR L 306 -66.81 -15.86 -1.34
CA THR L 306 -67.46 -16.81 -0.45
C THR L 306 -66.89 -16.82 0.96
N SER L 307 -65.72 -16.22 1.17
CA SER L 307 -65.18 -16.12 2.51
C SER L 307 -66.06 -15.20 3.33
N SER L 308 -66.65 -15.75 4.39
CA SER L 308 -67.55 -15.00 5.24
C SER L 308 -66.83 -13.82 5.88
N LEU L 309 -65.56 -14.00 6.22
CA LEU L 309 -64.85 -12.97 6.95
C LEU L 309 -64.40 -11.86 6.02
N TYR L 310 -63.67 -12.22 4.97
CA TYR L 310 -63.14 -11.22 4.06
C TYR L 310 -64.26 -10.41 3.43
N GLN L 311 -65.38 -11.06 3.13
CA GLN L 311 -66.54 -10.35 2.63
C GLN L 311 -67.08 -9.40 3.67
N ALA L 312 -67.03 -9.80 4.94
CA ALA L 312 -67.58 -8.96 6.00
C ALA L 312 -66.75 -7.71 6.20
N VAL L 313 -65.45 -7.79 5.90
CA VAL L 313 -64.61 -6.61 6.01
C VAL L 313 -64.91 -5.66 4.86
N ALA L 314 -65.27 -6.19 3.70
CA ALA L 314 -65.35 -5.40 2.48
C ALA L 314 -66.41 -4.32 2.54
N LYS L 315 -67.33 -4.39 3.49
CA LYS L 315 -68.32 -3.35 3.71
C LYS L 315 -67.78 -2.37 4.74
N GLY L 316 -67.83 -1.09 4.41
CA GLY L 316 -67.24 -0.05 5.24
C GLY L 316 -65.80 0.21 4.89
N VAL L 317 -64.99 -0.83 4.85
CA VAL L 317 -63.59 -0.68 4.47
C VAL L 317 -63.52 -0.47 2.97
N HIS L 318 -62.65 0.45 2.55
CA HIS L 318 -62.45 0.75 1.14
C HIS L 318 -60.98 0.97 0.84
N GLU L 319 -60.10 0.28 1.55
CA GLU L 319 -58.66 0.39 1.42
C GLU L 319 -58.07 -1.01 1.44
N PRO L 320 -56.77 -1.15 1.18
CA PRO L 320 -56.21 -2.50 1.13
C PRO L 320 -56.27 -3.22 2.46
N PHE L 321 -56.44 -4.53 2.38
CA PHE L 321 -56.40 -5.42 3.54
C PHE L 321 -56.37 -6.84 3.01
N ASP L 322 -56.24 -7.77 3.94
CA ASP L 322 -56.35 -9.19 3.68
C ASP L 322 -56.34 -9.89 5.02
N VAL L 323 -56.95 -11.06 5.07
CA VAL L 323 -57.27 -11.68 6.33
C VAL L 323 -57.70 -13.12 6.07
N SER L 324 -57.42 -14.01 7.00
CA SER L 324 -57.70 -15.41 6.77
C SER L 324 -57.62 -16.16 8.09
N ALA L 325 -58.03 -17.41 8.05
CA ALA L 325 -58.06 -18.24 9.23
C ALA L 325 -56.69 -18.81 9.54
N PHE L 326 -56.48 -19.10 10.82
CA PHE L 326 -55.25 -19.71 11.31
C PHE L 326 -55.60 -20.97 12.08
N ASN L 327 -55.25 -22.12 11.53
CA ASN L 327 -55.45 -23.40 12.20
C ASN L 327 -54.12 -24.08 12.40
N ALA L 328 -53.83 -24.45 13.64
CA ALA L 328 -52.59 -25.12 14.02
C ALA L 328 -52.94 -26.21 15.00
N SER L 329 -52.62 -27.46 14.65
CA SER L 329 -53.12 -28.63 15.36
C SER L 329 -51.95 -29.55 15.66
N TYR L 330 -51.38 -29.40 16.84
CA TYR L 330 -50.28 -30.23 17.29
C TYR L 330 -50.82 -31.43 18.08
N SER L 331 -49.91 -32.33 18.42
CA SER L 331 -50.31 -33.61 19.01
C SER L 331 -50.96 -33.40 20.37
N ASP L 332 -50.33 -32.59 21.21
CA ASP L 332 -50.86 -32.34 22.54
C ASP L 332 -52.00 -31.34 22.51
N SER L 333 -51.91 -30.34 21.63
CA SER L 333 -52.85 -29.24 21.61
C SER L 333 -52.76 -28.55 20.27
N GLY L 334 -53.35 -27.36 20.19
CA GLY L 334 -53.36 -26.63 18.95
C GLY L 334 -53.80 -25.22 19.21
N LEU L 335 -54.02 -24.48 18.13
CA LEU L 335 -54.63 -23.17 18.19
C LEU L 335 -55.57 -23.01 17.01
N PHE L 336 -56.50 -22.08 17.18
CA PHE L 336 -57.36 -21.66 16.08
C PHE L 336 -57.61 -20.17 16.21
N GLY L 337 -57.71 -19.51 15.06
CA GLY L 337 -58.07 -18.13 15.00
C GLY L 337 -57.96 -17.57 13.61
N PHE L 338 -57.45 -16.34 13.49
CA PHE L 338 -57.32 -15.71 12.19
C PHE L 338 -56.11 -14.79 12.21
N TYR L 339 -55.69 -14.37 11.03
CA TYR L 339 -54.48 -13.58 10.85
C TYR L 339 -54.82 -12.33 10.06
N THR L 340 -54.21 -11.21 10.44
CA THR L 340 -54.58 -9.90 9.98
C THR L 340 -53.54 -9.31 9.04
N ILE L 341 -54.01 -8.49 8.10
CA ILE L 341 -53.16 -7.61 7.31
C ILE L 341 -53.94 -6.33 7.06
N SER L 342 -53.47 -5.21 7.61
CA SER L 342 -54.16 -3.94 7.42
C SER L 342 -53.20 -2.78 7.64
N GLN L 343 -53.71 -1.59 7.36
CA GLN L 343 -52.99 -0.36 7.64
C GLN L 343 -53.04 -0.06 9.13
N ALA L 344 -52.44 1.06 9.52
CA ALA L 344 -52.27 1.37 10.93
C ALA L 344 -53.58 1.71 11.60
N ALA L 345 -54.24 2.76 11.11
CA ALA L 345 -55.48 3.21 11.73
C ALA L 345 -56.57 2.15 11.70
N SER L 346 -56.55 1.29 10.69
CA SER L 346 -57.63 0.34 10.43
C SER L 346 -57.32 -1.06 10.93
N ALA L 347 -56.67 -1.18 12.08
CA ALA L 347 -56.52 -2.47 12.73
C ALA L 347 -57.79 -2.83 13.49
N GLY L 348 -58.24 -1.93 14.36
CA GLY L 348 -59.44 -2.19 15.11
C GLY L 348 -60.65 -2.34 14.22
N ASP L 349 -60.74 -1.51 13.19
CA ASP L 349 -61.89 -1.54 12.31
C ASP L 349 -61.91 -2.77 11.42
N VAL L 350 -60.87 -3.59 11.45
CA VAL L 350 -60.87 -4.86 10.73
C VAL L 350 -61.05 -6.01 11.70
N ILE L 351 -60.34 -5.98 12.81
CA ILE L 351 -60.42 -7.09 13.76
C ILE L 351 -61.83 -7.17 14.34
N LYS L 352 -62.47 -6.02 14.51
CA LYS L 352 -63.83 -5.99 15.01
C LYS L 352 -64.85 -6.36 13.94
N ALA L 353 -64.42 -6.74 12.75
CA ALA L 353 -65.27 -7.46 11.82
C ALA L 353 -65.14 -8.95 12.04
N ALA L 354 -63.91 -9.42 12.22
CA ALA L 354 -63.67 -10.84 12.43
C ALA L 354 -64.33 -11.34 13.69
N TYR L 355 -64.05 -10.66 14.80
CA TYR L 355 -64.56 -11.08 16.09
C TYR L 355 -66.08 -11.08 16.10
N ASN L 356 -66.69 -10.01 15.57
CA ASN L 356 -68.15 -9.96 15.51
C ASN L 356 -68.69 -11.03 14.59
N GLN L 357 -68.04 -11.22 13.45
CA GLN L 357 -68.49 -12.22 12.49
C GLN L 357 -68.54 -13.60 13.11
N VAL L 358 -67.45 -14.00 13.76
CA VAL L 358 -67.36 -15.34 14.31
C VAL L 358 -68.33 -15.53 15.44
N LYS L 359 -68.66 -14.46 16.16
CA LYS L 359 -69.75 -14.55 17.13
C LYS L 359 -71.05 -14.94 16.44
N THR L 360 -71.33 -14.34 15.29
CA THR L 360 -72.52 -14.72 14.53
C THR L 360 -72.46 -16.18 14.11
N ILE L 361 -71.26 -16.68 13.84
CA ILE L 361 -71.11 -18.09 13.55
C ILE L 361 -71.32 -18.93 14.80
N ALA L 362 -71.12 -18.35 15.99
CA ALA L 362 -71.37 -19.06 17.24
C ALA L 362 -72.80 -18.90 17.73
N GLN L 363 -73.51 -17.86 17.29
CA GLN L 363 -74.89 -17.64 17.65
C GLN L 363 -75.86 -18.30 16.69
N GLY L 364 -75.44 -19.38 16.03
CA GLY L 364 -76.31 -20.17 15.21
C GLY L 364 -76.52 -19.66 13.81
N ASN L 365 -76.25 -18.39 13.54
CA ASN L 365 -76.50 -17.83 12.23
C ASN L 365 -75.55 -18.47 11.23
N LEU L 366 -76.07 -19.40 10.44
CA LEU L 366 -75.25 -20.19 9.53
C LEU L 366 -76.17 -21.00 8.64
N SER L 367 -75.64 -21.41 7.48
CA SER L 367 -76.33 -22.27 6.53
C SER L 367 -75.58 -23.58 6.36
N ASN L 368 -76.25 -24.55 5.76
CA ASN L 368 -75.66 -25.85 5.46
C ASN L 368 -74.82 -25.86 4.20
N PRO L 369 -75.26 -25.24 3.09
CA PRO L 369 -74.42 -25.29 1.87
C PRO L 369 -73.05 -24.67 2.04
N ASP L 370 -72.92 -23.62 2.86
CA ASP L 370 -71.61 -23.08 3.20
C ASP L 370 -70.70 -24.18 3.71
N VAL L 371 -71.21 -24.99 4.63
CA VAL L 371 -70.42 -26.08 5.17
C VAL L 371 -70.06 -27.08 4.07
N GLN L 372 -71.08 -27.61 3.40
CA GLN L 372 -70.83 -28.60 2.36
C GLN L 372 -70.02 -28.02 1.22
N ALA L 373 -70.13 -26.70 1.01
CA ALA L 373 -69.19 -26.03 0.13
C ALA L 373 -67.82 -26.00 0.77
N ALA L 374 -67.76 -25.65 2.05
CA ALA L 374 -66.48 -25.56 2.74
C ALA L 374 -65.80 -26.92 2.80
N LYS L 375 -66.58 -27.98 2.93
CA LYS L 375 -65.97 -29.31 2.93
C LYS L 375 -65.32 -29.62 1.60
N ASN L 376 -65.94 -29.21 0.49
CA ASN L 376 -65.34 -29.46 -0.80
C ASN L 376 -63.96 -28.81 -0.91
N LYS L 377 -63.76 -27.71 -0.20
CA LYS L 377 -62.43 -27.12 -0.11
C LYS L 377 -61.51 -28.00 0.71
N LEU L 378 -61.95 -28.34 1.93
CA LEU L 378 -61.12 -29.15 2.81
C LEU L 378 -60.84 -30.52 2.23
N LYS L 379 -61.84 -31.12 1.59
CA LYS L 379 -61.64 -32.40 0.94
C LYS L 379 -60.67 -32.31 -0.24
N ALA L 380 -60.43 -31.09 -0.75
CA ALA L 380 -59.53 -30.90 -1.87
C ALA L 380 -58.11 -30.65 -1.39
N GLY L 381 -57.94 -29.68 -0.50
CA GLY L 381 -56.60 -29.29 -0.07
C GLY L 381 -55.82 -30.44 0.53
N TYR L 382 -56.52 -31.35 1.20
CA TYR L 382 -55.87 -32.55 1.72
C TYR L 382 -55.31 -33.38 0.58
N LEU L 383 -56.15 -33.65 -0.41
CA LEU L 383 -55.72 -34.45 -1.55
C LEU L 383 -54.68 -33.70 -2.37
N MET L 384 -54.91 -32.42 -2.61
CA MET L 384 -53.97 -31.65 -3.41
C MET L 384 -52.63 -31.51 -2.70
N SER L 385 -52.64 -31.42 -1.37
CA SER L 385 -51.39 -31.36 -0.63
C SER L 385 -50.58 -32.62 -0.84
N VAL L 386 -51.24 -33.77 -0.85
CA VAL L 386 -50.55 -35.04 -1.03
C VAL L 386 -50.48 -35.43 -2.50
N GLU L 387 -50.75 -34.46 -3.38
CA GLU L 387 -50.53 -34.68 -4.81
C GLU L 387 -49.06 -35.02 -5.06
N SER L 388 -48.18 -34.08 -4.76
CA SER L 388 -46.75 -34.32 -4.89
C SER L 388 -46.32 -35.43 -3.95
N SER L 389 -45.34 -36.21 -4.39
CA SER L 389 -44.71 -37.20 -3.53
C SER L 389 -44.20 -36.57 -2.24
N GLU L 390 -43.69 -35.35 -2.30
CA GLU L 390 -43.16 -34.72 -1.10
C GLU L 390 -44.28 -34.37 -0.14
N GLY L 391 -45.23 -33.57 -0.61
CA GLY L 391 -46.40 -33.28 0.20
C GLY L 391 -47.14 -34.55 0.60
N PHE L 392 -47.13 -35.56 -0.26
CA PHE L 392 -47.60 -36.88 0.13
C PHE L 392 -46.75 -37.42 1.26
N LEU L 393 -45.44 -37.37 1.08
CA LEU L 393 -44.52 -37.88 2.08
C LEU L 393 -44.63 -37.13 3.39
N ASP L 394 -45.06 -35.87 3.35
CA ASP L 394 -45.21 -35.11 4.58
C ASP L 394 -46.31 -35.68 5.47
N GLU L 395 -47.25 -36.42 4.88
CA GLU L 395 -48.44 -36.88 5.57
C GLU L 395 -48.38 -38.35 5.92
N VAL L 396 -47.59 -39.13 5.18
CA VAL L 396 -47.53 -40.56 5.43
C VAL L 396 -46.92 -40.84 6.79
N GLY L 397 -46.03 -39.97 7.24
CA GLY L 397 -45.25 -40.23 8.43
C GLY L 397 -45.64 -39.32 9.57
N SER L 398 -46.12 -38.11 9.25
CA SER L 398 -46.61 -37.22 10.28
C SER L 398 -47.71 -37.88 11.09
N GLN L 399 -48.48 -38.76 10.46
CA GLN L 399 -49.42 -39.62 11.17
C GLN L 399 -48.68 -40.66 11.97
N ALA L 400 -47.62 -41.23 11.39
CA ALA L 400 -46.93 -42.37 11.99
C ALA L 400 -46.32 -42.07 13.34
N LEU L 401 -46.09 -40.80 13.65
CA LEU L 401 -45.46 -40.43 14.92
C LEU L 401 -46.49 -40.15 16.00
N ALA L 402 -47.44 -39.26 15.73
CA ALA L 402 -48.51 -39.02 16.69
C ALA L 402 -49.44 -40.21 16.77
N ALA L 403 -50.03 -40.58 15.64
CA ALA L 403 -50.79 -41.82 15.54
C ALA L 403 -49.79 -42.97 15.36
N GLY L 404 -50.31 -44.13 14.98
CA GLY L 404 -49.48 -45.27 14.66
C GLY L 404 -49.97 -46.01 13.44
N SER L 405 -50.85 -45.38 12.64
CA SER L 405 -51.42 -46.01 11.47
C SER L 405 -51.65 -44.97 10.39
N TYR L 406 -51.51 -45.39 9.14
CA TYR L 406 -51.76 -44.52 8.00
C TYR L 406 -53.25 -44.54 7.68
N THR L 407 -53.86 -43.37 7.76
CA THR L 407 -55.23 -43.19 7.31
C THR L 407 -55.20 -42.83 5.83
N PRO L 408 -55.77 -43.65 4.94
CA PRO L 408 -55.81 -43.26 3.53
C PRO L 408 -56.69 -42.06 3.32
N PRO L 409 -56.68 -41.48 2.12
CA PRO L 409 -57.51 -40.30 1.88
C PRO L 409 -58.99 -40.57 2.00
N SER L 410 -59.44 -41.73 1.52
CA SER L 410 -60.87 -42.06 1.53
C SER L 410 -61.41 -42.03 2.95
N THR L 411 -60.70 -42.69 3.87
CA THR L 411 -61.15 -42.74 5.24
C THR L 411 -61.21 -41.35 5.87
N VAL L 412 -60.41 -40.41 5.38
CA VAL L 412 -60.52 -39.04 5.86
C VAL L 412 -61.80 -38.41 5.34
N LEU L 413 -62.04 -38.55 4.04
CA LEU L 413 -63.18 -37.90 3.41
C LEU L 413 -64.49 -38.37 4.02
N GLN L 414 -64.51 -39.59 4.58
CA GLN L 414 -65.64 -39.98 5.40
C GLN L 414 -65.70 -39.13 6.66
N GLN L 415 -64.54 -38.92 7.31
CA GLN L 415 -64.51 -38.13 8.53
C GLN L 415 -64.86 -36.68 8.27
N ILE L 416 -64.75 -36.22 7.03
CA ILE L 416 -65.23 -34.90 6.67
C ILE L 416 -66.73 -34.95 6.39
N ASP L 417 -67.23 -36.08 5.89
CA ASP L 417 -68.66 -36.19 5.61
C ASP L 417 -69.45 -36.38 6.90
N ALA L 418 -68.86 -37.04 7.89
CA ALA L 418 -69.53 -37.30 9.16
C ALA L 418 -69.42 -36.14 10.13
N VAL L 419 -69.07 -34.94 9.66
CA VAL L 419 -68.96 -33.79 10.55
C VAL L 419 -70.35 -33.23 10.82
N ALA L 420 -70.51 -32.59 11.97
CA ALA L 420 -71.79 -32.07 12.45
C ALA L 420 -71.79 -30.55 12.46
N ASP L 421 -72.91 -29.98 12.03
CA ASP L 421 -73.13 -28.54 12.09
C ASP L 421 -73.48 -28.07 13.50
N ALA L 422 -73.41 -28.94 14.50
CA ALA L 422 -73.35 -28.55 15.90
C ALA L 422 -71.95 -28.61 16.48
N ASP L 423 -71.00 -29.21 15.76
CA ASP L 423 -69.60 -29.10 16.08
C ASP L 423 -68.98 -27.86 15.44
N VAL L 424 -69.40 -27.55 14.22
CA VAL L 424 -68.88 -26.39 13.51
C VAL L 424 -69.23 -25.11 14.25
N ILE L 425 -70.36 -25.08 14.93
CA ILE L 425 -70.79 -23.87 15.63
C ILE L 425 -69.84 -23.57 16.77
CA ASN L 426 -69.62 -25.26 19.52
C ASN L 426 -68.13 -24.94 19.35
N ALA L 427 -67.64 -25.19 18.14
CA ALA L 427 -66.25 -24.85 17.81
C ALA L 427 -65.99 -23.38 18.04
N ALA L 428 -66.66 -22.53 17.27
CA ALA L 428 -66.51 -21.10 17.43
C ALA L 428 -66.96 -20.63 18.80
N LYS L 429 -67.85 -21.39 19.45
CA LYS L 429 -68.22 -21.07 20.81
C LYS L 429 -67.03 -21.26 21.74
N LYS L 430 -66.23 -22.29 21.50
CA LYS L 430 -64.99 -22.46 22.22
C LYS L 430 -64.06 -21.29 21.95
N PHE L 431 -64.01 -20.84 20.71
CA PHE L 431 -63.17 -19.71 20.34
C PHE L 431 -63.60 -18.45 21.08
N VAL L 432 -64.89 -18.10 20.97
CA VAL L 432 -65.35 -16.83 21.53
C VAL L 432 -65.31 -16.89 23.05
N SER L 433 -65.97 -17.88 23.64
CA SER L 433 -65.96 -18.02 25.09
C SER L 433 -64.57 -18.31 25.63
N GLY L 434 -63.68 -18.87 24.80
CA GLY L 434 -62.39 -19.29 25.29
C GLY L 434 -61.46 -18.13 25.58
N ARG L 435 -60.50 -18.42 26.44
CA ARG L 435 -59.42 -17.49 26.73
C ARG L 435 -58.68 -17.16 25.45
N LYS L 436 -58.12 -15.95 25.39
CA LYS L 436 -57.56 -15.40 24.16
C LYS L 436 -56.07 -15.14 24.30
N SER L 437 -55.34 -15.52 23.24
CA SER L 437 -53.96 -15.12 23.04
C SER L 437 -53.87 -14.34 21.73
N MET L 438 -52.92 -13.41 21.67
CA MET L 438 -52.89 -12.44 20.60
C MET L 438 -51.46 -11.97 20.40
N ALA L 439 -51.15 -11.56 19.18
CA ALA L 439 -49.91 -10.86 18.93
C ALA L 439 -50.05 -10.07 17.65
N ALA L 440 -49.16 -9.10 17.50
CA ALA L 440 -49.23 -8.23 16.34
C ALA L 440 -47.92 -7.50 16.16
N SER L 441 -47.74 -6.98 14.94
CA SER L 441 -46.49 -6.37 14.54
C SER L 441 -46.76 -5.30 13.50
N GLY L 442 -45.92 -4.27 13.51
CA GLY L 442 -46.06 -3.14 12.64
C GLY L 442 -46.13 -1.85 13.41
N ASN L 443 -47.03 -0.97 13.01
CA ASN L 443 -47.41 0.19 13.80
C ASN L 443 -48.61 -0.18 14.65
N LEU L 444 -48.57 0.16 15.92
CA LEU L 444 -49.56 -0.27 16.90
C LEU L 444 -50.06 0.90 17.73
N GLY L 445 -50.39 1.98 17.05
CA GLY L 445 -50.92 3.16 17.70
C GLY L 445 -52.43 3.17 17.77
N HIS L 446 -53.06 2.42 16.87
CA HIS L 446 -54.51 2.25 16.84
C HIS L 446 -54.93 0.80 16.95
N THR L 447 -54.01 -0.09 17.32
CA THR L 447 -54.33 -1.50 17.43
C THR L 447 -54.81 -1.81 18.84
N PRO L 448 -55.99 -2.40 19.03
CA PRO L 448 -56.48 -2.65 20.38
C PRO L 448 -55.95 -3.94 20.98
N PHE L 449 -56.12 -4.04 22.29
CA PHE L 449 -55.82 -5.26 23.02
C PHE L 449 -56.97 -6.25 22.81
N ILE L 450 -56.95 -7.31 23.60
CA ILE L 450 -58.10 -8.22 23.70
C ILE L 450 -59.29 -7.48 24.28
N ASP L 451 -59.11 -6.91 25.46
CA ASP L 451 -60.23 -6.46 26.29
C ASP L 451 -61.08 -5.41 25.60
N GLU L 452 -60.48 -4.64 24.69
CA GLU L 452 -61.22 -3.64 23.94
C GLU L 452 -62.05 -4.25 22.81
N LEU L 453 -62.05 -5.56 22.67
CA LEU L 453 -62.86 -6.22 21.66
C LEU L 453 -64.26 -6.49 22.19
N LEU M 10 3.22 -11.29 -5.90
CA LEU M 10 1.91 -10.67 -5.79
C LEU M 10 1.96 -9.17 -5.98
N MET M 11 3.16 -8.58 -5.89
CA MET M 11 3.31 -7.12 -5.93
C MET M 11 2.68 -6.48 -7.15
N LYS M 12 2.36 -7.25 -8.18
CA LYS M 12 1.58 -6.81 -9.33
C LYS M 12 0.38 -5.96 -8.96
N ILE M 13 -0.21 -6.20 -7.77
CA ILE M 13 -1.38 -5.44 -7.35
C ILE M 13 -1.13 -3.95 -7.25
N VAL M 14 0.13 -3.52 -7.17
CA VAL M 14 0.42 -2.10 -7.27
C VAL M 14 -0.05 -1.56 -8.60
N ASN M 15 -0.01 -2.39 -9.65
CA ASN M 15 -0.46 -1.99 -10.95
C ASN M 15 -1.95 -1.95 -11.07
N ASN M 16 -2.67 -2.04 -9.95
CA ASN M 16 -3.95 -1.36 -9.86
C ASN M 16 -3.79 0.10 -10.26
N ALA M 17 -2.64 0.69 -9.93
CA ALA M 17 -2.33 2.04 -10.36
C ALA M 17 -2.32 2.17 -11.88
N PHE M 18 -1.88 1.14 -12.60
CA PHE M 18 -1.68 1.22 -14.04
C PHE M 18 -2.62 0.32 -14.84
N ILE M 19 -3.54 -0.38 -14.20
CA ILE M 19 -4.43 -1.31 -14.90
C ILE M 19 -5.87 -0.97 -14.60
N ASP M 20 -6.25 -1.07 -13.34
CA ASP M 20 -7.62 -0.88 -12.89
C ASP M 20 -7.83 0.50 -12.29
N LEU M 21 -7.02 1.45 -12.68
CA LEU M 21 -7.07 2.74 -12.03
C LEU M 21 -8.36 3.47 -12.42
N PRO M 22 -8.99 4.18 -11.49
CA PRO M 22 -10.03 5.12 -11.88
C PRO M 22 -9.41 6.38 -12.44
N ALA M 23 -9.88 6.78 -13.62
CA ALA M 23 -9.51 8.05 -14.19
C ALA M 23 -10.69 8.58 -14.99
N PRO M 24 -10.71 9.86 -15.30
CA PRO M 24 -11.85 10.43 -16.02
C PRO M 24 -12.09 9.83 -17.38
N SER M 25 -13.13 10.34 -18.03
CA SER M 25 -13.48 9.97 -19.38
C SER M 25 -13.43 11.14 -20.35
N ASN M 26 -13.30 12.36 -19.85
CA ASN M 26 -13.39 13.56 -20.68
C ASN M 26 -12.05 14.05 -21.16
N ILE M 27 -11.14 13.14 -21.40
CA ILE M 27 -9.74 13.45 -21.39
C ILE M 27 -9.25 13.69 -22.80
N SER M 28 -8.44 14.72 -22.96
CA SER M 28 -7.90 15.11 -24.24
C SER M 28 -6.73 14.21 -24.60
N SER M 29 -6.09 14.56 -25.72
CA SER M 29 -4.78 14.03 -26.03
C SER M 29 -3.65 14.86 -25.43
N TRP M 30 -3.96 15.90 -24.64
CA TRP M 30 -2.89 16.63 -23.99
C TRP M 30 -2.14 15.73 -23.02
N TRP M 31 -2.88 14.94 -22.25
CA TRP M 31 -2.30 14.18 -21.16
C TRP M 31 -1.46 13.02 -21.66
N ASN M 32 -1.53 12.70 -22.95
CA ASN M 32 -0.55 11.80 -23.52
C ASN M 32 0.86 12.34 -23.30
N PHE M 33 1.03 13.67 -23.43
CA PHE M 33 2.34 14.28 -23.22
C PHE M 33 2.86 13.99 -21.83
N GLY M 34 1.97 13.95 -20.85
CA GLY M 34 2.37 13.58 -19.51
C GLY M 34 2.91 12.16 -19.41
N SER M 35 2.57 11.31 -20.38
CA SER M 35 2.99 9.91 -20.36
C SER M 35 4.21 9.66 -21.23
N LEU M 36 4.40 10.46 -22.27
CA LEU M 36 5.49 10.20 -23.21
C LEU M 36 6.84 10.31 -22.55
N LEU M 37 6.94 11.11 -21.49
CA LEU M 37 8.24 11.26 -20.84
C LEU M 37 8.69 9.95 -20.25
N GLY M 38 7.74 9.13 -19.81
CA GLY M 38 8.04 7.77 -19.43
C GLY M 38 8.67 6.99 -20.57
N ILE M 39 8.29 7.32 -21.80
CA ILE M 39 8.90 6.69 -22.96
C ILE M 39 10.19 7.40 -23.32
N CYS M 40 10.16 8.73 -23.34
CA CYS M 40 11.37 9.47 -23.68
C CYS M 40 12.47 9.19 -22.68
N LEU M 41 12.11 9.09 -21.41
CA LEU M 41 13.13 8.84 -20.40
C LEU M 41 13.74 7.46 -20.59
N ILE M 42 12.92 6.47 -20.91
CA ILE M 42 13.45 5.14 -21.16
C ILE M 42 14.13 5.11 -22.52
N LEU M 43 13.49 5.72 -23.53
CA LEU M 43 14.06 5.74 -24.87
C LEU M 43 15.40 6.43 -24.90
N GLN M 44 15.58 7.45 -24.07
CA GLN M 44 16.85 8.15 -24.14
C GLN M 44 17.94 7.35 -23.48
N ILE M 45 17.62 6.72 -22.36
CA ILE M 45 18.60 5.94 -21.64
C ILE M 45 18.99 4.73 -22.46
N LEU M 46 17.99 4.03 -22.98
CA LEU M 46 18.20 2.89 -23.86
C LEU M 46 19.17 3.23 -24.99
N THR M 47 18.88 4.30 -25.73
CA THR M 47 19.82 4.75 -26.76
C THR M 47 21.15 5.13 -26.15
N GLY M 48 21.12 6.05 -25.20
CA GLY M 48 22.35 6.59 -24.65
C GLY M 48 23.26 5.56 -24.04
N LEU M 49 22.69 4.45 -23.62
CA LEU M 49 23.50 3.43 -23.00
C LEU M 49 24.37 2.77 -24.04
N PHE M 50 23.75 2.19 -25.07
CA PHE M 50 24.50 1.65 -26.18
C PHE M 50 25.43 2.69 -26.78
N LEU M 51 24.96 3.93 -26.81
CA LEU M 51 25.78 5.04 -27.25
C LEU M 51 27.06 5.12 -26.44
N ALA M 52 26.95 5.03 -25.13
CA ALA M 52 28.09 5.23 -24.25
C ALA M 52 28.93 4.00 -24.09
N MET M 53 28.67 2.94 -24.85
CA MET M 53 29.61 1.85 -24.91
C MET M 53 30.86 2.22 -25.68
N HIS M 54 30.83 3.33 -26.41
CA HIS M 54 31.93 3.74 -27.24
C HIS M 54 32.44 5.13 -26.94
N TYR M 55 31.68 5.94 -26.21
CA TYR M 55 32.17 7.25 -25.85
C TYR M 55 33.38 7.11 -24.94
N THR M 56 34.18 8.17 -24.90
CA THR M 56 35.38 8.25 -24.10
C THR M 56 35.35 9.57 -23.36
N SER M 57 35.67 9.54 -22.06
CA SER M 57 35.59 10.72 -21.21
C SER M 57 36.89 11.50 -21.19
N ASP M 58 37.65 11.48 -22.28
CA ASP M 58 38.90 12.21 -22.40
C ASP M 58 38.84 13.10 -23.64
N THR M 59 39.56 14.22 -23.55
CA THR M 59 39.50 15.25 -24.58
C THR M 59 40.00 14.73 -25.91
N THR M 60 41.23 14.25 -25.93
CA THR M 60 41.95 13.97 -27.17
C THR M 60 41.22 12.97 -28.04
N THR M 61 40.40 12.12 -27.43
CA THR M 61 39.73 11.03 -28.13
C THR M 61 38.23 11.20 -28.22
N ALA M 62 37.65 12.12 -27.45
CA ALA M 62 36.21 12.22 -27.35
C ALA M 62 35.57 12.51 -28.70
N PHE M 63 35.93 13.63 -29.29
CA PHE M 63 35.35 14.01 -30.57
C PHE M 63 35.60 12.95 -31.62
N SER M 64 36.75 12.31 -31.58
CA SER M 64 36.96 11.13 -32.40
C SER M 64 36.03 10.01 -31.96
N SER M 65 35.85 9.87 -30.65
CA SER M 65 35.05 8.78 -30.12
C SER M 65 33.58 8.96 -30.45
N VAL M 66 33.15 10.19 -30.75
CA VAL M 66 31.86 10.37 -31.38
C VAL M 66 31.89 9.88 -32.81
N THR M 67 32.87 10.34 -33.59
CA THR M 67 32.93 9.95 -34.99
C THR M 67 33.23 8.48 -35.16
N HIS M 68 33.86 7.87 -34.15
CA HIS M 68 33.98 6.42 -34.10
C HIS M 68 32.62 5.76 -34.24
N ILE M 69 31.57 6.44 -33.77
CA ILE M 69 30.21 5.92 -33.85
C ILE M 69 29.58 6.31 -35.18
N CYS M 70 29.64 7.59 -35.51
CA CYS M 70 28.90 8.12 -36.64
C CYS M 70 29.35 7.52 -37.96
N ARG M 71 30.52 6.89 -37.99
CA ARG M 71 31.08 6.33 -39.21
C ARG M 71 31.19 4.82 -39.15
N ASP M 72 31.92 4.28 -38.18
CA ASP M 72 32.41 2.92 -38.27
C ASP M 72 31.44 1.92 -37.68
N VAL M 73 30.62 2.34 -36.74
CA VAL M 73 29.77 1.39 -36.03
C VAL M 73 28.58 1.00 -36.91
N ASN M 74 28.21 -0.27 -36.83
CA ASN M 74 27.04 -0.76 -37.54
C ASN M 74 25.79 -0.12 -36.97
N TYR M 75 25.24 0.84 -37.70
CA TYR M 75 24.07 1.60 -37.29
C TYR M 75 24.29 2.34 -35.99
N GLY M 76 25.54 2.63 -35.66
CA GLY M 76 25.82 3.50 -34.54
C GLY M 76 25.49 4.94 -34.84
N TRP M 77 25.46 5.31 -36.11
CA TRP M 77 25.23 6.70 -36.44
C TRP M 77 23.83 7.14 -36.04
N ILE M 78 22.87 6.21 -36.08
CA ILE M 78 21.50 6.53 -35.68
C ILE M 78 21.47 6.98 -34.23
N ILE M 79 22.16 6.23 -33.38
CA ILE M 79 21.90 6.30 -31.96
C ILE M 79 22.27 7.66 -31.42
N ARG M 80 23.21 8.34 -32.08
CA ARG M 80 23.50 9.71 -31.68
C ARG M 80 22.27 10.59 -31.85
N TYR M 81 21.50 10.37 -32.91
CA TYR M 81 20.45 11.30 -33.26
C TYR M 81 19.10 10.92 -32.66
N MET M 82 18.80 9.62 -32.54
CA MET M 82 17.67 9.22 -31.71
C MET M 82 17.83 9.74 -30.30
N HIS M 83 19.07 9.83 -29.83
CA HIS M 83 19.33 10.34 -28.50
C HIS M 83 19.21 11.85 -28.47
N ALA M 84 19.94 12.51 -29.36
CA ALA M 84 20.07 13.96 -29.31
C ALA M 84 18.74 14.64 -29.57
N ASN M 85 18.19 14.44 -30.77
CA ASN M 85 16.91 15.05 -31.08
C ASN M 85 15.82 14.46 -30.18
N GLY M 86 15.99 13.22 -29.74
CA GLY M 86 15.09 12.69 -28.74
C GLY M 86 15.09 13.52 -27.48
N ALA M 87 16.25 14.05 -27.10
CA ALA M 87 16.32 14.94 -25.96
C ALA M 87 15.57 16.24 -26.20
N SER M 88 15.28 16.57 -27.45
CA SER M 88 14.53 17.78 -27.76
C SER M 88 13.04 17.52 -27.82
N MET M 89 12.63 16.36 -28.33
CA MET M 89 11.23 15.99 -28.25
C MET M 89 10.80 15.79 -26.81
N PHE M 90 11.76 15.52 -25.93
CA PHE M 90 11.53 15.52 -24.50
C PHE M 90 10.93 16.85 -24.07
N PHE M 91 11.65 17.93 -24.34
CA PHE M 91 11.26 19.25 -23.86
C PHE M 91 9.94 19.69 -24.49
N ILE M 92 9.77 19.36 -25.77
CA ILE M 92 8.56 19.77 -26.48
C ILE M 92 7.32 19.20 -25.82
N CYS M 93 7.46 18.07 -25.13
CA CYS M 93 6.37 17.56 -24.33
C CYS M 93 6.24 18.33 -23.03
N LEU M 94 7.37 18.68 -22.41
CA LEU M 94 7.33 19.45 -21.17
C LEU M 94 6.62 20.77 -21.37
N TYR M 95 7.12 21.59 -22.25
CA TYR M 95 6.57 22.92 -22.37
C TYR M 95 5.21 22.93 -23.05
N MET M 96 4.63 21.76 -23.31
CA MET M 96 3.19 21.60 -23.42
C MET M 96 2.61 20.99 -22.16
N HIS M 97 3.41 20.20 -21.44
CA HIS M 97 2.93 19.58 -20.22
C HIS M 97 2.93 20.54 -19.06
N VAL M 98 3.85 21.50 -19.06
CA VAL M 98 3.92 22.42 -17.95
C VAL M 98 2.90 23.51 -18.12
N GLY M 99 2.79 24.03 -19.35
CA GLY M 99 1.78 25.02 -19.64
C GLY M 99 0.38 24.51 -19.45
N ARG M 100 0.20 23.20 -19.46
CA ARG M 100 -1.08 22.58 -19.24
C ARG M 100 -1.70 22.98 -17.92
N GLY M 101 -1.07 22.54 -16.83
CA GLY M 101 -1.63 22.71 -15.51
C GLY M 101 -1.97 24.15 -15.20
N LEU M 102 -1.23 25.07 -15.79
CA LEU M 102 -1.63 26.47 -15.76
C LEU M 102 -2.99 26.64 -16.40
N TYR M 103 -3.16 26.10 -17.60
CA TYR M 103 -4.38 26.31 -18.37
C TYR M 103 -5.51 25.41 -17.94
N TYR M 104 -5.23 24.37 -17.15
CA TYR M 104 -6.26 23.53 -16.58
C TYR M 104 -6.23 23.48 -15.07
N GLY M 105 -5.35 24.24 -14.43
CA GLY M 105 -5.43 24.38 -12.99
C GLY M 105 -4.94 23.19 -12.20
N SER M 106 -3.93 22.48 -12.70
CA SER M 106 -3.43 21.32 -12.00
C SER M 106 -2.41 21.66 -10.93
N TYR M 107 -1.85 22.87 -10.93
CA TYR M 107 -0.85 23.24 -9.95
C TYR M 107 -1.40 23.24 -8.53
N THR M 108 -2.73 23.23 -8.37
CA THR M 108 -3.35 23.14 -7.07
C THR M 108 -2.91 21.90 -6.30
N PHE M 109 -2.53 20.82 -6.99
CA PHE M 109 -2.00 19.65 -6.30
C PHE M 109 -0.60 20.03 -5.81
N LEU M 110 -0.59 20.72 -4.68
CA LEU M 110 0.61 21.40 -4.19
C LEU M 110 1.73 20.42 -3.94
N GLU M 111 1.40 19.22 -3.49
CA GLU M 111 2.42 18.22 -3.24
C GLU M 111 3.06 17.73 -4.51
N THR M 112 2.41 17.94 -5.65
CA THR M 112 2.86 17.40 -6.91
C THR M 112 3.56 18.43 -7.77
N TRP M 113 3.03 19.64 -7.83
CA TRP M 113 3.59 20.65 -8.72
C TRP M 113 5.02 20.96 -8.33
N ASN M 114 5.31 20.96 -7.03
CA ASN M 114 6.66 21.24 -6.59
C ASN M 114 7.61 20.16 -7.06
N ILE M 115 7.12 18.94 -7.14
CA ILE M 115 7.92 17.88 -7.73
C ILE M 115 8.16 18.17 -9.20
N GLY M 116 7.16 18.75 -9.86
CA GLY M 116 7.29 19.11 -11.25
C GLY M 116 8.36 20.15 -11.51
N VAL M 117 8.81 20.83 -10.46
CA VAL M 117 9.96 21.71 -10.59
C VAL M 117 11.24 20.91 -10.57
N ILE M 118 11.40 20.08 -9.55
CA ILE M 118 12.70 19.49 -9.28
C ILE M 118 13.07 18.52 -10.38
N LEU M 119 12.08 17.97 -11.07
CA LEU M 119 12.39 17.23 -12.27
C LEU M 119 13.00 18.15 -13.32
N LEU M 120 12.43 19.35 -13.46
CA LEU M 120 12.85 20.24 -14.52
C LEU M 120 14.27 20.70 -14.29
N LEU M 121 14.54 21.24 -13.11
CA LEU M 121 15.88 21.70 -12.79
C LEU M 121 16.88 20.58 -12.86
N THR M 122 16.44 19.36 -12.58
CA THR M 122 17.32 18.21 -12.75
C THR M 122 17.70 18.08 -14.21
N VAL M 123 16.76 18.30 -15.09
CA VAL M 123 17.03 18.12 -16.50
C VAL M 123 17.84 19.28 -17.06
N MET M 124 17.43 20.51 -16.74
CA MET M 124 18.11 21.69 -17.25
C MET M 124 19.53 21.82 -16.72
N ALA M 125 19.91 21.01 -15.73
CA ALA M 125 21.31 20.82 -15.36
C ALA M 125 21.87 19.51 -15.89
N THR M 126 21.00 18.62 -16.36
CA THR M 126 21.44 17.42 -17.03
C THR M 126 21.74 17.69 -18.50
N ALA M 127 20.70 18.12 -19.24
CA ALA M 127 20.83 18.34 -20.67
C ALA M 127 22.00 19.24 -21.00
N PHE M 128 22.25 20.23 -20.14
CA PHE M 128 23.45 21.03 -20.23
C PHE M 128 24.69 20.16 -20.25
N MET M 129 24.81 19.26 -19.27
CA MET M 129 25.94 18.35 -19.27
C MET M 129 25.96 17.48 -20.51
N GLY M 130 24.79 17.21 -21.09
CA GLY M 130 24.74 16.36 -22.25
C GLY M 130 25.18 17.03 -23.53
N TYR M 131 25.23 18.35 -23.56
CA TYR M 131 25.67 19.04 -24.77
C TYR M 131 27.17 19.17 -24.86
N VAL M 132 27.86 19.10 -23.71
CA VAL M 132 29.27 19.46 -23.66
C VAL M 132 30.19 18.28 -23.86
N LEU M 133 29.70 17.07 -23.70
CA LEU M 133 30.54 15.88 -23.87
C LEU M 133 31.36 15.81 -25.14
N PRO M 134 30.87 16.18 -26.32
CA PRO M 134 31.60 15.91 -27.55
C PRO M 134 32.54 17.01 -28.02
N TRP M 135 32.62 18.14 -27.32
CA TRP M 135 33.56 19.21 -27.64
C TRP M 135 33.33 19.77 -29.03
N GLY M 136 32.18 20.41 -29.21
CA GLY M 136 31.77 20.92 -30.49
C GLY M 136 32.10 22.37 -30.74
N GLN M 137 33.04 22.94 -29.98
CA GLN M 137 33.39 24.38 -30.03
C GLN M 137 32.29 25.30 -29.50
N MET M 138 31.11 24.75 -29.21
CA MET M 138 30.03 25.39 -28.49
C MET M 138 29.79 24.73 -27.16
N SER M 139 30.06 23.43 -27.09
CA SER M 139 30.26 22.73 -25.85
C SER M 139 31.10 23.53 -24.88
N PHE M 140 32.32 23.84 -25.30
CA PHE M 140 33.29 24.49 -24.44
C PHE M 140 32.78 25.86 -24.01
N TRP M 141 32.49 26.72 -24.98
CA TRP M 141 32.05 28.06 -24.65
C TRP M 141 30.65 28.05 -24.06
N GLY M 142 29.80 27.15 -24.54
CA GLY M 142 28.52 26.98 -23.91
C GLY M 142 28.66 26.51 -22.49
N ALA M 143 29.70 25.73 -22.22
CA ALA M 143 30.01 25.39 -20.84
C ALA M 143 30.56 26.59 -20.11
N THR M 144 31.31 27.43 -20.81
CA THR M 144 31.94 28.55 -20.14
C THR M 144 30.93 29.61 -19.79
N VAL M 145 30.07 29.96 -20.75
CA VAL M 145 29.15 31.08 -20.55
C VAL M 145 28.19 30.78 -19.41
N ILE M 146 27.61 29.58 -19.43
CA ILE M 146 26.63 29.25 -18.41
C ILE M 146 27.30 29.09 -17.07
N THR M 147 28.44 28.41 -17.04
CA THR M 147 29.05 28.07 -15.77
C THR M 147 29.68 29.29 -15.13
N ASN M 148 30.20 30.22 -15.93
CA ASN M 148 30.87 31.39 -15.40
C ASN M 148 29.94 32.28 -14.60
N LEU M 149 28.64 32.21 -14.87
CA LEU M 149 27.69 33.12 -14.24
C LEU M 149 27.69 32.98 -12.73
N LEU M 150 27.92 31.77 -12.24
CA LEU M 150 27.95 31.56 -10.81
C LEU M 150 29.10 32.33 -10.15
N SER M 151 30.11 32.73 -10.92
CA SER M 151 31.13 33.64 -10.42
C SER M 151 30.54 34.98 -10.00
N ALA M 152 29.35 35.33 -10.49
CA ALA M 152 28.72 36.58 -10.12
C ALA M 152 28.48 36.69 -8.63
N ILE M 153 28.33 35.56 -7.95
CA ILE M 153 28.05 35.52 -6.52
C ILE M 153 29.22 36.17 -5.79
N PRO M 154 29.02 36.81 -4.63
CA PRO M 154 30.17 37.33 -3.87
C PRO M 154 30.76 36.32 -2.91
N TYR M 155 32.09 36.31 -2.86
CA TYR M 155 32.88 35.62 -1.84
C TYR M 155 32.89 34.10 -1.98
N ILE M 156 32.08 33.55 -2.89
CA ILE M 156 32.12 32.11 -3.16
C ILE M 156 32.10 31.81 -4.66
N GLY M 157 31.76 32.80 -5.48
CA GLY M 157 31.60 32.55 -6.91
C GLY M 157 32.87 32.04 -7.54
N THR M 158 33.98 32.73 -7.30
CA THR M 158 35.25 32.28 -7.87
C THR M 158 35.67 30.94 -7.29
N ASN M 159 35.22 30.62 -6.07
CA ASN M 159 35.66 29.39 -5.45
C ASN M 159 34.90 28.19 -5.99
N LEU M 160 33.58 28.31 -6.12
CA LEU M 160 32.80 27.19 -6.63
C LEU M 160 33.14 26.91 -8.07
N VAL M 161 33.19 27.95 -8.89
CA VAL M 161 33.37 27.74 -10.31
C VAL M 161 34.75 27.18 -10.58
N GLU M 162 35.75 27.65 -9.86
CA GLU M 162 37.05 26.98 -9.90
C GLU M 162 36.94 25.57 -9.38
N TRP M 163 36.11 25.36 -8.37
CA TRP M 163 35.97 24.03 -7.80
C TRP M 163 35.32 23.07 -8.78
N ILE M 164 34.34 23.57 -9.53
CA ILE M 164 33.70 22.75 -10.55
C ILE M 164 34.51 22.75 -11.83
N TRP M 165 35.32 23.77 -12.08
CA TRP M 165 36.29 23.74 -13.16
C TRP M 165 37.53 22.93 -12.81
N GLY M 166 37.56 22.32 -11.63
CA GLY M 166 38.69 21.47 -11.27
C GLY M 166 40.01 22.20 -11.36
N GLY M 167 40.00 23.48 -11.05
CA GLY M 167 41.10 24.34 -11.42
C GLY M 167 40.63 25.73 -11.77
N PHE M 168 40.93 26.15 -13.00
CA PHE M 168 40.78 27.54 -13.40
C PHE M 168 39.98 27.71 -14.67
N SER M 169 39.79 26.66 -15.45
CA SER M 169 38.83 26.70 -16.54
C SER M 169 38.55 25.29 -16.99
N VAL M 170 37.61 25.16 -17.93
CA VAL M 170 37.22 23.86 -18.41
C VAL M 170 38.41 23.18 -19.07
N ASP M 171 38.50 21.88 -18.87
CA ASP M 171 39.64 21.09 -19.32
C ASP M 171 39.20 19.63 -19.24
N LYS M 172 40.15 18.71 -19.38
CA LYS M 172 39.85 17.29 -19.40
C LYS M 172 39.11 16.86 -18.15
N ALA M 173 39.45 17.45 -17.01
CA ALA M 173 38.80 17.01 -15.79
C ALA M 173 37.34 17.39 -15.78
N THR M 174 37.01 18.55 -16.33
CA THR M 174 35.65 19.04 -16.24
C THR M 174 34.71 18.30 -17.17
N LEU M 175 35.24 17.76 -18.25
CA LEU M 175 34.50 16.79 -19.03
C LEU M 175 34.07 15.65 -18.15
N THR M 176 35.04 14.94 -17.60
CA THR M 176 34.79 13.68 -16.94
C THR M 176 33.96 13.86 -15.68
N ARG M 177 34.01 15.06 -15.08
CA ARG M 177 33.13 15.32 -13.94
C ARG M 177 31.68 15.39 -14.34
N PHE M 178 31.39 15.55 -15.63
CA PHE M 178 30.00 15.59 -16.09
C PHE M 178 29.53 14.25 -16.58
N PHE M 179 30.36 13.55 -17.35
CA PHE M 179 29.95 12.30 -17.96
C PHE M 179 29.48 11.28 -16.92
N ALA M 180 29.96 11.42 -15.69
CA ALA M 180 29.45 10.62 -14.59
C ALA M 180 28.28 11.31 -13.91
N PHE M 181 28.33 12.63 -13.74
CA PHE M 181 27.15 13.33 -13.25
C PHE M 181 26.01 13.26 -14.23
N HIS M 182 26.27 12.95 -15.49
CA HIS M 182 25.26 13.00 -16.52
C HIS M 182 24.67 11.66 -16.84
N PHE M 183 25.47 10.61 -16.74
CA PHE M 183 25.04 9.26 -16.97
C PHE M 183 24.29 8.66 -15.78
N ILE M 184 24.02 9.47 -14.74
CA ILE M 184 23.46 9.00 -13.50
C ILE M 184 22.09 9.63 -13.23
N LEU M 185 21.98 10.94 -13.42
CA LEU M 185 20.79 11.66 -13.00
C LEU M 185 19.49 11.18 -13.61
N PRO M 186 19.43 10.75 -14.87
CA PRO M 186 18.15 10.29 -15.40
C PRO M 186 17.57 9.14 -14.61
N PHE M 187 18.41 8.35 -13.96
CA PHE M 187 17.92 7.40 -13.00
C PHE M 187 17.33 8.09 -11.79
N ILE M 188 17.97 9.17 -11.34
CA ILE M 188 17.39 9.94 -10.25
C ILE M 188 16.08 10.54 -10.70
N ILE M 189 15.99 10.87 -11.98
CA ILE M 189 14.69 11.26 -12.54
C ILE M 189 13.78 10.06 -12.63
N MET M 190 14.33 8.89 -12.99
CA MET M 190 13.52 7.68 -13.09
C MET M 190 12.89 7.34 -11.75
N ALA M 191 13.57 7.66 -10.66
CA ALA M 191 13.04 7.39 -9.34
C ALA M 191 12.06 8.47 -8.92
N ILE M 192 12.48 9.73 -9.02
CA ILE M 192 11.65 10.83 -8.56
C ILE M 192 10.38 10.89 -9.37
N ALA M 193 10.44 10.44 -10.62
CA ALA M 193 9.22 10.32 -11.41
C ALA M 193 8.21 9.42 -10.74
N MET M 194 8.69 8.34 -10.10
CA MET M 194 7.75 7.47 -9.41
C MET M 194 7.14 8.19 -8.23
N VAL M 195 7.91 9.05 -7.59
CA VAL M 195 7.34 9.88 -6.53
C VAL M 195 6.31 10.82 -7.12
N HIS M 196 6.60 11.35 -8.30
CA HIS M 196 5.73 12.33 -8.91
C HIS M 196 4.36 11.73 -9.21
N LEU M 197 4.29 10.42 -9.35
CA LEU M 197 3.04 9.72 -9.54
C LEU M 197 2.42 9.30 -8.22
N LEU M 198 3.23 9.12 -7.19
CA LEU M 198 2.69 8.58 -5.95
C LEU M 198 1.76 9.58 -5.28
N PHE M 199 2.20 10.83 -5.15
CA PHE M 199 1.34 11.85 -4.57
C PHE M 199 0.09 12.04 -5.41
N LEU M 200 0.18 11.77 -6.71
CA LEU M 200 -1.00 11.85 -7.55
C LEU M 200 -2.00 10.79 -7.18
N HIS M 201 -1.53 9.57 -6.96
CA HIS M 201 -2.41 8.42 -6.80
C HIS M 201 -3.31 8.55 -5.58
N GLU M 202 -2.98 9.45 -4.66
CA GLU M 202 -3.87 9.76 -3.55
C GLU M 202 -5.05 10.63 -3.97
N THR M 203 -5.00 11.25 -5.15
CA THR M 203 -6.06 12.12 -5.63
C THR M 203 -6.49 11.86 -7.06
N GLY M 204 -5.66 11.23 -7.87
CA GLY M 204 -5.98 11.03 -9.27
C GLY M 204 -5.84 12.32 -10.05
N SER M 205 -6.27 12.25 -11.31
CA SER M 205 -5.98 13.31 -12.25
C SER M 205 -6.85 14.52 -11.97
N ASN M 206 -6.81 15.49 -12.88
CA ASN M 206 -7.44 16.80 -12.67
C ASN M 206 -7.99 17.26 -14.02
N ASN M 207 -9.27 17.00 -14.23
CA ASN M 207 -9.94 17.19 -15.51
C ASN M 207 -9.76 18.58 -16.10
N PRO M 208 -10.05 18.77 -17.39
CA PRO M 208 -9.97 20.12 -17.95
C PRO M 208 -10.93 21.09 -17.31
N THR M 209 -12.09 20.60 -16.90
CA THR M 209 -13.07 21.48 -16.28
C THR M 209 -12.59 22.01 -14.94
N GLY M 210 -12.00 21.12 -14.15
CA GLY M 210 -11.60 21.41 -12.79
C GLY M 210 -12.46 20.73 -11.76
N ILE M 211 -13.46 20.01 -12.18
CA ILE M 211 -14.46 19.43 -11.30
C ILE M 211 -14.03 18.04 -10.91
N SER M 212 -14.37 17.65 -9.69
CA SER M 212 -14.15 16.28 -9.25
C SER M 212 -15.09 15.38 -10.02
N SER M 213 -14.52 14.65 -10.97
CA SER M 213 -15.28 13.75 -11.82
C SER M 213 -15.35 12.35 -11.25
N ASP M 214 -15.34 12.23 -9.92
CA ASP M 214 -15.38 10.93 -9.27
C ASP M 214 -16.57 10.10 -9.74
N VAL M 215 -17.67 10.77 -10.08
CA VAL M 215 -18.84 10.08 -10.57
C VAL M 215 -18.59 9.42 -11.92
N ASP M 216 -17.55 9.81 -12.64
CA ASP M 216 -17.33 9.39 -14.02
C ASP M 216 -15.87 9.00 -14.21
N LYS M 217 -15.34 8.25 -13.26
CA LYS M 217 -14.02 7.67 -13.42
C LYS M 217 -14.14 6.30 -14.01
N ILE M 218 -13.13 5.90 -14.78
CA ILE M 218 -13.20 4.69 -15.58
C ILE M 218 -11.85 3.97 -15.58
N PRO M 219 -11.75 2.79 -16.16
CA PRO M 219 -10.47 2.09 -16.19
C PRO M 219 -9.41 2.75 -17.05
N PHE M 220 -8.32 2.02 -17.24
CA PHE M 220 -7.10 2.54 -17.81
C PHE M 220 -6.39 1.58 -18.75
N HIS M 221 -6.64 0.27 -18.65
CA HIS M 221 -5.90 -0.71 -19.43
C HIS M 221 -6.31 -0.72 -20.89
N PRO M 222 -7.59 -0.70 -21.22
CA PRO M 222 -7.95 -0.64 -22.64
C PRO M 222 -7.86 0.75 -23.23
N TYR M 223 -8.28 1.74 -22.46
CA TYR M 223 -8.62 3.05 -23.02
C TYR M 223 -7.44 4.00 -23.16
N TYR M 224 -6.83 4.36 -22.04
CA TYR M 224 -5.74 5.33 -22.11
C TYR M 224 -4.44 4.67 -22.48
N THR M 225 -4.34 3.36 -22.32
CA THR M 225 -3.18 2.62 -22.79
C THR M 225 -2.97 2.84 -24.28
N ILE M 226 -3.94 2.40 -25.08
CA ILE M 226 -3.85 2.52 -26.53
C ILE M 226 -3.70 3.97 -26.94
N LYS M 227 -4.43 4.85 -26.26
CA LYS M 227 -4.30 6.27 -26.50
C LYS M 227 -2.87 6.73 -26.27
N ASP M 228 -2.26 6.25 -25.19
CA ASP M 228 -0.87 6.57 -24.96
C ASP M 228 0.02 5.99 -26.05
N ILE M 229 -0.29 4.77 -26.50
CA ILE M 229 0.47 4.20 -27.60
C ILE M 229 0.31 5.07 -28.84
N LEU M 230 -0.93 5.43 -29.14
CA LEU M 230 -1.19 6.37 -30.23
C LEU M 230 -0.40 7.65 -30.01
N GLY M 231 -0.38 8.14 -28.79
CA GLY M 231 0.44 9.29 -28.49
C GLY M 231 1.91 8.98 -28.72
N ALA M 232 2.33 7.78 -28.33
CA ALA M 232 3.71 7.39 -28.53
C ALA M 232 4.03 7.23 -29.98
N LEU M 233 3.06 6.76 -30.76
CA LEU M 233 3.32 6.49 -32.16
C LEU M 233 3.61 7.77 -32.91
N LEU M 234 2.88 8.83 -32.60
CA LEU M 234 3.13 10.12 -33.23
C LEU M 234 4.47 10.68 -32.79
N LEU M 235 4.90 10.37 -31.58
CA LEU M 235 6.20 10.83 -31.11
C LEU M 235 7.31 10.25 -31.96
N ILE M 236 7.34 8.92 -32.05
CA ILE M 236 8.37 8.24 -32.82
C ILE M 236 8.36 8.76 -34.25
N LEU M 237 7.17 8.94 -34.80
CA LEU M 237 7.04 9.55 -36.12
C LEU M 237 7.74 10.90 -36.12
N ALA M 238 7.32 11.80 -35.25
CA ALA M 238 7.92 13.13 -35.22
C ALA M 238 9.28 13.14 -34.55
N LEU M 239 9.86 11.98 -34.26
CA LEU M 239 11.26 11.84 -33.94
C LEU M 239 12.06 11.19 -35.05
N MET M 240 11.46 10.24 -35.77
CA MET M 240 12.15 9.67 -36.92
C MET M 240 12.34 10.71 -38.01
N LEU M 241 11.41 11.64 -38.16
CA LEU M 241 11.54 12.65 -39.20
C LEU M 241 12.79 13.47 -39.00
N LEU M 242 13.04 13.90 -37.77
CA LEU M 242 14.23 14.70 -37.50
C LEU M 242 15.48 13.93 -37.83
N VAL M 243 15.69 12.80 -37.16
CA VAL M 243 16.90 12.01 -37.40
C VAL M 243 17.00 11.60 -38.86
N LEU M 244 15.92 11.16 -39.46
CA LEU M 244 16.03 10.68 -40.83
C LEU M 244 16.15 11.83 -41.82
N PHE M 245 15.38 12.89 -41.63
CA PHE M 245 15.24 13.91 -42.66
C PHE M 245 15.86 15.26 -42.30
N ALA M 246 16.15 15.53 -41.03
CA ALA M 246 16.73 16.83 -40.72
C ALA M 246 17.41 16.88 -39.35
N PRO M 247 18.43 16.07 -39.14
CA PRO M 247 19.10 16.08 -37.84
C PRO M 247 19.87 17.35 -37.57
N ASP M 248 20.31 18.03 -38.62
CA ASP M 248 21.04 19.28 -38.50
C ASP M 248 20.13 20.46 -38.16
N LEU M 249 18.84 20.23 -37.96
CA LEU M 249 17.89 21.33 -37.87
C LEU M 249 18.12 22.14 -36.61
N LEU M 250 17.93 21.52 -35.45
CA LEU M 250 17.94 22.26 -34.20
C LEU M 250 19.36 22.46 -33.68
N GLY M 251 20.07 21.36 -33.52
CA GLY M 251 21.45 21.42 -33.07
C GLY M 251 22.26 22.33 -33.94
N ASP M 252 22.90 23.32 -33.33
CA ASP M 252 23.65 24.29 -34.09
C ASP M 252 24.76 23.58 -34.88
N PRO M 253 25.12 24.10 -36.05
CA PRO M 253 26.08 23.39 -36.87
C PRO M 253 27.45 23.34 -36.26
N ASP M 254 27.80 24.35 -35.46
CA ASP M 254 29.14 24.47 -34.92
C ASP M 254 29.57 23.26 -34.10
N ASN M 255 28.62 22.50 -33.56
CA ASN M 255 28.93 21.41 -32.64
C ASN M 255 29.72 20.27 -33.28
N TYR M 256 29.98 20.33 -34.59
CA TYR M 256 30.85 19.38 -35.25
C TYR M 256 32.27 19.88 -35.36
N THR M 257 32.53 21.08 -34.95
CA THR M 257 33.89 21.61 -34.97
C THR M 257 34.60 21.19 -33.69
N PRO M 258 35.86 20.77 -33.71
CA PRO M 258 36.55 20.54 -32.45
C PRO M 258 36.69 21.83 -31.67
N ALA M 259 36.91 21.68 -30.38
CA ALA M 259 36.89 22.82 -29.48
C ALA M 259 38.30 23.35 -29.27
N ASN M 260 38.39 24.67 -29.21
CA ASN M 260 39.66 25.38 -29.08
C ASN M 260 39.43 26.64 -28.25
N PRO M 261 40.04 26.79 -27.08
CA PRO M 261 39.78 27.97 -26.27
C PRO M 261 40.30 29.26 -26.84
N LEU M 262 41.08 29.21 -27.92
CA LEU M 262 41.68 30.41 -28.50
C LEU M 262 40.94 30.85 -29.76
N ASN M 263 39.68 30.47 -29.90
CA ASN M 263 38.90 30.89 -31.05
C ASN M 263 37.43 30.72 -30.70
N THR M 264 36.75 31.79 -30.57
CA THR M 264 35.31 31.80 -30.35
C THR M 264 34.58 31.98 -31.69
N PRO M 265 33.35 31.50 -31.80
CA PRO M 265 32.53 31.89 -32.93
C PRO M 265 32.05 33.32 -32.77
N PRO M 266 31.60 33.95 -33.84
CA PRO M 266 31.06 35.31 -33.71
C PRO M 266 29.82 35.31 -32.84
N HIS M 267 28.85 34.48 -33.21
CA HIS M 267 27.60 34.35 -32.48
C HIS M 267 27.67 33.12 -31.61
N ILE M 268 27.17 33.25 -30.40
CA ILE M 268 27.09 32.15 -29.46
C ILE M 268 25.65 32.06 -29.00
N LYS M 269 25.15 30.83 -28.94
CA LYS M 269 23.95 30.57 -28.24
C LYS M 269 24.04 29.13 -27.78
N PRO M 270 23.56 28.81 -26.58
CA PRO M 270 23.38 27.40 -26.25
C PRO M 270 22.26 26.82 -27.07
N GLU M 271 21.92 25.57 -26.82
CA GLU M 271 20.85 24.93 -27.56
C GLU M 271 19.56 25.71 -27.37
N TRP M 272 18.65 25.53 -28.34
CA TRP M 272 17.51 26.42 -28.53
C TRP M 272 16.64 26.56 -27.29
N TYR M 273 16.62 25.55 -26.44
CA TYR M 273 15.58 25.46 -25.43
C TYR M 273 15.87 26.31 -24.20
N PHE M 274 17.13 26.62 -23.91
CA PHE M 274 17.41 27.59 -22.87
C PHE M 274 16.83 28.95 -23.18
N LEU M 275 16.67 29.27 -24.47
CA LEU M 275 16.68 30.64 -24.93
C LEU M 275 15.60 31.49 -24.30
N PHE M 276 14.49 30.90 -23.88
CA PHE M 276 13.50 31.67 -23.15
C PHE M 276 14.09 32.23 -21.86
N ALA M 277 15.06 31.54 -21.31
CA ALA M 277 15.69 31.91 -20.05
C ALA M 277 17.01 32.61 -20.23
N TYR M 278 17.83 32.17 -21.18
CA TYR M 278 19.09 32.84 -21.49
C TYR M 278 18.85 34.30 -21.84
N ALA M 279 17.84 34.55 -22.66
CA ALA M 279 17.51 35.90 -23.10
C ALA M 279 17.24 36.81 -21.91
N ILE M 280 16.61 36.25 -20.87
CA ILE M 280 16.25 37.06 -19.72
C ILE M 280 17.50 37.62 -19.07
N LEU M 281 18.52 36.78 -18.92
CA LEU M 281 19.79 37.25 -18.38
C LEU M 281 20.42 38.26 -19.32
N ARG M 282 20.41 37.95 -20.62
CA ARG M 282 21.06 38.78 -21.61
C ARG M 282 20.44 40.17 -21.66
N SER M 283 19.17 40.29 -21.29
CA SER M 283 18.53 41.59 -21.28
C SER M 283 19.18 42.49 -20.24
N ILE M 284 19.34 41.98 -19.04
CA ILE M 284 19.89 42.77 -17.95
C ILE M 284 21.35 43.06 -18.24
N PRO M 285 21.79 44.31 -18.38
CA PRO M 285 23.22 44.53 -18.55
C PRO M 285 24.02 44.22 -17.29
N ASN M 286 23.39 44.29 -16.12
CA ASN M 286 24.08 43.88 -14.92
C ASN M 286 24.28 42.37 -14.93
N LYS M 287 25.29 41.93 -14.18
CA LYS M 287 25.65 40.52 -14.17
C LYS M 287 24.78 39.75 -13.19
N LEU M 288 24.89 40.08 -11.90
CA LEU M 288 24.23 39.30 -10.87
C LEU M 288 22.72 39.46 -10.94
N GLY M 289 22.26 40.71 -10.91
CA GLY M 289 20.83 40.98 -10.85
C GLY M 289 20.03 40.38 -11.99
N GLY M 290 20.70 39.98 -13.07
CA GLY M 290 20.02 39.21 -14.10
C GLY M 290 19.98 37.73 -13.78
N VAL M 291 20.98 37.23 -13.08
CA VAL M 291 21.02 35.81 -12.73
C VAL M 291 19.81 35.45 -11.89
N LEU M 292 19.61 36.17 -10.79
CA LEU M 292 18.51 35.85 -9.89
C LEU M 292 17.16 35.99 -10.57
N ALA M 293 17.09 36.68 -11.71
CA ALA M 293 15.89 36.60 -12.52
C ALA M 293 15.79 35.25 -13.18
N LEU M 294 16.93 34.70 -13.62
CA LEU M 294 16.92 33.41 -14.30
C LEU M 294 16.37 32.33 -13.40
N ALA M 295 17.05 32.10 -12.27
CA ALA M 295 16.59 31.10 -11.32
C ALA M 295 15.18 31.38 -10.87
N PHE M 296 14.81 32.65 -10.77
CA PHE M 296 13.43 33.00 -10.49
C PHE M 296 12.54 32.83 -11.69
N SER M 297 13.10 32.87 -12.90
CA SER M 297 12.31 32.59 -14.09
C SER M 297 11.79 31.16 -14.12
N ILE M 298 12.36 30.28 -13.31
CA ILE M 298 11.94 28.89 -13.21
C ILE M 298 11.21 28.64 -11.91
N LEU M 299 11.83 28.99 -10.78
CA LEU M 299 11.25 28.74 -9.48
C LEU M 299 9.96 29.50 -9.25
N ILE M 300 9.63 30.47 -10.10
CA ILE M 300 8.35 31.15 -10.03
C ILE M 300 7.20 30.15 -10.12
N LEU M 301 7.42 29.04 -10.79
CA LEU M 301 6.37 28.04 -10.89
C LEU M 301 5.99 27.50 -9.51
N ALA M 302 6.93 27.50 -8.58
CA ALA M 302 6.58 27.14 -7.21
C ALA M 302 5.79 28.23 -6.52
N LEU M 303 5.86 29.46 -7.03
CA LEU M 303 5.20 30.60 -6.43
C LEU M 303 3.77 30.77 -6.91
N ILE M 304 3.39 30.02 -7.93
CA ILE M 304 2.05 30.20 -8.51
C ILE M 304 0.94 29.78 -7.56
N PRO M 305 0.98 28.59 -6.94
CA PRO M 305 -0.19 28.12 -6.17
C PRO M 305 -0.59 29.03 -5.04
N LEU M 306 0.27 29.91 -4.60
CA LEU M 306 -0.10 30.98 -3.70
C LEU M 306 -0.69 32.17 -4.42
N LEU M 307 -1.07 32.01 -5.69
CA LEU M 307 -1.65 33.07 -6.48
C LEU M 307 -2.82 32.55 -7.30
N HIS M 308 -3.55 31.59 -6.77
CA HIS M 308 -4.76 31.07 -7.40
C HIS M 308 -5.93 31.81 -6.79
N THR M 309 -6.46 32.76 -7.55
CA THR M 309 -7.45 33.70 -7.05
C THR M 309 -8.86 33.20 -7.25
N SER M 310 -9.20 32.84 -8.48
CA SER M 310 -10.54 32.40 -8.81
C SER M 310 -10.92 31.19 -7.98
N LYS M 311 -12.14 31.22 -7.44
CA LYS M 311 -12.66 30.04 -6.79
C LYS M 311 -13.09 28.98 -7.78
N GLN M 312 -12.96 29.25 -9.08
CA GLN M 312 -12.89 28.18 -10.05
C GLN M 312 -11.47 27.65 -10.09
N ARG M 313 -11.25 26.65 -10.94
CA ARG M 313 -9.93 26.07 -11.15
C ARG M 313 -9.43 26.29 -12.56
N SER M 314 -10.21 25.88 -13.55
CA SER M 314 -9.71 25.80 -14.91
C SER M 314 -9.56 27.19 -15.51
N MET M 315 -9.20 27.19 -16.79
CA MET M 315 -9.26 28.36 -17.64
C MET M 315 -10.14 28.12 -18.85
N MET M 316 -10.62 26.89 -19.04
CA MET M 316 -11.71 26.65 -19.98
C MET M 316 -12.89 27.55 -19.70
N PHE M 317 -13.13 27.86 -18.43
CA PHE M 317 -14.27 28.67 -17.99
C PHE M 317 -13.81 30.01 -17.47
N ARG M 318 -12.78 30.58 -18.10
CA ARG M 318 -12.26 31.89 -17.73
C ARG M 318 -11.71 32.56 -18.98
N PRO M 319 -12.58 33.05 -19.85
CA PRO M 319 -12.12 33.55 -21.15
C PRO M 319 -11.14 34.69 -21.05
N LEU M 320 -11.18 35.47 -19.98
CA LEU M 320 -10.22 36.55 -19.86
C LEU M 320 -8.83 36.02 -19.64
N SER M 321 -8.68 35.04 -18.75
CA SER M 321 -7.36 34.48 -18.50
C SER M 321 -6.84 33.74 -19.72
N GLN M 322 -7.73 33.20 -20.55
CA GLN M 322 -7.29 32.63 -21.81
C GLN M 322 -6.55 33.67 -22.63
N CYS M 323 -7.07 34.90 -22.65
CA CYS M 323 -6.43 35.96 -23.42
C CYS M 323 -5.04 36.26 -22.89
N LEU M 324 -4.84 36.06 -21.60
CA LEU M 324 -3.53 36.29 -20.98
C LEU M 324 -2.65 35.06 -21.01
N PHE M 325 -3.23 33.87 -21.06
CA PHE M 325 -2.40 32.67 -21.02
C PHE M 325 -1.63 32.52 -22.32
N TRP M 326 -2.35 32.37 -23.43
CA TRP M 326 -1.69 32.25 -24.72
C TRP M 326 -0.80 33.44 -25.02
N ALA M 327 -1.11 34.59 -24.43
CA ALA M 327 -0.21 35.73 -24.52
C ALA M 327 1.15 35.39 -23.94
N LEU M 328 1.18 34.68 -22.81
CA LEU M 328 2.45 34.25 -22.25
C LEU M 328 3.18 33.32 -23.18
N VAL M 329 2.45 32.52 -23.94
CA VAL M 329 3.09 31.60 -24.85
C VAL M 329 3.83 32.36 -25.92
N ALA M 330 3.27 33.49 -26.35
CA ALA M 330 3.94 34.33 -27.33
C ALA M 330 5.25 34.83 -26.77
N ASP M 331 5.19 35.48 -25.60
CA ASP M 331 6.38 36.05 -24.97
C ASP M 331 7.48 35.01 -24.81
N LEU M 332 7.11 33.77 -24.53
CA LEU M 332 8.09 32.69 -24.52
C LEU M 332 8.60 32.44 -25.91
N LEU M 333 7.69 32.31 -26.88
CA LEU M 333 8.10 32.06 -28.24
C LEU M 333 8.91 33.22 -28.78
N THR M 334 8.69 34.41 -28.24
CA THR M 334 9.56 35.52 -28.50
C THR M 334 10.91 35.30 -27.83
N LEU M 335 10.91 35.20 -26.50
CA LEU M 335 12.16 35.03 -25.77
C LEU M 335 12.90 33.77 -26.18
N THR M 336 12.20 32.79 -26.73
CA THR M 336 12.88 31.64 -27.29
C THR M 336 13.73 32.05 -28.47
N TRP M 337 13.29 33.06 -29.22
CA TRP M 337 13.95 33.46 -30.44
C TRP M 337 14.86 34.65 -30.23
N ILE M 338 14.44 35.57 -29.37
CA ILE M 338 15.18 36.81 -29.20
C ILE M 338 16.54 36.54 -28.58
N GLY M 339 16.61 35.57 -27.67
CA GLY M 339 17.90 35.15 -27.17
C GLY M 339 18.72 34.47 -28.24
N GLY M 340 18.06 33.82 -29.19
CA GLY M 340 18.79 33.11 -30.22
C GLY M 340 19.50 34.00 -31.20
N GLN M 341 19.26 35.31 -31.15
CA GLN M 341 19.85 36.27 -32.04
C GLN M 341 20.80 37.18 -31.28
N PRO M 342 21.75 37.82 -31.97
CA PRO M 342 22.80 38.53 -31.23
C PRO M 342 22.33 39.77 -30.49
N VAL M 343 23.28 40.45 -29.86
CA VAL M 343 23.01 41.60 -29.01
C VAL M 343 23.12 42.87 -29.85
N GLU M 344 21.99 43.41 -30.27
CA GLU M 344 21.95 44.65 -31.00
C GLU M 344 20.70 45.44 -30.59
N HIS M 345 20.70 46.72 -30.90
CA HIS M 345 19.72 47.66 -30.38
C HIS M 345 18.27 47.31 -30.69
N PRO M 346 17.93 46.79 -31.88
CA PRO M 346 16.52 46.49 -32.15
C PRO M 346 15.94 45.45 -31.22
N TYR M 347 16.75 44.49 -30.79
CA TYR M 347 16.26 43.35 -30.04
C TYR M 347 16.34 43.59 -28.55
N ILE M 348 17.36 44.34 -28.10
CA ILE M 348 17.56 44.57 -26.69
C ILE M 348 16.37 45.32 -26.14
N THR M 349 15.80 46.22 -26.95
CA THR M 349 14.60 46.91 -26.54
C THR M 349 13.44 45.96 -26.34
N ILE M 350 13.48 44.79 -26.99
CA ILE M 350 12.41 43.82 -26.84
C ILE M 350 12.63 42.95 -25.61
N GLY M 351 13.89 42.59 -25.34
CA GLY M 351 14.16 41.77 -24.17
C GLY M 351 13.86 42.50 -22.87
N GLN M 352 14.17 43.79 -22.82
CA GLN M 352 13.83 44.59 -21.64
C GLN M 352 12.34 44.62 -21.41
N LEU M 353 11.55 44.48 -22.48
CA LEU M 353 10.10 44.43 -22.36
C LEU M 353 9.62 43.01 -22.11
N ALA M 354 10.01 42.09 -22.98
CA ALA M 354 9.46 40.75 -22.97
C ALA M 354 9.79 40.03 -21.67
N SER M 355 11.02 40.16 -21.21
CA SER M 355 11.40 39.53 -19.95
C SER M 355 10.58 40.09 -18.80
N VAL M 356 10.27 41.38 -18.86
CA VAL M 356 9.43 41.97 -17.84
C VAL M 356 8.01 41.50 -18.00
N LEU M 357 7.58 41.30 -19.24
CA LEU M 357 6.24 40.80 -19.49
C LEU M 357 6.05 39.42 -18.87
N TYR M 358 7.09 38.59 -18.96
CA TYR M 358 7.04 37.25 -18.38
C TYR M 358 6.72 37.30 -16.89
N PHE M 359 7.54 38.00 -16.12
CA PHE M 359 7.25 38.20 -14.71
C PHE M 359 5.93 38.92 -14.51
N LEU M 360 5.57 39.80 -15.44
CA LEU M 360 4.41 40.65 -15.21
C LEU M 360 3.12 39.88 -15.37
N LEU M 361 3.01 39.07 -16.42
CA LEU M 361 1.78 38.35 -16.66
C LEU M 361 1.48 37.37 -15.55
N ILE M 362 2.53 36.79 -14.96
CA ILE M 362 2.33 35.80 -13.93
C ILE M 362 1.88 36.46 -12.64
N LEU M 363 2.61 37.49 -12.21
CA LEU M 363 2.53 37.96 -10.84
C LEU M 363 1.55 39.11 -10.63
N VAL M 364 0.89 39.58 -11.67
CA VAL M 364 -0.01 40.71 -11.55
C VAL M 364 -1.37 40.37 -12.12
N LEU M 365 -1.38 39.91 -13.36
CA LEU M 365 -2.59 39.94 -14.16
C LEU M 365 -3.38 38.64 -14.10
N MET M 366 -2.70 37.50 -14.12
CA MET M 366 -3.41 36.23 -13.93
C MET M 366 -4.13 36.18 -12.60
N PRO M 367 -3.57 36.63 -11.48
CA PRO M 367 -4.40 36.81 -10.30
C PRO M 367 -5.51 37.81 -10.52
N THR M 368 -5.19 38.91 -11.20
CA THR M 368 -6.14 39.99 -11.35
C THR M 368 -7.39 39.54 -12.11
N ALA M 369 -7.23 38.59 -13.02
CA ALA M 369 -8.38 38.08 -13.75
C ALA M 369 -9.38 37.43 -12.81
N GLY M 370 -8.90 36.52 -11.97
CA GLY M 370 -9.80 35.82 -11.08
C GLY M 370 -10.35 36.74 -10.02
N THR M 371 -9.56 37.73 -9.62
CA THR M 371 -10.06 38.77 -8.73
C THR M 371 -11.27 39.45 -9.35
N ILE M 372 -11.25 39.61 -10.67
CA ILE M 372 -12.38 40.17 -11.39
C ILE M 372 -13.45 39.11 -11.60
N GLU M 373 -13.05 37.98 -12.17
CA GLU M 373 -14.02 36.98 -12.60
C GLU M 373 -14.79 36.41 -11.42
N ASN M 374 -14.20 36.43 -10.23
CA ASN M 374 -14.99 36.15 -9.04
C ASN M 374 -16.11 37.18 -8.89
N LYS M 375 -15.82 38.43 -9.22
CA LYS M 375 -16.76 39.51 -8.97
C LYS M 375 -17.82 39.63 -10.05
N LEU M 376 -17.49 39.24 -11.29
CA LEU M 376 -18.50 39.23 -12.33
C LEU M 376 -19.61 38.24 -12.05
N LEU M 377 -19.37 37.28 -11.17
CA LEU M 377 -20.28 36.19 -10.91
C LEU M 377 -20.60 36.06 -9.43
N LYS M 378 -20.28 37.08 -8.65
CA LYS M 378 -20.75 37.21 -7.28
C LYS M 378 -20.23 36.12 -6.35
N TRP M 379 -18.92 36.04 -6.23
CA TRP M 379 -18.30 35.47 -5.03
C TRP M 379 -16.91 36.07 -4.82
N ASP N 86 30.95 43.74 -43.79
CA ASP N 86 30.06 44.10 -42.69
C ASP N 86 28.86 43.18 -42.63
N LEU N 87 28.34 42.83 -43.79
CA LEU N 87 27.18 41.98 -43.92
C LEU N 87 27.64 40.53 -44.05
N GLU N 88 26.72 39.61 -43.82
CA GLU N 88 26.95 38.21 -44.12
C GLU N 88 26.76 38.02 -45.62
N LEU N 89 26.53 36.81 -46.08
CA LEU N 89 25.88 36.64 -47.37
C LEU N 89 25.22 35.28 -47.37
N HIS N 90 23.95 35.23 -47.69
CA HIS N 90 23.23 33.97 -47.76
C HIS N 90 23.42 33.38 -49.15
N PRO N 91 24.02 32.20 -49.29
CA PRO N 91 23.98 31.55 -50.58
C PRO N 91 22.56 31.23 -50.97
N PRO N 92 22.27 31.00 -52.24
CA PRO N 92 20.91 30.62 -52.60
C PRO N 92 20.60 29.16 -52.31
N SER N 93 19.41 28.74 -52.75
CA SER N 93 18.94 27.37 -52.57
C SER N 93 19.15 26.64 -53.91
N TYR N 94 20.36 26.20 -54.13
CA TYR N 94 20.66 25.56 -55.39
C TYR N 94 19.98 24.19 -55.45
N PRO N 95 19.71 23.70 -56.66
CA PRO N 95 19.30 22.30 -56.78
C PRO N 95 20.51 21.40 -56.69
N TRP N 96 20.22 20.12 -56.49
CA TRP N 96 21.26 19.11 -56.40
C TRP N 96 20.64 17.80 -56.82
N SER N 97 21.49 16.79 -56.97
CA SER N 97 21.01 15.44 -57.18
C SER N 97 20.55 14.79 -55.88
N HIS N 98 20.63 15.48 -54.75
CA HIS N 98 20.33 14.87 -53.46
C HIS N 98 19.56 15.77 -52.52
N ARG N 99 19.06 16.91 -52.99
CA ARG N 99 18.34 17.82 -52.12
C ARG N 99 16.95 17.30 -51.76
N GLY N 100 16.42 16.37 -52.52
CA GLY N 100 15.12 15.82 -52.24
C GLY N 100 15.12 14.93 -51.01
N LEU N 101 13.92 14.75 -50.47
CA LEU N 101 13.75 13.95 -49.26
C LEU N 101 13.83 12.46 -49.52
N LEU N 102 14.06 12.05 -50.76
CA LEU N 102 14.46 10.69 -51.08
C LEU N 102 15.57 10.68 -52.11
N SER N 103 16.21 11.81 -52.34
CA SER N 103 17.21 11.95 -53.37
C SER N 103 18.58 11.63 -52.80
N SER N 104 19.19 10.58 -53.30
CA SER N 104 20.50 10.13 -52.84
C SER N 104 21.58 10.88 -53.60
N LEU N 105 22.83 10.44 -53.44
CA LEU N 105 23.97 11.06 -54.08
C LEU N 105 24.33 10.35 -55.38
N ASP N 106 24.62 11.15 -56.39
CA ASP N 106 25.18 10.63 -57.62
C ASP N 106 26.58 10.14 -57.31
N HIS N 107 26.72 8.83 -57.09
CA HIS N 107 27.99 8.29 -56.67
C HIS N 107 29.07 8.50 -57.72
N THR N 108 28.68 8.55 -58.98
CA THR N 108 29.61 8.98 -60.00
C THR N 108 30.18 10.33 -59.65
N SER N 109 29.33 11.25 -59.21
CA SER N 109 29.80 12.58 -58.88
C SER N 109 30.73 12.56 -57.68
N ILE N 110 30.58 11.54 -56.83
CA ILE N 110 31.53 11.38 -55.73
C ILE N 110 32.87 10.93 -56.28
N ARG N 111 32.87 10.21 -57.40
CA ARG N 111 34.10 9.60 -57.88
C ARG N 111 35.10 10.68 -58.28
N ARG N 112 34.74 11.49 -59.27
CA ARG N 112 35.64 12.52 -59.76
C ARG N 112 35.98 13.53 -58.66
N GLY N 113 35.06 13.73 -57.72
CA GLY N 113 35.33 14.65 -56.64
C GLY N 113 36.49 14.22 -55.80
N PHE N 114 36.67 12.91 -55.64
CA PHE N 114 37.77 12.41 -54.83
C PHE N 114 39.11 12.71 -55.50
N GLN N 115 39.13 12.66 -56.83
CA GLN N 115 40.35 13.02 -57.55
C GLN N 115 40.75 14.45 -57.23
N VAL N 116 39.76 15.30 -56.99
CA VAL N 116 40.05 16.70 -56.75
C VAL N 116 40.72 16.86 -55.40
N TYR N 117 40.25 16.12 -54.40
CA TYR N 117 40.84 16.23 -53.07
C TYR N 117 42.30 15.85 -53.08
N LYS N 118 42.68 14.93 -53.97
CA LYS N 118 44.02 14.37 -53.99
C LYS N 118 44.98 15.25 -54.77
N GLN N 119 44.59 15.66 -55.96
CA GLN N 119 45.48 16.46 -56.79
C GLN N 119 45.67 17.86 -56.21
N VAL N 120 44.69 18.35 -55.45
CA VAL N 120 44.61 19.76 -55.12
C VAL N 120 44.61 19.97 -53.61
N CYS N 121 43.58 19.45 -52.95
CA CYS N 121 43.29 19.84 -51.59
C CYS N 121 44.26 19.20 -50.61
N SER N 122 44.63 17.95 -50.87
CA SER N 122 45.34 17.15 -49.88
C SER N 122 46.77 17.60 -49.64
N SER N 123 47.22 18.69 -50.25
CA SER N 123 48.49 19.27 -49.88
C SER N 123 48.37 20.12 -48.61
N CYS N 124 47.17 20.56 -48.25
CA CYS N 124 46.99 21.42 -47.08
C CYS N 124 45.77 21.11 -46.21
N HIS N 125 44.84 20.26 -46.65
CA HIS N 125 43.63 19.97 -45.88
C HIS N 125 43.78 18.66 -45.14
N SER N 126 43.95 18.76 -43.82
CA SER N 126 44.11 17.58 -42.98
C SER N 126 42.76 16.95 -42.68
N MET N 127 42.25 16.18 -43.63
CA MET N 127 41.12 15.30 -43.39
C MET N 127 41.62 14.03 -42.72
N ASP N 128 41.25 13.86 -41.46
CA ASP N 128 41.76 12.77 -40.63
C ASP N 128 40.72 11.70 -40.33
N TYR N 129 39.44 12.04 -40.41
CA TYR N 129 38.38 11.17 -39.92
C TYR N 129 37.82 10.27 -41.00
N VAL N 130 38.65 9.89 -41.97
CA VAL N 130 38.23 9.07 -43.09
C VAL N 130 39.40 8.17 -43.45
N ALA N 131 39.08 7.03 -44.05
CA ALA N 131 40.08 6.18 -44.66
C ALA N 131 39.58 5.67 -46.00
N TYR N 132 40.52 5.14 -46.78
CA TYR N 132 40.21 4.64 -48.11
C TYR N 132 39.18 3.52 -48.05
N ARG N 133 39.15 2.77 -46.96
CA ARG N 133 38.18 1.68 -46.86
C ARG N 133 36.76 2.20 -46.80
N HIS N 134 36.57 3.45 -46.39
CA HIS N 134 35.23 4.03 -46.44
C HIS N 134 34.81 4.34 -47.86
N LEU N 135 35.73 4.30 -48.82
CA LEU N 135 35.40 4.62 -50.20
C LEU N 135 34.83 3.43 -50.94
N VAL N 136 35.16 2.22 -50.47
CA VAL N 136 34.59 1.02 -51.05
C VAL N 136 33.08 1.08 -50.99
N GLY N 137 32.45 0.45 -51.98
CA GLY N 137 31.02 0.38 -52.06
C GLY N 137 30.34 1.73 -52.22
N VAL N 138 31.12 2.78 -52.50
CA VAL N 138 30.57 4.11 -52.71
C VAL N 138 31.05 4.75 -54.01
N CYS N 139 32.38 4.82 -54.21
CA CYS N 139 32.94 5.45 -55.40
C CYS N 139 33.95 4.58 -56.12
N TYR N 140 34.77 3.83 -55.40
CA TYR N 140 35.75 2.91 -55.96
C TYR N 140 35.46 1.50 -55.49
N THR N 141 36.31 0.58 -55.91
CA THR N 141 36.28 -0.81 -55.49
C THR N 141 37.39 -1.08 -54.50
N GLU N 142 37.51 -2.34 -54.12
CA GLU N 142 38.57 -2.74 -53.19
C GLU N 142 39.94 -2.54 -53.81
N ASP N 143 40.14 -3.10 -55.00
CA ASP N 143 41.47 -3.07 -55.62
C ASP N 143 41.84 -1.67 -56.03
N GLU N 144 40.92 -0.94 -56.64
CA GLU N 144 41.22 0.39 -57.14
C GLU N 144 41.56 1.33 -55.99
N ALA N 145 40.85 1.19 -54.87
CA ALA N 145 41.16 2.02 -53.72
C ALA N 145 42.45 1.58 -53.06
N LYS N 146 42.60 0.27 -52.89
CA LYS N 146 43.83 -0.27 -52.32
C LYS N 146 45.05 0.17 -53.11
N ALA N 147 44.90 0.36 -54.41
CA ALA N 147 45.97 0.91 -55.22
C ALA N 147 46.42 2.27 -54.71
N LEU N 148 45.48 3.05 -54.17
CA LEU N 148 45.81 4.38 -53.71
C LEU N 148 46.47 4.40 -52.36
N ALA N 149 46.30 3.35 -51.56
CA ALA N 149 47.05 3.26 -50.32
C ALA N 149 48.46 2.76 -50.59
N GLU N 150 48.59 1.84 -51.54
CA GLU N 150 49.91 1.44 -52.00
C GLU N 150 50.67 2.60 -52.63
N GLU N 151 49.94 3.62 -53.09
CA GLU N 151 50.58 4.78 -53.69
C GLU N 151 51.37 5.56 -52.66
N VAL N 152 50.71 6.03 -51.62
CA VAL N 152 51.31 6.95 -50.68
C VAL N 152 51.91 6.17 -49.52
N GLU N 153 53.00 6.71 -48.98
CA GLU N 153 53.70 6.09 -47.86
C GLU N 153 53.12 6.57 -46.53
N VAL N 154 53.18 5.70 -45.53
CA VAL N 154 52.64 5.97 -44.20
C VAL N 154 53.65 5.57 -43.15
N GLN N 155 53.71 6.38 -42.10
CA GLN N 155 54.53 6.10 -40.93
C GLN N 155 53.86 5.08 -40.03
N ASP N 156 54.51 3.94 -39.87
CA ASP N 156 53.92 2.82 -39.15
C ASP N 156 55.01 1.88 -38.68
N GLY N 157 54.91 1.48 -37.41
CA GLY N 157 55.66 0.36 -36.91
C GLY N 157 56.83 0.80 -36.09
N PRO N 158 56.96 0.22 -34.90
CA PRO N 158 58.27 0.19 -34.24
C PRO N 158 59.13 -0.99 -34.67
N ASN N 159 60.23 -0.71 -35.35
CA ASN N 159 61.15 -1.71 -35.81
C ASN N 159 61.76 -2.43 -34.62
N GLU N 160 62.16 -3.69 -34.83
CA GLU N 160 62.84 -4.41 -33.76
C GLU N 160 64.15 -3.73 -33.37
N ASP N 161 64.75 -2.98 -34.29
CA ASP N 161 65.87 -2.12 -33.96
C ASP N 161 65.49 -0.99 -33.01
N GLY N 162 64.20 -0.72 -32.84
CA GLY N 162 63.76 0.35 -31.98
C GLY N 162 63.57 1.67 -32.69
N GLU N 163 63.16 1.64 -33.96
CA GLU N 163 62.94 2.83 -34.75
C GLU N 163 61.60 2.72 -35.45
N MET N 164 61.24 3.80 -36.14
CA MET N 164 60.04 3.85 -36.97
C MET N 164 60.41 4.09 -38.42
N PHE N 165 59.57 3.59 -39.31
CA PHE N 165 59.86 3.60 -40.73
C PHE N 165 58.60 4.01 -41.49
N MET N 166 58.70 3.93 -42.82
CA MET N 166 57.61 4.22 -43.72
C MET N 166 57.29 2.97 -44.53
N ARG N 167 56.02 2.79 -44.82
CA ARG N 167 55.54 1.71 -45.67
C ARG N 167 54.50 2.26 -46.61
N PRO N 168 54.18 1.54 -47.67
CA PRO N 168 52.99 1.90 -48.46
C PRO N 168 51.75 1.77 -47.62
N GLY N 169 50.84 2.72 -47.79
CA GLY N 169 49.59 2.68 -47.06
C GLY N 169 48.77 1.45 -47.39
N LYS N 170 47.84 1.17 -46.50
CA LYS N 170 46.83 0.16 -46.73
C LYS N 170 45.46 0.79 -46.57
N LEU N 171 44.41 -0.03 -46.66
CA LEU N 171 43.06 0.50 -46.58
C LEU N 171 42.75 1.05 -45.19
N SER N 172 43.21 0.35 -44.16
CA SER N 172 42.87 0.73 -42.79
C SER N 172 43.46 2.06 -42.37
N ASP N 173 44.43 2.59 -43.11
CA ASP N 173 45.05 3.85 -42.76
C ASP N 173 44.20 4.99 -43.25
N TYR N 174 44.05 6.00 -42.41
CA TYR N 174 43.31 7.19 -42.76
C TYR N 174 44.07 7.96 -43.84
N PHE N 175 43.49 9.06 -44.29
CA PHE N 175 44.11 9.81 -45.35
C PHE N 175 45.47 10.32 -44.89
N PRO N 176 46.51 10.30 -45.74
CA PRO N 176 47.78 10.89 -45.32
C PRO N 176 47.60 12.35 -44.98
N LYS N 177 47.85 12.66 -43.73
CA LYS N 177 47.74 14.03 -43.28
C LYS N 177 48.79 14.88 -43.98
N PRO N 178 48.45 16.09 -44.43
CA PRO N 178 49.47 16.92 -45.08
C PRO N 178 50.60 17.29 -44.14
N TYR N 179 50.27 17.91 -43.01
CA TYR N 179 51.23 18.51 -42.12
C TYR N 179 51.09 17.94 -40.72
N PRO N 180 52.18 17.82 -39.96
CA PRO N 180 52.08 17.13 -38.67
C PRO N 180 51.27 17.86 -37.64
N ASN N 181 51.06 19.16 -37.78
CA ASN N 181 50.39 19.93 -36.75
C ASN N 181 49.81 21.18 -37.40
N PRO N 182 48.96 21.92 -36.68
CA PRO N 182 48.40 23.14 -37.27
C PRO N 182 49.42 24.23 -37.49
N GLU N 183 50.40 24.36 -36.59
CA GLU N 183 51.30 25.50 -36.63
C GLU N 183 52.08 25.54 -37.93
N ALA N 184 52.66 24.41 -38.32
CA ALA N 184 53.39 24.34 -39.57
C ALA N 184 52.50 24.68 -40.75
N ALA N 185 51.19 24.45 -40.62
CA ALA N 185 50.27 24.87 -41.67
C ALA N 185 50.10 26.38 -41.65
N ARG N 186 50.13 26.99 -40.47
CA ARG N 186 50.09 28.45 -40.40
C ARG N 186 51.38 29.06 -40.88
N ALA N 187 52.51 28.39 -40.60
CA ALA N 187 53.79 28.90 -41.06
C ALA N 187 53.96 28.68 -42.54
N ALA N 188 53.44 27.58 -43.08
CA ALA N 188 53.43 27.33 -44.50
C ALA N 188 52.33 28.09 -45.21
N ASN N 189 51.60 28.95 -44.49
CA ASN N 189 50.69 29.92 -45.10
C ASN N 189 50.94 31.26 -44.44
N ASN N 190 50.07 32.24 -44.68
CA ASN N 190 50.20 33.56 -44.07
C ASN N 190 49.57 33.56 -42.67
N GLY N 191 50.11 32.70 -41.82
CA GLY N 191 49.66 32.58 -40.45
C GLY N 191 48.33 31.89 -40.26
N ALA N 192 47.60 31.59 -41.33
CA ALA N 192 46.25 31.07 -41.24
C ALA N 192 46.25 29.56 -41.41
N LEU N 193 45.17 28.94 -40.93
CA LEU N 193 45.08 27.50 -40.77
C LEU N 193 43.97 26.93 -41.65
N PRO N 194 44.22 25.98 -42.54
CA PRO N 194 43.11 25.33 -43.22
C PRO N 194 42.27 24.55 -42.24
N PRO N 195 40.97 24.75 -42.20
CA PRO N 195 40.14 23.83 -41.44
C PRO N 195 39.98 22.53 -42.18
N ASP N 196 39.83 21.48 -41.40
CA ASP N 196 39.48 20.17 -41.93
C ASP N 196 38.20 20.27 -42.75
N LEU N 197 38.01 19.30 -43.64
CA LEU N 197 36.84 19.19 -44.50
C LEU N 197 35.96 18.01 -44.15
N SER N 198 36.28 17.28 -43.08
CA SER N 198 35.47 16.13 -42.69
C SER N 198 34.02 16.54 -42.47
N TYR N 199 33.81 17.50 -41.57
CA TYR N 199 32.49 17.93 -41.15
C TYR N 199 32.30 19.42 -41.39
N ILE N 200 33.05 19.98 -42.33
CA ILE N 200 32.93 21.42 -42.59
C ILE N 200 31.57 21.77 -43.16
N VAL N 201 30.98 20.85 -43.92
CA VAL N 201 29.73 21.18 -44.60
C VAL N 201 28.63 21.38 -43.59
N ARG N 202 28.51 20.44 -42.66
CA ARG N 202 27.51 20.53 -41.60
C ARG N 202 27.91 21.52 -40.52
N ALA N 203 29.15 21.99 -40.53
CA ALA N 203 29.64 22.94 -39.54
C ALA N 203 29.64 24.37 -40.06
N ARG N 204 29.04 24.61 -41.21
CA ARG N 204 29.03 25.93 -41.82
C ARG N 204 27.64 26.17 -42.38
N HIS N 205 27.05 27.31 -42.04
CA HIS N 205 25.67 27.60 -42.40
C HIS N 205 25.50 27.55 -43.90
N GLY N 206 24.66 26.62 -44.35
CA GLY N 206 24.38 26.41 -45.74
C GLY N 206 25.13 25.25 -46.34
N GLY N 207 26.30 24.93 -45.79
CA GLY N 207 27.04 23.79 -46.25
C GLY N 207 27.49 23.88 -47.70
N GLU N 208 26.85 23.08 -48.54
CA GLU N 208 27.26 22.97 -49.93
C GLU N 208 27.14 24.30 -50.64
N ASP N 209 25.98 24.94 -50.52
CA ASP N 209 25.71 26.19 -51.23
C ASP N 209 26.75 27.24 -50.87
N TYR N 210 27.12 27.29 -49.60
CA TYR N 210 28.22 28.12 -49.16
C TYR N 210 29.50 27.74 -49.89
N VAL N 211 29.89 26.48 -49.74
CA VAL N 211 31.19 26.03 -50.20
C VAL N 211 31.29 26.16 -51.71
N PHE N 212 30.24 25.78 -52.43
CA PHE N 212 30.23 25.98 -53.86
C PHE N 212 30.36 27.45 -54.18
N SER N 213 29.48 28.27 -53.61
CA SER N 213 29.51 29.68 -53.90
C SER N 213 30.71 30.37 -53.30
N LEU N 214 31.47 29.70 -52.44
CA LEU N 214 32.71 30.27 -51.97
C LEU N 214 33.74 30.26 -53.08
N LEU N 215 34.02 29.06 -53.60
CA LEU N 215 35.02 28.92 -54.64
C LEU N 215 34.63 29.72 -55.88
N THR N 216 33.34 29.74 -56.19
CA THR N 216 32.83 30.40 -57.38
C THR N 216 32.29 31.78 -57.06
N GLY N 217 32.97 32.46 -56.16
CA GLY N 217 32.65 33.82 -55.80
C GLY N 217 33.88 34.69 -55.66
N TYR N 218 35.02 34.19 -56.13
CA TYR N 218 36.21 35.02 -56.22
C TYR N 218 36.02 36.07 -57.29
N CYS N 219 36.19 37.32 -56.93
CA CYS N 219 35.95 38.43 -57.82
C CYS N 219 36.93 39.55 -57.49
N GLU N 220 37.08 40.46 -58.44
CA GLU N 220 37.94 41.61 -58.22
C GLU N 220 37.36 42.42 -57.05
N PRO N 221 38.21 43.01 -56.21
CA PRO N 221 37.67 43.75 -55.07
C PRO N 221 36.81 44.92 -55.51
N PRO N 222 35.99 45.45 -54.61
CA PRO N 222 35.22 46.64 -54.94
C PRO N 222 35.99 47.92 -54.68
N THR N 223 35.30 49.04 -54.81
CA THR N 223 35.89 50.34 -54.55
C THR N 223 36.21 50.50 -53.07
N GLY N 224 37.34 51.15 -52.79
CA GLY N 224 37.67 51.58 -51.44
C GLY N 224 38.26 50.52 -50.55
N VAL N 225 38.31 49.28 -50.99
CA VAL N 225 38.77 48.17 -50.16
C VAL N 225 40.25 47.92 -50.40
N SER N 226 41.01 47.77 -49.32
CA SER N 226 42.42 47.41 -49.37
C SER N 226 42.66 46.21 -48.47
N LEU N 227 43.57 45.35 -48.92
CA LEU N 227 43.78 44.05 -48.30
C LEU N 227 45.26 43.70 -48.25
N ARG N 228 45.68 43.10 -47.15
CA ARG N 228 47.08 42.79 -46.92
C ARG N 228 47.53 41.69 -47.89
N GLU N 229 48.78 41.28 -47.73
CA GLU N 229 49.37 40.30 -48.62
C GLU N 229 48.97 38.91 -48.20
N GLY N 230 48.75 38.05 -49.19
CA GLY N 230 48.25 36.71 -48.98
C GLY N 230 46.75 36.65 -49.00
N LEU N 231 46.09 37.60 -48.35
CA LEU N 231 44.65 37.61 -48.31
C LEU N 231 44.08 37.82 -49.72
N TYR N 232 42.78 37.60 -49.82
CA TYR N 232 42.06 37.81 -51.07
C TYR N 232 40.63 38.18 -50.71
N PHE N 233 39.82 38.42 -51.73
CA PHE N 233 38.45 38.87 -51.56
C PHE N 233 37.48 37.77 -51.94
N ASN N 234 36.44 37.61 -51.14
CA ASN N 234 35.33 36.74 -51.43
C ASN N 234 34.20 37.12 -50.48
N PRO N 235 33.01 37.45 -50.97
CA PRO N 235 32.01 38.01 -50.05
C PRO N 235 31.47 37.01 -49.05
N TYR N 236 31.31 35.75 -49.46
CA TYR N 236 30.60 34.79 -48.62
C TYR N 236 31.31 34.54 -47.30
N PHE N 237 32.63 34.44 -47.34
CA PHE N 237 33.39 34.26 -46.12
C PHE N 237 33.16 35.45 -45.18
N PRO N 238 32.97 35.22 -43.88
CA PRO N 238 32.72 36.37 -42.98
C PRO N 238 33.92 37.29 -42.90
N GLY N 239 33.64 38.59 -42.80
CA GLY N 239 34.67 39.60 -42.90
C GLY N 239 35.06 39.95 -44.31
N GLN N 240 34.67 39.14 -45.30
CA GLN N 240 35.01 39.37 -46.69
C GLN N 240 36.51 39.50 -46.91
N ALA N 241 37.29 38.81 -46.08
CA ALA N 241 38.74 38.86 -46.16
C ALA N 241 39.25 37.50 -45.74
N ILE N 242 39.86 36.80 -46.68
CA ILE N 242 40.23 35.40 -46.49
C ILE N 242 41.65 35.19 -46.95
N GLY N 243 42.32 34.25 -46.29
CA GLY N 243 43.69 33.91 -46.58
C GLY N 243 43.76 32.75 -47.55
N MET N 244 42.74 32.62 -48.38
CA MET N 244 42.53 31.50 -49.25
C MET N 244 43.11 31.82 -50.62
N ALA N 245 44.21 31.18 -50.94
CA ALA N 245 44.68 31.23 -52.31
C ALA N 245 43.62 30.59 -53.21
N PRO N 246 43.35 31.15 -54.39
CA PRO N 246 42.42 30.50 -55.29
C PRO N 246 42.90 29.12 -55.67
N PRO N 247 42.18 28.06 -55.26
CA PRO N 247 42.69 26.70 -55.44
C PRO N 247 42.31 26.07 -56.75
N ILE N 248 41.19 26.53 -57.29
CA ILE N 248 40.57 26.00 -58.49
C ILE N 248 40.82 26.97 -59.62
N TYR N 249 41.09 26.45 -60.80
CA TYR N 249 40.95 27.22 -62.02
C TYR N 249 40.65 26.24 -63.14
N ASN N 250 40.09 26.77 -64.22
CA ASN N 250 39.62 25.95 -65.31
C ASN N 250 40.73 25.08 -65.87
N GLU N 251 40.49 23.77 -65.87
CA GLU N 251 41.47 22.77 -66.28
C GLU N 251 42.73 22.91 -65.46
N VAL N 252 42.55 23.02 -64.15
CA VAL N 252 43.68 22.84 -63.24
C VAL N 252 44.16 21.39 -63.26
N LEU N 253 43.29 20.46 -63.63
CA LEU N 253 43.65 19.06 -63.73
C LEU N 253 42.79 18.42 -64.81
N GLU N 254 42.80 17.09 -64.85
CA GLU N 254 41.97 16.35 -65.77
C GLU N 254 41.51 15.07 -65.09
N PHE N 255 40.25 14.70 -65.33
CA PHE N 255 39.64 13.56 -64.66
C PHE N 255 39.77 12.32 -65.54
N ASP N 256 39.24 11.21 -65.02
CA ASP N 256 39.51 9.92 -65.64
C ASP N 256 38.60 9.67 -66.83
N ASP N 257 37.29 9.66 -66.60
CA ASP N 257 36.35 9.45 -67.70
C ASP N 257 36.47 10.54 -68.76
N GLY N 258 36.90 11.73 -68.37
CA GLY N 258 37.19 12.79 -69.30
C GLY N 258 36.13 13.84 -69.42
N THR N 259 35.38 14.12 -68.37
CA THR N 259 34.37 15.14 -68.41
C THR N 259 35.01 16.51 -68.57
N PRO N 260 34.22 17.53 -68.90
CA PRO N 260 34.78 18.88 -68.95
C PRO N 260 35.24 19.34 -67.59
N ALA N 261 36.55 19.48 -67.41
CA ALA N 261 37.12 19.87 -66.13
C ALA N 261 37.06 21.38 -65.92
N THR N 262 35.86 21.92 -66.03
CA THR N 262 35.66 23.33 -65.81
C THR N 262 35.53 23.61 -64.32
N MET N 263 35.65 24.89 -63.98
CA MET N 263 35.66 25.30 -62.58
C MET N 263 34.37 24.93 -61.89
N SER N 264 33.27 24.80 -62.62
CA SER N 264 32.01 24.44 -62.00
C SER N 264 31.91 22.95 -61.75
N GLN N 265 32.09 22.14 -62.80
CA GLN N 265 31.93 20.69 -62.68
C GLN N 265 32.87 20.11 -61.63
N VAL N 266 34.03 20.72 -61.45
CA VAL N 266 34.87 20.37 -60.32
C VAL N 266 34.12 20.67 -59.03
N ALA N 267 33.59 21.88 -58.93
CA ALA N 267 33.00 22.33 -57.69
C ALA N 267 31.77 21.55 -57.31
N LYS N 268 31.08 20.95 -58.27
CA LYS N 268 29.97 20.09 -57.93
C LYS N 268 30.48 18.80 -57.32
N ASP N 269 31.36 18.10 -58.02
CA ASP N 269 31.77 16.77 -57.58
C ASP N 269 32.51 16.84 -56.25
N VAL N 270 33.20 17.93 -55.98
CA VAL N 270 33.84 18.07 -54.68
C VAL N 270 32.81 18.34 -53.60
N CYS N 271 31.87 19.25 -53.86
CA CYS N 271 30.87 19.54 -52.84
C CYS N 271 29.95 18.36 -52.67
N THR N 272 29.76 17.59 -53.73
CA THR N 272 29.04 16.34 -53.59
C THR N 272 29.84 15.38 -52.73
N PHE N 273 31.16 15.43 -52.84
CA PHE N 273 32.00 14.55 -52.04
C PHE N 273 31.90 14.92 -50.57
N LEU N 274 32.03 16.20 -50.26
CA LEU N 274 32.15 16.62 -48.88
C LEU N 274 30.93 16.27 -48.07
N ARG N 275 29.75 16.32 -48.70
CA ARG N 275 28.56 15.92 -47.99
C ARG N 275 28.65 14.47 -47.59
N TRP N 276 29.22 13.63 -48.46
CA TRP N 276 29.39 12.23 -48.12
C TRP N 276 30.36 12.07 -46.98
N ALA N 277 31.38 12.91 -46.92
CA ALA N 277 32.33 12.83 -45.83
C ALA N 277 31.64 13.06 -44.49
N ALA N 278 30.84 14.10 -44.42
CA ALA N 278 30.05 14.38 -43.23
C ALA N 278 28.75 13.63 -43.21
N GLU N 279 28.60 12.63 -44.04
CA GLU N 279 27.41 11.80 -44.02
C GLU N 279 27.68 10.53 -44.80
N PRO N 280 28.40 9.56 -44.23
CA PRO N 280 28.48 8.23 -44.86
C PRO N 280 27.20 7.42 -44.82
N GLU N 281 26.10 7.99 -44.34
CA GLU N 281 24.84 7.29 -44.14
C GLU N 281 23.73 7.79 -45.04
N HIS N 282 24.03 8.71 -45.97
CA HIS N 282 22.99 9.35 -46.77
C HIS N 282 22.19 8.33 -47.55
N ASP N 283 22.87 7.37 -48.16
CA ASP N 283 22.18 6.37 -48.94
C ASP N 283 21.23 5.56 -48.08
N HIS N 284 21.67 5.18 -46.89
CA HIS N 284 20.88 4.35 -46.00
C HIS N 284 19.96 5.18 -45.13
N ARG N 285 20.26 6.47 -44.95
CA ARG N 285 19.38 7.33 -44.20
C ARG N 285 18.01 7.42 -44.86
N LYS N 286 18.00 7.48 -46.18
CA LYS N 286 16.74 7.62 -46.90
C LYS N 286 16.00 6.31 -46.99
N ARG N 287 16.71 5.18 -46.99
CA ARG N 287 16.06 3.89 -47.08
C ARG N 287 15.16 3.65 -45.88
N MET N 288 15.75 3.67 -44.68
CA MET N 288 14.93 3.77 -43.48
C MET N 288 14.17 5.08 -43.45
N GLY N 289 14.67 6.10 -44.13
CA GLY N 289 13.90 7.30 -44.37
C GLY N 289 12.59 7.02 -45.07
N LEU N 290 12.58 6.01 -45.94
CA LEU N 290 11.37 5.67 -46.68
C LEU N 290 10.59 4.58 -46.00
N LYS N 291 11.28 3.53 -45.53
CA LYS N 291 10.61 2.40 -44.91
C LYS N 291 9.74 2.85 -43.74
N MET N 292 10.10 3.95 -43.09
CA MET N 292 9.37 4.44 -41.94
C MET N 292 7.92 4.74 -42.31
N LEU N 293 7.73 5.62 -43.29
CA LEU N 293 6.40 6.12 -43.61
C LEU N 293 5.45 5.00 -43.99
N LEU N 294 5.89 4.14 -44.91
CA LEU N 294 5.03 3.10 -45.41
C LEU N 294 4.72 2.04 -44.37
N MET N 295 5.36 2.10 -43.21
CA MET N 295 4.84 1.46 -42.02
C MET N 295 3.93 2.42 -41.25
N MET N 296 4.45 3.58 -40.86
CA MET N 296 3.71 4.44 -39.95
C MET N 296 2.46 4.99 -40.61
N GLY N 297 2.58 5.43 -41.86
CA GLY N 297 1.40 5.85 -42.60
C GLY N 297 0.38 4.75 -42.73
N LEU N 298 0.84 3.50 -42.74
CA LEU N 298 -0.06 2.35 -42.80
C LEU N 298 -0.55 1.95 -41.43
N LEU N 299 0.32 1.97 -40.43
CA LEU N 299 -0.09 1.62 -39.07
C LEU N 299 -1.04 2.66 -38.50
N LEU N 300 -0.59 3.89 -38.43
CA LEU N 300 -1.17 4.99 -37.69
C LEU N 300 -2.68 5.13 -37.87
N PRO N 301 -3.24 4.82 -39.04
CA PRO N 301 -4.70 4.72 -39.11
C PRO N 301 -5.24 3.52 -38.35
N LEU N 302 -4.61 2.36 -38.52
CA LEU N 302 -5.10 1.14 -37.92
C LEU N 302 -5.15 1.28 -36.40
N VAL N 303 -4.09 1.83 -35.83
CA VAL N 303 -4.12 2.20 -34.42
C VAL N 303 -5.24 3.18 -34.18
N TYR N 304 -5.36 4.19 -35.05
CA TYR N 304 -6.40 5.18 -34.89
C TYR N 304 -7.79 4.57 -35.05
N ALA N 305 -7.88 3.40 -35.66
CA ALA N 305 -9.12 2.64 -35.60
C ALA N 305 -9.21 1.87 -34.28
N MET N 306 -8.12 1.20 -33.89
CA MET N 306 -8.14 0.41 -32.68
C MET N 306 -8.41 1.28 -31.47
N LYS N 307 -7.91 2.51 -31.49
CA LYS N 307 -8.37 3.50 -30.53
C LYS N 307 -9.87 3.64 -30.63
N ARG N 308 -10.35 4.08 -31.78
CA ARG N 308 -11.77 4.33 -31.95
C ARG N 308 -12.59 3.07 -31.84
N HIS N 309 -11.97 1.90 -31.98
CA HIS N 309 -12.72 0.66 -31.79
C HIS N 309 -13.12 0.48 -30.33
N LYS N 310 -12.25 0.87 -29.42
CA LYS N 310 -12.54 0.70 -28.00
C LYS N 310 -13.40 1.83 -27.48
N TRP N 311 -12.98 3.07 -27.73
CA TRP N 311 -13.69 4.23 -27.24
C TRP N 311 -15.13 4.31 -27.75
N SER N 312 -15.46 3.62 -28.84
CA SER N 312 -16.78 3.73 -29.43
C SER N 312 -17.88 3.29 -28.48
N VAL N 313 -17.53 2.55 -27.43
CA VAL N 313 -18.50 2.29 -26.38
C VAL N 313 -18.99 3.60 -25.80
N LEU N 314 -18.07 4.57 -25.67
CA LEU N 314 -18.32 5.79 -24.91
C LEU N 314 -18.40 7.02 -25.78
N LYS N 315 -17.92 6.94 -27.01
CA LYS N 315 -18.31 7.92 -28.01
C LYS N 315 -19.79 7.84 -28.31
N SER N 316 -20.42 6.71 -28.00
CA SER N 316 -21.84 6.48 -28.23
C SER N 316 -22.43 5.99 -26.91
N ARG N 317 -22.90 6.94 -26.12
CA ARG N 317 -23.49 6.65 -24.82
C ARG N 317 -24.50 7.73 -24.50
N LYS N 318 -25.74 7.32 -24.29
CA LYS N 318 -26.78 8.22 -23.82
C LYS N 318 -27.09 7.93 -22.36
N LEU N 319 -27.31 9.00 -21.61
CA LEU N 319 -27.60 8.92 -20.19
C LEU N 319 -29.02 9.41 -19.93
N ALA N 320 -29.36 9.46 -18.65
CA ALA N 320 -30.73 9.73 -18.25
C ALA N 320 -30.75 10.11 -16.77
N TYR N 321 -31.94 10.45 -16.29
CA TYR N 321 -32.11 10.85 -14.91
C TYR N 321 -33.59 10.58 -14.59
N ARG N 322 -33.83 9.46 -13.92
CA ARG N 322 -35.18 8.94 -13.74
C ARG N 322 -35.49 8.77 -12.27
N PRO N 323 -35.61 9.86 -11.52
CA PRO N 323 -36.01 9.76 -10.13
C PRO N 323 -37.51 9.58 -10.01
N PRO N 324 -38.02 9.47 -8.78
CA PRO N 324 -39.45 9.45 -8.53
C PRO N 324 -40.07 10.85 -8.51
N SER O 79 -42.13 3.87 -14.35
CA SER O 79 -41.31 3.01 -13.52
C SER O 79 -40.30 2.26 -14.38
N HIS O 80 -39.77 1.16 -13.85
CA HIS O 80 -38.80 0.36 -14.60
C HIS O 80 -39.37 -0.28 -15.85
N THR O 81 -40.68 -0.19 -16.06
CA THR O 81 -41.27 -0.54 -17.35
C THR O 81 -41.34 0.65 -18.28
N ASP O 82 -41.57 1.85 -17.76
CA ASP O 82 -41.58 3.06 -18.57
C ASP O 82 -40.22 3.33 -19.21
N ILE O 83 -39.16 2.70 -18.72
CA ILE O 83 -37.85 2.81 -19.32
C ILE O 83 -37.88 2.34 -20.76
N LYS O 84 -36.98 2.90 -21.55
CA LYS O 84 -36.83 2.55 -22.95
C LYS O 84 -35.41 2.86 -23.37
N VAL O 85 -34.93 2.08 -24.33
CA VAL O 85 -33.58 2.24 -24.87
C VAL O 85 -33.69 3.05 -26.14
N PRO O 86 -32.87 4.08 -26.35
CA PRO O 86 -32.89 4.79 -27.63
C PRO O 86 -32.38 3.95 -28.78
N ASP O 87 -32.32 4.55 -29.96
CA ASP O 87 -31.95 3.87 -31.19
C ASP O 87 -30.62 4.41 -31.62
N PHE O 88 -29.62 3.54 -31.66
CA PHE O 88 -28.29 3.88 -32.12
C PHE O 88 -28.12 3.63 -33.62
N SER O 89 -29.23 3.55 -34.37
CA SER O 89 -29.16 3.27 -35.79
C SER O 89 -28.42 4.35 -36.56
N ASP O 90 -28.26 5.53 -35.99
CA ASP O 90 -27.34 6.50 -36.55
C ASP O 90 -25.89 6.09 -36.39
N TYR O 91 -25.61 5.11 -35.53
CA TYR O 91 -24.26 4.70 -35.18
C TYR O 91 -23.91 3.27 -35.52
N ARG O 92 -24.90 2.39 -35.69
CA ARG O 92 -24.61 0.97 -35.82
C ARG O 92 -23.84 0.68 -37.10
N ARG O 93 -23.50 -0.60 -37.26
CA ARG O 93 -23.04 -1.13 -38.52
C ARG O 93 -24.24 -1.33 -39.45
N PRO O 94 -24.02 -1.32 -40.76
CA PRO O 94 -25.16 -1.55 -41.66
C PRO O 94 -25.70 -2.96 -41.57
N GLU O 95 -24.88 -3.93 -41.20
CA GLU O 95 -25.28 -5.33 -41.19
C GLU O 95 -26.37 -5.65 -40.20
N VAL O 96 -26.64 -4.76 -39.24
CA VAL O 96 -27.51 -5.04 -38.11
C VAL O 96 -28.68 -4.07 -37.99
N LEU O 97 -28.78 -3.08 -38.87
CA LEU O 97 -29.82 -2.08 -38.74
C LEU O 97 -31.22 -2.67 -38.82
N ASP O 98 -31.38 -3.82 -39.45
CA ASP O 98 -32.69 -4.39 -39.69
C ASP O 98 -33.06 -5.22 -38.46
N SER O 99 -33.85 -4.61 -37.58
CA SER O 99 -34.26 -5.27 -36.35
C SER O 99 -35.00 -6.58 -36.60
N THR O 100 -35.61 -6.75 -37.76
CA THR O 100 -36.33 -7.97 -38.04
C THR O 100 -35.41 -9.15 -38.29
N LYS O 101 -34.17 -8.90 -38.68
CA LYS O 101 -33.23 -9.97 -39.00
C LYS O 101 -32.66 -10.53 -37.71
N SER O 102 -31.64 -11.36 -37.83
CA SER O 102 -30.87 -11.84 -36.70
C SER O 102 -29.41 -11.47 -36.86
N SER O 103 -28.70 -11.53 -35.75
CA SER O 103 -27.25 -11.50 -35.75
C SER O 103 -26.78 -12.91 -36.09
N LYS O 104 -25.51 -13.19 -35.85
CA LYS O 104 -24.89 -14.50 -35.91
C LYS O 104 -24.62 -14.94 -37.34
N GLU O 105 -25.08 -14.20 -38.35
CA GLU O 105 -24.74 -14.43 -39.73
C GLU O 105 -23.74 -13.42 -40.26
N SER O 106 -23.66 -12.26 -39.62
CA SER O 106 -22.62 -11.28 -39.87
C SER O 106 -21.70 -11.09 -38.67
N SER O 107 -22.08 -11.61 -37.49
CA SER O 107 -21.24 -11.52 -36.31
C SER O 107 -19.84 -12.03 -36.59
N GLU O 108 -19.75 -13.25 -37.14
CA GLU O 108 -18.48 -13.85 -37.46
C GLU O 108 -17.66 -12.96 -38.39
N ALA O 109 -18.33 -12.12 -39.19
CA ALA O 109 -17.63 -11.14 -40.00
C ALA O 109 -17.32 -9.89 -39.21
N ARG O 110 -18.27 -9.44 -38.40
CA ARG O 110 -18.07 -8.23 -37.61
C ARG O 110 -16.86 -8.37 -36.71
N LYS O 111 -16.76 -9.50 -36.02
CA LYS O 111 -15.61 -9.73 -35.17
C LYS O 111 -14.36 -10.03 -35.98
N GLY O 112 -14.50 -10.32 -37.26
CA GLY O 112 -13.35 -10.62 -38.08
C GLY O 112 -12.65 -9.36 -38.53
N PHE O 113 -13.44 -8.39 -38.99
CA PHE O 113 -12.86 -7.17 -39.54
C PHE O 113 -12.12 -6.39 -38.48
N SER O 114 -12.70 -6.26 -37.31
CA SER O 114 -12.07 -5.47 -36.26
C SER O 114 -10.79 -6.12 -35.79
N TYR O 115 -10.85 -7.41 -35.45
CA TYR O 115 -9.65 -8.11 -35.02
C TYR O 115 -8.62 -8.19 -36.11
N LEU O 116 -9.03 -8.15 -37.38
CA LEU O 116 -8.07 -8.10 -38.46
C LEU O 116 -7.22 -6.85 -38.36
N VAL O 117 -7.79 -5.77 -37.85
CA VAL O 117 -6.99 -4.57 -37.67
C VAL O 117 -5.94 -4.83 -36.61
N THR O 118 -6.35 -5.53 -35.55
CA THR O 118 -5.46 -5.76 -34.43
C THR O 118 -4.26 -6.59 -34.84
N ALA O 119 -4.48 -7.55 -35.73
CA ALA O 119 -3.38 -8.38 -36.20
C ALA O 119 -2.42 -7.58 -37.06
N THR O 120 -2.95 -7.03 -38.16
CA THR O 120 -2.13 -6.30 -39.12
C THR O 120 -1.36 -5.18 -38.45
N THR O 121 -1.90 -4.62 -37.38
CA THR O 121 -1.10 -3.76 -36.53
C THR O 121 0.09 -4.53 -35.98
N THR O 122 -0.19 -5.62 -35.28
CA THR O 122 0.83 -6.41 -34.64
C THR O 122 1.82 -6.96 -35.64
N VAL O 123 1.40 -7.14 -36.89
CA VAL O 123 2.32 -7.52 -37.96
C VAL O 123 3.42 -6.47 -38.08
N GLY O 124 3.00 -5.22 -38.31
CA GLY O 124 3.98 -4.17 -38.53
C GLY O 124 4.82 -3.88 -37.30
N VAL O 125 4.25 -4.09 -36.12
CA VAL O 125 5.00 -3.88 -34.89
C VAL O 125 6.21 -4.78 -34.87
N ALA O 126 6.04 -6.04 -35.28
CA ALA O 126 7.16 -6.97 -35.27
C ALA O 126 8.21 -6.57 -36.28
N TYR O 127 7.78 -6.06 -37.44
CA TYR O 127 8.74 -5.66 -38.45
C TYR O 127 9.63 -4.54 -37.94
N ALA O 128 9.01 -3.46 -37.45
CA ALA O 128 9.78 -2.35 -36.91
C ALA O 128 10.61 -2.80 -35.71
N ALA O 129 10.12 -3.79 -34.98
CA ALA O 129 10.83 -4.25 -33.80
C ALA O 129 11.98 -5.17 -34.16
N LYS O 130 11.77 -6.05 -35.15
CA LYS O 130 12.82 -6.98 -35.52
C LYS O 130 14.04 -6.26 -36.05
N ASN O 131 13.83 -5.14 -36.72
CA ASN O 131 14.95 -4.41 -37.31
C ASN O 131 15.66 -3.58 -36.26
N VAL O 132 14.90 -2.74 -35.55
CA VAL O 132 15.47 -1.76 -34.63
C VAL O 132 16.28 -2.45 -33.56
N VAL O 133 15.82 -3.60 -33.10
CA VAL O 133 16.55 -4.33 -32.08
C VAL O 133 17.89 -4.78 -32.63
N SER O 134 17.89 -5.32 -33.84
CA SER O 134 19.13 -5.74 -34.46
C SER O 134 20.03 -4.57 -34.80
N GLN O 135 19.49 -3.35 -34.84
CA GLN O 135 20.35 -2.19 -35.06
C GLN O 135 21.29 -2.01 -33.88
N PHE O 136 20.74 -2.00 -32.66
CA PHE O 136 21.57 -1.88 -31.48
C PHE O 136 22.53 -3.04 -31.38
N VAL O 137 22.01 -4.25 -31.58
CA VAL O 137 22.79 -5.46 -31.39
C VAL O 137 23.96 -5.51 -32.36
N SER O 138 23.84 -4.84 -33.49
CA SER O 138 24.97 -4.71 -34.39
C SER O 138 25.96 -3.66 -33.89
N SER O 139 25.55 -2.79 -32.98
CA SER O 139 26.49 -1.87 -32.36
C SER O 139 27.39 -2.61 -31.39
N MET O 140 26.80 -3.46 -30.55
CA MET O 140 27.60 -4.34 -29.73
C MET O 140 28.52 -5.23 -30.55
N SER O 141 28.18 -5.49 -31.80
CA SER O 141 29.04 -6.29 -32.65
C SER O 141 30.30 -5.49 -32.98
N ALA O 142 31.16 -6.11 -33.76
CA ALA O 142 32.40 -5.46 -34.12
C ALA O 142 32.13 -4.32 -35.07
N SER O 143 32.84 -3.22 -34.85
CA SER O 143 32.71 -2.06 -35.71
C SER O 143 33.32 -2.35 -37.07
N ALA O 144 33.36 -1.33 -37.91
CA ALA O 144 33.98 -1.46 -39.22
C ALA O 144 35.49 -1.39 -39.13
N ASP O 145 36.01 -0.59 -38.19
CA ASP O 145 37.45 -0.42 -38.09
C ASP O 145 38.14 -1.71 -37.74
N VAL O 146 37.53 -2.50 -36.87
CA VAL O 146 38.17 -3.72 -36.41
C VAL O 146 38.27 -4.72 -37.55
N LEU O 147 37.25 -4.76 -38.41
CA LEU O 147 37.23 -5.75 -39.47
C LEU O 147 38.36 -5.51 -40.47
N ALA O 148 38.65 -4.24 -40.75
CA ALA O 148 39.74 -3.94 -41.66
C ALA O 148 41.08 -4.39 -41.11
N MET O 149 41.21 -4.51 -39.79
CA MET O 149 42.38 -5.09 -39.16
C MET O 149 42.23 -6.58 -38.89
N SER O 150 41.15 -7.19 -39.36
CA SER O 150 40.90 -8.59 -39.06
C SER O 150 41.64 -9.51 -40.01
N LYS O 151 41.32 -9.45 -41.28
CA LYS O 151 41.87 -10.41 -42.23
C LYS O 151 43.26 -10.04 -42.68
N ILE O 152 43.58 -8.76 -42.74
CA ILE O 152 44.84 -8.34 -43.32
C ILE O 152 45.94 -8.47 -42.29
N GLU O 153 47.06 -9.06 -42.70
CA GLU O 153 48.28 -8.97 -41.93
C GLU O 153 49.43 -9.20 -42.91
N ILE O 154 50.03 -8.10 -43.36
CA ILE O 154 51.07 -8.17 -44.39
C ILE O 154 52.40 -8.31 -43.64
N LYS O 155 52.77 -9.56 -43.36
CA LYS O 155 54.06 -9.86 -42.77
C LYS O 155 55.15 -9.84 -43.83
N LEU O 156 56.37 -10.12 -43.40
CA LEU O 156 57.53 -10.18 -44.29
C LEU O 156 58.39 -11.40 -43.98
N GLU O 161 64.99 -15.91 -40.27
CA GLU O 161 65.14 -17.33 -39.95
C GLU O 161 66.07 -17.52 -38.76
N GLY O 162 65.52 -18.07 -37.68
CA GLY O 162 66.25 -18.26 -36.44
C GLY O 162 65.86 -17.24 -35.38
N LYS O 163 64.57 -16.95 -35.28
CA LYS O 163 64.08 -15.97 -34.33
C LYS O 163 62.66 -16.32 -33.93
N ASN O 164 62.26 -15.84 -32.75
CA ASN O 164 60.93 -16.10 -32.20
C ASN O 164 60.02 -14.93 -32.56
N MET O 165 59.54 -14.93 -33.80
CA MET O 165 58.69 -13.87 -34.30
C MET O 165 57.28 -14.07 -33.74
N ALA O 166 56.88 -13.18 -32.83
CA ALA O 166 55.54 -13.17 -32.24
C ALA O 166 55.00 -11.75 -32.33
N PHE O 167 53.98 -11.54 -33.14
CA PHE O 167 53.42 -10.22 -33.39
C PHE O 167 51.93 -10.23 -33.16
N LYS O 168 51.43 -9.11 -32.65
CA LYS O 168 50.02 -9.00 -32.31
C LYS O 168 49.16 -9.00 -33.57
N TRP O 169 47.99 -9.62 -33.47
CA TRP O 169 47.08 -9.73 -34.60
C TRP O 169 45.73 -10.17 -34.07
N ARG O 170 44.69 -9.44 -34.46
CA ARG O 170 43.34 -9.61 -33.88
C ARG O 170 43.38 -9.54 -32.36
N GLY O 171 44.26 -8.71 -31.83
CA GLY O 171 44.54 -8.69 -30.41
C GLY O 171 45.04 -10.01 -29.87
N LYS O 172 45.51 -10.90 -30.74
CA LYS O 172 46.08 -12.19 -30.36
C LYS O 172 47.48 -12.28 -30.95
N PRO O 173 48.28 -13.26 -30.55
CA PRO O 173 49.64 -13.37 -31.06
C PRO O 173 49.69 -14.07 -32.41
N LEU O 174 50.79 -13.85 -33.11
CA LEU O 174 51.09 -14.49 -34.38
C LEU O 174 52.50 -15.07 -34.31
N PHE O 175 52.61 -16.33 -33.93
CA PHE O 175 53.92 -16.97 -33.83
C PHE O 175 54.37 -17.41 -35.21
N VAL O 176 55.49 -16.86 -35.65
CA VAL O 176 56.12 -17.25 -36.90
C VAL O 176 57.63 -17.33 -36.69
N ILE O 184 62.50 -28.51 -39.51
CA ILE O 184 62.14 -29.08 -40.79
C ILE O 184 63.16 -30.12 -41.19
N ASP O 185 64.42 -29.90 -40.81
CA ASP O 185 65.44 -30.93 -40.95
C ASP O 185 65.24 -32.02 -39.91
N GLN O 186 65.07 -31.62 -38.64
CA GLN O 186 64.79 -32.52 -37.55
C GLN O 186 63.31 -32.58 -37.18
N GLU O 187 62.53 -31.57 -37.59
CA GLU O 187 61.11 -31.53 -37.23
C GLU O 187 60.37 -32.72 -37.81
N ALA O 188 60.70 -33.11 -39.03
CA ALA O 188 60.05 -34.25 -39.66
C ALA O 188 60.46 -35.58 -39.00
N ALA O 189 61.55 -35.58 -38.25
CA ALA O 189 62.01 -36.81 -37.61
C ALA O 189 61.01 -37.32 -36.58
N VAL O 190 60.26 -36.42 -35.95
CA VAL O 190 59.34 -36.81 -34.89
C VAL O 190 58.25 -37.73 -35.46
N GLU O 191 57.88 -38.75 -34.69
CA GLU O 191 56.85 -39.68 -35.10
C GLU O 191 55.47 -39.09 -34.86
N VAL O 192 54.63 -39.10 -35.88
CA VAL O 192 53.28 -38.54 -35.75
C VAL O 192 52.39 -39.48 -34.93
N SER O 193 52.57 -40.79 -35.07
CA SER O 193 51.77 -41.73 -34.30
C SER O 193 52.02 -41.58 -32.81
N GLN O 194 53.26 -41.25 -32.44
CA GLN O 194 53.60 -41.05 -31.04
C GLN O 194 52.91 -39.84 -30.46
N LEU O 195 52.66 -38.82 -31.28
CA LEU O 195 52.09 -37.57 -30.79
C LEU O 195 50.70 -37.79 -30.21
N ARG O 196 50.37 -36.98 -29.21
CA ARG O 196 49.03 -36.99 -28.64
C ARG O 196 47.97 -36.69 -29.69
N ASP O 197 48.30 -35.83 -30.66
CA ASP O 197 47.42 -35.50 -31.77
C ASP O 197 48.11 -35.89 -33.07
N PRO O 198 47.68 -36.94 -33.78
CA PRO O 198 48.41 -37.33 -35.00
C PRO O 198 48.27 -36.30 -36.10
N GLN O 199 49.35 -35.58 -36.39
CA GLN O 199 49.29 -34.49 -37.36
C GLN O 199 50.71 -34.16 -37.79
N HIS O 200 50.96 -34.23 -39.08
CA HIS O 200 52.28 -33.99 -39.62
C HIS O 200 52.55 -32.49 -39.75
N ASP O 201 53.84 -32.15 -39.82
CA ASP O 201 54.23 -30.74 -39.97
C ASP O 201 53.64 -30.12 -41.22
N LEU O 202 53.98 -30.67 -42.39
CA LEU O 202 53.54 -30.08 -43.65
C LEU O 202 52.03 -30.12 -43.84
N GLU O 203 51.31 -30.92 -43.05
CA GLU O 203 49.86 -30.74 -42.98
C GLU O 203 49.52 -29.37 -42.43
N ARG O 204 50.27 -28.92 -41.43
CA ARG O 204 49.98 -27.66 -40.76
C ARG O 204 50.35 -26.47 -41.64
N VAL O 205 51.55 -26.50 -42.22
CA VAL O 205 52.07 -25.39 -42.98
C VAL O 205 51.84 -25.63 -44.46
N LYS O 206 52.08 -24.59 -45.26
CA LYS O 206 52.05 -24.66 -46.71
C LYS O 206 53.45 -24.61 -47.29
N LYS O 207 54.25 -23.63 -46.87
CA LYS O 207 55.70 -23.69 -47.05
C LYS O 207 56.33 -24.46 -45.89
N PRO O 208 57.36 -25.28 -46.10
CA PRO O 208 57.98 -25.94 -44.96
C PRO O 208 58.66 -24.97 -44.01
N GLU O 209 59.34 -23.95 -44.53
CA GLU O 209 60.20 -23.09 -43.73
C GLU O 209 59.49 -21.81 -43.29
N TRP O 210 58.16 -21.84 -43.18
CA TRP O 210 57.38 -20.72 -42.66
C TRP O 210 56.28 -21.29 -41.78
N VAL O 211 56.55 -21.35 -40.49
CA VAL O 211 55.59 -21.85 -39.51
C VAL O 211 54.63 -20.74 -39.14
N ILE O 212 53.35 -21.07 -39.03
CA ILE O 212 52.33 -20.11 -38.63
C ILE O 212 51.40 -20.82 -37.65
N LEU O 213 51.01 -20.10 -36.60
CA LEU O 213 49.99 -20.61 -35.69
C LEU O 213 49.51 -19.48 -34.79
N ILE O 214 48.31 -19.66 -34.25
CA ILE O 214 47.78 -18.77 -33.23
C ILE O 214 48.39 -19.17 -31.90
N GLY O 215 49.13 -18.24 -31.30
CA GLY O 215 49.82 -18.53 -30.06
C GLY O 215 48.89 -18.61 -28.88
N VAL O 216 48.08 -19.66 -28.85
CA VAL O 216 47.13 -19.94 -27.77
C VAL O 216 47.47 -21.31 -27.20
N CYS O 217 48.04 -21.34 -26.00
CA CYS O 217 48.22 -22.59 -25.27
C CYS O 217 46.87 -23.27 -25.15
N THR O 218 46.78 -24.50 -25.65
CA THR O 218 45.48 -25.13 -25.86
C THR O 218 44.74 -25.34 -24.55
N HIS O 219 45.45 -25.41 -23.43
CA HIS O 219 44.82 -25.73 -22.15
C HIS O 219 43.83 -24.66 -21.72
N LEU O 220 44.31 -23.44 -21.40
CA LEU O 220 43.48 -22.44 -20.77
C LEU O 220 43.79 -21.03 -21.28
N GLY O 221 44.29 -20.91 -22.51
CA GLY O 221 44.43 -19.62 -23.16
C GLY O 221 45.49 -18.70 -22.61
N CYS O 222 46.77 -19.02 -22.81
CA CYS O 222 47.89 -18.19 -22.38
C CYS O 222 48.79 -17.89 -23.59
N VAL O 223 49.94 -17.32 -23.31
CA VAL O 223 50.94 -17.00 -24.32
C VAL O 223 52.10 -17.99 -24.13
N PRO O 224 52.26 -18.98 -25.00
CA PRO O 224 53.51 -19.75 -24.99
C PRO O 224 54.69 -18.87 -25.33
N ILE O 225 55.88 -19.36 -25.00
CA ILE O 225 57.14 -18.71 -25.36
C ILE O 225 57.89 -19.66 -26.29
N ALA O 226 58.45 -19.09 -27.35
CA ALA O 226 59.12 -19.87 -28.38
C ALA O 226 60.59 -20.05 -28.03
N ASN O 227 61.06 -21.29 -28.08
CA ASN O 227 62.43 -21.65 -27.70
C ASN O 227 62.74 -21.19 -26.28
N TYR O 235 56.24 -22.51 -25.99
CA TYR O 235 56.31 -23.23 -24.72
C TYR O 235 55.33 -22.62 -23.71
N CYS O 236 54.22 -23.32 -23.45
CA CYS O 236 53.19 -22.85 -22.52
C CYS O 236 53.83 -22.69 -21.14
N PRO O 237 54.01 -21.45 -20.62
CA PRO O 237 54.70 -21.31 -19.33
C PRO O 237 53.79 -21.62 -18.15
N CYS O 238 52.52 -21.26 -18.26
CA CYS O 238 51.60 -21.44 -17.13
C CYS O 238 51.33 -22.90 -16.83
N HIS O 239 51.66 -23.82 -17.74
CA HIS O 239 51.53 -25.24 -17.47
C HIS O 239 52.70 -26.06 -17.99
N GLY O 240 53.72 -25.45 -18.59
CA GLY O 240 54.92 -26.17 -18.99
C GLY O 240 54.65 -27.25 -20.02
N SER O 241 54.09 -26.86 -21.16
CA SER O 241 53.78 -27.78 -22.26
C SER O 241 54.86 -27.60 -23.32
N HIS O 242 55.67 -28.63 -23.52
CA HIS O 242 56.76 -28.55 -24.47
C HIS O 242 56.25 -28.57 -25.91
N TYR O 243 56.85 -27.72 -26.74
CA TYR O 243 56.46 -27.60 -28.14
C TYR O 243 57.69 -27.62 -29.03
N ASP O 244 57.45 -27.99 -30.29
CA ASP O 244 58.48 -28.07 -31.31
C ASP O 244 58.82 -26.68 -31.84
N ALA O 245 59.79 -26.63 -32.75
CA ALA O 245 59.97 -25.42 -33.54
C ALA O 245 58.75 -25.14 -34.41
N SER O 246 58.02 -26.19 -34.79
CA SER O 246 56.82 -26.07 -35.59
C SER O 246 55.58 -25.73 -34.76
N GLY O 247 55.65 -25.89 -33.44
CA GLY O 247 54.52 -25.66 -32.57
C GLY O 247 53.76 -26.91 -32.19
N ARG O 248 54.10 -28.05 -32.76
CA ARG O 248 53.44 -29.28 -32.36
C ARG O 248 53.81 -29.62 -30.92
N ILE O 249 52.89 -30.31 -30.26
CA ILE O 249 53.09 -30.71 -28.88
C ILE O 249 54.05 -31.88 -28.81
N ARG O 250 54.83 -31.94 -27.72
CA ARG O 250 55.61 -33.13 -27.39
C ARG O 250 55.29 -33.59 -25.97
N LYS O 251 55.16 -32.63 -25.06
CA LYS O 251 54.68 -32.87 -23.70
C LYS O 251 53.64 -31.82 -23.36
N GLY O 252 52.48 -32.28 -22.93
CA GLY O 252 51.37 -31.39 -22.74
C GLY O 252 50.30 -31.82 -21.76
N PRO O 253 49.99 -30.94 -20.82
CA PRO O 253 48.57 -30.72 -20.50
C PRO O 253 47.83 -30.22 -21.72
N ALA O 254 48.54 -29.53 -22.61
CA ALA O 254 48.06 -29.19 -23.93
C ALA O 254 47.61 -30.42 -24.73
N PRO O 255 46.31 -30.59 -24.99
CA PRO O 255 45.87 -31.78 -25.74
C PRO O 255 46.28 -31.76 -27.21
N LEU O 256 46.02 -30.65 -27.88
CA LEU O 256 46.22 -30.54 -29.32
C LEU O 256 47.53 -29.83 -29.63
N ASN O 257 47.99 -30.04 -30.85
CA ASN O 257 48.92 -29.12 -31.46
C ASN O 257 48.24 -27.76 -31.61
N LEU O 258 49.04 -26.70 -31.60
CA LEU O 258 48.50 -25.36 -31.53
C LEU O 258 47.69 -25.02 -32.78
N GLU O 259 46.69 -24.17 -32.59
CA GLU O 259 45.81 -23.80 -33.70
C GLU O 259 46.58 -23.10 -34.80
N VAL O 260 46.31 -23.48 -36.03
CA VAL O 260 46.88 -22.85 -37.22
C VAL O 260 45.77 -22.04 -37.88
N PRO O 261 46.01 -20.76 -38.21
CA PRO O 261 44.99 -20.02 -38.96
C PRO O 261 45.02 -20.36 -40.44
N SER O 262 43.89 -20.11 -41.09
CA SER O 262 43.85 -20.11 -42.54
C SER O 262 44.56 -18.87 -43.06
N TYR O 263 45.38 -19.04 -44.09
CA TYR O 263 46.18 -17.92 -44.60
C TYR O 263 46.45 -18.12 -46.09
N GLU O 264 47.24 -17.22 -46.64
CA GLU O 264 47.52 -17.19 -48.08
C GLU O 264 48.81 -16.42 -48.31
N PHE O 265 49.59 -16.87 -49.28
CA PHE O 265 50.84 -16.22 -49.67
C PHE O 265 50.63 -15.57 -51.03
N THR O 266 50.63 -14.24 -51.05
CA THR O 266 50.61 -13.52 -52.32
C THR O 266 51.95 -13.68 -53.03
N SER O 267 53.04 -13.48 -52.29
CA SER O 267 54.38 -13.60 -52.83
C SER O 267 55.25 -14.22 -51.75
N ASP O 268 56.53 -14.40 -52.08
CA ASP O 268 57.46 -15.02 -51.15
C ASP O 268 58.05 -14.03 -50.16
N ASP O 269 57.59 -12.77 -50.17
CA ASP O 269 57.98 -11.76 -49.18
C ASP O 269 56.78 -11.17 -48.44
N MET O 270 55.58 -11.69 -48.64
CA MET O 270 54.39 -11.18 -47.98
C MET O 270 53.44 -12.33 -47.68
N VAL O 271 52.55 -12.08 -46.73
CA VAL O 271 51.61 -13.07 -46.26
C VAL O 271 50.27 -12.38 -46.06
N ILE O 272 49.20 -13.17 -46.21
CA ILE O 272 47.84 -12.73 -45.90
C ILE O 272 47.28 -13.72 -44.90
N VAL O 273 47.40 -13.40 -43.62
CA VAL O 273 46.96 -14.29 -42.56
C VAL O 273 45.48 -14.03 -42.32
N GLY O 274 44.64 -14.97 -42.73
CA GLY O 274 43.21 -14.84 -42.56
C GLY O 274 42.45 -15.74 -43.51
N TRP P 13 -22.91 51.07 -18.08
CA TRP P 13 -23.86 50.11 -17.57
C TRP P 13 -23.17 48.80 -17.40
N LEU P 14 -23.55 48.11 -16.32
CA LEU P 14 -22.89 46.88 -15.92
C LEU P 14 -23.63 45.66 -16.43
N GLU P 15 -24.86 45.43 -15.94
CA GLU P 15 -25.51 44.12 -16.00
C GLU P 15 -25.57 43.53 -17.39
N GLY P 16 -25.38 44.35 -18.43
CA GLY P 16 -25.24 43.79 -19.75
C GLY P 16 -23.95 43.03 -19.96
N ILE P 17 -23.01 43.13 -19.01
CA ILE P 17 -21.72 42.46 -19.13
C ILE P 17 -21.71 41.14 -18.39
N ARG P 18 -22.31 41.07 -17.20
CA ARG P 18 -22.41 39.82 -16.48
C ARG P 18 -23.13 38.79 -17.33
N LYS P 19 -24.21 39.21 -17.97
CA LYS P 19 -24.97 38.32 -18.81
C LYS P 19 -24.17 37.87 -20.02
N TRP P 20 -23.19 38.67 -20.43
CA TRP P 20 -22.40 38.32 -21.59
C TRP P 20 -21.27 37.39 -21.23
N TYR P 21 -20.51 37.74 -20.19
CA TYR P 21 -19.46 36.87 -19.67
C TYR P 21 -20.00 35.48 -19.39
N TYR P 22 -21.17 35.41 -18.76
CA TYR P 22 -21.79 34.13 -18.48
C TYR P 22 -22.11 33.35 -19.75
N ASN P 23 -22.20 34.02 -20.90
CA ASN P 23 -22.38 33.32 -22.16
C ASN P 23 -21.07 32.95 -22.81
N ALA P 24 -19.98 33.62 -22.45
CA ALA P 24 -18.69 33.36 -23.05
C ALA P 24 -17.86 32.34 -22.28
N ALA P 25 -18.17 32.14 -21.00
CA ALA P 25 -17.45 31.16 -20.22
C ALA P 25 -17.64 29.75 -20.73
N GLY P 26 -18.73 29.48 -21.43
CA GLY P 26 -19.00 28.20 -21.99
C GLY P 26 -19.93 27.34 -21.17
N PHE P 27 -19.95 27.53 -19.86
CA PHE P 27 -20.60 26.55 -19.01
C PHE P 27 -22.12 26.70 -18.94
N ASN P 28 -22.71 27.46 -19.86
CA ASN P 28 -24.12 27.29 -20.18
C ASN P 28 -24.31 26.42 -21.40
N LYS P 29 -23.25 26.19 -22.16
CA LYS P 29 -23.32 25.33 -23.33
C LYS P 29 -23.21 23.85 -22.98
N LEU P 30 -23.16 23.51 -21.69
CA LEU P 30 -22.99 22.14 -21.25
C LEU P 30 -24.01 21.76 -20.20
N GLY P 31 -25.17 22.42 -20.20
CA GLY P 31 -26.20 22.06 -19.27
C GLY P 31 -25.86 22.31 -17.82
N LEU P 32 -24.80 23.06 -17.56
CA LEU P 32 -24.33 23.28 -16.20
C LEU P 32 -24.90 24.57 -15.64
N MET P 33 -24.62 24.77 -14.36
CA MET P 33 -24.89 26.01 -13.66
C MET P 33 -23.56 26.53 -13.13
N ARG P 34 -23.65 27.58 -12.33
CA ARG P 34 -22.50 28.33 -11.83
C ARG P 34 -21.84 27.65 -10.65
N ASP P 35 -22.64 27.21 -9.69
CA ASP P 35 -22.10 26.53 -8.53
C ASP P 35 -21.46 25.20 -8.89
N ASP P 36 -21.82 24.64 -10.04
CA ASP P 36 -21.28 23.34 -10.44
C ASP P 36 -19.77 23.38 -10.57
N THR P 37 -19.24 24.46 -11.12
CA THR P 37 -17.87 24.49 -11.58
C THR P 37 -16.88 24.94 -10.53
N ILE P 38 -17.32 25.08 -9.29
CA ILE P 38 -16.47 25.70 -8.30
C ILE P 38 -15.31 24.79 -7.95
N HIS P 39 -14.17 25.41 -7.68
CA HIS P 39 -13.05 24.69 -7.13
C HIS P 39 -13.44 24.02 -5.85
N GLU P 40 -13.15 22.74 -5.74
CA GLU P 40 -13.50 21.98 -4.57
C GLU P 40 -12.40 22.07 -3.53
N ASN P 41 -12.75 22.53 -2.34
CA ASN P 41 -11.85 22.52 -1.20
C ASN P 41 -12.64 22.08 0.02
N ASP P 42 -11.97 22.13 1.18
CA ASP P 42 -12.60 21.72 2.42
C ASP P 42 -13.82 22.57 2.73
N ASP P 43 -13.74 23.86 2.44
CA ASP P 43 -14.85 24.76 2.71
C ASP P 43 -16.06 24.38 1.88
N VAL P 44 -15.83 23.88 0.67
CA VAL P 44 -16.92 23.58 -0.25
C VAL P 44 -17.41 22.16 -0.07
N LYS P 45 -16.50 21.21 0.15
CA LYS P 45 -16.90 19.84 0.43
C LYS P 45 -17.87 19.76 1.58
N GLU P 46 -17.75 20.67 2.55
CA GLU P 46 -18.73 20.75 3.63
C GLU P 46 -20.11 21.00 3.06
N ALA P 47 -20.23 21.98 2.18
CA ALA P 47 -21.54 22.38 1.71
C ALA P 47 -22.16 21.30 0.84
N ILE P 48 -21.37 20.72 -0.05
CA ILE P 48 -21.88 19.68 -0.92
C ILE P 48 -22.26 18.45 -0.11
N ARG P 49 -21.66 18.27 1.06
CA ARG P 49 -22.14 17.24 1.96
C ARG P 49 -23.47 17.62 2.58
N ARG P 50 -23.72 18.91 2.77
CA ARG P 50 -24.87 19.38 3.50
C ARG P 50 -26.12 19.49 2.66
N LEU P 51 -26.03 19.29 1.36
CA LEU P 51 -27.18 19.54 0.52
C LEU P 51 -28.23 18.44 0.68
N PRO P 52 -29.45 18.71 0.27
CA PRO P 52 -30.48 17.68 0.26
C PRO P 52 -30.41 16.82 -0.99
N GLU P 53 -31.10 15.68 -0.90
CA GLU P 53 -31.02 14.67 -1.95
C GLU P 53 -31.54 15.20 -3.29
N ASN P 54 -32.70 15.86 -3.26
CA ASN P 54 -33.37 16.27 -4.48
C ASN P 54 -32.51 17.20 -5.29
N LEU P 55 -31.77 18.05 -4.60
CA LEU P 55 -30.87 18.98 -5.25
C LEU P 55 -29.50 18.35 -5.48
N TYR P 56 -29.11 17.41 -4.64
CA TYR P 56 -27.75 16.86 -4.73
C TYR P 56 -27.60 16.01 -5.97
N ASP P 57 -28.49 15.04 -6.14
CA ASP P 57 -28.50 14.27 -7.37
C ASP P 57 -28.66 15.18 -8.58
N ASP P 58 -29.39 16.29 -8.42
CA ASP P 58 -29.53 17.23 -9.51
C ASP P 58 -28.21 17.94 -9.79
N ARG P 59 -27.29 17.96 -8.84
CA ARG P 59 -25.95 18.42 -9.15
C ARG P 59 -25.21 17.38 -9.95
N VAL P 60 -25.40 16.12 -9.60
CA VAL P 60 -24.62 15.05 -10.17
C VAL P 60 -24.87 14.96 -11.66
N PHE P 61 -26.14 14.93 -12.05
CA PHE P 61 -26.46 14.68 -13.44
C PHE P 61 -26.03 15.83 -14.32
N ARG P 62 -26.07 17.05 -13.80
CA ARG P 62 -25.57 18.18 -14.58
C ARG P 62 -24.11 17.98 -14.91
N ILE P 63 -23.35 17.43 -13.97
CA ILE P 63 -21.93 17.20 -14.20
C ILE P 63 -21.75 16.00 -15.11
N LYS P 64 -22.49 14.93 -14.83
CA LYS P 64 -22.22 13.63 -15.41
C LYS P 64 -22.39 13.64 -16.92
N ARG P 65 -23.15 14.58 -17.45
CA ARG P 65 -23.33 14.70 -18.89
C ARG P 65 -22.38 15.72 -19.49
N ALA P 66 -22.04 16.76 -18.72
CA ALA P 66 -21.10 17.74 -19.22
C ALA P 66 -19.74 17.11 -19.45
N LEU P 67 -19.35 16.16 -18.59
CA LEU P 67 -18.10 15.47 -18.78
C LEU P 67 -18.10 14.69 -20.08
N ASP P 68 -19.12 13.85 -20.26
CA ASP P 68 -19.24 13.02 -21.44
C ASP P 68 -19.28 13.82 -22.73
N LEU P 69 -19.59 15.11 -22.64
CA LEU P 69 -19.64 15.99 -23.79
C LEU P 69 -18.41 16.85 -23.92
N SER P 70 -17.71 17.09 -22.82
CA SER P 70 -16.33 17.56 -22.92
C SER P 70 -15.40 16.44 -23.35
N MET P 71 -15.87 15.20 -23.34
CA MET P 71 -15.13 14.11 -23.95
C MET P 71 -15.18 14.26 -25.46
N ARG P 72 -16.38 14.25 -26.02
CA ARG P 72 -16.59 14.36 -27.45
C ARG P 72 -16.25 15.74 -27.99
N GLN P 73 -16.11 16.74 -27.12
CA GLN P 73 -16.07 18.15 -27.49
C GLN P 73 -17.37 18.62 -28.10
N GLN P 74 -18.45 17.87 -27.90
CA GLN P 74 -19.78 18.29 -28.31
C GLN P 74 -20.43 19.06 -27.18
N ILE P 75 -21.60 19.61 -27.49
CA ILE P 75 -22.35 20.44 -26.59
C ILE P 75 -23.82 20.07 -26.72
N LEU P 76 -24.63 20.79 -26.03
CA LEU P 76 -26.07 20.65 -26.14
C LEU P 76 -26.57 21.60 -27.21
N PRO P 77 -27.76 21.37 -27.75
CA PRO P 77 -28.34 22.36 -28.65
C PRO P 77 -28.64 23.64 -27.91
N LYS P 78 -28.88 24.68 -28.70
CA LYS P 78 -29.05 26.01 -28.13
C LYS P 78 -30.25 26.08 -27.19
N GLU P 79 -31.24 25.23 -27.39
CA GLU P 79 -32.43 25.28 -26.55
C GLU P 79 -32.12 24.81 -25.14
N GLN P 80 -31.48 23.65 -25.03
CA GLN P 80 -31.16 23.08 -23.72
C GLN P 80 -30.06 23.83 -22.99
N TRP P 81 -29.46 24.88 -23.57
CA TRP P 81 -28.46 25.63 -22.86
C TRP P 81 -29.05 26.24 -21.60
N THR P 82 -28.18 26.80 -20.78
CA THR P 82 -28.59 27.45 -19.55
C THR P 82 -28.79 28.93 -19.81
N LYS P 83 -29.67 29.55 -19.03
CA LYS P 83 -30.02 30.94 -19.19
C LYS P 83 -29.66 31.72 -17.93
N TYR P 84 -29.12 32.93 -18.13
CA TYR P 84 -28.57 33.70 -17.03
C TYR P 84 -29.58 33.96 -15.94
N GLU P 85 -30.82 34.27 -16.32
CA GLU P 85 -31.83 34.52 -15.30
C GLU P 85 -32.13 33.26 -14.50
N GLU P 86 -31.88 32.09 -15.08
CA GLU P 86 -32.10 30.81 -14.41
C GLU P 86 -30.85 30.28 -13.72
N ASP P 87 -29.77 31.06 -13.68
CA ASP P 87 -28.55 30.63 -13.00
C ASP P 87 -28.77 30.65 -11.50
N LYS P 88 -29.44 29.63 -10.99
CA LYS P 88 -29.82 29.63 -9.59
C LYS P 88 -28.59 29.53 -8.71
N SER P 89 -28.57 30.35 -7.66
CA SER P 89 -27.47 30.36 -6.70
C SER P 89 -27.84 29.48 -5.51
N TYR P 90 -28.00 28.19 -5.81
CA TYR P 90 -28.53 27.28 -4.82
C TYR P 90 -27.56 26.98 -3.70
N LEU P 91 -26.28 27.22 -3.91
CA LEU P 91 -25.25 26.85 -2.96
C LEU P 91 -24.89 27.94 -1.97
N GLU P 92 -25.09 29.20 -2.34
CA GLU P 92 -24.61 30.30 -1.53
C GLU P 92 -25.12 30.30 -0.09
N PRO P 93 -26.37 29.99 0.20
CA PRO P 93 -26.78 29.95 1.61
C PRO P 93 -26.02 28.93 2.40
N TYR P 94 -25.79 27.77 1.82
CA TYR P 94 -25.11 26.71 2.55
C TYR P 94 -23.64 26.99 2.71
N LEU P 95 -23.06 27.78 1.82
CA LEU P 95 -21.62 28.03 1.87
C LEU P 95 -21.31 29.11 2.89
N LYS P 96 -21.90 30.29 2.73
CA LYS P 96 -21.62 31.40 3.63
C LYS P 96 -21.92 31.05 5.07
N GLU P 97 -22.87 30.14 5.28
CA GLU P 97 -23.06 29.53 6.59
C GLU P 97 -21.75 28.96 7.12
N VAL P 98 -20.96 28.34 6.25
CA VAL P 98 -19.74 27.68 6.71
C VAL P 98 -18.72 28.71 7.14
N ILE P 99 -18.33 29.59 6.21
CA ILE P 99 -17.25 30.51 6.46
C ILE P 99 -17.58 31.43 7.63
N ARG P 100 -18.86 31.60 7.93
CA ARG P 100 -19.23 32.19 9.21
C ARG P 100 -18.68 31.35 10.35
N GLU P 101 -18.89 30.03 10.30
CA GLU P 101 -18.37 29.18 11.36
C GLU P 101 -16.85 29.17 11.36
N ARG P 102 -16.24 29.28 10.19
CA ARG P 102 -14.79 29.25 10.13
C ARG P 102 -14.20 30.45 10.85
N LYS P 103 -14.70 31.65 10.54
CA LYS P 103 -14.14 32.83 11.16
C LYS P 103 -14.56 32.94 12.61
N GLU P 104 -15.72 32.38 12.96
CA GLU P 104 -16.04 32.21 14.36
C GLU P 104 -15.08 31.26 15.03
N ARG P 105 -14.59 30.26 14.28
CA ARG P 105 -13.68 29.28 14.85
C ARG P 105 -12.26 29.83 14.96
N GLU P 106 -11.93 30.80 14.13
CA GLU P 106 -10.58 31.36 14.16
C GLU P 106 -10.47 32.49 15.17
N GLU P 107 -11.33 33.50 15.04
CA GLU P 107 -11.26 34.66 15.92
C GLU P 107 -11.52 34.26 17.37
N TRP P 108 -12.30 33.21 17.59
CA TRP P 108 -12.46 32.69 18.93
C TRP P 108 -11.16 32.08 19.44
N ALA P 109 -10.28 31.66 18.54
CA ALA P 109 -9.02 31.06 18.95
C ALA P 109 -7.99 32.12 19.31
N LYS P 110 -8.04 33.27 18.67
CA LYS P 110 -7.10 34.33 18.94
C LYS P 110 -7.31 34.91 20.33
N ARG Q 3 -6.53 3.91 -3.57
CA ARG Q 3 -7.90 4.25 -3.94
C ARG Q 3 -8.36 3.41 -5.11
N GLN Q 4 -9.66 3.16 -5.21
CA GLN Q 4 -10.20 2.32 -6.26
C GLN Q 4 -11.70 2.51 -6.32
N PHE Q 5 -12.33 1.79 -7.24
CA PHE Q 5 -13.78 1.73 -7.31
C PHE Q 5 -14.34 1.14 -6.02
N GLY Q 6 -15.35 1.81 -5.46
CA GLY Q 6 -16.20 1.21 -4.46
C GLY Q 6 -16.62 2.11 -3.32
N HIS Q 7 -15.83 3.14 -3.04
CA HIS Q 7 -16.12 4.06 -1.95
C HIS Q 7 -15.80 5.50 -2.35
N LEU Q 8 -15.86 5.81 -3.64
CA LEU Q 8 -15.47 7.13 -4.09
C LEU Q 8 -16.50 8.16 -3.68
N THR Q 9 -17.72 8.01 -4.15
CA THR Q 9 -18.76 8.97 -3.89
C THR Q 9 -20.10 8.35 -4.22
N ARG Q 10 -21.15 9.14 -4.09
CA ARG Q 10 -22.51 8.65 -4.11
C ARG Q 10 -23.16 8.98 -5.44
N VAL Q 11 -24.00 8.06 -5.90
CA VAL Q 11 -24.84 8.28 -7.06
C VAL Q 11 -26.21 7.70 -6.75
N ARG Q 12 -27.25 8.37 -7.22
CA ARG Q 12 -28.61 7.93 -6.99
C ARG Q 12 -29.45 8.21 -8.23
N HIS Q 13 -30.11 7.17 -8.72
CA HIS Q 13 -31.15 7.31 -9.72
C HIS Q 13 -30.58 7.91 -11.00
N VAL Q 14 -29.62 7.18 -11.56
CA VAL Q 14 -29.03 7.49 -12.85
C VAL Q 14 -28.90 6.21 -13.62
N ILE Q 15 -29.07 6.33 -14.94
CA ILE Q 15 -29.16 5.19 -15.83
C ILE Q 15 -28.17 5.38 -16.96
N THR Q 16 -27.52 4.29 -17.34
CA THR Q 16 -26.49 4.28 -18.36
C THR Q 16 -26.87 3.32 -19.46
N TYR Q 17 -26.75 3.78 -20.71
CA TYR Q 17 -27.02 2.96 -21.89
C TYR Q 17 -25.74 2.94 -22.72
N SER Q 18 -25.17 1.75 -22.89
CA SER Q 18 -23.93 1.61 -23.63
C SER Q 18 -23.95 0.34 -24.45
N LEU Q 19 -23.29 0.41 -25.60
CA LEU Q 19 -23.31 -0.62 -26.62
C LEU Q 19 -21.92 -1.16 -26.87
N SER Q 20 -21.87 -2.40 -27.33
CA SER Q 20 -20.65 -2.99 -27.84
C SER Q 20 -20.05 -2.15 -28.95
N PRO Q 21 -18.78 -2.34 -29.25
CA PRO Q 21 -18.21 -1.73 -30.46
C PRO Q 21 -18.53 -2.53 -31.70
N PHE Q 22 -18.55 -3.85 -31.54
CA PHE Q 22 -18.79 -4.75 -32.66
C PHE Q 22 -20.13 -4.46 -33.32
N GLU Q 23 -21.11 -4.05 -32.54
CA GLU Q 23 -22.41 -3.70 -33.04
C GLU Q 23 -22.47 -2.31 -33.61
N GLN Q 24 -21.34 -1.68 -33.92
CA GLN Q 24 -21.42 -0.34 -34.48
C GLN Q 24 -20.15 0.00 -35.24
N ARG Q 25 -20.32 0.89 -36.21
CA ARG Q 25 -19.19 1.39 -36.97
C ARG Q 25 -18.26 2.16 -36.04
N ALA Q 26 -16.98 2.16 -36.38
CA ALA Q 26 -16.01 2.87 -35.58
C ALA Q 26 -16.10 4.37 -35.82
N PHE Q 27 -16.19 4.78 -37.09
CA PHE Q 27 -16.16 6.19 -37.47
C PHE Q 27 -17.47 6.60 -38.14
N PRO Q 28 -18.55 6.70 -37.37
CA PRO Q 28 -19.80 7.18 -37.93
C PRO Q 28 -19.82 8.69 -37.99
N HIS Q 29 -20.26 9.23 -39.14
CA HIS Q 29 -20.44 10.66 -39.31
C HIS Q 29 -19.15 11.42 -39.01
N TYR Q 30 -18.03 10.80 -39.37
CA TYR Q 30 -16.72 11.41 -39.16
C TYR Q 30 -16.61 12.71 -39.94
N PHE Q 31 -17.05 12.71 -41.19
CA PHE Q 31 -17.05 13.90 -42.02
C PHE Q 31 -18.29 14.76 -41.79
N SER Q 32 -19.45 14.12 -41.62
CA SER Q 32 -20.71 14.87 -41.59
C SER Q 32 -20.79 15.77 -40.37
N LYS Q 33 -20.79 15.19 -39.19
CA LYS Q 33 -20.99 15.95 -37.96
C LYS Q 33 -19.72 16.51 -37.37
N GLY Q 34 -18.59 15.89 -37.67
CA GLY Q 34 -17.33 16.34 -37.11
C GLY Q 34 -16.95 17.72 -37.58
N ILE Q 35 -16.90 17.90 -38.89
CA ILE Q 35 -16.30 19.10 -39.46
C ILE Q 35 -17.06 20.35 -39.05
N PRO Q 36 -18.39 20.37 -39.03
CA PRO Q 36 -19.07 21.48 -38.35
C PRO Q 36 -18.67 21.61 -36.90
N ASN Q 37 -18.34 20.50 -36.24
CA ASN Q 37 -17.93 20.56 -34.85
C ASN Q 37 -16.50 21.03 -34.72
N VAL Q 38 -15.70 20.84 -35.76
CA VAL Q 38 -14.37 21.42 -35.77
C VAL Q 38 -14.47 22.94 -35.82
N LEU Q 39 -15.38 23.45 -36.65
CA LEU Q 39 -15.52 24.89 -36.80
C LEU Q 39 -16.02 25.52 -35.51
N ARG Q 40 -17.12 24.99 -34.97
CA ARG Q 40 -17.64 25.48 -33.71
C ARG Q 40 -16.60 25.35 -32.62
N ARG Q 41 -15.82 24.27 -32.64
CA ARG Q 41 -14.69 24.18 -31.74
C ARG Q 41 -13.69 25.30 -32.02
N THR Q 42 -13.54 25.65 -33.29
CA THR Q 42 -12.53 26.61 -33.67
C THR Q 42 -12.95 28.04 -33.37
N ARG Q 43 -14.20 28.38 -33.68
CA ARG Q 43 -14.66 29.76 -33.47
C ARG Q 43 -14.60 30.15 -32.00
N ALA Q 44 -14.70 29.18 -31.10
CA ALA Q 44 -14.74 29.45 -29.68
C ALA Q 44 -13.37 29.62 -29.05
N CYS Q 45 -12.30 29.40 -29.82
CA CYS Q 45 -10.93 29.55 -29.33
C CYS Q 45 -10.11 30.58 -30.11
N ILE Q 46 -10.42 30.77 -31.39
CA ILE Q 46 -9.54 31.51 -32.29
C ILE Q 46 -9.28 32.93 -31.82
N LEU Q 47 -10.26 33.58 -31.22
CA LEU Q 47 -10.13 34.99 -30.91
C LEU Q 47 -9.09 35.23 -29.84
N ARG Q 48 -9.02 34.35 -28.85
CA ARG Q 48 -8.15 34.53 -27.69
C ARG Q 48 -6.94 33.61 -27.74
N VAL Q 49 -6.55 33.21 -28.95
CA VAL Q 49 -5.39 32.37 -29.17
C VAL Q 49 -4.41 33.01 -30.14
N ALA Q 50 -4.90 33.53 -31.23
CA ALA Q 50 -4.10 34.12 -32.29
C ALA Q 50 -3.46 35.46 -31.94
N PRO Q 51 -4.22 36.45 -31.48
CA PRO Q 51 -3.76 37.86 -31.53
C PRO Q 51 -2.39 38.07 -30.92
N PRO Q 52 -2.03 37.36 -29.84
CA PRO Q 52 -0.62 37.36 -29.45
C PRO Q 52 0.27 36.83 -30.54
N PHE Q 53 -0.05 35.65 -31.07
CA PHE Q 53 0.76 35.08 -32.14
C PHE Q 53 0.69 35.93 -33.39
N VAL Q 54 -0.40 36.66 -33.59
CA VAL Q 54 -0.47 37.60 -34.70
C VAL Q 54 0.55 38.69 -34.48
N ALA Q 55 0.57 39.27 -33.29
CA ALA Q 55 1.52 40.33 -32.98
C ALA Q 55 2.94 39.82 -33.07
N PHE Q 56 3.15 38.54 -32.77
CA PHE Q 56 4.48 37.95 -32.90
C PHE Q 56 4.96 38.00 -34.33
N TYR Q 57 4.08 37.71 -35.28
CA TYR Q 57 4.44 37.76 -36.70
C TYR Q 57 4.88 39.15 -37.09
N LEU Q 58 4.41 40.17 -36.38
CA LEU Q 58 4.79 41.54 -36.69
C LEU Q 58 6.10 41.92 -36.03
N VAL Q 59 6.36 41.36 -34.85
CA VAL Q 59 7.62 41.65 -34.17
C VAL Q 59 8.71 40.71 -34.65
N TYR Q 60 8.35 39.60 -35.27
CA TYR Q 60 9.31 38.87 -36.08
C TYR Q 60 9.51 39.56 -37.41
N THR Q 61 8.53 40.37 -37.82
CA THR Q 61 8.63 41.13 -39.06
C THR Q 61 9.47 42.38 -38.85
N TRP Q 62 9.00 43.28 -37.99
CA TRP Q 62 9.70 44.54 -37.80
C TRP Q 62 11.06 44.32 -37.15
N GLY Q 63 11.23 43.22 -36.43
CA GLY Q 63 12.49 43.00 -35.75
C GLY Q 63 13.62 42.70 -36.71
N THR Q 64 13.30 42.07 -37.84
CA THR Q 64 14.31 41.76 -38.84
C THR Q 64 14.53 42.93 -39.79
N GLN Q 65 13.44 43.55 -40.24
CA GLN Q 65 13.55 44.69 -41.14
C GLN Q 65 14.36 45.81 -40.50
N GLU Q 66 13.97 46.19 -39.29
CA GLU Q 66 14.72 47.21 -38.56
C GLU Q 66 16.13 46.75 -38.24
N PHE Q 67 16.38 45.45 -38.24
CA PHE Q 67 17.75 44.95 -38.04
C PHE Q 67 18.55 45.05 -39.32
N GLU Q 68 17.89 44.80 -40.45
CA GLU Q 68 18.58 44.84 -41.73
C GLU Q 68 19.05 46.26 -42.05
N LYS Q 69 18.18 47.25 -41.82
CA LYS Q 69 18.51 48.63 -42.13
C LYS Q 69 19.75 49.09 -41.38
N SER Q 70 19.84 48.72 -40.11
CA SER Q 70 20.89 49.25 -39.26
C SER Q 70 22.28 48.87 -39.74
N LYS Q 71 22.41 47.81 -40.52
CA LYS Q 71 23.68 47.43 -41.10
C LYS Q 71 23.98 48.16 -42.39
N ARG Q 72 22.95 48.54 -43.13
CA ARG Q 72 23.15 49.34 -44.33
C ARG Q 72 23.67 50.72 -43.94
N LYS Q 73 24.60 51.23 -44.74
CA LYS Q 73 25.24 52.49 -44.40
C LYS Q 73 24.23 53.63 -44.41
N ASN Q 74 24.68 54.76 -43.90
CA ASN Q 74 23.96 56.02 -43.94
C ASN Q 74 24.58 56.93 -45.00
N PRO Q 75 23.85 57.92 -45.49
CA PRO Q 75 24.46 58.87 -46.42
C PRO Q 75 25.41 59.84 -45.70
N ALA Q 76 26.64 59.40 -45.45
CA ALA Q 76 27.61 60.21 -44.76
C ALA Q 76 29.01 59.60 -44.89
N LEU R 26 37.97 26.61 -74.45
CA LEU R 26 37.22 26.00 -73.36
C LEU R 26 36.60 27.06 -72.48
N VAL R 27 35.33 26.87 -72.11
CA VAL R 27 34.53 27.87 -71.45
C VAL R 27 33.88 27.27 -70.22
N ASP R 28 33.79 28.07 -69.17
CA ASP R 28 32.98 27.75 -68.00
C ASP R 28 31.51 27.96 -68.33
N PRO R 29 30.63 26.97 -68.09
CA PRO R 29 29.19 27.23 -68.29
C PRO R 29 28.65 28.31 -67.39
N LEU R 30 29.32 28.59 -66.28
CA LEU R 30 28.82 29.57 -65.32
C LEU R 30 28.74 30.96 -65.94
N THR R 31 29.82 31.42 -66.57
CA THR R 31 29.91 32.79 -67.04
C THR R 31 28.83 33.11 -68.05
N THR R 32 28.41 32.11 -68.82
CA THR R 32 27.27 32.29 -69.69
C THR R 32 26.03 32.66 -68.89
N VAL R 33 25.88 32.08 -67.70
CA VAL R 33 24.65 32.28 -66.95
C VAL R 33 24.70 33.60 -66.20
N ARG R 34 25.85 33.93 -65.62
CA ARG R 34 26.01 35.24 -65.01
C ARG R 34 25.76 36.33 -66.02
N GLU R 35 26.18 36.10 -67.27
CA GLU R 35 25.99 37.10 -68.32
C GLU R 35 24.52 37.32 -68.60
N GLN R 36 23.76 36.23 -68.77
CA GLN R 36 22.34 36.36 -69.01
C GLN R 36 21.63 37.03 -67.86
N CYS R 37 22.13 36.85 -66.64
CA CYS R 37 21.42 37.30 -65.46
C CYS R 37 21.66 38.77 -65.16
N GLU R 38 22.83 39.28 -65.51
CA GLU R 38 23.11 40.71 -65.33
C GLU R 38 22.17 41.60 -66.13
N GLN R 39 21.44 41.05 -67.09
CA GLN R 39 20.39 41.78 -67.78
C GLN R 39 19.09 41.86 -66.98
N LEU R 40 18.96 41.08 -65.90
CA LEU R 40 17.70 40.98 -65.20
C LEU R 40 17.46 42.20 -64.32
N GLU R 41 16.22 42.33 -63.87
CA GLU R 41 15.76 43.56 -63.24
C GLU R 41 16.57 43.91 -62.01
N LYS R 42 16.52 43.05 -60.99
CA LYS R 42 17.20 43.33 -59.73
C LYS R 42 18.70 43.44 -59.93
N CYS R 43 19.24 42.68 -60.88
CA CYS R 43 20.67 42.73 -61.14
C CYS R 43 21.07 44.08 -61.71
N VAL R 44 20.34 44.56 -62.71
CA VAL R 44 20.70 45.81 -63.37
C VAL R 44 20.58 46.98 -62.42
N LYS R 45 19.50 47.01 -61.65
CA LYS R 45 19.26 48.15 -60.77
C LYS R 45 20.36 48.28 -59.72
N ALA R 46 20.73 47.17 -59.09
CA ALA R 46 21.80 47.21 -58.11
C ALA R 46 23.14 47.53 -58.78
N ARG R 47 23.32 47.12 -60.03
CA ARG R 47 24.53 47.48 -60.75
C ARG R 47 24.62 48.99 -60.89
N GLU R 48 23.48 49.65 -61.11
CA GLU R 48 23.48 51.09 -61.26
C GLU R 48 23.85 51.78 -59.96
N ARG R 49 23.27 51.32 -58.84
CA ARG R 49 23.66 51.88 -57.54
C ARG R 49 25.13 51.64 -57.25
N LEU R 50 25.66 50.51 -57.71
CA LEU R 50 27.06 50.21 -57.46
C LEU R 50 27.96 51.25 -58.12
N GLU R 51 27.65 51.61 -59.36
CA GLU R 51 28.46 52.61 -60.06
C GLU R 51 28.37 53.96 -59.37
N LEU R 52 27.21 54.27 -58.77
CA LEU R 52 27.07 55.54 -58.07
C LEU R 52 27.84 55.52 -56.76
N CYS R 53 27.82 54.39 -56.06
CA CYS R 53 28.76 54.18 -54.97
C CYS R 53 30.19 54.25 -55.48
N ASP R 54 30.44 53.65 -56.65
CA ASP R 54 31.79 53.58 -57.18
C ASP R 54 32.34 54.98 -57.43
N GLU R 55 31.54 55.85 -58.03
CA GLU R 55 31.99 57.21 -58.30
C GLU R 55 32.00 58.05 -57.04
N ARG R 56 31.03 57.83 -56.14
CA ARG R 56 30.96 58.59 -54.90
C ARG R 56 32.22 58.42 -54.09
N VAL R 57 32.80 57.22 -54.10
CA VAL R 57 34.01 56.97 -53.35
C VAL R 57 35.22 57.40 -54.14
N SER R 58 35.31 56.92 -55.39
CA SER R 58 36.49 57.17 -56.19
C SER R 58 36.70 58.66 -56.46
N SER R 59 35.60 59.42 -56.55
CA SER R 59 35.72 60.87 -56.69
C SER R 59 36.12 61.54 -55.38
N ARG R 60 35.83 60.92 -54.25
CA ARG R 60 36.28 61.43 -52.96
C ARG R 60 37.69 60.95 -52.68
N SER R 61 38.39 61.70 -51.84
CA SER R 61 39.81 61.48 -51.60
C SER R 61 40.04 60.62 -50.35
N GLN R 62 39.59 61.11 -49.20
CA GLN R 62 39.84 60.50 -47.90
C GLN R 62 38.50 60.03 -47.34
N THR R 63 38.21 58.74 -47.52
CA THR R 63 36.96 58.16 -47.05
C THR R 63 37.22 56.76 -46.51
N GLU R 64 36.78 56.53 -45.28
CA GLU R 64 36.64 55.17 -44.77
C GLU R 64 35.26 54.65 -45.16
N GLU R 65 35.13 54.39 -46.47
CA GLU R 65 33.90 53.97 -47.08
C GLU R 65 34.24 53.07 -48.24
N ASP R 66 33.28 52.27 -48.68
CA ASP R 66 33.53 51.30 -49.73
C ASP R 66 32.21 50.83 -50.31
N CYS R 67 32.30 50.16 -51.46
CA CYS R 67 31.16 49.55 -52.11
C CYS R 67 31.03 48.07 -51.79
N THR R 68 31.72 47.60 -50.75
CA THR R 68 31.40 46.31 -50.16
C THR R 68 29.93 46.26 -49.76
N GLU R 69 29.36 47.39 -49.36
CA GLU R 69 27.93 47.51 -49.09
C GLU R 69 27.11 47.06 -50.28
N GLU R 70 27.23 47.77 -51.40
CA GLU R 70 26.31 47.59 -52.51
C GLU R 70 26.62 46.34 -53.32
N LEU R 71 27.86 45.87 -53.29
CA LEU R 71 28.25 44.73 -54.10
C LEU R 71 27.45 43.49 -53.72
N LEU R 72 27.13 43.35 -52.43
CA LEU R 72 26.49 42.13 -51.97
C LEU R 72 25.04 42.08 -52.40
N ASP R 73 24.36 43.21 -52.38
CA ASP R 73 22.98 43.27 -52.86
C ASP R 73 22.91 42.93 -54.33
N PHE R 74 23.99 43.17 -55.07
CA PHE R 74 24.05 42.73 -56.46
C PHE R 74 24.19 41.22 -56.55
N LEU R 75 25.03 40.63 -55.71
CA LEU R 75 25.39 39.22 -55.89
C LEU R 75 24.28 38.30 -55.46
N HIS R 76 23.73 38.50 -54.26
CA HIS R 76 22.60 37.68 -53.82
C HIS R 76 21.43 37.81 -54.78
N ALA R 77 21.31 38.95 -55.44
CA ALA R 77 20.35 39.08 -56.53
C ALA R 77 20.81 38.31 -57.75
N ARG R 78 22.12 38.26 -57.99
CA ARG R 78 22.61 37.48 -59.12
C ARG R 78 22.42 35.99 -58.85
N ASP R 79 23.07 35.47 -57.80
CA ASP R 79 23.17 34.03 -57.59
C ASP R 79 21.81 33.36 -57.46
N HIS R 80 20.77 34.11 -57.13
CA HIS R 80 19.44 33.54 -57.08
C HIS R 80 18.97 33.07 -58.45
N CYS R 81 19.46 33.69 -59.53
CA CYS R 81 19.13 33.24 -60.87
C CYS R 81 20.01 32.08 -61.29
N VAL R 82 21.30 32.20 -60.97
CA VAL R 82 22.25 31.11 -61.19
C VAL R 82 21.77 29.86 -60.49
N ALA R 83 21.15 30.04 -59.32
CA ALA R 83 20.65 28.93 -58.54
C ALA R 83 19.63 28.11 -59.31
N HIS R 84 18.60 28.76 -59.80
CA HIS R 84 17.37 28.11 -60.23
C HIS R 84 17.59 27.08 -61.34
N LYS R 85 18.67 27.17 -62.11
CA LYS R 85 18.81 26.41 -63.35
C LYS R 85 20.17 25.76 -63.59
N LEU R 86 21.25 26.26 -62.99
CA LEU R 86 22.60 25.99 -63.50
C LEU R 86 22.91 24.51 -63.65
N PHE R 87 22.39 23.66 -62.77
CA PHE R 87 22.65 22.23 -62.85
C PHE R 87 21.70 21.52 -63.78
N ASN R 88 21.05 22.25 -64.69
CA ASN R 88 20.49 21.62 -65.87
C ASN R 88 21.60 21.25 -66.83
N SER R 89 22.59 22.12 -66.98
CA SER R 89 23.71 21.84 -67.86
C SER R 89 24.62 20.76 -67.29
N LEU R 90 25.06 20.94 -66.06
CA LEU R 90 25.99 20.01 -65.44
C LEU R 90 25.25 18.78 -64.94
N ARG S 1 -50.56 -19.06 9.23
CA ARG S 1 -50.58 -20.46 8.86
C ARG S 1 -49.47 -21.24 9.57
N PRO S 2 -49.63 -22.57 9.74
CA PRO S 2 -48.71 -23.29 10.64
C PRO S 2 -47.32 -23.40 10.06
N VAL S 3 -46.54 -22.33 10.25
CA VAL S 3 -45.33 -22.17 9.46
C VAL S 3 -44.32 -23.23 9.83
N VAL S 4 -43.53 -23.62 8.84
CA VAL S 4 -42.53 -24.67 8.99
C VAL S 4 -41.24 -24.22 8.31
N ALA S 5 -40.13 -24.62 8.90
CA ALA S 5 -38.82 -24.28 8.39
C ALA S 5 -38.33 -25.32 7.40
N SER S 6 -37.36 -24.91 6.60
CA SER S 6 -36.72 -25.81 5.66
C SER S 6 -35.44 -25.16 5.18
N VAL S 7 -34.33 -25.88 5.32
CA VAL S 7 -33.06 -25.49 4.73
C VAL S 7 -32.59 -26.70 3.97
N SER S 8 -31.37 -26.67 3.48
CA SER S 8 -30.91 -27.80 2.72
C SER S 8 -29.41 -27.71 2.52
N LEU S 9 -28.93 -28.61 1.68
CA LEU S 9 -27.64 -28.54 1.06
C LEU S 9 -27.71 -27.99 -0.35
N ASN S 10 -28.86 -28.17 -1.02
CA ASN S 10 -29.02 -27.70 -2.39
C ASN S 10 -30.37 -27.08 -2.71
N VAL S 11 -31.39 -27.26 -1.87
CA VAL S 11 -32.69 -26.61 -2.08
C VAL S 11 -32.59 -25.23 -1.42
N PRO S 12 -33.10 -24.16 -2.04
CA PRO S 12 -33.08 -22.85 -1.36
C PRO S 12 -33.85 -22.87 -0.06
N ALA S 13 -33.20 -22.39 0.99
CA ALA S 13 -33.85 -22.24 2.28
C ALA S 13 -35.11 -21.42 2.13
N SER S 14 -36.13 -21.77 2.91
CA SER S 14 -37.47 -21.29 2.65
C SER S 14 -38.26 -21.30 3.94
N VAL S 15 -39.49 -20.80 3.83
CA VAL S 15 -40.42 -20.73 4.95
C VAL S 15 -41.76 -21.19 4.40
N ARG S 16 -42.08 -22.45 4.64
CA ARG S 16 -43.40 -22.98 4.32
C ARG S 16 -44.42 -22.22 5.14
N TYR S 17 -45.20 -21.37 4.49
CA TYR S 17 -46.06 -20.41 5.18
C TYR S 17 -45.26 -19.55 6.14
N PRO T 4 -20.14 -17.66 -47.04
CA PRO T 4 -19.45 -16.73 -46.14
C PRO T 4 -18.42 -15.88 -46.86
N THR T 5 -18.24 -14.65 -46.40
CA THR T 5 -17.19 -13.81 -46.94
C THR T 5 -15.84 -14.41 -46.60
N LEU T 6 -14.79 -13.79 -47.15
CA LEU T 6 -13.44 -14.13 -46.73
C LEU T 6 -13.26 -13.82 -45.26
N THR T 7 -13.84 -12.72 -44.80
CA THR T 7 -13.66 -12.28 -43.43
C THR T 7 -14.14 -13.33 -42.46
N ALA T 8 -15.36 -13.82 -42.64
CA ALA T 8 -15.90 -14.80 -41.71
C ALA T 8 -15.16 -16.12 -41.83
N ARG T 9 -14.79 -16.51 -43.05
CA ARG T 9 -13.95 -17.68 -43.21
C ARG T 9 -12.60 -17.46 -42.56
N LEU T 10 -12.14 -16.22 -42.52
CA LEU T 10 -10.86 -15.92 -41.89
C LEU T 10 -10.96 -15.97 -40.38
N TYR T 11 -12.09 -15.52 -39.84
CA TYR T 11 -12.28 -15.47 -38.40
C TYR T 11 -12.19 -16.86 -37.78
N SER T 12 -13.11 -17.73 -38.17
CA SER T 12 -13.26 -19.02 -37.51
C SER T 12 -12.08 -19.95 -37.72
N LEU T 13 -11.18 -19.63 -38.65
CA LEU T 13 -9.99 -20.43 -38.85
C LEU T 13 -8.85 -19.95 -37.97
N LEU T 14 -8.59 -18.64 -37.99
CA LEU T 14 -7.42 -18.07 -37.37
C LEU T 14 -7.74 -17.18 -36.18
N PHE T 15 -8.55 -16.15 -36.38
CA PHE T 15 -8.64 -15.08 -35.40
C PHE T 15 -9.52 -15.43 -34.21
N ARG T 16 -9.95 -16.68 -34.08
CA ARG T 16 -10.79 -17.09 -32.97
C ARG T 16 -9.95 -17.65 -31.83
N ARG T 17 -9.11 -18.62 -32.13
CA ARG T 17 -8.28 -19.27 -31.12
C ARG T 17 -7.00 -18.47 -30.96
N THR T 18 -6.77 -17.97 -29.76
CA THR T 18 -5.67 -17.04 -29.54
C THR T 18 -4.33 -17.68 -29.81
N SER T 19 -4.21 -18.99 -29.57
CA SER T 19 -2.98 -19.69 -29.94
C SER T 19 -2.72 -19.57 -31.43
N THR T 20 -3.77 -19.63 -32.24
CA THR T 20 -3.60 -19.47 -33.67
C THR T 20 -3.35 -18.02 -34.02
N PHE T 21 -3.99 -17.11 -33.30
CA PHE T 21 -3.94 -15.70 -33.65
C PHE T 21 -2.53 -15.15 -33.53
N ALA T 22 -1.71 -15.73 -32.65
CA ALA T 22 -0.33 -15.34 -32.56
C ALA T 22 0.51 -16.04 -33.61
N LEU T 23 0.14 -17.28 -33.93
CA LEU T 23 0.84 -18.01 -34.98
C LEU T 23 0.64 -17.33 -36.32
N THR T 24 -0.51 -16.70 -36.51
CA THR T 24 -0.79 -16.06 -37.78
C THR T 24 0.13 -14.88 -38.01
N ILE T 25 0.43 -14.13 -36.95
CA ILE T 25 1.01 -12.82 -37.11
C ILE T 25 2.47 -12.92 -37.47
N VAL T 26 3.17 -13.84 -36.82
CA VAL T 26 4.59 -14.03 -37.12
C VAL T 26 4.75 -14.55 -38.54
N VAL T 27 3.83 -15.41 -38.96
CA VAL T 27 3.83 -15.92 -40.32
C VAL T 27 3.72 -14.77 -41.30
N GLY T 28 2.66 -13.97 -41.16
CA GLY T 28 2.48 -12.84 -42.05
C GLY T 28 3.62 -11.86 -41.97
N ALA T 29 4.15 -11.66 -40.76
CA ALA T 29 5.28 -10.74 -40.60
C ALA T 29 6.52 -11.29 -41.26
N LEU T 30 6.73 -12.60 -41.12
CA LEU T 30 7.92 -13.22 -41.69
C LEU T 30 7.95 -13.06 -43.20
N PHE T 31 6.79 -13.16 -43.85
CA PHE T 31 6.72 -12.92 -45.29
C PHE T 31 6.69 -11.43 -45.59
N PHE T 32 6.04 -10.65 -44.71
CA PHE T 32 5.96 -9.21 -44.92
C PHE T 32 7.33 -8.56 -44.96
N GLU T 33 8.25 -9.04 -44.13
CA GLU T 33 9.62 -8.56 -44.17
C GLU T 33 10.25 -8.79 -45.53
N ARG T 34 9.81 -9.83 -46.23
CA ARG T 34 10.42 -10.20 -47.49
C ARG T 34 9.90 -9.37 -48.65
N ALA T 35 8.75 -8.73 -48.48
CA ALA T 35 8.16 -7.90 -49.53
C ALA T 35 8.47 -6.44 -49.34
N PHE T 36 8.28 -5.94 -48.13
CA PHE T 36 8.37 -4.50 -47.88
C PHE T 36 9.78 -4.00 -48.16
N ASP T 37 10.79 -4.80 -47.82
CA ASP T 37 12.16 -4.44 -48.14
C ASP T 37 12.36 -4.36 -49.65
N GLN T 38 11.92 -5.40 -50.36
CA GLN T 38 12.07 -5.42 -51.81
C GLN T 38 11.36 -4.24 -52.45
N GLY T 39 10.25 -3.80 -51.88
CA GLY T 39 9.51 -2.69 -52.42
C GLY T 39 10.29 -1.41 -52.33
N ALA T 40 10.61 -1.02 -51.09
CA ALA T 40 11.27 0.27 -50.88
C ALA T 40 12.65 0.27 -51.50
N ASP T 41 13.37 -0.85 -51.41
CA ASP T 41 14.68 -0.92 -52.02
C ASP T 41 14.62 -0.70 -53.52
N ALA T 42 13.50 -1.09 -54.15
CA ALA T 42 13.34 -0.87 -55.58
C ALA T 42 12.84 0.53 -55.86
N ILE T 43 11.87 1.01 -55.08
CA ILE T 43 11.40 2.37 -55.24
C ILE T 43 12.53 3.34 -54.96
N TYR T 44 13.28 3.09 -53.90
CA TYR T 44 14.44 3.91 -53.61
C TYR T 44 15.46 3.82 -54.73
N GLU T 45 15.68 2.61 -55.23
CA GLU T 45 16.49 2.45 -56.42
C GLU T 45 15.90 3.22 -57.60
N HIS T 46 14.58 3.11 -57.78
CA HIS T 46 13.95 3.72 -58.95
C HIS T 46 14.05 5.23 -58.91
N ILE T 47 13.77 5.82 -57.75
CA ILE T 47 13.75 7.28 -57.67
C ILE T 47 15.15 7.83 -57.81
N ASN T 48 16.15 7.05 -57.43
CA ASN T 48 17.54 7.45 -57.49
C ASN T 48 18.27 6.68 -58.59
N GLU T 49 17.55 6.44 -59.67
CA GLU T 49 18.12 5.75 -60.81
C GLU T 49 19.29 6.53 -61.37
N GLY T 50 20.39 5.84 -61.61
CA GLY T 50 21.60 6.47 -62.10
C GLY T 50 22.44 7.14 -61.05
N LYS T 51 22.31 6.76 -59.78
CA LYS T 51 23.01 7.43 -58.70
C LYS T 51 23.69 6.46 -57.74
N LEU T 52 23.14 5.25 -57.62
CA LEU T 52 23.58 4.34 -56.58
C LEU T 52 24.78 3.52 -57.02
N TRP T 53 25.39 2.86 -56.05
CA TRP T 53 26.60 2.10 -56.33
C TRP T 53 26.32 0.93 -57.25
N LYS T 54 25.22 0.22 -57.02
CA LYS T 54 24.92 -0.93 -57.84
C LYS T 54 24.67 -0.54 -59.29
N HIS T 55 24.33 0.73 -59.53
CA HIS T 55 24.19 1.23 -60.88
C HIS T 55 25.52 1.59 -61.52
N ILE T 56 26.58 1.70 -60.72
CA ILE T 56 27.92 1.96 -61.22
C ILE T 56 28.86 0.86 -60.74
N LYS T 57 28.32 -0.33 -60.59
CA LYS T 57 29.03 -1.46 -60.05
C LYS T 57 29.70 -2.30 -61.12
N HIS T 58 29.30 -2.11 -62.38
CA HIS T 58 29.85 -2.86 -63.50
C HIS T 58 31.09 -2.19 -64.09
N LYS T 59 31.11 -0.85 -64.12
CA LYS T 59 32.25 -0.14 -64.69
C LYS T 59 33.53 -0.49 -63.95
N TYR T 60 33.45 -0.64 -62.64
CA TYR T 60 34.58 -0.99 -61.81
C TYR T 60 34.33 -2.32 -61.12
#